data_8SUF
#
_entry.id   8SUF
#
_cell.length_a   74.152
_cell.length_b   316.755
_cell.length_c   172.441
_cell.angle_alpha   90.000
_cell.angle_beta   90.160
_cell.angle_gamma   90.000
#
_symmetry.space_group_name_H-M   'P 1 21 1'
#
loop_
_entity.id
_entity.type
_entity.pdbx_description
1 polymer 'TIR domain-containing protein'
2 polymer 'Latrophilin-like protein 1'
3 branched alpha-D-mannopyranose-(1-6)-beta-D-mannopyranose-(1-4)-2-acetamido-2-deoxy-beta-D-glucopyranose-(1-4)-2-acetamido-2-deoxy-beta-D-glucopyranose
4 branched 2-acetamido-2-deoxy-beta-D-glucopyranose-(1-4)-2-acetamido-2-deoxy-beta-D-glucopyranose
5 branched alpha-D-mannopyranose-(1-3)-beta-D-mannopyranose-(1-4)-2-acetamido-2-deoxy-beta-D-glucopyranose-(1-4)-2-acetamido-2-deoxy-beta-D-glucopyranose
6 branched alpha-D-mannopyranose-(1-3)-[alpha-D-mannopyranose-(1-6)]beta-D-mannopyranose-(1-4)-2-acetamido-2-deoxy-beta-D-glucopyranose-(1-4)-2-acetamido-2-deoxy-beta-D-glucopyranose
7 branched beta-D-mannopyranose-(1-4)-2-acetamido-2-deoxy-beta-D-glucopyranose-(1-4)-2-acetamido-2-deoxy-beta-D-glucopyranose
8 non-polymer 2-acetamido-2-deoxy-beta-D-glucopyranose
#
loop_
_entity_poly.entity_id
_entity_poly.type
_entity_poly.pdbx_seq_one_letter_code
_entity_poly.pdbx_strand_id
1 'polypeptide(L)'
;ADPHHHHHHGSGLNDIFEAQKIEWHEADPGYTDECPKFCKCAPDPVQPTSKLLLCDYSSKNTTITPIASSNYDQVANIRS
LFISCDNNNFQFPDAYFKSLTALHHLRIVGCETTHFSVKLFEDLAALRRLELDQISTASTSFEMTEDVLMPLARLEKFSL
TRSRNIELPQRLLCSLPHLQVLNISSNELPSLRREESCVAQQLLIVDLSRNRLTNIEQFLRGIPAIRQISVAYNSIAELD
LSLATPFLQQLDAEANRIVDLTSLPGTVVHVNLAGNALKRVPDAVAELASLVALNVSRNEIEAGNSSVFSSPELEMLDAS
YNKLDSLPVEWLQKCEKRIAHLHLEHNSIEQLTGGVLANATNLQTLDLSSNQLRVFRDEVLPENSKIGNLRLSNNSLELL
EPSSLSGLKLESLDLSHNKLTEVPAAIGKVEQLKKVDLSHNRIAKVYQYVLNKIKQLHTVDLSNNQLQSIGPYIFSDSSE
LHSLDVSNNEISLLFKDAFARCPKLRKISMKMNKIKSLDEGLTEASGLRRLDVSHNEILVLKWSALPENLEILNADNNDI
NLLTAASMSPSTANLKSVSLSNNGITIMNADQIPNSLESLDVSNNRLAKLGKTALAAKSQLRRLNLKGNLLTVVATESMK
VVEAVHPLKVEISENPLICDCQMGWMIGGAKPKVLIQDSETASCSHAVDGHQIQIQSLSKKDLLCPYKSVCEPECICCQY
GNCDCKSVCPANCRCFRDDQFNINIVRCHGNSSMVPKREFVVSELPVSATEIILSGVTLPQLRTHSFIGRLRLQRLHING
TGLRSIQPKAFHTLPALKTLDLSDNSLISLSGEEFLKCGEVSQLFLNGNRFSTLSRGIFEKLPNLKYLTLHNNSLEDIPQ
VLHSTALSKISLSSNPLRCDCSGGSQQHLHHRRDPKAHPFWEHNAAEWFSLHRHLVVDFPKVECWENVTKAFLTNDTTVL
SAYPPNMGNDVFVMPIEEFLRDYNSTICVPFSSGFFGQDPQNSDIQH
;
A,B,C,D
2 'polypeptide(L)'
;ADPTTDESGTISHTICDGEAAELSCPAGKVISIVLGNYGRFSVAVCLPDNDIVPSNINCQNHKTKSILEKKCNGDSMCYF
TVDKKTFTEDPCPNTPKYLEVKYNCVVPHHHHHH
;
E,F,G,H
#
# COMPACT_ATOMS: atom_id res chain seq x y z
N GLU A 34 -95.04 -29.19 16.43
CA GLU A 34 -94.86 -27.77 16.70
C GLU A 34 -94.21 -27.54 18.06
N CYS A 35 -93.39 -26.49 18.15
CA CYS A 35 -92.70 -26.19 19.40
C CYS A 35 -93.70 -25.66 20.43
N PRO A 36 -93.60 -26.09 21.70
CA PRO A 36 -94.65 -25.77 22.69
C PRO A 36 -94.73 -24.29 23.08
N LYS A 37 -95.48 -23.99 24.14
CA LYS A 37 -95.74 -22.60 24.53
C LYS A 37 -94.50 -21.95 25.15
N PHE A 38 -94.12 -20.79 24.61
CA PHE A 38 -92.97 -19.98 25.04
C PHE A 38 -91.63 -20.71 24.91
N CYS A 39 -91.49 -21.65 23.97
CA CYS A 39 -90.24 -22.39 23.79
C CYS A 39 -89.97 -22.61 22.31
N LYS A 40 -88.69 -22.57 21.92
CA LYS A 40 -88.26 -22.65 20.53
C LYS A 40 -87.32 -23.83 20.33
N CYS A 41 -87.69 -24.73 19.42
CA CYS A 41 -86.88 -25.91 19.09
C CYS A 41 -85.55 -25.51 18.44
N ALA A 42 -84.67 -26.51 18.29
CA ALA A 42 -83.36 -26.40 17.65
C ALA A 42 -82.79 -27.79 17.43
N PRO A 43 -82.04 -28.07 16.36
CA PRO A 43 -81.31 -29.35 16.28
C PRO A 43 -80.14 -29.36 17.26
N ASP A 44 -80.13 -30.34 18.16
CA ASP A 44 -79.18 -30.48 19.26
C ASP A 44 -77.73 -30.33 18.78
N PRO A 45 -76.95 -29.40 19.34
CA PRO A 45 -75.57 -29.22 18.84
C PRO A 45 -74.67 -30.41 19.09
N VAL A 46 -74.79 -31.05 20.26
CA VAL A 46 -73.95 -32.19 20.59
C VAL A 46 -74.29 -33.38 19.70
N GLN A 47 -75.53 -33.43 19.19
CA GLN A 47 -76.02 -34.58 18.43
C GLN A 47 -76.97 -34.05 17.35
N PRO A 48 -76.43 -33.52 16.23
CA PRO A 48 -77.26 -32.71 15.31
C PRO A 48 -78.43 -33.44 14.66
N THR A 49 -78.59 -34.73 14.92
CA THR A 49 -79.75 -35.44 14.41
C THR A 49 -80.99 -35.23 15.29
N SER A 50 -80.81 -34.88 16.56
CA SER A 50 -81.90 -34.70 17.51
C SER A 50 -82.38 -33.24 17.54
N LYS A 51 -83.23 -32.90 18.51
CA LYS A 51 -83.89 -31.59 18.54
C LYS A 51 -83.73 -30.91 19.91
N LEU A 52 -82.84 -29.92 20.00
CA LEU A 52 -82.74 -29.01 21.15
C LEU A 52 -83.98 -28.12 21.30
N LEU A 53 -84.24 -27.72 22.55
CA LEU A 53 -85.36 -26.86 22.90
C LEU A 53 -84.82 -25.76 23.82
N LEU A 54 -85.26 -24.52 23.56
CA LEU A 54 -84.76 -23.32 24.27
C LEU A 54 -85.93 -22.52 24.84
N CYS A 55 -86.22 -22.71 26.12
CA CYS A 55 -87.36 -22.07 26.76
C CYS A 55 -86.97 -20.74 27.40
N ASP A 56 -87.89 -19.76 27.31
CA ASP A 56 -87.70 -18.41 27.87
C ASP A 56 -89.01 -17.97 28.55
N TYR A 57 -89.26 -18.45 29.76
CA TYR A 57 -90.43 -18.01 30.51
C TYR A 57 -90.17 -16.76 31.34
N SER A 58 -89.14 -15.98 31.00
CA SER A 58 -88.92 -14.69 31.65
C SER A 58 -89.98 -13.69 31.22
N SER A 59 -90.48 -13.85 29.99
CA SER A 59 -91.36 -12.88 29.35
C SER A 59 -92.57 -12.50 30.20
N LYS A 60 -93.25 -13.49 30.77
CA LYS A 60 -94.51 -13.23 31.44
C LYS A 60 -94.76 -14.26 32.52
N ASN A 61 -95.68 -13.91 33.42
CA ASN A 61 -96.15 -14.73 34.50
C ASN A 61 -97.25 -15.70 34.06
N THR A 62 -97.35 -15.94 32.75
CA THR A 62 -98.36 -16.83 32.21
C THR A 62 -98.09 -18.26 32.64
N THR A 63 -99.01 -19.16 32.32
CA THR A 63 -98.90 -20.50 32.88
C THR A 63 -97.79 -21.27 32.17
N ILE A 64 -97.36 -22.36 32.82
CA ILE A 64 -96.26 -23.17 32.33
C ILE A 64 -96.88 -24.38 31.62
N THR A 65 -96.98 -24.29 30.31
CA THR A 65 -97.56 -25.35 29.49
C THR A 65 -96.80 -26.66 29.69
N PRO A 66 -97.44 -27.74 30.13
CA PRO A 66 -96.74 -29.02 30.26
C PRO A 66 -96.19 -29.47 28.91
N ILE A 67 -94.94 -29.93 28.92
CA ILE A 67 -94.33 -30.43 27.69
C ILE A 67 -94.99 -31.74 27.24
N ALA A 68 -95.38 -32.58 28.20
CA ALA A 68 -96.10 -33.80 27.86
C ALA A 68 -97.48 -33.52 27.27
N SER A 69 -98.11 -32.42 27.66
CA SER A 69 -99.42 -32.11 27.13
C SER A 69 -99.38 -31.29 25.85
N SER A 70 -98.23 -30.72 25.51
CA SER A 70 -98.10 -30.13 24.18
C SER A 70 -97.82 -31.20 23.15
N ASN A 71 -97.40 -32.39 23.62
CA ASN A 71 -97.15 -33.55 22.79
C ASN A 71 -96.33 -33.17 21.54
N TYR A 72 -95.23 -32.45 21.78
CA TYR A 72 -94.37 -32.03 20.69
C TYR A 72 -93.91 -33.24 19.90
N ASP A 73 -93.91 -33.10 18.56
CA ASP A 73 -93.69 -34.24 17.68
C ASP A 73 -92.33 -34.87 17.91
N GLN A 74 -91.41 -34.14 18.53
CA GLN A 74 -90.06 -34.64 18.79
C GLN A 74 -89.72 -34.41 20.27
N VAL A 75 -90.53 -34.98 21.17
CA VAL A 75 -90.22 -34.91 22.60
C VAL A 75 -89.12 -35.90 22.94
N ALA A 76 -89.12 -37.07 22.28
CA ALA A 76 -88.05 -38.04 22.42
C ALA A 76 -86.85 -37.71 21.54
N ASN A 77 -86.89 -36.61 20.78
CA ASN A 77 -85.73 -36.03 20.10
C ASN A 77 -85.13 -34.86 20.87
N ILE A 78 -85.73 -34.47 21.99
CA ILE A 78 -85.19 -33.39 22.82
C ILE A 78 -84.13 -34.03 23.72
N ARG A 79 -82.85 -33.85 23.37
CA ARG A 79 -81.78 -34.40 24.19
C ARG A 79 -81.17 -33.36 25.12
N SER A 80 -81.20 -32.10 24.72
CA SER A 80 -80.75 -31.00 25.56
C SER A 80 -81.89 -29.99 25.65
N LEU A 81 -82.13 -29.46 26.85
CA LEU A 81 -83.27 -28.57 27.09
C LEU A 81 -82.81 -27.40 27.95
N PHE A 82 -82.99 -26.18 27.45
CA PHE A 82 -82.59 -24.97 28.13
C PHE A 82 -83.84 -24.16 28.49
N ILE A 83 -83.90 -23.69 29.74
CA ILE A 83 -84.94 -22.77 30.21
C ILE A 83 -84.25 -21.55 30.83
N SER A 84 -84.78 -20.37 30.55
CA SER A 84 -84.21 -19.11 31.03
C SER A 84 -85.32 -18.19 31.57
N CYS A 85 -85.14 -17.69 32.80
CA CYS A 85 -86.09 -16.78 33.43
C CYS A 85 -85.37 -15.56 34.01
N ASP A 86 -86.15 -14.56 34.43
CA ASP A 86 -85.66 -13.50 35.29
C ASP A 86 -86.67 -13.11 36.36
N ASN A 87 -87.85 -13.71 36.33
CA ASN A 87 -88.84 -13.56 37.39
C ASN A 87 -88.48 -14.45 38.57
N ASN A 88 -89.05 -14.12 39.71
CA ASN A 88 -88.75 -14.78 40.98
C ASN A 88 -89.84 -15.79 41.31
N ASN A 89 -89.50 -16.69 42.24
CA ASN A 89 -90.40 -17.76 42.70
C ASN A 89 -91.00 -18.58 41.55
N PHE A 90 -90.27 -18.72 40.46
CA PHE A 90 -90.72 -19.54 39.32
C PHE A 90 -90.71 -21.02 39.71
N GLN A 91 -91.89 -21.62 39.79
CA GLN A 91 -92.05 -23.02 40.16
C GLN A 91 -92.50 -23.85 38.95
N PHE A 92 -91.85 -24.99 38.74
CA PHE A 92 -92.24 -25.86 37.66
C PHE A 92 -93.53 -26.60 38.00
N PRO A 93 -94.43 -26.75 37.03
CA PRO A 93 -95.59 -27.65 37.21
C PRO A 93 -95.11 -29.08 37.40
N ASP A 94 -95.74 -29.78 38.35
CA ASP A 94 -95.34 -31.16 38.65
C ASP A 94 -95.35 -32.02 37.40
N ALA A 95 -96.30 -31.77 36.51
CA ALA A 95 -96.36 -32.45 35.22
C ALA A 95 -95.87 -31.50 34.12
N TYR A 96 -94.57 -31.25 34.14
CA TYR A 96 -93.92 -30.48 33.10
C TYR A 96 -92.87 -31.30 32.37
N PHE A 97 -91.92 -31.88 33.10
CA PHE A 97 -90.88 -32.70 32.48
C PHE A 97 -91.32 -34.13 32.21
N LYS A 98 -92.54 -34.34 31.73
CA LYS A 98 -92.99 -35.67 31.37
C LYS A 98 -92.86 -35.90 29.86
N SER A 99 -92.70 -37.16 29.48
CA SER A 99 -92.60 -37.65 28.10
C SER A 99 -91.30 -37.21 27.45
N LEU A 100 -90.41 -36.57 28.20
CA LEU A 100 -89.06 -36.23 27.76
C LEU A 100 -88.08 -37.33 28.12
N THR A 101 -88.50 -38.59 27.99
CA THR A 101 -87.75 -39.76 28.43
C THR A 101 -86.44 -39.96 27.65
N ALA A 102 -86.15 -39.12 26.66
CA ALA A 102 -84.87 -39.14 25.97
C ALA A 102 -84.05 -37.87 26.23
N LEU A 103 -84.37 -37.11 27.27
CA LEU A 103 -83.68 -35.86 27.57
C LEU A 103 -82.35 -36.15 28.26
N HIS A 104 -81.25 -35.80 27.61
CA HIS A 104 -79.90 -36.04 28.13
C HIS A 104 -79.30 -34.85 28.86
N HIS A 105 -79.58 -33.61 28.42
CA HIS A 105 -79.02 -32.41 29.02
C HIS A 105 -80.14 -31.43 29.32
N LEU A 106 -80.06 -30.78 30.48
CA LEU A 106 -81.08 -29.82 30.90
C LEU A 106 -80.37 -28.64 31.54
N ARG A 107 -80.60 -27.43 31.00
CA ARG A 107 -80.03 -26.21 31.55
C ARG A 107 -81.16 -25.29 32.00
N ILE A 108 -81.10 -24.88 33.26
CA ILE A 108 -82.08 -24.00 33.86
C ILE A 108 -81.34 -22.74 34.29
N VAL A 109 -81.74 -21.59 33.76
CA VAL A 109 -81.02 -20.33 33.96
C VAL A 109 -81.96 -19.24 34.42
N GLY A 110 -81.84 -18.84 35.69
CA GLY A 110 -82.54 -17.67 36.20
C GLY A 110 -83.93 -17.89 36.75
N CYS A 111 -84.35 -19.15 36.94
CA CYS A 111 -85.70 -19.47 37.40
C CYS A 111 -85.62 -19.80 38.89
N GLU A 112 -85.70 -18.76 39.71
CA GLU A 112 -85.49 -18.85 41.14
C GLU A 112 -86.60 -19.68 41.79
N THR A 113 -86.29 -20.25 42.96
CA THR A 113 -87.24 -21.08 43.71
C THR A 113 -86.61 -21.38 45.06
N THR A 114 -87.30 -22.22 45.84
CA THR A 114 -86.79 -22.69 47.13
C THR A 114 -86.62 -24.20 47.19
N HIS A 115 -87.21 -24.95 46.25
CA HIS A 115 -87.02 -26.39 46.05
C HIS A 115 -87.85 -26.82 44.85
N PHE A 116 -87.45 -27.91 44.20
CA PHE A 116 -88.18 -28.48 43.07
C PHE A 116 -89.07 -29.63 43.53
N SER A 117 -90.03 -30.00 42.66
CA SER A 117 -90.89 -31.15 42.94
C SER A 117 -90.17 -32.47 42.71
N VAL A 118 -90.38 -33.41 43.65
CA VAL A 118 -89.70 -34.70 43.54
C VAL A 118 -90.26 -35.47 42.36
N LYS A 119 -91.58 -35.35 42.13
CA LYS A 119 -92.23 -36.02 40.99
C LYS A 119 -91.69 -35.52 39.66
N LEU A 120 -91.07 -34.33 39.64
CA LEU A 120 -90.68 -33.72 38.38
C LEU A 120 -89.54 -34.50 37.72
N PHE A 121 -88.58 -34.96 38.51
CA PHE A 121 -87.40 -35.60 37.97
C PHE A 121 -87.49 -37.12 37.95
N GLU A 122 -88.71 -37.67 37.92
CA GLU A 122 -88.82 -39.12 37.85
C GLU A 122 -88.63 -39.64 36.43
N ASP A 123 -89.22 -38.94 35.45
CA ASP A 123 -89.28 -39.37 34.05
C ASP A 123 -88.07 -38.94 33.21
N LEU A 124 -86.88 -38.81 33.80
CA LEU A 124 -85.69 -38.29 33.11
C LEU A 124 -84.46 -39.14 33.39
N ALA A 125 -84.61 -40.47 33.34
CA ALA A 125 -83.49 -41.36 33.64
C ALA A 125 -82.38 -41.30 32.58
N ALA A 126 -82.68 -40.80 31.39
CA ALA A 126 -81.67 -40.62 30.35
C ALA A 126 -80.88 -39.32 30.49
N LEU A 127 -81.09 -38.58 31.58
CA LEU A 127 -80.43 -37.29 31.77
C LEU A 127 -78.97 -37.50 32.10
N ARG A 128 -78.08 -37.00 31.27
CA ARG A 128 -76.66 -37.17 31.49
C ARG A 128 -75.95 -35.90 31.94
N ARG A 129 -76.58 -34.73 31.78
CA ARG A 129 -75.93 -33.47 32.13
C ARG A 129 -76.97 -32.45 32.57
N LEU A 130 -77.03 -32.16 33.87
CA LEU A 130 -77.92 -31.15 34.43
C LEU A 130 -77.13 -29.88 34.72
N GLU A 131 -77.70 -28.74 34.33
CA GLU A 131 -77.12 -27.44 34.65
C GLU A 131 -78.18 -26.56 35.31
N LEU A 132 -77.82 -25.95 36.43
CA LEU A 132 -78.63 -24.92 37.08
C LEU A 132 -77.82 -23.64 37.16
N ASP A 133 -78.46 -22.51 36.91
CA ASP A 133 -77.76 -21.24 36.95
C ASP A 133 -78.72 -20.18 37.46
N GLN A 134 -78.38 -19.57 38.59
CA GLN A 134 -79.14 -18.46 39.16
C GLN A 134 -80.57 -18.87 39.55
N ILE A 135 -80.65 -19.77 40.54
CA ILE A 135 -81.95 -20.17 41.10
C ILE A 135 -82.17 -19.60 42.50
N SER A 136 -81.32 -18.68 42.96
CA SER A 136 -81.53 -18.07 44.26
C SER A 136 -80.66 -16.82 44.40
N THR A 137 -81.17 -15.83 45.15
CA THR A 137 -80.50 -14.57 45.44
C THR A 137 -80.18 -14.50 46.94
N ALA A 138 -79.90 -13.28 47.41
CA ALA A 138 -79.64 -13.05 48.83
C ALA A 138 -80.85 -13.35 49.69
N SER A 139 -82.02 -13.50 49.08
CA SER A 139 -83.28 -13.72 49.76
C SER A 139 -83.73 -15.18 49.70
N THR A 140 -83.82 -15.73 48.50
CA THR A 140 -84.34 -17.08 48.34
C THR A 140 -83.30 -18.13 48.74
N SER A 141 -83.71 -19.09 49.56
CA SER A 141 -82.83 -20.18 49.98
C SER A 141 -83.26 -21.42 49.20
N PHE A 142 -82.30 -22.04 48.52
CA PHE A 142 -82.57 -23.22 47.72
C PHE A 142 -81.91 -24.43 48.38
N GLU A 143 -82.65 -25.55 48.45
CA GLU A 143 -82.11 -26.80 48.99
C GLU A 143 -82.20 -27.88 47.92
N MET A 144 -81.03 -28.36 47.48
CA MET A 144 -80.97 -29.53 46.62
C MET A 144 -81.40 -30.73 47.45
N THR A 145 -82.57 -31.30 47.15
CA THR A 145 -83.09 -32.38 48.00
C THR A 145 -82.47 -33.71 47.62
N GLU A 146 -82.16 -34.53 48.63
CA GLU A 146 -81.60 -35.85 48.37
C GLU A 146 -82.57 -36.74 47.59
N ASP A 147 -83.86 -36.39 47.56
CA ASP A 147 -84.88 -37.16 46.87
C ASP A 147 -85.24 -36.59 45.50
N VAL A 148 -85.06 -35.28 45.32
CA VAL A 148 -85.23 -34.69 44.00
C VAL A 148 -84.21 -35.28 43.04
N LEU A 149 -83.02 -35.62 43.54
CA LEU A 149 -81.97 -36.22 42.73
C LEU A 149 -81.90 -37.74 42.82
N MET A 150 -82.84 -38.37 43.52
CA MET A 150 -82.81 -39.84 43.56
C MET A 150 -83.09 -40.43 42.18
N PRO A 151 -84.09 -39.94 41.43
CA PRO A 151 -84.26 -40.45 40.07
C PRO A 151 -83.33 -39.75 39.09
N LEU A 152 -82.09 -39.48 39.53
CA LEU A 152 -81.07 -38.82 38.72
C LEU A 152 -79.70 -39.44 38.95
N ALA A 153 -79.63 -40.76 39.07
CA ALA A 153 -78.33 -41.39 39.32
C ALA A 153 -77.39 -41.23 38.13
N ARG A 154 -77.86 -41.53 36.91
CA ARG A 154 -77.00 -41.47 35.73
C ARG A 154 -76.63 -40.06 35.28
N LEU A 155 -76.33 -39.16 36.21
CA LEU A 155 -75.97 -37.78 35.88
C LEU A 155 -74.45 -37.70 35.83
N GLU A 156 -73.92 -37.64 34.60
CA GLU A 156 -72.48 -37.62 34.36
C GLU A 156 -71.88 -36.21 34.39
N LYS A 157 -72.69 -35.19 34.66
CA LYS A 157 -72.20 -33.82 34.81
C LYS A 157 -73.31 -33.02 35.50
N PHE A 158 -72.99 -32.35 36.60
CA PHE A 158 -73.97 -31.61 37.39
C PHE A 158 -73.43 -30.19 37.63
N SER A 159 -74.14 -29.19 37.11
CA SER A 159 -73.68 -27.80 37.11
C SER A 159 -74.69 -26.88 37.79
N LEU A 160 -74.29 -26.20 38.87
CA LEU A 160 -75.16 -25.30 39.65
C LEU A 160 -74.39 -24.03 40.01
N THR A 161 -74.49 -22.99 39.16
CA THR A 161 -73.59 -21.84 39.23
C THR A 161 -74.34 -20.55 39.51
N ARG A 162 -73.60 -19.59 40.10
CA ARG A 162 -74.07 -18.24 40.42
C ARG A 162 -75.40 -18.24 41.19
N SER A 163 -75.34 -18.46 42.49
CA SER A 163 -76.53 -18.41 43.33
C SER A 163 -76.10 -18.40 44.80
N ARG A 164 -76.77 -17.59 45.62
CA ARG A 164 -76.39 -17.47 47.02
C ARG A 164 -77.41 -18.16 47.92
N ASN A 165 -76.94 -18.49 49.13
CA ASN A 165 -77.74 -19.07 50.21
C ASN A 165 -78.48 -20.33 49.76
N ILE A 166 -77.67 -21.31 49.38
CA ILE A 166 -78.11 -22.63 48.96
C ILE A 166 -77.68 -23.63 50.02
N GLU A 167 -78.46 -24.70 50.17
CA GLU A 167 -78.08 -25.82 51.03
C GLU A 167 -78.10 -27.10 50.20
N LEU A 168 -76.95 -27.76 50.12
CA LEU A 168 -76.70 -29.01 49.42
C LEU A 168 -76.72 -30.16 50.42
N PRO A 169 -77.25 -31.34 50.10
CA PRO A 169 -77.29 -32.41 51.09
C PRO A 169 -75.89 -32.93 51.37
N GLN A 170 -75.67 -33.37 52.61
CA GLN A 170 -74.37 -33.97 52.91
C GLN A 170 -74.17 -35.26 52.13
N ARG A 171 -75.26 -35.96 51.83
CA ARG A 171 -75.25 -37.10 50.92
C ARG A 171 -75.57 -36.69 49.48
N LEU A 172 -75.01 -35.57 49.04
CA LEU A 172 -75.25 -35.11 47.67
C LEU A 172 -74.61 -36.06 46.68
N LEU A 173 -73.38 -36.48 46.97
CA LEU A 173 -72.68 -37.39 46.10
C LEU A 173 -73.25 -38.79 46.13
N CYS A 174 -73.96 -39.14 47.22
CA CYS A 174 -74.56 -40.46 47.31
C CYS A 174 -75.76 -40.63 46.37
N SER A 175 -76.44 -39.52 46.03
CA SER A 175 -77.54 -39.58 45.07
C SER A 175 -77.04 -39.60 43.63
N LEU A 176 -75.82 -39.08 43.41
CA LEU A 176 -75.22 -38.96 42.08
C LEU A 176 -73.82 -39.56 42.15
N PRO A 177 -73.71 -40.90 42.22
CA PRO A 177 -72.37 -41.50 42.26
C PRO A 177 -71.67 -41.50 40.93
N HIS A 178 -72.43 -41.62 39.84
CA HIS A 178 -71.86 -41.65 38.48
C HIS A 178 -71.37 -40.25 38.10
N LEU A 179 -70.93 -39.46 39.08
CA LEU A 179 -70.57 -38.07 38.87
C LEU A 179 -69.13 -37.92 38.37
N GLN A 180 -68.95 -37.16 37.27
CA GLN A 180 -67.64 -36.93 36.65
C GLN A 180 -67.16 -35.48 36.70
N VAL A 181 -68.02 -34.50 36.39
CA VAL A 181 -67.66 -33.07 36.40
C VAL A 181 -68.63 -32.35 37.33
N LEU A 182 -68.12 -31.80 38.44
CA LEU A 182 -68.92 -31.09 39.42
C LEU A 182 -68.58 -29.59 39.44
N ASN A 183 -69.55 -28.75 39.03
CA ASN A 183 -69.40 -27.28 38.95
C ASN A 183 -70.42 -26.60 39.86
N ILE A 184 -69.96 -26.04 40.98
CA ILE A 184 -70.82 -25.22 41.84
C ILE A 184 -70.14 -23.90 42.15
N SER A 185 -69.75 -23.16 41.10
CA SER A 185 -68.97 -21.95 41.26
C SER A 185 -69.86 -20.71 41.39
N SER A 186 -69.26 -19.64 41.88
CA SER A 186 -69.94 -18.36 42.06
C SER A 186 -71.11 -18.46 43.03
N ASN A 187 -70.99 -19.32 44.06
CA ASN A 187 -72.08 -19.59 44.99
C ASN A 187 -71.80 -19.20 46.43
N GLU A 188 -70.58 -18.75 46.76
CA GLU A 188 -70.23 -18.18 48.07
C GLU A 188 -70.52 -19.12 49.23
N LEU A 189 -70.48 -20.44 49.00
CA LEU A 189 -70.80 -21.38 50.08
C LEU A 189 -69.74 -21.31 51.16
N PRO A 190 -70.09 -20.98 52.41
CA PRO A 190 -69.07 -20.83 53.46
C PRO A 190 -68.40 -22.12 53.88
N SER A 191 -69.07 -23.26 53.71
CA SER A 191 -68.46 -24.55 54.02
C SER A 191 -69.07 -25.58 53.09
N LEU A 192 -68.34 -26.68 52.88
CA LEU A 192 -68.86 -27.81 52.14
C LEU A 192 -68.60 -29.06 52.96
N ARG A 193 -69.68 -29.71 53.36
CA ARG A 193 -69.65 -30.87 54.23
C ARG A 193 -70.30 -32.01 53.49
N ARG A 194 -69.73 -33.19 53.66
CA ARG A 194 -70.19 -34.37 52.96
C ARG A 194 -70.11 -35.52 53.94
N GLU A 195 -71.11 -36.39 53.90
CA GLU A 195 -71.11 -37.56 54.75
C GLU A 195 -70.01 -38.50 54.25
N GLU A 196 -69.20 -39.03 55.17
CA GLU A 196 -68.00 -39.77 54.77
C GLU A 196 -68.30 -41.05 54.00
N SER A 197 -69.54 -41.53 54.02
CA SER A 197 -69.95 -42.70 53.24
C SER A 197 -70.14 -42.41 51.75
N CYS A 198 -70.17 -41.14 51.33
CA CYS A 198 -70.37 -40.78 49.93
C CYS A 198 -69.03 -40.67 49.22
N VAL A 199 -68.84 -41.47 48.18
CA VAL A 199 -67.60 -41.48 47.42
C VAL A 199 -67.97 -41.27 45.96
N ALA A 200 -67.55 -40.15 45.38
CA ALA A 200 -67.67 -39.98 43.94
C ALA A 200 -66.45 -40.63 43.28
N GLN A 201 -66.62 -41.87 42.84
CA GLN A 201 -65.56 -42.69 42.26
C GLN A 201 -65.47 -42.52 40.75
N GLN A 202 -66.16 -41.52 40.20
CA GLN A 202 -65.92 -41.10 38.82
C GLN A 202 -65.68 -39.60 38.75
N LEU A 203 -65.51 -38.93 39.89
CA LEU A 203 -65.32 -37.49 39.92
C LEU A 203 -63.96 -37.13 39.34
N LEU A 204 -63.94 -36.49 38.17
CA LEU A 204 -62.71 -36.08 37.48
C LEU A 204 -62.36 -34.63 37.76
N ILE A 205 -63.31 -33.73 37.53
CA ILE A 205 -63.10 -32.28 37.58
C ILE A 205 -64.03 -31.70 38.64
N VAL A 206 -63.46 -31.08 39.68
CA VAL A 206 -64.20 -30.42 40.75
C VAL A 206 -64.03 -28.92 40.61
N ASP A 207 -65.14 -28.19 40.69
CA ASP A 207 -65.19 -26.73 40.56
C ASP A 207 -65.77 -26.16 41.85
N LEU A 208 -64.89 -25.77 42.77
CA LEU A 208 -65.29 -25.07 43.99
C LEU A 208 -65.03 -23.57 43.90
N SER A 209 -64.65 -23.08 42.71
CA SER A 209 -64.16 -21.72 42.57
C SER A 209 -65.23 -20.69 42.92
N ARG A 210 -64.77 -19.54 43.43
CA ARG A 210 -65.62 -18.41 43.79
C ARG A 210 -66.62 -18.77 44.91
N ASN A 211 -66.07 -19.12 46.08
CA ASN A 211 -66.86 -19.44 47.27
C ASN A 211 -66.14 -18.84 48.49
N ARG A 212 -66.63 -19.17 49.68
CA ARG A 212 -66.06 -18.73 50.93
C ARG A 212 -65.52 -19.88 51.77
N LEU A 213 -64.81 -20.82 51.13
CA LEU A 213 -64.36 -22.03 51.79
C LEU A 213 -62.98 -21.81 52.43
N THR A 214 -62.82 -22.27 53.68
CA THR A 214 -61.54 -22.15 54.37
C THR A 214 -60.83 -23.49 54.55
N ASN A 215 -61.59 -24.57 54.73
CA ASN A 215 -61.06 -25.94 54.67
C ASN A 215 -62.21 -26.89 54.32
N ILE A 216 -61.92 -27.86 53.44
CA ILE A 216 -62.90 -28.75 52.83
C ILE A 216 -62.47 -30.20 52.95
N GLU A 217 -61.48 -30.48 53.80
CA GLU A 217 -60.89 -31.82 53.89
C GLU A 217 -61.96 -32.90 54.06
N GLN A 218 -63.01 -32.59 54.82
CA GLN A 218 -64.09 -33.55 55.05
C GLN A 218 -64.81 -33.93 53.76
N PHE A 219 -64.94 -32.98 52.82
CA PHE A 219 -65.58 -33.30 51.56
C PHE A 219 -64.68 -34.17 50.67
N LEU A 220 -63.44 -33.71 50.42
CA LEU A 220 -62.53 -34.44 49.54
C LEU A 220 -62.05 -35.77 50.12
N ARG A 221 -61.96 -35.86 51.44
CA ARG A 221 -61.69 -37.12 52.11
C ARG A 221 -62.72 -38.12 51.63
N GLY A 222 -62.25 -39.19 50.99
CA GLY A 222 -63.18 -40.19 50.50
C GLY A 222 -63.70 -39.94 49.11
N ILE A 223 -63.04 -39.09 48.33
CA ILE A 223 -63.32 -38.94 46.89
C ILE A 223 -61.96 -38.90 46.19
N PRO A 224 -61.40 -40.06 45.82
CA PRO A 224 -60.02 -40.10 45.33
C PRO A 224 -59.84 -39.98 43.83
N ALA A 225 -60.93 -40.21 43.08
CA ALA A 225 -60.85 -40.18 41.62
C ALA A 225 -60.47 -38.81 41.09
N ILE A 226 -60.57 -37.79 41.93
CA ILE A 226 -60.44 -36.41 41.49
C ILE A 226 -59.08 -36.20 40.85
N ARG A 227 -59.08 -35.70 39.61
CA ARG A 227 -57.87 -35.33 38.90
C ARG A 227 -57.72 -33.82 38.73
N GLN A 228 -58.82 -33.08 38.79
CA GLN A 228 -58.78 -31.66 38.53
C GLN A 228 -59.62 -30.94 39.58
N ILE A 229 -59.03 -29.94 40.24
CA ILE A 229 -59.69 -29.15 41.27
C ILE A 229 -59.49 -27.68 40.95
N SER A 230 -60.56 -26.90 41.11
CA SER A 230 -60.51 -25.44 40.98
C SER A 230 -61.20 -24.87 42.21
N VAL A 231 -60.40 -24.56 43.24
CA VAL A 231 -60.86 -23.95 44.47
C VAL A 231 -60.47 -22.48 44.43
N ALA A 232 -60.59 -21.87 43.25
CA ALA A 232 -60.16 -20.51 43.05
C ALA A 232 -61.08 -19.56 43.80
N TYR A 233 -60.55 -18.37 44.10
CA TYR A 233 -61.30 -17.27 44.69
C TYR A 233 -62.00 -17.68 46.00
N ASN A 234 -61.19 -18.17 46.94
CA ASN A 234 -61.65 -18.58 48.27
C ASN A 234 -60.68 -18.07 49.35
N SER A 235 -60.91 -18.54 50.58
CA SER A 235 -60.15 -18.16 51.78
C SER A 235 -59.51 -19.39 52.41
N ILE A 236 -58.98 -20.29 51.59
CA ILE A 236 -58.38 -21.52 52.10
C ILE A 236 -57.04 -21.19 52.74
N ALA A 237 -56.80 -21.75 53.92
CA ALA A 237 -55.59 -21.47 54.69
C ALA A 237 -54.60 -22.62 54.75
N GLU A 238 -55.10 -23.85 54.87
CA GLU A 238 -54.27 -25.05 54.93
C GLU A 238 -54.86 -26.08 53.97
N LEU A 239 -54.04 -26.54 53.03
CA LEU A 239 -54.51 -27.46 52.00
C LEU A 239 -53.68 -28.73 52.11
N ASP A 240 -54.37 -29.86 52.21
CA ASP A 240 -53.74 -31.18 52.31
C ASP A 240 -54.39 -32.09 51.28
N LEU A 241 -53.60 -32.57 50.31
CA LEU A 241 -54.13 -33.33 49.18
C LEU A 241 -53.35 -34.57 48.77
N SER A 242 -52.16 -34.85 49.31
CA SER A 242 -51.40 -35.99 48.81
C SER A 242 -52.03 -37.32 49.19
N LEU A 243 -52.70 -37.36 50.34
CA LEU A 243 -53.41 -38.54 50.81
C LEU A 243 -54.93 -38.42 50.63
N ALA A 244 -55.42 -37.45 49.86
CA ALA A 244 -56.85 -37.29 49.61
C ALA A 244 -57.16 -37.54 48.14
N THR A 245 -56.64 -36.72 47.22
CA THR A 245 -56.79 -36.94 45.78
C THR A 245 -55.44 -37.30 45.17
N PRO A 246 -55.08 -38.59 45.11
CA PRO A 246 -53.73 -38.97 44.65
C PRO A 246 -53.53 -38.90 43.15
N PHE A 247 -54.58 -38.65 42.37
CA PHE A 247 -54.46 -38.49 40.91
C PHE A 247 -54.70 -37.06 40.47
N LEU A 248 -54.65 -36.11 41.41
CA LEU A 248 -54.87 -34.70 41.09
C LEU A 248 -53.83 -34.23 40.08
N GLN A 249 -54.30 -33.80 38.91
CA GLN A 249 -53.47 -33.43 37.76
C GLN A 249 -53.45 -31.94 37.45
N GLN A 250 -54.46 -31.19 37.85
CA GLN A 250 -54.53 -29.76 37.57
C GLN A 250 -55.11 -29.10 38.81
N LEU A 251 -54.29 -28.30 39.49
CA LEU A 251 -54.71 -27.57 40.68
C LEU A 251 -54.77 -26.08 40.34
N ASP A 252 -55.95 -25.49 40.56
CA ASP A 252 -56.20 -24.06 40.37
C ASP A 252 -56.56 -23.53 41.76
N ALA A 253 -55.62 -22.81 42.39
CA ALA A 253 -55.83 -22.20 43.69
C ALA A 253 -55.66 -20.70 43.65
N GLU A 254 -56.09 -20.07 42.55
CA GLU A 254 -55.94 -18.62 42.45
C GLU A 254 -56.84 -17.89 43.45
N ALA A 255 -56.29 -16.80 44.02
CA ALA A 255 -56.98 -15.86 44.93
C ALA A 255 -57.41 -16.51 46.25
N ASN A 256 -56.41 -16.88 47.06
CA ASN A 256 -56.63 -17.46 48.37
C ASN A 256 -55.67 -16.85 49.38
N ARG A 257 -55.64 -17.48 50.55
CA ARG A 257 -54.75 -17.17 51.66
C ARG A 257 -53.66 -18.22 51.84
N ILE A 258 -53.10 -18.72 50.75
CA ILE A 258 -52.10 -19.78 50.82
C ILE A 258 -50.76 -19.17 51.23
N VAL A 259 -50.20 -19.62 52.35
CA VAL A 259 -48.88 -19.17 52.78
C VAL A 259 -47.79 -20.14 52.36
N ASP A 260 -48.00 -21.43 52.60
CA ASP A 260 -47.14 -22.48 52.06
C ASP A 260 -47.95 -23.78 52.06
N LEU A 261 -47.72 -24.61 51.04
CA LEU A 261 -48.51 -25.84 50.91
C LEU A 261 -47.98 -26.95 51.81
N THR A 262 -48.84 -27.94 52.01
CA THR A 262 -48.52 -29.08 52.84
C THR A 262 -48.11 -30.29 52.01
N SER A 263 -48.99 -30.80 51.14
CA SER A 263 -48.63 -31.99 50.37
C SER A 263 -49.47 -32.08 49.10
N LEU A 264 -48.86 -32.58 48.03
CA LEU A 264 -49.45 -32.76 46.71
C LEU A 264 -49.27 -34.18 46.20
N PRO A 265 -50.10 -34.62 45.25
CA PRO A 265 -49.78 -35.85 44.52
C PRO A 265 -48.77 -35.58 43.42
N GLY A 266 -47.82 -36.50 43.26
CA GLY A 266 -46.72 -36.36 42.30
C GLY A 266 -47.11 -36.32 40.84
N THR A 267 -48.39 -36.05 40.58
CA THR A 267 -48.96 -35.96 39.24
C THR A 267 -49.29 -34.53 38.83
N VAL A 268 -49.08 -33.54 39.69
CA VAL A 268 -49.55 -32.18 39.40
C VAL A 268 -48.76 -31.62 38.23
N VAL A 269 -49.47 -31.24 37.17
CA VAL A 269 -48.86 -30.67 35.98
C VAL A 269 -49.23 -29.21 35.76
N HIS A 270 -50.20 -28.67 36.49
CA HIS A 270 -50.58 -27.26 36.35
C HIS A 270 -50.86 -26.70 37.73
N VAL A 271 -49.98 -25.83 38.22
CA VAL A 271 -50.15 -25.16 39.51
C VAL A 271 -50.42 -23.70 39.24
N ASN A 272 -51.57 -23.21 39.68
CA ASN A 272 -51.90 -21.79 39.54
C ASN A 272 -52.10 -21.22 40.95
N LEU A 273 -51.06 -20.54 41.44
CA LEU A 273 -51.02 -19.95 42.78
C LEU A 273 -50.94 -18.44 42.71
N ALA A 274 -51.71 -17.85 41.79
CA ALA A 274 -51.75 -16.40 41.68
C ALA A 274 -52.52 -15.82 42.85
N GLY A 275 -52.12 -14.62 43.27
CA GLY A 275 -52.81 -13.89 44.33
C GLY A 275 -52.86 -14.56 45.69
N ASN A 276 -51.78 -15.21 46.09
CA ASN A 276 -51.69 -15.87 47.38
C ASN A 276 -50.70 -15.12 48.28
N ALA A 277 -50.45 -15.69 49.46
CA ALA A 277 -49.50 -15.13 50.43
C ALA A 277 -48.12 -15.78 50.31
N LEU A 278 -47.57 -15.81 49.09
CA LEU A 278 -46.26 -16.39 48.85
C LEU A 278 -45.15 -15.39 49.13
N LYS A 279 -44.16 -15.82 49.91
CA LYS A 279 -42.94 -15.05 50.17
C LYS A 279 -41.70 -15.69 49.56
N ARG A 280 -41.78 -16.97 49.20
CA ARG A 280 -40.77 -17.64 48.39
C ARG A 280 -41.44 -18.80 47.69
N VAL A 281 -40.65 -19.55 46.92
CA VAL A 281 -41.16 -20.70 46.18
C VAL A 281 -41.55 -21.77 47.20
N PRO A 282 -42.80 -22.22 47.24
CA PRO A 282 -43.15 -23.36 48.11
C PRO A 282 -42.45 -24.62 47.65
N ASP A 283 -42.13 -25.47 48.63
CA ASP A 283 -41.30 -26.64 48.35
C ASP A 283 -42.06 -27.72 47.57
N ALA A 284 -43.31 -27.99 47.96
CA ALA A 284 -44.10 -29.07 47.33
C ALA A 284 -44.51 -28.75 45.90
N VAL A 285 -44.19 -27.57 45.38
CA VAL A 285 -44.36 -27.23 43.97
C VAL A 285 -43.04 -27.32 43.23
N ALA A 286 -41.94 -26.94 43.90
CA ALA A 286 -40.60 -27.04 43.34
C ALA A 286 -40.13 -28.48 43.23
N GLU A 287 -40.75 -29.40 43.96
CA GLU A 287 -40.42 -30.82 43.89
C GLU A 287 -41.24 -31.57 42.86
N LEU A 288 -42.09 -30.90 42.09
CA LEU A 288 -42.99 -31.63 41.20
C LEU A 288 -42.21 -32.43 40.16
N ALA A 289 -42.84 -33.52 39.71
CA ALA A 289 -42.19 -34.42 38.78
C ALA A 289 -42.35 -33.95 37.34
N SER A 290 -43.58 -33.73 36.90
CA SER A 290 -43.93 -33.35 35.54
C SER A 290 -44.76 -32.08 35.53
N LEU A 291 -44.40 -31.10 36.36
CA LEU A 291 -45.07 -29.82 36.35
C LEU A 291 -44.83 -29.11 35.01
N VAL A 292 -45.88 -28.92 34.21
CA VAL A 292 -45.72 -28.27 32.91
C VAL A 292 -45.72 -26.76 33.04
N ALA A 293 -46.67 -26.19 33.79
CA ALA A 293 -46.82 -24.75 33.87
C ALA A 293 -46.97 -24.32 35.32
N LEU A 294 -46.43 -23.13 35.63
CA LEU A 294 -46.54 -22.56 36.98
C LEU A 294 -46.83 -21.07 36.90
N ASN A 295 -48.01 -20.67 37.39
CA ASN A 295 -48.44 -19.27 37.45
C ASN A 295 -48.42 -18.95 38.94
N VAL A 296 -47.29 -18.42 39.42
CA VAL A 296 -47.23 -17.91 40.80
C VAL A 296 -47.02 -16.39 40.78
N SER A 297 -47.85 -15.68 40.02
CA SER A 297 -47.79 -14.23 39.87
C SER A 297 -48.68 -13.51 40.88
N ARG A 298 -48.53 -12.17 40.93
CA ARG A 298 -49.29 -11.31 41.86
C ARG A 298 -49.13 -11.73 43.31
N ASN A 299 -48.00 -12.35 43.61
CA ASN A 299 -47.62 -12.72 44.95
C ASN A 299 -46.57 -11.71 45.39
N GLU A 300 -45.89 -11.99 46.48
CA GLU A 300 -44.79 -11.13 46.95
C GLU A 300 -43.55 -11.98 47.16
N ILE A 301 -43.16 -12.64 46.08
CA ILE A 301 -42.08 -13.62 46.10
C ILE A 301 -40.77 -12.87 46.10
N GLU A 302 -39.74 -13.47 46.70
CA GLU A 302 -38.39 -12.94 46.65
C GLU A 302 -37.51 -13.88 45.86
N ALA A 303 -36.59 -13.31 45.09
CA ALA A 303 -35.70 -14.11 44.26
C ALA A 303 -34.36 -14.35 44.96
N GLY A 304 -34.35 -14.23 46.28
CA GLY A 304 -33.22 -14.52 47.13
C GLY A 304 -33.41 -15.91 47.66
N ASN A 305 -34.67 -16.24 47.92
CA ASN A 305 -35.06 -17.53 48.46
C ASN A 305 -35.22 -18.54 47.32
N SER A 306 -34.18 -18.71 46.50
CA SER A 306 -34.29 -19.53 45.30
C SER A 306 -34.40 -21.02 45.67
N SER A 307 -35.62 -21.53 45.66
CA SER A 307 -35.80 -22.97 45.76
C SER A 307 -35.43 -23.59 44.42
N VAL A 308 -35.04 -24.85 44.43
CA VAL A 308 -34.58 -25.49 43.19
C VAL A 308 -35.79 -26.15 42.55
N PHE A 309 -36.06 -25.79 41.31
CA PHE A 309 -37.13 -26.48 40.58
C PHE A 309 -36.63 -27.84 40.14
N SER A 310 -37.53 -28.81 40.17
CA SER A 310 -37.20 -30.20 39.92
C SER A 310 -37.62 -30.66 38.54
N SER A 311 -38.81 -30.26 38.13
CA SER A 311 -39.34 -30.74 36.87
C SER A 311 -38.52 -30.15 35.73
N PRO A 312 -38.11 -30.97 34.76
CA PRO A 312 -37.60 -30.45 33.49
C PRO A 312 -38.68 -30.26 32.45
N GLU A 313 -39.94 -30.33 32.85
CA GLU A 313 -41.09 -30.17 31.96
C GLU A 313 -41.74 -28.81 32.11
N LEU A 314 -41.21 -27.94 32.98
CA LEU A 314 -41.75 -26.59 33.12
C LEU A 314 -41.45 -25.83 31.85
N GLU A 315 -42.50 -25.48 31.11
CA GLU A 315 -42.38 -24.91 29.79
C GLU A 315 -42.91 -23.49 29.73
N MET A 316 -43.65 -23.05 30.75
CA MET A 316 -44.15 -21.70 30.85
C MET A 316 -44.10 -21.29 32.31
N LEU A 317 -43.49 -20.12 32.58
CA LEU A 317 -43.27 -19.60 33.93
C LEU A 317 -43.76 -18.16 34.05
N ASP A 318 -44.78 -17.94 34.86
CA ASP A 318 -45.36 -16.61 35.03
C ASP A 318 -45.20 -16.22 36.50
N ALA A 319 -44.06 -15.61 36.83
CA ALA A 319 -43.82 -15.03 38.16
C ALA A 319 -43.98 -13.51 38.13
N SER A 320 -45.01 -13.03 37.43
CA SER A 320 -45.23 -11.61 37.29
C SER A 320 -45.76 -11.00 38.59
N TYR A 321 -45.88 -9.67 38.59
CA TYR A 321 -46.39 -8.89 39.73
C TYR A 321 -45.81 -9.34 41.06
N ASN A 322 -44.50 -9.58 41.08
CA ASN A 322 -43.82 -10.10 42.25
C ASN A 322 -42.71 -9.17 42.70
N LYS A 323 -42.07 -9.57 43.81
CA LYS A 323 -41.01 -8.79 44.42
C LYS A 323 -39.63 -9.40 44.19
N LEU A 324 -39.32 -9.69 42.94
CA LEU A 324 -38.06 -10.33 42.60
C LEU A 324 -36.97 -9.27 42.50
N ASP A 325 -35.80 -9.57 43.02
CA ASP A 325 -34.67 -8.66 42.83
C ASP A 325 -33.85 -9.01 41.58
N SER A 326 -33.71 -10.30 41.25
CA SER A 326 -33.01 -10.77 40.06
C SER A 326 -33.33 -12.26 39.86
N LEU A 327 -33.36 -12.69 38.61
CA LEU A 327 -33.84 -14.03 38.30
C LEU A 327 -32.95 -15.11 38.92
N PRO A 328 -33.50 -16.00 39.75
CA PRO A 328 -32.70 -17.10 40.31
C PRO A 328 -32.43 -18.21 39.30
N VAL A 329 -31.18 -18.66 39.27
CA VAL A 329 -30.84 -19.76 38.38
C VAL A 329 -31.26 -21.12 38.93
N GLU A 330 -31.47 -21.24 40.25
CA GLU A 330 -31.93 -22.50 40.83
C GLU A 330 -33.27 -22.90 40.24
N TRP A 331 -34.08 -21.91 39.85
CA TRP A 331 -35.41 -22.16 39.34
C TRP A 331 -35.29 -22.89 38.01
N LEU A 332 -34.91 -22.17 36.96
CA LEU A 332 -34.83 -22.73 35.61
C LEU A 332 -33.78 -23.83 35.45
N GLN A 333 -33.18 -24.30 36.54
CA GLN A 333 -32.01 -25.16 36.43
C GLN A 333 -32.29 -26.45 35.67
N LYS A 334 -33.54 -26.93 35.65
CA LYS A 334 -33.80 -28.25 35.09
C LYS A 334 -34.46 -28.24 33.71
N CYS A 335 -34.99 -27.11 33.25
CA CYS A 335 -35.80 -27.02 32.02
C CYS A 335 -35.23 -25.94 31.10
N GLU A 336 -33.91 -25.95 30.91
CA GLU A 336 -33.28 -24.91 30.09
C GLU A 336 -33.63 -25.05 28.60
N LYS A 337 -33.66 -26.27 28.09
CA LYS A 337 -34.00 -26.52 26.70
C LYS A 337 -35.49 -26.80 26.49
N ARG A 338 -36.29 -26.73 27.55
CA ARG A 338 -37.71 -26.98 27.46
C ARG A 338 -38.57 -25.78 27.82
N ILE A 339 -38.02 -24.76 28.50
CA ILE A 339 -38.78 -23.55 28.82
C ILE A 339 -39.13 -22.81 27.53
N ALA A 340 -40.33 -22.24 27.49
CA ALA A 340 -40.78 -21.62 26.25
C ALA A 340 -41.36 -20.22 26.42
N HIS A 341 -42.06 -19.96 27.53
CA HIS A 341 -42.76 -18.69 27.73
C HIS A 341 -42.37 -18.16 29.10
N LEU A 342 -41.77 -16.98 29.13
CA LEU A 342 -41.30 -16.35 30.37
C LEU A 342 -41.94 -14.97 30.52
N HIS A 343 -43.00 -14.87 31.33
CA HIS A 343 -43.65 -13.61 31.63
C HIS A 343 -43.16 -13.16 33.00
N LEU A 344 -42.50 -12.00 33.07
CA LEU A 344 -41.83 -11.58 34.31
C LEU A 344 -41.98 -10.08 34.52
N GLU A 345 -43.22 -9.60 34.42
CA GLU A 345 -43.52 -8.19 34.55
C GLU A 345 -43.83 -7.82 36.00
N HIS A 346 -43.71 -6.52 36.30
CA HIS A 346 -44.00 -5.96 37.61
C HIS A 346 -43.22 -6.65 38.73
N ASN A 347 -41.93 -6.83 38.50
CA ASN A 347 -40.96 -7.29 39.50
C ASN A 347 -39.97 -6.15 39.74
N SER A 348 -38.86 -6.46 40.40
CA SER A 348 -37.81 -5.48 40.67
C SER A 348 -36.45 -6.01 40.18
N ILE A 349 -36.47 -6.67 39.03
CA ILE A 349 -35.23 -7.11 38.40
C ILE A 349 -34.41 -5.86 38.07
N GLU A 350 -33.20 -5.81 38.61
CA GLU A 350 -32.27 -4.71 38.36
C GLU A 350 -31.38 -4.98 37.16
N GLN A 351 -30.92 -6.22 37.01
CA GLN A 351 -30.05 -6.60 35.90
C GLN A 351 -30.17 -8.11 35.66
N LEU A 352 -30.35 -8.48 34.40
CA LEU A 352 -30.31 -9.90 34.06
C LEU A 352 -28.85 -10.29 34.11
N THR A 353 -28.46 -10.90 35.23
CA THR A 353 -27.15 -11.48 35.39
C THR A 353 -26.94 -12.53 34.29
N GLY A 354 -26.17 -12.15 33.27
CA GLY A 354 -26.16 -12.90 32.02
C GLY A 354 -25.77 -14.37 32.18
N GLY A 355 -26.29 -15.17 31.25
CA GLY A 355 -26.04 -16.60 31.20
C GLY A 355 -27.24 -17.45 31.57
N VAL A 356 -28.21 -16.89 32.30
CA VAL A 356 -29.33 -17.69 32.79
C VAL A 356 -30.22 -18.17 31.65
N LEU A 357 -30.49 -17.30 30.67
CA LEU A 357 -31.32 -17.67 29.51
C LEU A 357 -30.52 -18.04 28.27
N ALA A 358 -29.19 -18.05 28.34
CA ALA A 358 -28.39 -18.34 27.15
C ALA A 358 -28.53 -19.78 26.65
N ASN A 359 -29.35 -20.64 27.28
CA ASN A 359 -29.60 -22.00 26.80
C ASN A 359 -31.08 -22.29 26.56
N ALA A 360 -31.95 -21.26 26.55
CA ALA A 360 -33.38 -21.48 26.34
C ALA A 360 -33.65 -21.41 24.83
N THR A 361 -33.50 -22.56 24.16
CA THR A 361 -33.71 -22.66 22.72
C THR A 361 -35.18 -22.80 22.36
N ASN A 362 -36.00 -23.29 23.29
CA ASN A 362 -37.44 -23.34 23.08
C ASN A 362 -38.14 -22.07 23.52
N LEU A 363 -37.41 -21.11 24.10
CA LEU A 363 -38.00 -19.86 24.57
C LEU A 363 -38.65 -19.12 23.42
N GLN A 364 -39.98 -19.11 23.38
CA GLN A 364 -40.71 -18.45 22.33
C GLN A 364 -41.29 -17.10 22.75
N THR A 365 -41.54 -16.91 24.05
CA THR A 365 -42.06 -15.65 24.59
C THR A 365 -41.24 -15.26 25.81
N LEU A 366 -40.78 -14.00 25.84
CA LEU A 366 -40.05 -13.41 26.98
C LEU A 366 -40.62 -12.04 27.29
N ASP A 367 -41.27 -11.93 28.45
CA ASP A 367 -41.92 -10.68 28.87
C ASP A 367 -41.15 -10.14 30.07
N LEU A 368 -40.42 -9.03 29.88
CA LEU A 368 -39.69 -8.35 30.95
C LEU A 368 -40.06 -6.85 31.01
N SER A 369 -41.33 -6.54 30.80
CA SER A 369 -41.82 -5.18 31.01
C SER A 369 -42.00 -4.90 32.52
N SER A 370 -41.96 -3.61 32.87
CA SER A 370 -42.18 -3.11 34.22
C SER A 370 -41.15 -3.65 35.23
N ASN A 371 -39.88 -3.37 34.95
CA ASN A 371 -38.78 -3.69 35.84
C ASN A 371 -37.82 -2.50 35.86
N GLN A 372 -36.60 -2.73 36.37
CA GLN A 372 -35.63 -1.64 36.46
C GLN A 372 -34.36 -1.92 35.66
N LEU A 373 -34.49 -2.61 34.52
CA LEU A 373 -33.34 -2.84 33.64
C LEU A 373 -32.87 -1.54 33.00
N ARG A 374 -31.56 -1.39 32.87
CA ARG A 374 -30.99 -0.26 32.14
C ARG A 374 -30.32 -0.65 30.84
N VAL A 375 -29.65 -1.82 30.79
CA VAL A 375 -29.03 -2.31 29.56
C VAL A 375 -29.39 -3.78 29.37
N PHE A 376 -29.98 -4.07 28.21
CA PHE A 376 -30.26 -5.44 27.80
C PHE A 376 -29.01 -5.89 27.04
N ARG A 377 -28.13 -6.58 27.75
CA ARG A 377 -26.80 -6.98 27.29
C ARG A 377 -26.88 -8.11 26.28
N ASP A 378 -25.72 -8.49 25.74
CA ASP A 378 -25.67 -9.44 24.63
C ASP A 378 -25.60 -10.90 25.07
N GLU A 379 -25.06 -11.18 26.26
CA GLU A 379 -24.79 -12.55 26.67
C GLU A 379 -25.95 -13.18 27.44
N VAL A 380 -27.12 -12.56 27.40
CA VAL A 380 -28.28 -13.05 28.14
C VAL A 380 -29.04 -14.10 27.34
N LEU A 381 -29.11 -13.92 26.00
CA LEU A 381 -29.90 -14.76 25.13
C LEU A 381 -29.02 -15.75 24.34
N PRO A 382 -29.60 -16.88 23.93
CA PRO A 382 -28.88 -17.80 23.04
C PRO A 382 -28.89 -17.34 21.60
N GLU A 383 -27.93 -17.88 20.84
CA GLU A 383 -27.61 -17.35 19.52
C GLU A 383 -28.74 -17.53 18.51
N ASN A 384 -29.47 -18.64 18.59
CA ASN A 384 -30.53 -18.93 17.61
C ASN A 384 -31.84 -19.20 18.30
N SER A 385 -32.17 -18.34 19.26
CA SER A 385 -33.41 -18.50 20.00
C SER A 385 -34.60 -18.26 19.07
N LYS A 386 -35.67 -19.04 19.25
CA LYS A 386 -36.89 -18.90 18.46
C LYS A 386 -37.74 -17.70 18.90
N ILE A 387 -37.13 -16.69 19.53
CA ILE A 387 -37.89 -15.67 20.22
C ILE A 387 -38.73 -14.88 19.24
N GLY A 388 -40.05 -14.98 19.38
CA GLY A 388 -40.96 -14.20 18.58
C GLY A 388 -41.64 -13.10 19.38
N ASN A 389 -41.64 -13.22 20.70
CA ASN A 389 -42.21 -12.21 21.59
C ASN A 389 -41.12 -11.75 22.56
N LEU A 390 -40.82 -10.45 22.52
CA LEU A 390 -39.89 -9.82 23.45
C LEU A 390 -40.54 -8.52 23.94
N ARG A 391 -40.89 -8.48 25.22
CA ARG A 391 -41.65 -7.38 25.78
C ARG A 391 -40.82 -6.76 26.89
N LEU A 392 -40.52 -5.45 26.76
CA LEU A 392 -39.69 -4.68 27.70
C LEU A 392 -40.16 -3.24 27.76
N SER A 393 -41.37 -3.03 28.26
CA SER A 393 -41.93 -1.69 28.34
C SER A 393 -41.90 -1.22 29.78
N ASN A 394 -41.89 0.11 29.96
CA ASN A 394 -41.88 0.72 31.28
C ASN A 394 -40.66 0.30 32.11
N ASN A 395 -39.48 0.39 31.49
CA ASN A 395 -38.21 0.12 32.16
C ASN A 395 -37.38 1.40 32.13
N SER A 396 -36.20 1.35 32.75
CA SER A 396 -35.21 2.42 32.63
C SER A 396 -34.16 2.11 31.58
N LEU A 397 -34.58 1.52 30.45
CA LEU A 397 -33.62 0.99 29.49
C LEU A 397 -32.85 2.12 28.83
N GLU A 398 -31.52 2.01 28.88
CA GLU A 398 -30.65 3.02 28.31
C GLU A 398 -29.81 2.54 27.15
N LEU A 399 -29.49 1.25 27.07
CA LEU A 399 -28.62 0.76 26.00
C LEU A 399 -29.05 -0.65 25.64
N LEU A 400 -29.13 -0.92 24.34
CA LEU A 400 -29.28 -2.25 23.80
C LEU A 400 -28.04 -2.50 22.95
N GLU A 401 -27.12 -3.31 23.47
CA GLU A 401 -25.86 -3.55 22.79
C GLU A 401 -26.12 -4.31 21.49
N PRO A 402 -25.31 -4.07 20.46
CA PRO A 402 -25.73 -4.43 19.10
C PRO A 402 -25.84 -5.92 18.84
N SER A 403 -25.68 -6.77 19.85
CA SER A 403 -25.68 -8.21 19.63
C SER A 403 -26.68 -8.98 20.49
N SER A 404 -27.41 -8.30 21.37
CA SER A 404 -28.40 -8.98 22.20
C SER A 404 -29.57 -9.50 21.37
N LEU A 405 -29.81 -8.88 20.22
CA LEU A 405 -30.90 -9.26 19.32
C LEU A 405 -30.36 -9.66 17.96
N SER A 406 -29.12 -10.14 17.90
CA SER A 406 -28.54 -10.55 16.64
C SER A 406 -29.16 -11.86 16.18
N GLY A 407 -29.66 -11.87 14.94
CA GLY A 407 -30.17 -13.09 14.36
C GLY A 407 -31.57 -13.47 14.75
N LEU A 408 -32.32 -12.58 15.40
CA LEU A 408 -33.62 -13.00 15.91
C LEU A 408 -34.69 -12.97 14.83
N LYS A 409 -35.70 -13.83 15.05
CA LYS A 409 -36.86 -14.00 14.19
C LYS A 409 -38.07 -13.45 14.92
N LEU A 410 -37.89 -12.26 15.51
CA LEU A 410 -38.93 -11.64 16.33
C LEU A 410 -40.16 -11.30 15.49
N GLU A 411 -41.34 -11.47 16.08
CA GLU A 411 -42.57 -10.92 15.52
C GLU A 411 -43.03 -9.66 16.22
N SER A 412 -42.91 -9.62 17.55
CA SER A 412 -43.38 -8.53 18.37
C SER A 412 -42.27 -8.10 19.31
N LEU A 413 -41.86 -6.83 19.21
CA LEU A 413 -40.82 -6.27 20.07
C LEU A 413 -41.35 -5.00 20.70
N ASP A 414 -41.41 -4.96 22.03
CA ASP A 414 -41.95 -3.82 22.77
C ASP A 414 -40.87 -3.24 23.67
N LEU A 415 -40.77 -1.92 23.68
CA LEU A 415 -39.77 -1.19 24.45
C LEU A 415 -40.26 0.22 24.73
N SER A 416 -41.48 0.37 25.25
CA SER A 416 -42.06 1.68 25.46
C SER A 416 -41.74 2.22 26.86
N HIS A 417 -41.92 3.54 27.00
CA HIS A 417 -41.72 4.25 28.26
C HIS A 417 -40.29 4.06 28.81
N ASN A 418 -39.31 4.15 27.93
CA ASN A 418 -37.91 3.90 28.27
C ASN A 418 -37.06 5.14 28.02
N LYS A 419 -35.76 4.98 28.18
CA LYS A 419 -34.78 6.06 28.04
C LYS A 419 -33.84 5.85 26.86
N LEU A 420 -34.31 5.23 25.78
CA LEU A 420 -33.51 5.12 24.58
C LEU A 420 -33.24 6.51 23.99
N THR A 421 -32.04 6.68 23.42
CA THR A 421 -31.64 7.95 22.79
C THR A 421 -31.68 7.94 21.26
N GLU A 422 -32.05 6.82 20.64
CA GLU A 422 -32.17 6.67 19.19
C GLU A 422 -32.77 5.28 18.95
N VAL A 423 -32.75 4.81 17.70
CA VAL A 423 -33.19 3.45 17.44
C VAL A 423 -31.96 2.54 17.45
N PRO A 424 -31.70 1.79 18.54
CA PRO A 424 -30.41 1.09 18.70
C PRO A 424 -30.20 -0.06 17.72
N ALA A 425 -28.94 -0.19 17.27
CA ALA A 425 -28.56 -1.13 16.21
C ALA A 425 -28.75 -2.60 16.58
N ALA A 426 -29.06 -2.91 17.85
CA ALA A 426 -29.43 -4.29 18.13
C ALA A 426 -30.65 -4.68 17.31
N ILE A 427 -31.40 -3.67 16.86
CA ILE A 427 -32.63 -3.81 16.07
C ILE A 427 -32.36 -3.82 14.57
N GLY A 428 -31.15 -3.51 14.14
CA GLY A 428 -30.79 -3.74 12.75
C GLY A 428 -30.47 -5.19 12.40
N LYS A 429 -30.34 -6.07 13.41
CA LYS A 429 -29.90 -7.46 13.22
C LYS A 429 -31.04 -8.42 12.94
N VAL A 430 -32.22 -8.14 13.49
CA VAL A 430 -33.42 -8.91 13.20
C VAL A 430 -33.91 -8.56 11.80
N GLU A 431 -34.35 -9.57 11.03
CA GLU A 431 -34.97 -9.30 9.74
C GLU A 431 -36.44 -9.69 9.67
N GLN A 432 -36.95 -10.43 10.66
CA GLN A 432 -38.34 -10.89 10.69
C GLN A 432 -39.23 -9.97 11.51
N LEU A 433 -38.73 -8.82 11.98
CA LEU A 433 -39.45 -8.01 12.96
C LEU A 433 -40.67 -7.36 12.31
N LYS A 434 -41.86 -7.63 12.86
CA LYS A 434 -43.13 -7.26 12.24
C LYS A 434 -43.89 -6.17 12.98
N LYS A 435 -43.58 -5.93 14.24
CA LYS A 435 -44.29 -4.91 15.00
C LYS A 435 -43.32 -4.35 16.02
N VAL A 436 -43.29 -3.02 16.15
CA VAL A 436 -42.35 -2.36 17.06
C VAL A 436 -43.04 -1.18 17.72
N ASP A 437 -42.79 -1.03 19.04
CA ASP A 437 -43.30 0.02 19.91
C ASP A 437 -42.13 0.71 20.58
N LEU A 438 -41.94 2.00 20.29
CA LEU A 438 -40.89 2.78 20.93
C LEU A 438 -41.42 4.15 21.35
N SER A 439 -42.58 4.15 21.99
CA SER A 439 -43.22 5.39 22.41
C SER A 439 -42.71 5.83 23.79
N HIS A 440 -42.99 7.10 24.10
CA HIS A 440 -42.63 7.72 25.39
C HIS A 440 -41.15 7.61 25.72
N ASN A 441 -40.30 7.51 24.69
CA ASN A 441 -38.86 7.48 24.86
C ASN A 441 -38.27 8.86 24.59
N ARG A 442 -36.96 8.92 24.35
CA ARG A 442 -36.26 10.17 24.09
C ARG A 442 -35.54 10.14 22.76
N ILE A 443 -36.09 9.44 21.76
CA ILE A 443 -35.46 9.37 20.44
C ILE A 443 -35.47 10.74 19.81
N ALA A 444 -34.31 11.20 19.36
CA ALA A 444 -34.14 12.51 18.78
C ALA A 444 -34.01 12.48 17.26
N LYS A 445 -33.88 11.30 16.65
CA LYS A 445 -33.59 11.22 15.22
C LYS A 445 -33.77 9.77 14.76
N VAL A 446 -34.10 9.62 13.47
CA VAL A 446 -34.26 8.31 12.84
C VAL A 446 -33.36 8.24 11.61
N TYR A 447 -32.33 7.40 11.66
CA TYR A 447 -31.35 7.19 10.58
C TYR A 447 -31.89 6.30 9.48
N GLN A 448 -31.07 6.11 8.47
CA GLN A 448 -31.50 5.33 7.31
C GLN A 448 -31.37 3.83 7.54
N TYR A 449 -30.27 3.40 8.19
CA TYR A 449 -29.96 1.97 8.15
C TYR A 449 -30.75 1.17 9.16
N VAL A 450 -31.30 1.84 10.17
CA VAL A 450 -31.89 1.12 11.30
C VAL A 450 -33.17 0.46 10.81
N LEU A 451 -34.15 1.30 10.45
CA LEU A 451 -35.48 0.86 10.10
C LEU A 451 -35.66 0.64 8.60
N ASN A 452 -34.59 0.46 7.84
CA ASN A 452 -34.66 0.12 6.42
C ASN A 452 -34.31 -1.33 6.13
N LYS A 453 -33.35 -1.89 6.87
CA LYS A 453 -32.83 -3.25 6.67
C LYS A 453 -33.81 -4.34 7.11
N ILE A 454 -34.94 -3.96 7.70
CA ILE A 454 -36.00 -4.89 8.08
C ILE A 454 -37.12 -4.71 7.07
N LYS A 455 -37.28 -5.68 6.16
CA LYS A 455 -38.36 -5.59 5.17
C LYS A 455 -39.70 -6.09 5.71
N GLN A 456 -39.70 -7.08 6.62
CA GLN A 456 -40.92 -7.67 7.16
C GLN A 456 -41.63 -6.82 8.22
N LEU A 457 -41.23 -5.57 8.43
CA LEU A 457 -41.83 -4.70 9.45
C LEU A 457 -43.21 -4.21 9.03
N HIS A 458 -44.25 -4.67 9.75
CA HIS A 458 -45.63 -4.28 9.47
C HIS A 458 -46.04 -3.03 10.21
N THR A 459 -45.55 -2.83 11.43
CA THR A 459 -46.03 -1.76 12.27
C THR A 459 -44.87 -1.11 13.02
N VAL A 460 -44.86 0.22 13.04
CA VAL A 460 -43.84 1.01 13.72
C VAL A 460 -44.57 1.98 14.64
N ASP A 461 -43.98 2.24 15.80
CA ASP A 461 -44.48 3.21 16.77
C ASP A 461 -43.31 4.06 17.23
N LEU A 462 -43.39 5.36 16.97
CA LEU A 462 -42.35 6.31 17.39
C LEU A 462 -43.02 7.55 17.94
N SER A 463 -44.11 7.34 18.69
CA SER A 463 -44.90 8.43 19.22
C SER A 463 -44.31 8.91 20.55
N ASN A 464 -44.73 10.12 20.95
CA ASN A 464 -44.35 10.71 22.22
C ASN A 464 -42.83 10.79 22.39
N ASN A 465 -42.10 10.86 21.30
CA ASN A 465 -40.66 10.99 21.39
C ASN A 465 -40.27 12.44 21.22
N GLN A 466 -39.07 12.66 20.71
CA GLN A 466 -38.49 13.99 20.50
C GLN A 466 -37.92 14.11 19.10
N LEU A 467 -38.63 13.55 18.11
CA LEU A 467 -38.23 13.74 16.72
C LEU A 467 -38.38 15.22 16.37
N GLN A 468 -37.37 15.75 15.68
CA GLN A 468 -37.37 17.13 15.21
C GLN A 468 -37.82 17.26 13.75
N SER A 469 -37.73 16.18 12.98
CA SER A 469 -38.20 16.10 11.60
C SER A 469 -38.10 14.65 11.21
N ILE A 470 -38.61 14.32 10.02
CA ILE A 470 -38.58 12.95 9.50
C ILE A 470 -37.75 12.95 8.23
N GLY A 471 -36.51 12.45 8.34
CA GLY A 471 -35.53 12.48 7.29
C GLY A 471 -35.84 11.57 6.12
N PRO A 472 -35.24 11.88 4.97
CA PRO A 472 -35.55 11.12 3.75
C PRO A 472 -34.90 9.75 3.74
N TYR A 473 -35.65 8.78 3.19
CA TYR A 473 -35.27 7.38 3.01
C TYR A 473 -35.10 6.66 4.34
N ILE A 474 -35.52 7.26 5.46
CA ILE A 474 -35.57 6.51 6.70
C ILE A 474 -36.74 5.56 6.69
N PHE A 475 -37.61 5.65 5.68
CA PHE A 475 -38.78 4.79 5.60
C PHE A 475 -39.02 4.18 4.22
N SER A 476 -38.03 4.21 3.31
CA SER A 476 -38.29 3.73 1.95
C SER A 476 -38.34 2.20 1.87
N ASP A 477 -37.23 1.53 2.20
CA ASP A 477 -37.12 0.08 2.00
C ASP A 477 -37.95 -0.78 2.96
N SER A 478 -38.93 -0.19 3.64
CA SER A 478 -39.83 -0.99 4.48
C SER A 478 -41.14 -1.16 3.72
N SER A 479 -41.08 -2.00 2.68
CA SER A 479 -42.19 -2.22 1.75
C SER A 479 -43.27 -3.16 2.28
N GLU A 480 -43.28 -3.43 3.58
CA GLU A 480 -44.38 -4.15 4.23
C GLU A 480 -45.02 -3.31 5.32
N LEU A 481 -44.79 -1.99 5.28
CA LEU A 481 -45.29 -1.10 6.32
C LEU A 481 -46.81 -0.97 6.20
N HIS A 482 -47.50 -0.92 7.36
CA HIS A 482 -48.96 -0.84 7.47
C HIS A 482 -49.42 0.31 8.33
N SER A 483 -48.75 0.55 9.46
CA SER A 483 -49.14 1.63 10.34
C SER A 483 -47.87 2.32 10.80
N LEU A 484 -47.91 3.65 10.87
CA LEU A 484 -46.78 4.41 11.36
C LEU A 484 -47.31 5.53 12.25
N ASP A 485 -46.70 5.66 13.43
CA ASP A 485 -47.09 6.62 14.45
C ASP A 485 -45.87 7.45 14.83
N VAL A 486 -45.96 8.76 14.63
CA VAL A 486 -44.97 9.70 15.15
C VAL A 486 -45.73 10.83 15.81
N SER A 487 -46.81 10.49 16.51
CA SER A 487 -47.63 11.52 17.12
C SER A 487 -47.00 12.00 18.43
N ASN A 488 -47.40 13.21 18.84
CA ASN A 488 -46.91 13.84 20.06
C ASN A 488 -45.38 14.04 20.03
N ASN A 489 -44.90 14.59 18.91
CA ASN A 489 -43.50 14.98 18.75
C ASN A 489 -43.29 16.45 18.40
N GLU A 490 -42.16 16.76 17.73
CA GLU A 490 -41.80 18.12 17.38
C GLU A 490 -41.56 18.31 15.89
N ILE A 491 -42.11 17.44 15.04
CA ILE A 491 -41.86 17.47 13.60
C ILE A 491 -42.22 18.83 13.04
N SER A 492 -41.23 19.58 12.58
CA SER A 492 -41.49 20.88 11.97
C SER A 492 -41.45 20.84 10.44
N LEU A 493 -41.11 19.69 9.85
CA LEU A 493 -40.86 19.64 8.42
C LEU A 493 -41.02 18.20 7.92
N LEU A 494 -41.47 18.07 6.67
CA LEU A 494 -41.69 16.77 6.04
C LEU A 494 -40.91 16.72 4.73
N PHE A 495 -39.93 15.81 4.64
CA PHE A 495 -39.10 15.68 3.44
C PHE A 495 -39.84 14.99 2.29
N LYS A 496 -39.57 15.47 1.08
CA LYS A 496 -40.33 15.05 -0.10
C LYS A 496 -40.18 13.56 -0.38
N ASP A 497 -39.02 13.01 -0.09
CA ASP A 497 -38.72 11.63 -0.43
C ASP A 497 -38.99 10.68 0.73
N ALA A 498 -39.52 11.21 1.84
CA ALA A 498 -39.66 10.44 3.07
C ALA A 498 -40.51 9.20 2.88
N PHE A 499 -41.52 9.25 2.00
CA PHE A 499 -42.48 8.18 1.86
C PHE A 499 -42.58 7.76 0.39
N ALA A 500 -41.55 7.05 -0.04
CA ALA A 500 -41.53 6.34 -1.30
C ALA A 500 -41.15 4.92 -0.99
N ARG A 501 -41.31 4.03 -1.98
CA ARG A 501 -40.85 2.64 -1.89
C ARG A 501 -41.67 1.83 -0.89
N CYS A 502 -42.92 2.23 -0.63
CA CYS A 502 -43.80 1.53 0.30
C CYS A 502 -45.23 1.49 -0.23
N PRO A 503 -45.52 0.61 -1.20
CA PRO A 503 -46.88 0.55 -1.73
C PRO A 503 -47.89 -0.18 -0.84
N LYS A 504 -47.56 -0.44 0.43
CA LYS A 504 -48.50 -1.02 1.38
C LYS A 504 -48.76 -0.20 2.62
N LEU A 505 -47.97 0.84 2.89
CA LEU A 505 -48.26 1.67 4.05
C LEU A 505 -49.59 2.38 3.83
N ARG A 506 -50.54 2.18 4.75
CA ARG A 506 -51.91 2.61 4.57
C ARG A 506 -52.41 3.55 5.66
N LYS A 507 -51.67 3.69 6.75
CA LYS A 507 -52.13 4.46 7.91
C LYS A 507 -50.93 5.15 8.55
N ILE A 508 -51.00 6.47 8.68
CA ILE A 508 -49.95 7.27 9.31
C ILE A 508 -50.58 8.30 10.22
N SER A 509 -50.01 8.49 11.40
CA SER A 509 -50.52 9.41 12.40
C SER A 509 -49.44 10.41 12.79
N MET A 510 -49.77 11.69 12.68
CA MET A 510 -48.84 12.78 12.97
C MET A 510 -49.49 13.83 13.86
N LYS A 511 -50.44 13.41 14.70
CA LYS A 511 -51.19 14.35 15.53
C LYS A 511 -50.33 14.93 16.65
N MET A 512 -50.54 16.21 16.93
CA MET A 512 -49.82 16.98 17.97
C MET A 512 -48.32 17.10 17.65
N ASN A 513 -48.04 17.85 16.59
CA ASN A 513 -46.67 18.14 16.16
C ASN A 513 -46.58 19.62 15.80
N LYS A 514 -45.56 19.98 15.01
CA LYS A 514 -45.40 21.33 14.48
C LYS A 514 -45.36 21.35 12.95
N ILE A 515 -46.07 20.43 12.30
CA ILE A 515 -46.18 20.45 10.83
C ILE A 515 -46.80 21.79 10.44
N LYS A 516 -45.98 22.67 9.89
CA LYS A 516 -46.45 23.99 9.49
C LYS A 516 -46.87 24.05 8.02
N SER A 517 -46.58 23.01 7.25
CA SER A 517 -46.86 22.90 5.82
C SER A 517 -46.72 21.43 5.42
N LEU A 518 -47.53 21.00 4.44
CA LEU A 518 -47.51 19.63 3.93
C LEU A 518 -46.88 19.50 2.56
N ASP A 519 -45.95 20.38 2.23
CA ASP A 519 -45.37 20.38 0.90
C ASP A 519 -44.54 19.13 0.66
N GLU A 520 -44.66 18.60 -0.55
CA GLU A 520 -43.75 17.59 -1.06
C GLU A 520 -43.83 16.23 -0.36
N GLY A 521 -44.01 16.23 0.96
CA GLY A 521 -43.67 15.05 1.74
C GLY A 521 -44.54 13.82 1.55
N LEU A 522 -45.81 14.00 1.18
CA LEU A 522 -46.71 12.84 1.08
C LEU A 522 -47.31 12.69 -0.30
N THR A 523 -46.89 13.51 -1.25
CA THR A 523 -47.44 13.42 -2.60
C THR A 523 -47.13 12.07 -3.27
N GLU A 524 -46.12 11.35 -2.79
CA GLU A 524 -45.59 10.18 -3.49
C GLU A 524 -46.13 8.85 -2.99
N ALA A 525 -46.46 8.74 -1.69
CA ALA A 525 -46.98 7.51 -1.07
C ALA A 525 -48.46 7.29 -1.42
N SER A 526 -48.68 6.67 -2.58
CA SER A 526 -50.02 6.42 -3.12
C SER A 526 -50.69 5.16 -2.53
N GLY A 527 -50.34 4.70 -1.33
CA GLY A 527 -51.06 3.60 -0.74
C GLY A 527 -51.73 3.96 0.57
N LEU A 528 -51.61 5.23 0.97
CA LEU A 528 -52.11 5.71 2.24
C LEU A 528 -53.62 5.87 2.18
N ARG A 529 -54.30 5.57 3.29
CA ARG A 529 -55.77 5.69 3.30
C ARG A 529 -56.32 6.53 4.45
N ARG A 530 -55.66 6.55 5.61
CA ARG A 530 -56.06 7.41 6.73
C ARG A 530 -54.84 8.16 7.22
N LEU A 531 -54.89 9.48 7.13
CA LEU A 531 -53.76 10.32 7.52
C LEU A 531 -54.21 11.23 8.65
N ASP A 532 -53.30 11.43 9.61
CA ASP A 532 -53.58 12.22 10.79
C ASP A 532 -52.58 13.37 10.85
N VAL A 533 -53.10 14.60 10.80
CA VAL A 533 -52.30 15.82 10.92
C VAL A 533 -53.05 16.78 11.83
N SER A 534 -53.89 16.22 12.71
CA SER A 534 -54.65 17.06 13.63
C SER A 534 -53.74 17.66 14.71
N HIS A 535 -54.21 18.78 15.28
CA HIS A 535 -53.50 19.48 16.34
C HIS A 535 -52.08 19.86 15.93
N ASN A 536 -51.98 20.69 14.88
CA ASN A 536 -50.68 21.15 14.39
C ASN A 536 -50.63 22.66 14.19
N GLU A 537 -49.83 23.06 13.21
CA GLU A 537 -49.62 24.46 12.81
C GLU A 537 -49.77 24.63 11.31
N ILE A 538 -50.58 23.78 10.67
CA ILE A 538 -50.79 23.86 9.23
C ILE A 538 -51.66 25.07 8.92
N LEU A 539 -51.10 26.04 8.18
CA LEU A 539 -51.80 27.30 7.92
C LEU A 539 -52.79 27.20 6.76
N VAL A 540 -52.36 26.66 5.62
CA VAL A 540 -53.20 26.52 4.44
C VAL A 540 -53.23 25.06 4.00
N LEU A 541 -54.37 24.64 3.47
CA LEU A 541 -54.60 23.26 3.05
C LEU A 541 -54.57 23.13 1.53
N LYS A 542 -53.51 22.50 1.00
CA LYS A 542 -53.44 22.11 -0.41
C LYS A 542 -53.92 20.67 -0.60
N TRP A 543 -54.92 20.48 -1.46
CA TRP A 543 -55.34 19.13 -1.77
C TRP A 543 -54.32 18.43 -2.66
N SER A 544 -53.67 19.17 -3.57
CA SER A 544 -52.63 18.61 -4.44
C SER A 544 -51.41 18.15 -3.66
N ALA A 545 -51.24 18.68 -2.44
CA ALA A 545 -50.13 18.32 -1.58
C ALA A 545 -50.41 17.08 -0.78
N LEU A 546 -51.32 16.25 -1.28
CA LEU A 546 -51.77 15.02 -0.65
C LEU A 546 -51.45 13.80 -1.52
N PRO A 547 -51.44 12.60 -0.92
CA PRO A 547 -51.42 11.37 -1.72
C PRO A 547 -52.71 11.23 -2.51
N GLU A 548 -52.70 10.28 -3.43
CA GLU A 548 -53.77 10.16 -4.42
C GLU A 548 -54.79 9.05 -4.13
N ASN A 549 -54.59 8.26 -3.06
CA ASN A 549 -55.56 7.24 -2.68
C ASN A 549 -56.04 7.42 -1.24
N LEU A 550 -55.84 8.61 -0.66
CA LEU A 550 -56.28 8.85 0.70
C LEU A 550 -57.80 8.77 0.77
N GLU A 551 -58.32 8.08 1.80
CA GLU A 551 -59.77 7.95 1.94
C GLU A 551 -60.34 8.54 3.22
N ILE A 552 -59.56 8.67 4.29
CA ILE A 552 -60.00 9.36 5.49
C ILE A 552 -58.94 10.39 5.86
N LEU A 553 -59.36 11.62 6.10
CA LEU A 553 -58.48 12.71 6.49
C LEU A 553 -58.96 13.33 7.81
N ASN A 554 -57.99 13.74 8.63
CA ASN A 554 -58.25 14.38 9.92
C ASN A 554 -57.27 15.54 10.10
N ALA A 555 -57.76 16.77 9.98
CA ALA A 555 -56.95 17.97 10.16
C ALA A 555 -57.60 18.87 11.21
N ASP A 556 -57.74 18.34 12.42
CA ASP A 556 -58.44 18.96 13.54
C ASP A 556 -57.52 19.86 14.39
N ASN A 557 -58.08 20.95 14.90
CA ASN A 557 -57.44 21.84 15.87
C ASN A 557 -56.15 22.47 15.35
N ASN A 558 -56.08 22.72 14.05
CA ASN A 558 -54.97 23.39 13.39
C ASN A 558 -55.25 24.88 13.23
N ASP A 559 -54.49 25.53 12.34
CA ASP A 559 -54.68 26.92 11.91
C ASP A 559 -55.17 27.02 10.47
N ILE A 560 -55.64 25.91 9.89
CA ILE A 560 -56.04 25.88 8.48
C ILE A 560 -57.11 26.93 8.23
N ASN A 561 -56.84 27.84 7.29
CA ASN A 561 -57.77 28.92 6.97
C ASN A 561 -58.07 29.02 5.48
N LEU A 562 -57.64 28.07 4.67
CA LEU A 562 -57.85 28.18 3.24
C LEU A 562 -57.89 26.78 2.64
N LEU A 563 -58.74 26.60 1.64
CA LEU A 563 -58.90 25.33 0.95
C LEU A 563 -58.53 25.55 -0.52
N THR A 564 -57.63 24.73 -1.05
CA THR A 564 -57.22 24.94 -2.43
C THR A 564 -58.29 24.36 -3.36
N ALA A 565 -58.01 24.39 -4.66
CA ALA A 565 -58.95 23.89 -5.66
C ALA A 565 -59.06 22.37 -5.56
N ALA A 566 -60.15 21.90 -4.95
CA ALA A 566 -60.45 20.47 -4.89
C ALA A 566 -60.99 19.94 -6.21
N SER A 567 -61.15 20.82 -7.19
CA SER A 567 -61.54 20.49 -8.55
C SER A 567 -60.37 20.40 -9.53
N MET A 568 -59.29 21.16 -9.30
CA MET A 568 -58.03 21.02 -10.03
C MET A 568 -57.02 20.19 -9.27
N SER A 569 -57.49 19.29 -8.40
CA SER A 569 -56.64 18.38 -7.62
C SER A 569 -57.13 16.95 -7.83
N PRO A 570 -56.33 16.06 -8.44
CA PRO A 570 -56.80 14.68 -8.66
C PRO A 570 -56.80 13.79 -7.43
N SER A 571 -56.08 14.15 -6.37
CA SER A 571 -56.01 13.32 -5.17
C SER A 571 -57.21 13.54 -4.26
N THR A 572 -58.37 13.78 -4.85
CA THR A 572 -59.60 13.99 -4.11
C THR A 572 -60.64 12.95 -4.47
N ALA A 573 -60.43 12.23 -5.57
CA ALA A 573 -61.41 11.28 -6.08
C ALA A 573 -61.67 10.15 -5.10
N ASN A 574 -60.76 9.93 -4.16
CA ASN A 574 -60.81 8.77 -3.28
C ASN A 574 -61.09 9.16 -1.83
N LEU A 575 -61.21 10.47 -1.55
CA LEU A 575 -61.47 10.96 -0.21
C LEU A 575 -62.93 10.74 0.17
N LYS A 576 -63.15 10.09 1.31
CA LYS A 576 -64.50 9.75 1.73
C LYS A 576 -64.96 10.59 2.91
N SER A 577 -64.16 10.62 3.97
CA SER A 577 -64.46 11.44 5.15
C SER A 577 -63.32 12.42 5.41
N VAL A 578 -63.67 13.62 5.86
CA VAL A 578 -62.73 14.68 6.19
C VAL A 578 -63.33 15.49 7.33
N SER A 579 -62.50 15.82 8.32
CA SER A 579 -62.91 16.65 9.45
C SER A 579 -61.94 17.82 9.60
N LEU A 580 -62.43 19.03 9.34
CA LEU A 580 -61.63 20.24 9.53
C LEU A 580 -62.21 21.07 10.66
N SER A 581 -62.50 20.41 11.79
CA SER A 581 -63.11 21.09 12.90
C SER A 581 -62.06 21.87 13.68
N ASN A 582 -62.51 22.95 14.32
CA ASN A 582 -61.65 23.82 15.14
C ASN A 582 -60.52 24.43 14.30
N ASN A 583 -60.88 24.96 13.14
CA ASN A 583 -59.87 25.60 12.29
C ASN A 583 -60.23 27.05 12.02
N GLY A 584 -59.88 27.55 10.83
CA GLY A 584 -60.17 28.95 10.52
C GLY A 584 -60.73 29.18 9.13
N ILE A 585 -61.32 28.14 8.55
CA ILE A 585 -61.93 28.27 7.24
C ILE A 585 -63.10 29.24 7.34
N THR A 586 -63.03 30.32 6.55
CA THR A 586 -64.07 31.33 6.60
C THR A 586 -65.03 31.23 5.41
N ILE A 587 -64.64 30.53 4.34
CA ILE A 587 -65.50 30.38 3.16
C ILE A 587 -65.30 28.98 2.59
N MET A 588 -66.38 28.42 2.04
CA MET A 588 -66.31 27.19 1.27
C MET A 588 -67.20 27.32 0.04
N ASN A 589 -66.64 27.06 -1.15
CA ASN A 589 -67.35 27.11 -2.41
C ASN A 589 -67.51 25.72 -3.04
N ALA A 590 -67.89 25.71 -4.32
CA ALA A 590 -68.02 24.47 -5.06
C ALA A 590 -66.64 23.88 -5.33
N ASP A 591 -65.64 24.74 -5.60
CA ASP A 591 -64.31 24.24 -5.96
C ASP A 591 -63.49 23.78 -4.76
N GLN A 592 -63.84 24.22 -3.53
CA GLN A 592 -63.07 23.83 -2.34
C GLN A 592 -63.61 22.60 -1.62
N ILE A 593 -64.77 22.10 -2.02
CA ILE A 593 -65.39 20.93 -1.38
C ILE A 593 -65.30 19.78 -2.37
N PRO A 594 -64.39 18.81 -2.18
CA PRO A 594 -64.32 17.67 -3.12
C PRO A 594 -65.67 16.99 -3.28
N ASN A 595 -65.98 16.56 -4.51
CA ASN A 595 -67.32 16.09 -4.83
C ASN A 595 -67.56 14.66 -4.38
N SER A 596 -66.50 13.90 -4.08
CA SER A 596 -66.63 12.49 -3.72
C SER A 596 -66.61 12.24 -2.22
N LEU A 597 -66.58 13.28 -1.38
CA LEU A 597 -66.63 13.08 0.06
C LEU A 597 -68.00 12.60 0.49
N GLU A 598 -68.04 11.63 1.39
CA GLU A 598 -69.30 11.20 1.98
C GLU A 598 -69.55 11.80 3.35
N SER A 599 -68.53 12.38 3.97
CA SER A 599 -68.65 13.00 5.27
C SER A 599 -67.80 14.27 5.28
N LEU A 600 -68.31 15.30 5.95
CA LEU A 600 -67.61 16.58 6.04
C LEU A 600 -67.88 17.14 7.42
N ASP A 601 -66.81 17.54 8.12
CA ASP A 601 -66.88 18.10 9.47
C ASP A 601 -66.03 19.38 9.47
N VAL A 602 -66.67 20.55 9.38
CA VAL A 602 -65.97 21.84 9.44
C VAL A 602 -66.52 22.61 10.64
N SER A 603 -66.60 21.94 11.79
CA SER A 603 -67.20 22.54 12.97
C SER A 603 -66.21 23.39 13.75
N ASN A 604 -66.75 24.40 14.45
CA ASN A 604 -65.99 25.32 15.30
C ASN A 604 -64.97 26.15 14.50
N ASN A 605 -65.32 26.55 13.26
CA ASN A 605 -64.50 27.33 12.33
C ASN A 605 -64.97 28.79 12.36
N ARG A 606 -64.61 29.56 11.32
CA ARG A 606 -65.04 30.96 11.20
C ARG A 606 -65.81 31.17 9.89
N LEU A 607 -66.53 30.14 9.43
CA LEU A 607 -67.29 30.13 8.18
C LEU A 607 -68.39 31.18 8.18
N ALA A 608 -68.16 32.32 7.51
CA ALA A 608 -69.19 33.36 7.37
C ALA A 608 -70.02 33.16 6.11
N LYS A 609 -69.34 32.87 4.99
CA LYS A 609 -69.96 32.52 3.72
C LYS A 609 -69.86 31.02 3.49
N LEU A 610 -70.84 30.50 2.76
CA LEU A 610 -70.80 29.16 2.18
C LEU A 610 -71.13 29.36 0.71
N GLY A 611 -70.17 29.04 -0.17
CA GLY A 611 -70.35 29.25 -1.60
C GLY A 611 -71.71 28.77 -2.05
N LYS A 612 -72.31 29.47 -3.01
CA LYS A 612 -73.71 29.26 -3.30
C LYS A 612 -74.00 28.03 -4.17
N THR A 613 -72.98 27.21 -4.49
CA THR A 613 -73.15 25.88 -5.05
C THR A 613 -72.21 24.87 -4.38
N ALA A 614 -71.87 25.11 -3.12
CA ALA A 614 -70.83 24.31 -2.47
C ALA A 614 -71.25 22.86 -2.35
N LEU A 615 -72.54 22.62 -2.08
CA LEU A 615 -73.09 21.26 -1.98
C LEU A 615 -73.94 20.89 -3.18
N ALA A 616 -73.89 21.66 -4.26
CA ALA A 616 -74.70 21.33 -5.43
C ALA A 616 -74.20 20.07 -6.11
N ALA A 617 -72.98 20.11 -6.64
CA ALA A 617 -72.46 19.01 -7.43
C ALA A 617 -71.74 17.92 -6.61
N LYS A 618 -71.89 17.91 -5.29
CA LYS A 618 -71.26 16.89 -4.43
C LYS A 618 -72.29 15.85 -4.00
N SER A 619 -72.90 15.17 -4.98
CA SER A 619 -74.08 14.34 -4.72
C SER A 619 -73.83 13.21 -3.72
N GLN A 620 -72.59 12.91 -3.37
CA GLN A 620 -72.26 11.75 -2.54
C GLN A 620 -72.28 12.02 -1.04
N LEU A 621 -72.26 13.28 -0.61
CA LEU A 621 -72.14 13.59 0.80
C LEU A 621 -73.39 13.17 1.56
N ARG A 622 -73.21 12.78 2.83
CA ARG A 622 -74.32 12.29 3.65
C ARG A 622 -74.41 13.02 4.98
N ARG A 623 -73.29 13.51 5.50
CA ARG A 623 -73.25 14.27 6.74
C ARG A 623 -72.51 15.59 6.53
N LEU A 624 -72.89 16.60 7.29
CA LEU A 624 -72.39 17.95 7.11
C LEU A 624 -72.46 18.64 8.46
N ASN A 625 -71.31 19.12 8.95
CA ASN A 625 -71.19 19.68 10.29
C ASN A 625 -70.80 21.16 10.18
N LEU A 626 -71.76 22.05 10.41
CA LEU A 626 -71.50 23.48 10.41
C LEU A 626 -71.55 24.03 11.83
N LYS A 627 -71.17 23.20 12.81
CA LYS A 627 -71.29 23.54 14.21
C LYS A 627 -70.22 24.54 14.64
N GLY A 628 -70.63 25.57 15.38
CA GLY A 628 -69.65 26.51 15.88
C GLY A 628 -69.08 27.47 14.86
N ASN A 629 -69.75 27.69 13.73
CA ASN A 629 -69.24 28.65 12.77
C ASN A 629 -69.88 30.01 13.04
N LEU A 630 -69.62 30.96 12.16
CA LEU A 630 -70.16 32.32 12.23
C LEU A 630 -70.95 32.62 10.95
N LEU A 631 -71.72 31.64 10.49
CA LEU A 631 -72.55 31.78 9.32
C LEU A 631 -73.75 32.62 9.68
N THR A 632 -74.27 33.38 8.71
CA THR A 632 -75.41 34.24 8.99
C THR A 632 -76.55 33.91 8.03
N VAL A 633 -76.30 34.04 6.74
CA VAL A 633 -77.25 33.69 5.70
C VAL A 633 -76.67 32.45 5.00
N VAL A 634 -77.19 31.27 5.32
CA VAL A 634 -76.78 30.05 4.65
C VAL A 634 -77.85 29.82 3.60
N ALA A 635 -77.54 30.24 2.36
CA ALA A 635 -78.53 30.32 1.31
C ALA A 635 -79.08 28.93 0.95
N THR A 636 -80.21 28.93 0.24
CA THR A 636 -80.85 27.67 -0.13
C THR A 636 -80.03 26.91 -1.16
N GLU A 637 -79.27 27.62 -2.00
CA GLU A 637 -78.51 27.06 -3.11
C GLU A 637 -77.20 26.41 -2.67
N SER A 638 -76.75 26.65 -1.45
CA SER A 638 -75.56 26.01 -0.92
C SER A 638 -75.85 24.61 -0.37
N MET A 639 -77.12 24.22 -0.29
CA MET A 639 -77.51 22.91 0.22
C MET A 639 -78.33 22.09 -0.75
N LYS A 640 -78.66 22.65 -1.91
CA LYS A 640 -79.40 21.95 -2.97
C LYS A 640 -78.41 21.03 -3.67
N VAL A 641 -78.61 19.72 -3.50
CA VAL A 641 -77.70 18.68 -3.98
C VAL A 641 -78.22 18.13 -5.31
N VAL A 642 -77.39 18.23 -6.35
CA VAL A 642 -77.77 17.83 -7.70
C VAL A 642 -77.99 16.32 -7.70
N GLU A 643 -79.26 15.90 -7.78
CA GLU A 643 -79.65 14.48 -7.84
C GLU A 643 -79.13 13.71 -6.64
N ALA A 644 -79.38 14.24 -5.45
CA ALA A 644 -79.10 13.49 -4.24
C ALA A 644 -80.20 12.47 -4.01
N VAL A 645 -79.78 11.21 -3.86
CA VAL A 645 -80.73 10.13 -3.61
C VAL A 645 -81.07 10.03 -2.12
N HIS A 646 -80.19 10.55 -1.26
CA HIS A 646 -80.25 10.34 0.17
C HIS A 646 -80.64 11.60 0.94
N PRO A 647 -81.08 11.45 2.18
CA PRO A 647 -81.20 12.61 3.07
C PRO A 647 -79.82 13.15 3.42
N LEU A 648 -79.65 14.47 3.28
CA LEU A 648 -78.42 15.15 3.63
C LEU A 648 -78.51 15.58 5.10
N LYS A 649 -77.69 14.96 5.95
CA LYS A 649 -77.66 15.30 7.38
C LYS A 649 -76.78 16.52 7.63
N VAL A 650 -77.25 17.42 8.50
CA VAL A 650 -76.58 18.69 8.77
C VAL A 650 -76.68 19.02 10.25
N GLU A 651 -75.57 19.46 10.85
CA GLU A 651 -75.55 20.11 12.17
C GLU A 651 -75.31 21.60 11.95
N ILE A 652 -76.30 22.44 12.25
CA ILE A 652 -76.18 23.86 11.92
C ILE A 652 -76.48 24.68 13.17
N SER A 653 -76.45 24.03 14.34
CA SER A 653 -76.56 24.74 15.61
C SER A 653 -75.30 25.54 15.90
N GLU A 654 -75.42 26.50 16.81
CA GLU A 654 -74.32 27.37 17.23
C GLU A 654 -73.77 28.21 16.06
N ASN A 655 -74.68 28.86 15.33
CA ASN A 655 -74.34 29.76 14.25
C ASN A 655 -75.21 31.00 14.38
N PRO A 656 -74.62 32.21 14.21
CA PRO A 656 -75.40 33.46 14.20
C PRO A 656 -76.19 33.63 12.90
N LEU A 657 -77.13 32.71 12.69
CA LEU A 657 -77.95 32.66 11.51
C LEU A 657 -78.92 33.85 11.49
N ILE A 658 -79.51 34.07 10.32
CA ILE A 658 -80.68 34.93 10.23
C ILE A 658 -81.78 34.07 9.62
N CYS A 659 -82.97 34.12 10.22
CA CYS A 659 -84.06 33.32 9.69
C CYS A 659 -84.77 34.24 8.73
N ASP A 660 -84.35 34.19 7.48
CA ASP A 660 -85.00 34.96 6.44
C ASP A 660 -85.60 33.99 5.44
N CYS A 661 -86.13 34.54 4.35
CA CYS A 661 -86.82 33.75 3.35
C CYS A 661 -85.88 32.83 2.58
N GLN A 662 -84.57 33.04 2.68
CA GLN A 662 -83.63 32.16 2.00
C GLN A 662 -83.38 30.87 2.76
N MET A 663 -83.71 30.82 4.05
CA MET A 663 -83.60 29.60 4.83
C MET A 663 -84.80 28.68 4.64
N GLY A 664 -85.38 28.67 3.43
CA GLY A 664 -86.53 27.83 3.18
C GLY A 664 -86.27 26.37 3.45
N TRP A 665 -85.04 25.91 3.26
CA TRP A 665 -84.76 24.50 3.47
C TRP A 665 -84.79 24.13 4.94
N MET A 666 -84.73 25.13 5.82
CA MET A 666 -84.75 24.86 7.25
C MET A 666 -86.09 24.35 7.73
N ILE A 667 -87.17 24.59 6.98
CA ILE A 667 -88.45 23.99 7.32
C ILE A 667 -88.54 22.54 6.83
N GLY A 668 -87.75 22.18 5.81
CA GLY A 668 -87.70 20.81 5.30
C GLY A 668 -88.68 20.43 4.20
N GLY A 669 -89.27 21.40 3.49
CA GLY A 669 -90.13 21.08 2.36
C GLY A 669 -89.51 20.98 0.98
N ALA A 670 -88.20 20.72 0.87
CA ALA A 670 -87.52 20.63 -0.41
C ALA A 670 -86.86 19.26 -0.53
N LYS A 671 -86.51 18.89 -1.77
CA LYS A 671 -85.74 17.67 -2.04
C LYS A 671 -84.58 18.07 -2.95
N PRO A 672 -83.30 17.84 -2.54
CA PRO A 672 -82.98 16.98 -1.39
C PRO A 672 -83.43 17.54 -0.05
N LYS A 673 -83.99 16.65 0.77
CA LYS A 673 -84.64 17.07 2.00
C LYS A 673 -83.58 17.00 3.08
N VAL A 674 -82.90 18.14 3.21
CA VAL A 674 -81.83 18.27 4.18
C VAL A 674 -82.45 18.31 5.57
N LEU A 675 -81.99 17.44 6.44
CA LEU A 675 -82.53 17.29 7.79
C LEU A 675 -81.54 17.85 8.79
N ILE A 676 -81.96 18.87 9.54
CA ILE A 676 -81.08 19.49 10.53
C ILE A 676 -81.06 18.61 11.76
N GLN A 677 -79.84 18.23 12.18
CA GLN A 677 -79.69 17.28 13.27
C GLN A 677 -80.04 17.92 14.61
N ASP A 678 -79.50 19.12 14.86
CA ASP A 678 -79.64 19.79 16.15
C ASP A 678 -80.63 20.93 16.08
N SER A 679 -81.78 20.69 15.44
CA SER A 679 -82.83 21.70 15.37
C SER A 679 -83.45 21.98 16.73
N GLU A 680 -83.26 21.08 17.70
CA GLU A 680 -83.82 21.26 19.04
C GLU A 680 -83.04 22.27 19.87
N THR A 681 -81.79 22.55 19.51
CA THR A 681 -81.00 23.61 20.15
C THR A 681 -80.49 24.68 19.18
N ALA A 682 -80.52 24.42 17.88
CA ALA A 682 -80.11 25.41 16.89
C ALA A 682 -81.04 26.60 16.90
N SER A 683 -80.46 27.79 16.97
CA SER A 683 -81.26 29.00 17.07
C SER A 683 -80.82 30.00 16.01
N CYS A 684 -81.72 30.95 15.76
CA CYS A 684 -81.49 32.06 14.87
C CYS A 684 -82.18 33.28 15.47
N SER A 685 -81.82 34.45 14.99
CA SER A 685 -82.48 35.67 15.41
C SER A 685 -83.56 36.01 14.41
N HIS A 686 -84.53 36.81 14.87
CA HIS A 686 -85.68 37.17 14.06
C HIS A 686 -85.29 38.18 12.96
N ALA A 687 -86.13 38.22 11.92
CA ALA A 687 -85.87 39.08 10.78
C ALA A 687 -86.36 40.50 10.97
N VAL A 688 -87.24 40.77 11.94
CA VAL A 688 -87.79 42.11 12.17
C VAL A 688 -87.22 42.72 13.45
N ASP A 689 -87.44 42.07 14.59
CA ASP A 689 -86.98 42.55 15.87
C ASP A 689 -85.69 41.90 16.35
N GLY A 690 -85.48 40.63 16.07
CA GLY A 690 -84.22 39.98 16.36
C GLY A 690 -84.20 39.07 17.56
N HIS A 691 -85.37 38.68 18.08
CA HIS A 691 -85.47 37.77 19.21
C HIS A 691 -85.18 36.35 18.74
N GLN A 692 -84.96 35.46 19.70
CA GLN A 692 -84.45 34.13 19.36
C GLN A 692 -85.57 33.18 18.95
N ILE A 693 -85.35 32.49 17.83
CA ILE A 693 -86.27 31.51 17.25
C ILE A 693 -85.61 30.14 17.30
N GLN A 694 -86.40 29.12 17.62
CA GLN A 694 -85.94 27.73 17.55
C GLN A 694 -86.09 27.24 16.11
N ILE A 695 -85.01 26.74 15.50
CA ILE A 695 -85.13 26.27 14.12
C ILE A 695 -86.04 25.06 14.00
N GLN A 696 -86.16 24.23 15.04
CA GLN A 696 -87.10 23.12 15.02
C GLN A 696 -88.53 23.63 14.84
N SER A 697 -88.88 24.69 15.57
CA SER A 697 -90.20 25.31 15.48
C SER A 697 -90.22 26.56 14.59
N LEU A 698 -89.29 26.67 13.64
CA LEU A 698 -89.33 27.69 12.60
C LEU A 698 -90.41 27.33 11.57
N SER A 699 -91.32 28.26 11.29
CA SER A 699 -92.42 28.06 10.34
C SER A 699 -92.22 28.90 9.07
N LYS A 700 -93.19 28.77 8.15
CA LYS A 700 -93.19 29.57 6.93
C LYS A 700 -93.44 31.05 7.21
N LYS A 701 -93.91 31.37 8.42
CA LYS A 701 -94.24 32.74 8.81
C LYS A 701 -93.04 33.62 9.17
N ASP A 702 -91.95 33.04 9.70
CA ASP A 702 -90.83 33.85 10.18
C ASP A 702 -89.93 34.37 9.06
N LEU A 703 -89.86 33.65 7.94
CA LEU A 703 -88.78 33.83 6.97
C LEU A 703 -88.97 35.13 6.18
N LEU A 704 -88.51 36.24 6.78
CA LEU A 704 -88.58 37.57 6.20
C LEU A 704 -87.18 38.07 5.83
N CYS A 705 -87.07 38.67 4.65
CA CYS A 705 -85.79 39.10 4.07
C CYS A 705 -85.95 40.52 3.53
N PRO A 706 -85.43 41.53 4.25
CA PRO A 706 -85.81 42.93 3.95
C PRO A 706 -85.32 43.40 2.59
N TYR A 707 -85.81 44.60 2.22
CA TYR A 707 -85.60 45.18 0.90
C TYR A 707 -85.64 46.71 1.00
N LYS A 708 -85.19 47.38 -0.08
CA LYS A 708 -85.47 48.79 -0.28
C LYS A 708 -86.25 49.11 -1.55
N SER A 709 -86.21 48.25 -2.57
CA SER A 709 -87.09 48.41 -3.73
C SER A 709 -87.11 47.09 -4.48
N VAL A 710 -88.28 46.71 -5.01
CA VAL A 710 -88.44 45.39 -5.63
C VAL A 710 -89.69 45.42 -6.52
N CYS A 711 -89.92 44.36 -7.31
CA CYS A 711 -91.10 44.27 -8.16
C CYS A 711 -91.76 42.89 -8.10
N GLU A 712 -93.09 42.91 -8.00
CA GLU A 712 -93.92 41.72 -7.94
C GLU A 712 -93.82 40.94 -9.24
N PRO A 713 -94.24 39.67 -9.23
CA PRO A 713 -94.29 38.91 -10.49
C PRO A 713 -95.31 39.49 -11.46
N GLU A 714 -94.99 39.39 -12.76
CA GLU A 714 -95.81 39.87 -13.87
C GLU A 714 -95.99 41.40 -13.87
N CYS A 715 -95.20 42.13 -13.09
CA CYS A 715 -95.31 43.58 -13.02
C CYS A 715 -94.75 44.22 -14.28
N ILE A 716 -95.62 44.88 -15.05
CA ILE A 716 -95.26 45.42 -16.36
C ILE A 716 -94.66 46.84 -16.30
N CYS A 717 -95.05 47.66 -15.33
CA CYS A 717 -94.59 49.04 -15.22
C CYS A 717 -93.40 49.23 -14.29
N CYS A 718 -92.65 48.16 -14.01
CA CYS A 718 -91.61 48.23 -12.98
C CYS A 718 -90.58 49.31 -13.27
N GLN A 719 -90.38 49.66 -14.54
CA GLN A 719 -89.43 50.72 -14.86
C GLN A 719 -89.95 52.11 -14.56
N TYR A 720 -91.24 52.24 -14.26
CA TYR A 720 -91.85 53.55 -14.11
C TYR A 720 -91.92 53.99 -12.65
N GLY A 721 -92.16 55.28 -12.46
CA GLY A 721 -92.23 55.91 -11.15
C GLY A 721 -93.57 55.73 -10.45
N ASN A 722 -94.67 55.85 -11.20
CA ASN A 722 -96.01 55.63 -10.66
C ASN A 722 -96.50 54.25 -11.10
N CYS A 723 -96.10 53.23 -10.34
CA CYS A 723 -96.45 51.85 -10.64
C CYS A 723 -97.00 51.20 -9.37
N ASP A 724 -98.12 50.49 -9.51
CA ASP A 724 -98.80 49.91 -8.34
C ASP A 724 -98.08 48.69 -7.81
N CYS A 725 -97.67 47.78 -8.69
CA CYS A 725 -96.95 46.60 -8.24
C CYS A 725 -95.52 46.89 -7.81
N LYS A 726 -95.02 48.13 -7.97
CA LYS A 726 -93.67 48.49 -7.57
C LYS A 726 -93.67 48.90 -6.09
N SER A 727 -92.96 48.13 -5.27
CA SER A 727 -92.92 48.32 -3.83
C SER A 727 -91.64 49.10 -3.56
N VAL A 728 -91.74 50.42 -3.42
CA VAL A 728 -90.59 51.27 -3.14
C VAL A 728 -90.66 51.73 -1.69
N CYS A 729 -89.57 51.53 -0.96
CA CYS A 729 -89.58 51.82 0.47
C CYS A 729 -89.43 53.32 0.72
N PRO A 730 -90.30 53.92 1.52
CA PRO A 730 -90.12 55.33 1.89
C PRO A 730 -88.94 55.50 2.83
N ALA A 731 -88.48 56.75 2.95
CA ALA A 731 -87.36 57.04 3.83
C ALA A 731 -87.76 56.84 5.29
N ASN A 732 -86.77 56.51 6.12
CA ASN A 732 -86.97 56.19 7.55
C ASN A 732 -87.89 54.99 7.75
N CYS A 733 -87.96 54.10 6.75
CA CYS A 733 -88.80 52.92 6.84
C CYS A 733 -87.96 51.67 6.56
N ARG A 734 -88.20 50.63 7.35
CA ARG A 734 -87.71 49.28 7.07
C ARG A 734 -88.80 48.47 6.40
N CYS A 735 -88.44 47.77 5.32
CA CYS A 735 -89.39 47.01 4.51
C CYS A 735 -88.96 45.55 4.44
N PHE A 736 -89.85 44.64 4.84
CA PHE A 736 -89.60 43.21 4.79
C PHE A 736 -90.55 42.58 3.78
N ARG A 737 -90.26 41.32 3.43
CA ARG A 737 -91.19 40.57 2.60
C ARG A 737 -90.90 39.08 2.75
N ASP A 738 -91.80 38.29 2.19
CA ASP A 738 -91.71 36.83 2.09
C ASP A 738 -91.32 36.45 0.67
N ASP A 739 -91.16 35.16 0.43
CA ASP A 739 -90.60 34.71 -0.84
C ASP A 739 -91.54 34.92 -2.02
N GLN A 740 -92.86 34.89 -1.79
CA GLN A 740 -93.83 34.87 -2.88
C GLN A 740 -94.74 36.10 -2.94
N PHE A 741 -94.27 37.24 -2.41
CA PHE A 741 -94.98 38.52 -2.54
C PHE A 741 -96.38 38.44 -1.92
N ASN A 742 -96.48 37.72 -0.80
CA ASN A 742 -97.71 37.70 0.01
C ASN A 742 -97.62 38.56 1.27
N ILE A 743 -96.45 38.62 1.91
CA ILE A 743 -96.22 39.47 3.09
C ILE A 743 -95.43 40.68 2.62
N ASN A 744 -95.77 41.85 3.17
CA ASN A 744 -95.11 43.11 2.82
C ASN A 744 -95.19 44.04 4.04
N ILE A 745 -94.20 43.93 4.94
CA ILE A 745 -94.16 44.70 6.19
C ILE A 745 -93.40 46.01 5.97
N VAL A 746 -94.03 47.15 6.29
CA VAL A 746 -93.40 48.47 6.22
C VAL A 746 -93.51 49.06 7.63
N ARG A 747 -92.40 49.09 8.37
CA ARG A 747 -92.44 49.51 9.78
C ARG A 747 -91.59 50.78 9.93
N CYS A 748 -92.22 51.94 9.72
CA CYS A 748 -91.57 53.24 9.77
C CYS A 748 -91.56 53.76 11.19
N HIS A 749 -90.51 54.49 11.55
CA HIS A 749 -90.44 55.06 12.89
C HIS A 749 -89.81 56.44 12.85
N GLY A 750 -90.40 57.35 13.63
CA GLY A 750 -89.86 58.67 13.82
C GLY A 750 -89.21 58.75 15.18
N ASN A 751 -88.45 57.69 15.51
CA ASN A 751 -87.67 57.62 16.74
C ASN A 751 -86.41 58.47 16.66
N SER A 752 -86.47 59.48 15.80
CA SER A 752 -85.37 60.41 15.56
C SER A 752 -85.49 61.58 16.52
N SER A 753 -84.43 61.80 17.32
CA SER A 753 -84.36 63.04 18.08
C SER A 753 -84.42 64.24 17.14
N MET A 754 -83.87 64.08 15.94
CA MET A 754 -84.14 65.00 14.84
C MET A 754 -85.58 64.78 14.42
N VAL A 755 -86.47 65.53 15.05
CA VAL A 755 -87.92 65.33 14.94
C VAL A 755 -88.34 65.50 13.48
N PRO A 756 -89.18 64.59 12.90
CA PRO A 756 -89.63 64.82 11.53
C PRO A 756 -90.33 66.17 11.39
N LYS A 757 -89.60 67.11 10.78
CA LYS A 757 -90.10 68.45 10.49
C LYS A 757 -91.07 68.48 9.33
N ARG A 758 -91.47 67.30 8.86
CA ARG A 758 -92.48 67.15 7.82
C ARG A 758 -93.48 66.12 8.32
N GLU A 759 -94.76 66.32 7.98
CA GLU A 759 -95.72 65.25 8.25
C GLU A 759 -95.30 63.98 7.52
N PHE A 760 -95.92 62.88 7.91
CA PHE A 760 -95.67 61.65 7.17
C PHE A 760 -96.55 61.68 5.92
N VAL A 761 -95.92 61.50 4.77
CA VAL A 761 -96.61 61.53 3.48
C VAL A 761 -96.99 60.09 3.17
N VAL A 762 -98.27 59.77 3.32
CA VAL A 762 -98.72 58.38 3.14
C VAL A 762 -98.68 57.98 1.67
N SER A 763 -98.85 58.94 0.75
CA SER A 763 -98.85 58.67 -0.69
C SER A 763 -97.50 58.19 -1.22
N GLU A 764 -96.46 58.15 -0.39
CA GLU A 764 -95.16 57.61 -0.78
C GLU A 764 -95.01 56.12 -0.49
N LEU A 765 -95.86 55.57 0.39
CA LEU A 765 -95.76 54.17 0.79
C LEU A 765 -95.92 53.25 -0.43
N PRO A 766 -95.45 52.00 -0.34
CA PRO A 766 -95.69 51.05 -1.44
C PRO A 766 -97.18 50.79 -1.60
N VAL A 767 -97.59 50.49 -2.84
CA VAL A 767 -99.02 50.30 -3.10
C VAL A 767 -99.50 48.97 -2.52
N SER A 768 -98.79 47.87 -2.80
CA SER A 768 -99.19 46.53 -2.40
C SER A 768 -98.92 46.19 -0.92
N ALA A 769 -98.75 47.18 -0.05
CA ALA A 769 -98.48 46.92 1.36
C ALA A 769 -99.66 46.21 2.04
N THR A 770 -99.35 45.20 2.87
CA THR A 770 -100.34 44.40 3.61
C THR A 770 -100.28 44.61 5.12
N GLU A 771 -99.30 45.36 5.62
CA GLU A 771 -99.28 45.80 7.00
C GLU A 771 -98.55 47.15 7.06
N ILE A 772 -99.09 48.14 7.78
CA ILE A 772 -98.45 49.45 7.89
C ILE A 772 -98.41 49.90 9.35
N ILE A 773 -97.21 50.25 9.82
CA ILE A 773 -96.98 50.78 11.16
C ILE A 773 -96.21 52.09 11.03
N LEU A 774 -96.88 53.21 11.27
CA LEU A 774 -96.26 54.54 11.27
C LEU A 774 -96.30 54.95 12.73
N SER A 775 -95.29 54.55 13.50
CA SER A 775 -95.39 54.58 14.96
C SER A 775 -94.21 55.34 15.53
N GLY A 776 -94.49 56.52 16.05
CA GLY A 776 -93.49 57.47 16.51
C GLY A 776 -93.36 58.66 15.58
N VAL A 777 -93.81 58.53 14.32
CA VAL A 777 -93.67 59.63 13.37
C VAL A 777 -94.66 60.71 13.73
N THR A 778 -94.46 61.91 13.19
CA THR A 778 -95.34 63.05 13.46
C THR A 778 -96.27 63.26 12.27
N LEU A 779 -97.55 62.93 12.47
CA LEU A 779 -98.60 63.08 11.46
C LEU A 779 -99.88 63.51 12.16
N PRO A 780 -100.25 64.79 12.11
CA PRO A 780 -101.40 65.27 12.89
C PRO A 780 -102.75 65.11 12.18
N GLN A 781 -102.75 64.96 10.86
CA GLN A 781 -104.01 64.94 10.12
C GLN A 781 -104.01 63.85 9.05
N LEU A 782 -105.16 63.17 8.93
CA LEU A 782 -105.43 62.23 7.85
C LEU A 782 -106.36 62.89 6.84
N ARG A 783 -105.82 63.18 5.66
CA ARG A 783 -106.59 63.83 4.60
C ARG A 783 -107.64 62.86 4.06
N THR A 784 -108.57 63.40 3.27
CA THR A 784 -109.50 62.55 2.53
C THR A 784 -108.72 61.68 1.55
N HIS A 785 -109.05 60.39 1.53
CA HIS A 785 -108.41 59.43 0.62
C HIS A 785 -106.92 59.30 0.89
N SER A 786 -106.58 59.03 2.15
CA SER A 786 -105.20 58.71 2.45
C SER A 786 -104.92 57.28 2.07
N PHE A 787 -105.75 56.35 2.52
CA PHE A 787 -105.61 54.92 2.27
C PHE A 787 -106.73 54.42 1.35
N ILE A 788 -106.65 54.76 0.06
CA ILE A 788 -107.62 54.31 -0.95
C ILE A 788 -106.99 53.25 -1.84
N GLY A 789 -107.74 52.19 -2.13
CA GLY A 789 -107.31 51.15 -3.06
C GLY A 789 -106.36 50.09 -2.52
N ARG A 790 -106.08 50.06 -1.22
CA ARG A 790 -105.20 49.06 -0.60
C ARG A 790 -105.99 47.79 -0.24
N LEU A 791 -106.31 46.98 -1.27
CA LEU A 791 -107.11 45.77 -1.04
C LEU A 791 -106.37 44.73 -0.20
N ARG A 792 -105.04 44.68 -0.29
CA ARG A 792 -104.31 43.69 0.49
C ARG A 792 -104.06 44.11 1.94
N LEU A 793 -104.26 45.39 2.31
CA LEU A 793 -103.89 45.84 3.64
C LEU A 793 -104.69 45.08 4.71
N GLN A 794 -103.98 44.52 5.73
CA GLN A 794 -104.61 43.79 6.82
C GLN A 794 -104.41 44.41 8.20
N ARG A 795 -103.32 45.12 8.46
CA ARG A 795 -103.14 45.82 9.72
C ARG A 795 -102.66 47.24 9.45
N LEU A 796 -103.19 48.19 10.22
CA LEU A 796 -102.87 49.60 10.04
C LEU A 796 -102.71 50.26 11.41
N HIS A 797 -101.49 50.67 11.74
CA HIS A 797 -101.15 51.20 13.06
C HIS A 797 -100.51 52.58 12.92
N ILE A 798 -101.34 53.57 12.62
CA ILE A 798 -100.88 54.95 12.58
C ILE A 798 -101.05 55.54 13.98
N ASN A 799 -100.29 55.00 14.93
CA ASN A 799 -100.39 55.32 16.36
C ASN A 799 -99.11 56.02 16.80
N GLY A 800 -99.25 57.07 17.59
CA GLY A 800 -98.08 57.83 17.98
C GLY A 800 -97.66 58.80 16.90
N THR A 801 -98.63 59.47 16.29
CA THR A 801 -98.40 60.45 15.25
C THR A 801 -98.97 61.83 15.57
N GLY A 802 -99.70 61.98 16.67
CA GLY A 802 -100.34 63.24 16.99
C GLY A 802 -101.56 63.54 16.17
N LEU A 803 -102.29 62.51 15.75
CA LEU A 803 -103.46 62.68 14.90
C LEU A 803 -104.58 63.33 15.68
N ARG A 804 -104.89 64.59 15.35
CA ARG A 804 -105.98 65.33 15.96
C ARG A 804 -107.28 65.14 15.17
N SER A 805 -107.19 65.23 13.84
CA SER A 805 -108.35 65.20 12.95
C SER A 805 -108.23 64.03 11.99
N ILE A 806 -109.38 63.47 11.63
CA ILE A 806 -109.47 62.43 10.62
C ILE A 806 -110.50 62.89 9.60
N GLN A 807 -110.05 63.30 8.42
CA GLN A 807 -110.98 63.67 7.36
C GLN A 807 -111.73 62.43 6.89
N PRO A 808 -113.01 62.56 6.54
CA PRO A 808 -113.80 61.41 6.07
C PRO A 808 -113.29 60.80 4.75
N LYS A 809 -113.57 59.50 4.61
CA LYS A 809 -113.12 58.65 3.51
C LYS A 809 -111.60 58.54 3.46
N ALA A 810 -110.93 58.83 4.58
CA ALA A 810 -109.49 58.61 4.67
C ALA A 810 -109.15 57.12 4.69
N PHE A 811 -110.08 56.28 5.15
CA PHE A 811 -109.93 54.84 5.13
C PHE A 811 -110.91 54.29 4.09
N HIS A 812 -110.58 54.49 2.81
CA HIS A 812 -111.48 54.15 1.72
C HIS A 812 -111.07 52.84 1.04
N THR A 813 -112.03 51.91 0.93
CA THR A 813 -111.90 50.64 0.19
C THR A 813 -110.67 49.83 0.63
N LEU A 814 -110.80 49.25 1.83
CA LEU A 814 -109.78 48.36 2.40
C LEU A 814 -110.42 47.02 2.77
N PRO A 815 -110.72 46.19 1.76
CA PRO A 815 -111.54 44.99 2.03
C PRO A 815 -110.88 43.95 2.92
N ALA A 816 -109.56 43.79 2.86
CA ALA A 816 -108.89 42.87 3.77
C ALA A 816 -108.46 43.52 5.07
N LEU A 817 -108.76 44.82 5.28
CA LEU A 817 -108.36 45.52 6.50
C LEU A 817 -109.09 44.92 7.69
N LYS A 818 -108.33 44.46 8.69
CA LYS A 818 -108.89 43.75 9.84
C LYS A 818 -108.49 44.32 11.20
N THR A 819 -107.38 45.05 11.30
CA THR A 819 -106.96 45.69 12.55
C THR A 819 -106.56 47.13 12.32
N LEU A 820 -107.15 48.04 13.08
CA LEU A 820 -106.85 49.46 12.99
C LEU A 820 -106.47 49.95 14.37
N ASP A 821 -105.37 50.71 14.45
CA ASP A 821 -104.82 51.20 15.70
C ASP A 821 -104.59 52.70 15.58
N LEU A 822 -105.46 53.48 16.22
CA LEU A 822 -105.31 54.92 16.30
C LEU A 822 -105.06 55.33 17.74
N SER A 823 -104.33 54.50 18.48
CA SER A 823 -104.15 54.71 19.90
C SER A 823 -103.02 55.71 20.15
N ASP A 824 -103.09 56.37 21.30
CA ASP A 824 -102.01 57.22 21.80
C ASP A 824 -101.77 58.43 20.89
N ASN A 825 -102.86 59.09 20.50
CA ASN A 825 -102.81 60.29 19.67
C ASN A 825 -103.64 61.39 20.33
N SER A 826 -104.19 62.32 19.55
CA SER A 826 -105.00 63.42 20.10
C SER A 826 -106.39 63.46 19.48
N LEU A 827 -106.99 62.28 19.30
CA LEU A 827 -108.37 62.15 18.84
C LEU A 827 -109.33 62.25 20.02
N ILE A 828 -110.45 62.96 19.81
CA ILE A 828 -111.42 63.25 20.87
C ILE A 828 -112.77 62.61 20.56
N SER A 829 -113.10 62.48 19.27
CA SER A 829 -114.29 61.74 18.86
C SER A 829 -114.11 61.25 17.43
N LEU A 830 -114.86 60.21 17.08
CA LEU A 830 -114.83 59.60 15.74
C LEU A 830 -116.24 59.42 15.21
N SER A 831 -116.47 59.91 13.98
CA SER A 831 -117.81 60.00 13.40
C SER A 831 -118.30 58.67 12.83
N GLY A 832 -117.61 58.19 11.80
CA GLY A 832 -118.05 57.02 11.05
C GLY A 832 -118.04 57.25 9.55
N GLU A 833 -117.79 58.51 9.15
CA GLU A 833 -117.63 58.90 7.75
C GLU A 833 -116.20 58.75 7.26
N GLU A 834 -115.24 58.59 8.17
CA GLU A 834 -113.88 58.22 7.81
C GLU A 834 -113.78 56.74 7.43
N PHE A 835 -114.63 55.89 8.01
CA PHE A 835 -114.66 54.46 7.73
C PHE A 835 -115.65 54.16 6.60
N LEU A 836 -115.12 54.09 5.36
CA LEU A 836 -115.88 53.68 4.17
C LEU A 836 -115.33 52.36 3.60
N LYS A 837 -116.21 51.35 3.52
CA LYS A 837 -115.85 50.02 3.00
C LYS A 837 -114.68 49.38 3.75
N CYS A 838 -114.97 48.93 4.97
CA CYS A 838 -113.98 48.24 5.80
C CYS A 838 -114.69 47.19 6.65
N GLY A 839 -115.44 46.28 5.99
CA GLY A 839 -116.35 45.41 6.71
C GLY A 839 -115.66 44.32 7.50
N GLU A 840 -114.44 43.97 7.11
CA GLU A 840 -113.66 42.91 7.73
C GLU A 840 -112.94 43.38 8.99
N VAL A 841 -113.09 44.66 9.35
CA VAL A 841 -112.43 45.18 10.54
C VAL A 841 -113.00 44.50 11.78
N SER A 842 -112.12 43.99 12.64
CA SER A 842 -112.53 43.38 13.89
C SER A 842 -111.74 43.86 15.10
N GLN A 843 -110.69 44.66 14.92
CA GLN A 843 -109.96 45.26 16.03
C GLN A 843 -109.73 46.75 15.79
N LEU A 844 -109.94 47.53 16.85
CA LEU A 844 -109.85 48.99 16.81
C LEU A 844 -109.29 49.41 18.16
N PHE A 845 -108.14 50.10 18.16
CA PHE A 845 -107.43 50.51 19.38
C PHE A 845 -107.53 52.03 19.53
N LEU A 846 -108.36 52.49 20.47
CA LEU A 846 -108.53 53.93 20.73
C LEU A 846 -108.05 54.34 22.13
N ASN A 847 -107.13 53.56 22.72
CA ASN A 847 -106.62 53.89 24.04
C ASN A 847 -105.62 55.04 23.96
N GLY A 848 -105.37 55.67 25.11
CA GLY A 848 -104.37 56.70 25.15
C GLY A 848 -104.74 57.95 24.41
N ASN A 849 -106.02 58.27 24.34
CA ASN A 849 -106.49 59.44 23.61
C ASN A 849 -107.27 60.41 24.48
N ARG A 850 -108.28 61.04 23.88
CA ARG A 850 -109.18 61.95 24.55
C ARG A 850 -110.63 61.56 24.26
N PHE A 851 -110.91 60.25 24.21
CA PHE A 851 -112.23 59.74 23.87
C PHE A 851 -113.16 59.73 25.07
N SER A 852 -114.26 60.48 24.96
CA SER A 852 -115.34 60.56 25.93
C SER A 852 -116.66 59.96 25.43
N THR A 853 -116.85 59.88 24.11
CA THR A 853 -118.09 59.41 23.49
C THR A 853 -117.81 58.33 22.45
N LEU A 854 -118.71 57.33 22.38
CA LEU A 854 -118.68 56.33 21.32
C LEU A 854 -119.97 56.48 20.51
N SER A 855 -119.84 56.96 19.29
CA SER A 855 -120.98 57.17 18.40
C SER A 855 -121.59 55.82 18.01
N ARG A 856 -122.71 55.90 17.30
CA ARG A 856 -123.28 54.70 16.69
C ARG A 856 -122.65 54.38 15.34
N GLY A 857 -122.07 55.36 14.65
CA GLY A 857 -121.47 55.18 13.34
C GLY A 857 -120.30 54.21 13.31
N ILE A 858 -119.81 53.79 14.48
CA ILE A 858 -118.72 52.83 14.54
C ILE A 858 -119.21 51.42 14.15
N PHE A 859 -120.33 50.97 14.74
CA PHE A 859 -120.84 49.61 14.54
C PHE A 859 -121.69 49.44 13.29
N GLU A 860 -122.00 50.53 12.58
CA GLU A 860 -122.67 50.36 11.29
C GLU A 860 -121.67 49.98 10.20
N LYS A 861 -120.39 50.27 10.40
CA LYS A 861 -119.36 49.91 9.42
C LYS A 861 -118.31 48.93 9.94
N LEU A 862 -118.42 48.45 11.18
CA LEU A 862 -117.51 47.44 11.73
C LEU A 862 -118.37 46.29 12.25
N PRO A 863 -118.89 45.44 11.35
CA PRO A 863 -119.78 44.36 11.79
C PRO A 863 -119.05 43.20 12.44
N ASN A 864 -117.92 42.82 11.88
CA ASN A 864 -117.07 41.74 12.38
C ASN A 864 -116.33 42.14 13.67
N LEU A 865 -116.63 43.33 14.18
CA LEU A 865 -115.95 43.89 15.34
C LEU A 865 -116.04 42.92 16.52
N LYS A 866 -114.87 42.51 17.01
CA LYS A 866 -114.77 41.62 18.16
C LYS A 866 -113.92 42.19 19.28
N TYR A 867 -112.86 42.92 18.95
CA TYR A 867 -111.88 43.38 19.92
C TYR A 867 -111.86 44.90 19.88
N LEU A 868 -111.92 45.52 21.05
CA LEU A 868 -111.98 46.97 21.13
C LEU A 868 -111.26 47.38 22.41
N THR A 869 -110.47 48.46 22.33
CA THR A 869 -109.79 49.03 23.48
C THR A 869 -110.11 50.51 23.56
N LEU A 870 -110.63 50.94 24.71
CA LEU A 870 -110.94 52.35 24.93
C LEU A 870 -110.43 52.80 26.30
N HIS A 871 -109.43 52.10 26.83
CA HIS A 871 -108.93 52.37 28.15
C HIS A 871 -107.98 53.57 28.12
N ASN A 872 -107.84 54.22 29.27
CA ASN A 872 -106.98 55.39 29.38
C ASN A 872 -107.46 56.43 28.38
N ASN A 873 -108.56 57.10 28.73
CA ASN A 873 -109.11 58.15 27.88
C ASN A 873 -109.82 59.17 28.76
N SER A 874 -110.91 59.75 28.25
CA SER A 874 -111.68 60.74 29.00
C SER A 874 -113.17 60.41 28.98
N LEU A 875 -113.50 59.11 28.96
CA LEU A 875 -114.88 58.66 28.89
C LEU A 875 -115.58 58.99 30.20
N GLU A 876 -116.64 59.81 30.12
CA GLU A 876 -117.37 60.23 31.30
C GLU A 876 -118.46 59.25 31.71
N ASP A 877 -119.04 58.53 30.76
CA ASP A 877 -120.03 57.49 31.06
C ASP A 877 -119.99 56.48 29.92
N ILE A 878 -120.83 55.46 30.01
CA ILE A 878 -120.84 54.35 29.05
C ILE A 878 -121.75 54.75 27.90
N PRO A 879 -121.23 54.88 26.67
CA PRO A 879 -122.08 55.29 25.54
C PRO A 879 -123.20 54.29 25.27
N GLN A 880 -124.40 54.83 25.13
CA GLN A 880 -125.62 54.03 25.03
C GLN A 880 -125.76 53.36 23.67
N VAL A 881 -124.68 53.32 22.89
CA VAL A 881 -124.59 52.44 21.73
C VAL A 881 -124.10 51.06 22.15
N LEU A 882 -123.45 50.95 23.31
CA LEU A 882 -122.84 49.71 23.79
C LEU A 882 -123.79 48.88 24.65
N HIS A 883 -125.09 48.96 24.41
CA HIS A 883 -126.06 48.09 25.05
C HIS A 883 -126.56 46.99 24.14
N SER A 884 -126.29 47.07 22.83
CA SER A 884 -126.79 46.11 21.85
C SER A 884 -125.72 45.85 20.79
N THR A 885 -124.51 45.53 21.25
CA THR A 885 -123.38 45.31 20.36
C THR A 885 -122.80 43.91 20.54
N ALA A 886 -122.10 43.45 19.48
CA ALA A 886 -121.56 42.10 19.39
C ALA A 886 -120.12 42.01 19.85
N LEU A 887 -119.68 42.87 20.75
CA LEU A 887 -118.30 42.83 21.20
C LEU A 887 -118.09 41.67 22.18
N SER A 888 -116.93 41.04 22.08
CA SER A 888 -116.53 39.90 22.92
C SER A 888 -115.44 40.25 23.92
N LYS A 889 -114.50 41.12 23.56
CA LYS A 889 -113.52 41.67 24.48
C LYS A 889 -113.51 43.18 24.30
N ILE A 890 -113.48 43.89 25.42
CA ILE A 890 -113.44 45.36 25.38
C ILE A 890 -112.77 45.84 26.66
N SER A 891 -112.00 46.92 26.54
CA SER A 891 -111.20 47.42 27.65
C SER A 891 -111.57 48.88 27.91
N LEU A 892 -112.03 49.19 29.13
CA LEU A 892 -112.61 50.49 29.45
C LEU A 892 -112.15 50.94 30.84
N SER A 893 -110.84 50.94 31.05
CA SER A 893 -110.22 51.34 32.30
C SER A 893 -109.55 52.69 32.17
N SER A 894 -109.19 53.27 33.32
CA SER A 894 -108.48 54.55 33.38
C SER A 894 -109.28 55.64 32.68
N ASN A 895 -110.59 55.61 32.90
CA ASN A 895 -111.54 56.53 32.32
C ASN A 895 -112.38 57.13 33.45
N PRO A 896 -112.60 58.43 33.44
CA PRO A 896 -113.37 59.04 34.53
C PRO A 896 -114.86 58.68 34.50
N LEU A 897 -115.21 57.50 34.97
CA LEU A 897 -116.59 57.03 34.93
C LEU A 897 -117.34 57.36 36.22
N ARG A 898 -118.57 57.85 36.08
CA ARG A 898 -119.41 58.24 37.20
C ARG A 898 -120.33 57.08 37.55
N CYS A 899 -120.45 56.78 38.86
CA CYS A 899 -121.19 55.62 39.35
C CYS A 899 -122.27 56.08 40.32
N ASP A 900 -123.53 56.03 39.89
CA ASP A 900 -124.70 56.32 40.71
C ASP A 900 -125.47 55.03 40.99
N CYS A 901 -126.57 55.14 41.75
CA CYS A 901 -127.44 54.01 42.04
C CYS A 901 -128.63 54.11 41.09
N SER A 902 -128.63 53.27 40.05
CA SER A 902 -129.70 53.28 39.07
C SER A 902 -130.94 52.54 39.57
N TRP A 921 -131.52 59.07 33.69
CA TRP A 921 -131.36 58.60 35.06
C TRP A 921 -131.42 57.09 35.09
N GLU A 922 -131.60 56.51 33.89
CA GLU A 922 -131.52 55.08 33.67
C GLU A 922 -130.18 54.65 33.12
N HIS A 923 -129.28 55.58 32.81
CA HIS A 923 -127.97 55.27 32.24
C HIS A 923 -126.86 55.61 33.23
N ASN A 924 -126.53 54.61 34.04
CA ASN A 924 -125.42 54.63 34.97
C ASN A 924 -124.29 53.76 34.41
N ALA A 925 -123.11 53.87 35.03
CA ALA A 925 -122.00 53.00 34.67
C ALA A 925 -122.13 51.61 35.29
N ALA A 926 -122.34 51.55 36.61
CA ALA A 926 -122.38 50.28 37.33
C ALA A 926 -123.54 49.41 36.89
N GLU A 927 -124.49 49.96 36.14
CA GLU A 927 -125.60 49.19 35.62
C GLU A 927 -125.21 48.43 34.36
N TRP A 928 -124.48 49.08 33.45
CA TRP A 928 -123.96 48.36 32.30
C TRP A 928 -122.86 47.37 32.68
N PHE A 929 -122.09 47.65 33.73
CA PHE A 929 -120.92 46.82 34.03
C PHE A 929 -121.30 45.53 34.71
N SER A 930 -122.18 45.58 35.70
CA SER A 930 -122.61 44.35 36.36
C SER A 930 -123.27 43.39 35.39
N LEU A 931 -123.72 43.87 34.23
CA LEU A 931 -124.29 43.00 33.21
C LEU A 931 -123.25 42.51 32.23
N HIS A 932 -122.18 43.28 32.00
CA HIS A 932 -121.17 42.99 30.98
C HIS A 932 -119.75 42.88 31.53
N ARG A 933 -119.57 42.66 32.85
CA ARG A 933 -118.22 42.71 33.43
C ARG A 933 -117.32 41.57 32.94
N HIS A 934 -117.88 40.64 32.17
CA HIS A 934 -117.09 39.65 31.46
C HIS A 934 -116.44 40.24 30.21
N LEU A 935 -117.13 41.16 29.53
CA LEU A 935 -116.58 41.77 28.31
C LEU A 935 -115.34 42.61 28.59
N VAL A 936 -115.10 43.00 29.84
CA VAL A 936 -113.97 43.86 30.19
C VAL A 936 -112.75 42.97 30.44
N VAL A 937 -111.65 43.28 29.75
CA VAL A 937 -110.43 42.48 29.96
C VAL A 937 -109.75 42.91 31.26
N ASP A 938 -109.79 44.20 31.57
CA ASP A 938 -109.21 44.75 32.79
C ASP A 938 -110.31 45.18 33.76
N PHE A 939 -111.06 44.21 34.28
CA PHE A 939 -112.12 44.55 35.24
C PHE A 939 -111.55 45.08 36.54
N PRO A 940 -110.51 44.46 37.16
CA PRO A 940 -109.95 45.07 38.38
C PRO A 940 -109.12 46.32 38.11
N LYS A 941 -109.21 46.88 36.90
CA LYS A 941 -108.48 48.10 36.56
C LYS A 941 -109.38 49.29 36.24
N VAL A 942 -110.72 49.12 36.27
CA VAL A 942 -111.65 50.23 36.08
C VAL A 942 -111.96 50.85 37.45
N GLU A 943 -112.09 52.17 37.49
CA GLU A 943 -112.36 52.87 38.74
C GLU A 943 -113.41 53.96 38.54
N CYS A 944 -114.30 54.06 39.52
CA CYS A 944 -115.31 55.12 39.55
C CYS A 944 -114.68 56.47 39.87
N TRP A 945 -115.05 57.49 39.10
CA TRP A 945 -114.62 58.86 39.33
C TRP A 945 -115.80 59.77 39.60
N GLU A 946 -115.59 60.71 40.53
CA GLU A 946 -116.57 61.75 40.80
C GLU A 946 -115.81 62.97 41.28
N ASN A 947 -115.77 64.01 40.45
CA ASN A 947 -115.14 65.27 40.82
C ASN A 947 -115.99 65.89 41.92
N VAL A 948 -115.54 65.70 43.18
CA VAL A 948 -116.31 66.12 44.35
C VAL A 948 -116.43 67.65 44.42
N THR A 949 -115.47 68.38 43.85
CA THR A 949 -115.53 69.84 43.85
C THR A 949 -116.51 70.40 42.82
N LYS A 950 -116.68 69.73 41.68
CA LYS A 950 -117.61 70.22 40.66
C LYS A 950 -119.06 69.84 40.98
N ALA A 951 -119.30 68.63 41.49
CA ALA A 951 -120.67 68.17 41.72
C ALA A 951 -121.37 68.89 42.87
N PHE A 952 -120.63 69.53 43.76
CA PHE A 952 -121.27 70.36 44.78
C PHE A 952 -121.68 71.71 44.22
N LEU A 953 -120.85 72.29 43.35
CA LEU A 953 -121.14 73.59 42.76
C LEU A 953 -122.15 73.48 41.62
N THR A 954 -122.25 72.33 40.98
CA THR A 954 -123.22 72.05 39.93
C THR A 954 -124.44 71.30 40.45
N ASN A 955 -124.43 70.92 41.73
CA ASN A 955 -125.54 70.21 42.39
C ASN A 955 -125.90 68.93 41.64
N ASP A 956 -124.97 68.43 40.82
CA ASP A 956 -125.11 67.11 40.19
C ASP A 956 -124.65 66.06 41.21
N THR A 957 -125.44 65.94 42.27
CA THR A 957 -125.07 65.12 43.41
C THR A 957 -125.16 63.65 43.03
N THR A 958 -124.03 62.95 43.11
CA THR A 958 -123.94 61.50 42.95
C THR A 958 -123.42 60.84 44.22
N VAL A 959 -123.57 59.51 44.28
CA VAL A 959 -123.28 58.74 45.48
C VAL A 959 -121.81 58.75 45.89
N LEU A 960 -120.91 59.27 45.04
CA LEU A 960 -119.48 59.22 45.27
C LEU A 960 -118.89 60.52 45.81
N SER A 961 -119.65 61.61 45.86
CA SER A 961 -119.19 62.85 46.45
C SER A 961 -119.43 62.94 47.95
N ALA A 962 -119.92 61.86 48.59
CA ALA A 962 -120.05 61.82 50.05
C ALA A 962 -118.90 61.11 50.75
N TYR A 963 -118.04 60.39 50.01
CA TYR A 963 -116.78 59.89 50.54
C TYR A 963 -115.73 61.00 50.49
N PRO A 964 -114.81 61.05 51.43
CA PRO A 964 -113.75 62.07 51.36
C PRO A 964 -112.86 61.80 50.16
N PRO A 965 -112.73 62.76 49.25
CA PRO A 965 -111.89 62.55 48.06
C PRO A 965 -110.44 62.28 48.42
N ASN A 966 -109.73 61.67 47.48
CA ASN A 966 -108.35 61.28 47.73
C ASN A 966 -107.51 62.50 48.08
N MET A 967 -106.57 62.32 48.99
CA MET A 967 -105.79 63.44 49.49
C MET A 967 -104.98 64.03 48.34
N GLY A 968 -105.16 65.33 48.09
CA GLY A 968 -104.55 65.98 46.95
C GLY A 968 -105.43 66.06 45.71
N ASN A 969 -106.66 65.52 45.76
CA ASN A 969 -107.50 65.41 44.58
C ASN A 969 -108.88 65.99 44.85
N ASP A 970 -109.61 66.28 43.77
CA ASP A 970 -111.03 66.60 43.84
C ASP A 970 -111.91 65.40 43.53
N VAL A 971 -111.31 64.25 43.23
CA VAL A 971 -112.04 63.06 42.78
C VAL A 971 -111.84 61.92 43.76
N PHE A 972 -112.94 61.25 44.12
CA PHE A 972 -112.87 60.03 44.92
C PHE A 972 -112.79 58.84 43.98
N VAL A 973 -111.81 57.97 44.22
CA VAL A 973 -111.51 56.84 43.33
C VAL A 973 -111.74 55.54 44.10
N MET A 974 -112.58 54.67 43.53
CA MET A 974 -112.98 53.36 44.11
C MET A 974 -112.99 52.33 42.99
N PRO A 975 -112.30 51.20 43.15
CA PRO A 975 -112.35 50.15 42.12
C PRO A 975 -113.78 49.72 41.81
N ILE A 976 -113.99 49.33 40.54
CA ILE A 976 -115.33 49.03 40.06
C ILE A 976 -115.88 47.74 40.65
N GLU A 977 -115.02 46.80 41.04
CA GLU A 977 -115.50 45.59 41.68
C GLU A 977 -116.04 45.88 43.08
N GLU A 978 -115.47 46.89 43.75
CA GLU A 978 -115.90 47.24 45.10
C GLU A 978 -117.24 47.94 45.09
N PHE A 979 -117.60 48.58 43.98
CA PHE A 979 -118.90 49.23 43.89
C PHE A 979 -120.02 48.22 43.63
N LEU A 980 -119.75 47.23 42.77
CA LEU A 980 -120.78 46.28 42.37
C LEU A 980 -120.99 45.18 43.41
N ARG A 981 -119.95 44.83 44.17
CA ARG A 981 -120.14 43.89 45.27
C ARG A 981 -120.87 44.56 46.43
N ASP A 982 -120.43 45.77 46.78
CA ASP A 982 -121.07 46.61 47.78
C ASP A 982 -122.20 47.46 47.20
N TYR A 983 -122.90 46.95 46.19
CA TYR A 983 -124.02 47.66 45.58
C TYR A 983 -125.20 47.80 46.54
N ASN A 984 -125.83 46.67 46.87
CA ASN A 984 -126.99 46.65 47.77
C ASN A 984 -126.64 46.48 49.24
N SER A 985 -125.36 46.30 49.59
CA SER A 985 -125.00 46.02 50.98
C SER A 985 -124.84 47.28 51.82
N THR A 986 -124.20 48.33 51.29
CA THR A 986 -123.94 49.52 52.08
C THR A 986 -124.21 50.80 51.29
N ILE A 987 -123.77 50.83 50.02
CA ILE A 987 -123.75 52.08 49.25
C ILE A 987 -125.17 52.52 48.86
N CYS A 988 -125.93 51.64 48.23
CA CYS A 988 -127.25 51.98 47.70
C CYS A 988 -128.39 51.55 48.61
N VAL A 989 -128.31 51.84 49.89
CA VAL A 989 -129.38 51.56 50.84
C VAL A 989 -130.05 52.88 51.19
N PRO A 990 -131.35 53.06 50.92
CA PRO A 990 -132.07 54.28 51.29
C PRO A 990 -132.67 54.21 52.69
N GLU B 34 -35.47 33.75 -20.83
CA GLU B 34 -34.62 32.58 -21.04
C GLU B 34 -33.84 32.23 -19.78
N CYS B 35 -32.55 32.55 -19.76
CA CYS B 35 -31.74 32.28 -18.58
C CYS B 35 -32.09 33.29 -17.48
N PRO B 36 -32.22 32.84 -16.22
CA PRO B 36 -32.77 33.71 -15.17
C PRO B 36 -31.95 34.92 -14.76
N LYS B 37 -32.41 35.57 -13.69
CA LYS B 37 -31.82 36.82 -13.18
C LYS B 37 -30.54 36.54 -12.41
N PHE B 38 -29.49 37.29 -12.73
CA PHE B 38 -28.16 37.19 -12.09
C PHE B 38 -27.59 35.78 -12.17
N CYS B 39 -27.90 35.03 -13.22
CA CYS B 39 -27.44 33.65 -13.31
C CYS B 39 -26.97 33.35 -14.72
N LYS B 40 -26.00 32.44 -14.81
CA LYS B 40 -25.39 32.08 -16.08
C LYS B 40 -25.65 30.59 -16.29
N CYS B 41 -26.53 30.27 -17.23
CA CYS B 41 -26.73 28.88 -17.58
C CYS B 41 -25.47 28.36 -18.25
N ALA B 42 -25.38 27.05 -18.40
CA ALA B 42 -24.20 26.53 -19.07
C ALA B 42 -24.40 25.07 -19.44
N PRO B 43 -23.91 24.65 -20.61
CA PRO B 43 -23.83 23.21 -20.89
C PRO B 43 -22.71 22.60 -20.05
N ASP B 44 -23.07 21.61 -19.23
CA ASP B 44 -22.13 20.91 -18.38
C ASP B 44 -20.93 20.48 -19.21
N PRO B 45 -19.71 20.88 -18.87
CA PRO B 45 -18.57 20.47 -19.71
C PRO B 45 -18.37 18.96 -19.78
N VAL B 46 -18.54 18.24 -18.68
CA VAL B 46 -18.42 16.79 -18.69
C VAL B 46 -19.62 16.11 -19.37
N GLN B 47 -20.76 16.80 -19.42
CA GLN B 47 -22.03 16.22 -19.90
C GLN B 47 -22.80 17.27 -20.68
N PRO B 48 -22.43 17.51 -21.94
CA PRO B 48 -22.91 18.72 -22.66
C PRO B 48 -24.42 18.79 -22.84
N THR B 49 -25.15 17.72 -22.52
CA THR B 49 -26.61 17.73 -22.57
C THR B 49 -27.23 18.34 -21.32
N SER B 50 -26.48 18.37 -20.21
CA SER B 50 -27.04 18.84 -18.97
C SER B 50 -26.93 20.37 -18.93
N LYS B 51 -27.30 20.92 -17.80
CA LYS B 51 -27.28 22.36 -17.63
C LYS B 51 -26.54 22.68 -16.35
N LEU B 52 -25.24 23.00 -16.48
CA LEU B 52 -24.54 23.66 -15.40
C LEU B 52 -25.08 25.09 -15.28
N LEU B 53 -25.07 25.60 -14.06
CA LEU B 53 -25.62 26.91 -13.80
C LEU B 53 -24.59 27.68 -12.98
N LEU B 54 -24.40 28.94 -13.34
CA LEU B 54 -23.40 29.80 -12.71
C LEU B 54 -24.14 31.09 -12.32
N CYS B 55 -24.60 31.16 -11.09
CA CYS B 55 -25.36 32.34 -10.68
C CYS B 55 -24.43 33.40 -10.15
N ASP B 56 -24.86 34.65 -10.31
CA ASP B 56 -24.10 35.81 -9.89
C ASP B 56 -24.98 36.59 -8.92
N TYR B 57 -25.15 36.02 -7.74
CA TYR B 57 -25.85 36.63 -6.63
C TYR B 57 -24.90 37.48 -5.82
N SER B 58 -23.78 37.88 -6.43
CA SER B 58 -22.70 38.53 -5.70
C SER B 58 -23.10 39.91 -5.17
N SER B 59 -23.96 40.63 -5.87
CA SER B 59 -24.25 42.00 -5.45
C SER B 59 -25.61 42.43 -6.01
N LYS B 60 -26.64 42.32 -5.20
CA LYS B 60 -27.97 42.74 -5.61
C LYS B 60 -28.80 43.09 -4.39
N ASN B 61 -29.76 43.99 -4.59
CA ASN B 61 -30.66 44.41 -3.53
C ASN B 61 -31.91 43.53 -3.46
N THR B 62 -32.36 43.03 -4.61
CA THR B 62 -33.55 42.20 -4.67
C THR B 62 -33.25 40.82 -4.09
N THR B 63 -34.30 40.02 -3.93
CA THR B 63 -34.20 38.72 -3.29
C THR B 63 -33.74 37.63 -4.29
N ILE B 64 -33.81 36.37 -3.88
CA ILE B 64 -33.34 35.23 -4.66
C ILE B 64 -34.51 34.64 -5.43
N THR B 65 -34.60 35.00 -6.71
CA THR B 65 -35.72 34.59 -7.56
C THR B 65 -35.89 33.07 -7.58
N PRO B 66 -37.08 32.55 -7.24
CA PRO B 66 -37.34 31.11 -7.35
C PRO B 66 -37.13 30.60 -8.78
N ILE B 67 -36.61 29.38 -8.88
CA ILE B 67 -36.32 28.75 -10.16
C ILE B 67 -37.59 28.52 -10.97
N ALA B 68 -38.71 28.26 -10.29
CA ALA B 68 -39.99 28.05 -10.97
C ALA B 68 -40.46 29.30 -11.72
N SER B 69 -40.05 30.49 -11.30
CA SER B 69 -40.47 31.70 -11.98
C SER B 69 -39.54 32.09 -13.12
N SER B 70 -38.41 31.40 -13.27
CA SER B 70 -37.58 31.57 -14.45
C SER B 70 -38.11 30.81 -15.65
N ASN B 71 -39.14 29.97 -15.43
CA ASN B 71 -39.70 29.12 -16.47
C ASN B 71 -38.55 28.37 -17.14
N TYR B 72 -37.72 27.76 -16.31
CA TYR B 72 -36.53 27.10 -16.82
C TYR B 72 -36.92 25.80 -17.51
N ASP B 73 -36.43 25.65 -18.74
CA ASP B 73 -36.76 24.53 -19.59
C ASP B 73 -36.01 23.26 -19.19
N GLN B 74 -34.93 23.39 -18.41
CA GLN B 74 -34.04 22.29 -18.07
C GLN B 74 -33.76 22.27 -16.56
N VAL B 75 -34.79 22.07 -15.73
CA VAL B 75 -34.55 21.97 -14.29
C VAL B 75 -34.10 20.58 -13.86
N ALA B 76 -34.69 19.52 -14.43
CA ALA B 76 -34.22 18.15 -14.19
C ALA B 76 -33.03 17.80 -15.07
N ASN B 77 -32.55 18.76 -15.87
CA ASN B 77 -31.36 18.66 -16.68
C ASN B 77 -30.13 19.28 -16.02
N ILE B 78 -30.29 19.91 -14.86
CA ILE B 78 -29.15 20.51 -14.16
C ILE B 78 -28.46 19.43 -13.33
N ARG B 79 -27.28 18.99 -13.80
CA ARG B 79 -26.47 17.99 -13.12
C ARG B 79 -25.31 18.60 -12.31
N SER B 80 -24.77 19.75 -12.74
CA SER B 80 -23.74 20.48 -11.99
C SER B 80 -24.21 21.91 -11.78
N LEU B 81 -24.00 22.45 -10.58
CA LEU B 81 -24.51 23.77 -10.24
C LEU B 81 -23.49 24.57 -9.44
N PHE B 82 -23.14 25.75 -9.95
CA PHE B 82 -22.22 26.67 -9.29
C PHE B 82 -22.95 27.94 -8.88
N ILE B 83 -22.70 28.41 -7.67
CA ILE B 83 -23.25 29.66 -7.16
C ILE B 83 -22.09 30.55 -6.73
N SER B 84 -22.18 31.85 -7.00
CA SER B 84 -21.11 32.78 -6.66
C SER B 84 -21.65 34.06 -5.99
N CYS B 85 -21.19 34.34 -4.77
CA CYS B 85 -21.56 35.54 -4.02
C CYS B 85 -20.31 36.17 -3.43
N ASP B 86 -20.46 37.41 -2.93
CA ASP B 86 -19.48 38.00 -2.02
C ASP B 86 -20.10 38.78 -0.87
N ASN B 87 -21.43 38.89 -0.80
CA ASN B 87 -22.09 39.55 0.32
C ASN B 87 -22.05 38.64 1.55
N ASN B 88 -22.40 39.23 2.68
CA ASN B 88 -22.38 38.53 3.96
C ASN B 88 -23.79 38.08 4.31
N ASN B 89 -23.87 37.08 5.18
CA ASN B 89 -25.14 36.51 5.66
C ASN B 89 -26.18 36.29 4.57
N PHE B 90 -25.74 35.91 3.37
CA PHE B 90 -26.66 35.52 2.32
C PHE B 90 -27.46 34.31 2.76
N GLN B 91 -28.76 34.48 2.96
CA GLN B 91 -29.59 33.39 3.43
C GLN B 91 -30.33 32.85 2.21
N PHE B 92 -30.12 31.58 1.91
CA PHE B 92 -30.81 30.98 0.79
C PHE B 92 -32.27 30.80 1.17
N PRO B 93 -33.21 31.07 0.27
CA PRO B 93 -34.61 30.86 0.63
C PRO B 93 -34.84 29.43 1.10
N ASP B 94 -35.51 29.33 2.25
CA ASP B 94 -35.68 28.05 2.90
C ASP B 94 -36.36 27.03 1.99
N ALA B 95 -37.33 27.48 1.20
CA ALA B 95 -38.02 26.68 0.18
C ALA B 95 -37.59 27.19 -1.21
N TYR B 96 -36.36 26.85 -1.63
CA TYR B 96 -35.82 27.29 -2.91
C TYR B 96 -35.56 26.18 -3.91
N PHE B 97 -34.89 25.10 -3.50
CA PHE B 97 -34.42 24.07 -4.42
C PHE B 97 -35.58 23.20 -4.87
N LYS B 98 -36.19 23.57 -6.00
CA LYS B 98 -37.32 22.83 -6.53
C LYS B 98 -37.02 22.38 -7.95
N SER B 99 -37.59 21.21 -8.29
CA SER B 99 -37.56 20.64 -9.63
C SER B 99 -36.16 20.27 -10.10
N LEU B 100 -35.17 20.43 -9.21
CA LEU B 100 -33.79 20.05 -9.46
C LEU B 100 -33.50 18.63 -8.96
N THR B 101 -34.46 17.72 -9.08
CA THR B 101 -34.33 16.38 -8.51
C THR B 101 -33.30 15.54 -9.23
N ALA B 102 -32.72 16.04 -10.32
CA ALA B 102 -31.65 15.34 -11.03
C ALA B 102 -30.30 16.03 -10.86
N LEU B 103 -30.16 16.86 -9.83
CA LEU B 103 -28.93 17.60 -9.59
C LEU B 103 -27.87 16.69 -8.97
N HIS B 104 -26.77 16.49 -9.69
CA HIS B 104 -25.68 15.63 -9.24
C HIS B 104 -24.56 16.39 -8.54
N HIS B 105 -24.28 17.63 -8.94
CA HIS B 105 -23.15 18.38 -8.38
C HIS B 105 -23.56 19.81 -8.02
N LEU B 106 -23.09 20.32 -6.88
CA LEU B 106 -23.41 21.67 -6.39
C LEU B 106 -22.19 22.35 -5.78
N ARG B 107 -21.87 23.55 -6.26
CA ARG B 107 -20.78 24.34 -5.69
C ARG B 107 -21.32 25.70 -5.23
N ILE B 108 -21.10 26.03 -3.96
CA ILE B 108 -21.53 27.29 -3.35
C ILE B 108 -20.28 28.07 -2.95
N VAL B 109 -20.14 29.28 -3.49
CA VAL B 109 -18.94 30.08 -3.32
C VAL B 109 -19.30 31.51 -2.90
N GLY B 110 -19.00 31.85 -1.64
CA GLY B 110 -19.09 33.22 -1.15
C GLY B 110 -20.43 33.67 -0.58
N CYS B 111 -21.36 32.76 -0.34
CA CYS B 111 -22.70 33.10 0.17
C CYS B 111 -22.73 32.73 1.65
N GLU B 112 -22.27 33.65 2.49
CA GLU B 112 -22.10 33.36 3.90
C GLU B 112 -23.45 33.11 4.57
N THR B 113 -23.41 32.37 5.68
CA THR B 113 -24.63 32.02 6.39
C THR B 113 -24.21 31.40 7.72
N THR B 114 -25.20 30.92 8.47
CA THR B 114 -24.96 30.29 9.75
C THR B 114 -25.36 28.82 9.79
N HIS B 115 -26.14 28.35 8.82
CA HIS B 115 -26.54 26.98 8.57
C HIS B 115 -27.44 27.01 7.35
N PHE B 116 -27.57 25.87 6.69
CA PHE B 116 -28.54 25.84 5.60
C PHE B 116 -29.88 25.36 6.12
N SER B 117 -30.91 25.61 5.33
CA SER B 117 -32.24 25.11 5.67
C SER B 117 -32.29 23.59 5.42
N VAL B 118 -32.90 22.87 6.36
CA VAL B 118 -32.98 21.42 6.24
C VAL B 118 -33.90 21.02 5.08
N LYS B 119 -35.02 21.74 4.93
CA LYS B 119 -35.93 21.55 3.79
C LYS B 119 -35.27 21.92 2.47
N LEU B 120 -34.14 22.65 2.51
CA LEU B 120 -33.52 23.19 1.29
C LEU B 120 -32.93 22.08 0.42
N PHE B 121 -32.21 21.14 1.02
CA PHE B 121 -31.54 20.08 0.26
C PHE B 121 -32.44 18.88 0.09
N GLU B 122 -33.75 19.09 0.13
CA GLU B 122 -34.73 18.01 0.11
C GLU B 122 -34.88 17.42 -1.29
N ASP B 123 -34.98 18.28 -2.32
CA ASP B 123 -35.11 17.83 -3.70
C ASP B 123 -33.76 17.61 -4.38
N LEU B 124 -32.73 17.17 -3.65
CA LEU B 124 -31.40 16.97 -4.21
C LEU B 124 -30.83 15.60 -3.80
N ALA B 125 -31.69 14.59 -3.67
CA ALA B 125 -31.25 13.28 -3.23
C ALA B 125 -30.38 12.60 -4.28
N ALA B 126 -30.40 13.12 -5.52
CA ALA B 126 -29.54 12.66 -6.60
C ALA B 126 -28.16 13.33 -6.61
N LEU B 127 -27.82 14.11 -5.58
CA LEU B 127 -26.59 14.90 -5.54
C LEU B 127 -25.34 14.05 -5.25
N ARG B 128 -24.35 14.10 -6.16
CA ARG B 128 -23.13 13.30 -6.04
C ARG B 128 -21.87 14.09 -5.66
N ARG B 129 -21.83 15.41 -5.84
CA ARG B 129 -20.60 16.17 -5.58
C ARG B 129 -20.98 17.58 -5.12
N LEU B 130 -20.91 17.83 -3.82
CA LEU B 130 -21.22 19.13 -3.23
C LEU B 130 -19.92 19.85 -2.92
N GLU B 131 -19.84 21.12 -3.30
CA GLU B 131 -18.73 21.97 -2.91
C GLU B 131 -19.27 23.22 -2.23
N LEU B 132 -18.69 23.57 -1.09
CA LEU B 132 -18.98 24.80 -0.36
C LEU B 132 -17.71 25.62 -0.28
N ASP B 133 -17.85 26.94 -0.45
CA ASP B 133 -16.69 27.83 -0.38
C ASP B 133 -17.08 29.18 0.20
N GLN B 134 -16.40 29.57 1.27
CA GLN B 134 -16.57 30.89 1.88
C GLN B 134 -18.02 31.10 2.29
N ILE B 135 -18.47 30.25 3.20
CA ILE B 135 -19.76 30.41 3.81
C ILE B 135 -19.63 30.94 5.23
N SER B 136 -18.43 31.34 5.62
CA SER B 136 -18.15 31.96 6.90
C SER B 136 -16.77 32.62 6.84
N THR B 137 -16.62 33.70 7.60
CA THR B 137 -15.36 34.40 7.73
C THR B 137 -14.84 34.34 9.17
N ALA B 138 -13.91 35.25 9.52
CA ALA B 138 -13.36 35.24 10.88
C ALA B 138 -14.41 35.54 11.93
N SER B 139 -15.53 36.12 11.53
CA SER B 139 -16.59 36.48 12.45
C SER B 139 -17.74 35.49 12.38
N THR B 140 -18.25 35.24 11.18
CA THR B 140 -19.41 34.39 11.01
C THR B 140 -19.04 32.92 11.23
N SER B 141 -19.83 32.24 12.05
CA SER B 141 -19.65 30.82 12.34
C SER B 141 -20.69 30.01 11.59
N PHE B 142 -20.25 28.98 10.89
CA PHE B 142 -21.14 28.07 10.18
C PHE B 142 -21.18 26.70 10.85
N GLU B 143 -22.39 26.15 11.03
CA GLU B 143 -22.56 24.80 11.58
C GLU B 143 -23.29 23.94 10.56
N MET B 144 -22.56 23.02 9.93
CA MET B 144 -23.19 22.04 9.06
C MET B 144 -23.98 21.07 9.93
N THR B 145 -25.29 21.09 9.79
CA THR B 145 -26.12 20.25 10.62
C THR B 145 -26.20 18.83 10.06
N GLU B 146 -26.27 17.84 10.96
CA GLU B 146 -26.38 16.43 10.62
C GLU B 146 -27.65 16.12 9.83
N ASP B 147 -28.65 17.00 9.90
CA ASP B 147 -29.95 16.85 9.24
C ASP B 147 -30.04 17.63 7.93
N VAL B 148 -29.22 18.69 7.77
CA VAL B 148 -29.13 19.43 6.51
C VAL B 148 -28.66 18.50 5.40
N LEU B 149 -27.83 17.53 5.74
CA LEU B 149 -27.24 16.59 4.80
C LEU B 149 -28.05 15.30 4.69
N MET B 150 -29.24 15.24 5.29
CA MET B 150 -30.04 14.01 5.21
C MET B 150 -30.46 13.63 3.80
N PRO B 151 -30.90 14.56 2.91
CA PRO B 151 -31.19 14.12 1.54
C PRO B 151 -29.95 14.12 0.66
N LEU B 152 -28.80 13.73 1.22
CA LEU B 152 -27.53 13.77 0.50
C LEU B 152 -26.73 12.49 0.72
N ALA B 153 -27.41 11.34 0.78
CA ALA B 153 -26.68 10.11 1.00
C ALA B 153 -25.79 9.79 -0.19
N ARG B 154 -26.35 9.86 -1.41
CA ARG B 154 -25.62 9.48 -2.62
C ARG B 154 -24.54 10.51 -2.92
N LEU B 155 -23.90 11.02 -1.87
CA LEU B 155 -22.86 12.05 -1.97
C LEU B 155 -21.48 11.41 -1.98
N GLU B 156 -20.87 11.34 -3.16
CA GLU B 156 -19.51 10.80 -3.31
C GLU B 156 -18.43 11.87 -3.20
N LYS B 157 -18.77 13.15 -3.04
CA LYS B 157 -17.73 14.17 -2.95
C LYS B 157 -18.29 15.43 -2.30
N PHE B 158 -17.70 15.84 -1.18
CA PHE B 158 -18.17 17.00 -0.41
C PHE B 158 -16.99 17.90 -0.05
N SER B 159 -17.01 19.13 -0.54
CA SER B 159 -15.90 20.06 -0.34
C SER B 159 -16.41 21.28 0.40
N LEU B 160 -15.84 21.56 1.58
CA LEU B 160 -16.26 22.67 2.44
C LEU B 160 -14.95 23.39 2.71
N THR B 161 -14.62 24.34 1.83
CA THR B 161 -13.31 24.94 1.77
C THR B 161 -13.38 26.44 2.07
N ARG B 162 -12.28 26.96 2.63
CA ARG B 162 -12.16 28.38 2.92
C ARG B 162 -13.32 28.91 3.73
N SER B 163 -13.31 28.64 5.04
CA SER B 163 -14.26 29.17 6.00
C SER B 163 -13.74 28.89 7.40
N ARG B 164 -13.84 29.87 8.29
CA ARG B 164 -13.31 29.76 9.64
C ARG B 164 -14.45 29.56 10.64
N ASN B 165 -14.10 29.01 11.79
CA ASN B 165 -15.05 28.77 12.89
C ASN B 165 -16.20 27.88 12.40
N ILE B 166 -15.85 26.64 12.04
CA ILE B 166 -16.80 25.66 11.52
C ILE B 166 -17.04 24.56 12.56
N GLU B 167 -18.26 24.06 12.61
CA GLU B 167 -18.60 22.91 13.44
C GLU B 167 -19.37 21.90 12.60
N LEU B 168 -18.76 20.72 12.36
CA LEU B 168 -19.24 19.53 11.67
C LEU B 168 -19.67 18.47 12.66
N PRO B 169 -20.69 17.69 12.32
CA PRO B 169 -21.17 16.65 13.25
C PRO B 169 -20.16 15.51 13.40
N GLN B 170 -20.12 14.93 14.60
CA GLN B 170 -19.25 13.78 14.79
C GLN B 170 -19.75 12.57 14.01
N ARG B 171 -21.07 12.42 13.90
CA ARG B 171 -21.64 11.38 13.07
C ARG B 171 -21.93 11.88 11.68
N LEU B 172 -20.96 12.65 11.16
CA LEU B 172 -21.04 13.18 9.81
C LEU B 172 -20.93 12.06 8.80
N LEU B 173 -20.04 11.10 9.05
CA LEU B 173 -19.86 9.98 8.14
C LEU B 173 -21.04 9.01 8.15
N CYS B 174 -21.83 8.97 9.23
CA CYS B 174 -23.06 8.19 9.19
C CYS B 174 -24.10 8.83 8.30
N SER B 175 -24.00 10.15 8.07
CA SER B 175 -24.86 10.86 7.13
C SER B 175 -24.41 10.73 5.69
N LEU B 176 -23.12 10.47 5.46
CA LEU B 176 -22.55 10.36 4.11
C LEU B 176 -21.74 9.08 4.03
N PRO B 177 -22.39 7.93 3.89
CA PRO B 177 -21.64 6.67 3.78
C PRO B 177 -20.98 6.44 2.43
N HIS B 178 -21.63 6.84 1.32
CA HIS B 178 -21.00 6.70 0.02
C HIS B 178 -20.05 7.86 -0.26
N LEU B 179 -19.48 8.44 0.79
CA LEU B 179 -18.64 9.62 0.66
C LEU B 179 -17.24 9.20 0.22
N GLN B 180 -16.75 9.77 -0.89
CA GLN B 180 -15.46 9.38 -1.46
C GLN B 180 -14.38 10.44 -1.36
N VAL B 181 -14.68 11.70 -1.67
CA VAL B 181 -13.71 12.78 -1.58
C VAL B 181 -14.29 13.78 -0.59
N LEU B 182 -13.69 13.88 0.59
CA LEU B 182 -14.10 14.81 1.61
C LEU B 182 -13.01 15.87 1.74
N ASN B 183 -13.34 17.08 1.36
CA ASN B 183 -12.37 18.17 1.41
C ASN B 183 -12.88 19.20 2.40
N ILE B 184 -12.19 19.32 3.52
CA ILE B 184 -12.48 20.33 4.53
C ILE B 184 -11.20 21.09 4.85
N SER B 185 -10.58 21.62 3.80
CA SER B 185 -9.30 22.32 3.82
C SER B 185 -9.50 23.83 3.95
N SER B 186 -8.42 24.52 4.31
CA SER B 186 -8.40 25.97 4.50
C SER B 186 -9.43 26.41 5.53
N ASN B 187 -9.69 25.56 6.50
CA ASN B 187 -10.75 25.83 7.44
C ASN B 187 -10.24 26.04 8.85
N GLU B 188 -8.94 25.82 9.09
CA GLU B 188 -8.32 26.22 10.35
C GLU B 188 -9.04 25.60 11.55
N LEU B 189 -9.60 24.42 11.34
CA LEU B 189 -10.38 23.75 12.36
C LEU B 189 -9.47 23.36 13.53
N PRO B 190 -9.70 23.90 14.74
CA PRO B 190 -8.77 23.61 15.85
C PRO B 190 -8.79 22.16 16.33
N SER B 191 -9.85 21.40 16.08
CA SER B 191 -9.88 20.00 16.52
C SER B 191 -10.71 19.18 15.55
N LEU B 192 -10.49 17.87 15.59
CA LEU B 192 -11.29 16.92 14.81
C LEU B 192 -11.79 15.81 15.72
N ARG B 193 -13.10 15.67 15.79
CA ARG B 193 -13.77 14.63 16.57
C ARG B 193 -14.67 13.83 15.65
N ARG B 194 -14.67 12.50 15.82
CA ARG B 194 -15.52 11.65 15.03
C ARG B 194 -16.02 10.48 15.88
N GLU B 195 -17.31 10.15 15.70
CA GLU B 195 -17.89 9.00 16.38
C GLU B 195 -17.33 7.70 15.81
N GLU B 196 -16.88 6.82 16.70
CA GLU B 196 -16.19 5.60 16.29
C GLU B 196 -17.11 4.54 15.69
N SER B 197 -18.41 4.62 15.93
CA SER B 197 -19.34 3.66 15.34
C SER B 197 -19.62 3.95 13.87
N CYS B 198 -19.31 5.15 13.39
CA CYS B 198 -19.53 5.53 12.00
C CYS B 198 -18.26 5.17 11.23
N VAL B 199 -18.40 4.34 10.21
CA VAL B 199 -17.28 3.82 9.45
C VAL B 199 -17.47 4.22 8.00
N ALA B 200 -16.61 5.10 7.50
CA ALA B 200 -16.68 5.55 6.12
C ALA B 200 -16.21 4.41 5.23
N GLN B 201 -17.18 3.77 4.57
CA GLN B 201 -17.03 2.50 3.87
C GLN B 201 -16.60 2.62 2.41
N GLN B 202 -16.41 3.85 1.89
CA GLN B 202 -15.81 4.05 0.57
C GLN B 202 -14.87 5.25 0.54
N LEU B 203 -14.50 5.84 1.68
CA LEU B 203 -13.75 7.10 1.66
C LEU B 203 -12.36 6.92 1.06
N LEU B 204 -12.11 7.57 -0.08
CA LEU B 204 -10.83 7.45 -0.78
C LEU B 204 -9.86 8.60 -0.48
N ILE B 205 -10.24 9.85 -0.74
CA ILE B 205 -9.32 11.00 -0.61
C ILE B 205 -9.85 11.93 0.46
N VAL B 206 -9.07 12.10 1.53
CA VAL B 206 -9.39 13.00 2.63
C VAL B 206 -8.47 14.22 2.50
N ASP B 207 -9.05 15.41 2.62
CA ASP B 207 -8.32 16.65 2.42
C ASP B 207 -8.38 17.41 3.74
N LEU B 208 -7.40 17.18 4.59
CA LEU B 208 -7.32 17.89 5.86
C LEU B 208 -6.33 19.04 5.80
N SER B 209 -5.76 19.30 4.62
CA SER B 209 -4.68 20.26 4.49
C SER B 209 -5.15 21.67 4.85
N ARG B 210 -4.23 22.47 5.39
CA ARG B 210 -4.48 23.86 5.80
C ARG B 210 -5.58 23.96 6.86
N ASN B 211 -5.28 23.40 8.03
CA ASN B 211 -6.13 23.51 9.20
C ASN B 211 -5.22 23.75 10.39
N ARG B 212 -5.80 23.78 11.58
CA ARG B 212 -5.07 23.94 12.83
C ARG B 212 -5.17 22.66 13.64
N LEU B 213 -5.02 21.51 12.94
CA LEU B 213 -5.27 20.18 13.51
C LEU B 213 -4.02 19.63 14.20
N THR B 214 -4.22 19.10 15.42
CA THR B 214 -3.18 18.48 16.24
C THR B 214 -3.37 16.99 16.42
N ASN B 215 -4.60 16.50 16.36
CA ASN B 215 -4.90 15.09 16.56
C ASN B 215 -6.02 14.67 15.61
N ILE B 216 -5.78 13.54 14.92
CA ILE B 216 -6.75 12.97 13.98
C ILE B 216 -6.74 11.48 14.22
N GLU B 217 -6.02 11.03 15.25
CA GLU B 217 -5.87 9.60 15.44
C GLU B 217 -7.21 8.93 15.69
N GLN B 218 -8.09 9.56 16.48
CA GLN B 218 -9.39 8.96 16.73
C GLN B 218 -10.28 8.99 15.48
N PHE B 219 -10.08 9.96 14.58
CA PHE B 219 -10.89 10.04 13.37
C PHE B 219 -10.53 8.92 12.38
N LEU B 220 -9.23 8.74 12.09
CA LEU B 220 -8.79 7.67 11.19
C LEU B 220 -9.03 6.29 11.80
N ARG B 221 -9.07 6.23 13.14
CA ARG B 221 -9.45 5.08 13.94
C ARG B 221 -10.81 4.55 13.50
N GLY B 222 -10.85 3.37 12.88
CA GLY B 222 -12.11 2.83 12.45
C GLY B 222 -12.56 3.27 11.06
N ILE B 223 -11.66 3.80 10.23
CA ILE B 223 -11.96 4.06 8.82
C ILE B 223 -10.80 3.59 7.97
N PRO B 224 -10.84 2.33 7.52
CA PRO B 224 -9.70 1.74 6.81
C PRO B 224 -9.71 1.89 5.28
N ALA B 225 -10.86 2.24 4.69
CA ALA B 225 -10.91 2.34 3.24
C ALA B 225 -9.97 3.43 2.71
N ILE B 226 -9.52 4.33 3.60
CA ILE B 226 -8.83 5.54 3.19
C ILE B 226 -7.56 5.20 2.43
N ARG B 227 -7.44 5.76 1.22
CA ARG B 227 -6.23 5.59 0.41
C ARG B 227 -5.39 6.85 0.27
N GLN B 228 -5.95 8.03 0.46
CA GLN B 228 -5.17 9.26 0.27
C GLN B 228 -5.47 10.24 1.38
N ILE B 229 -4.41 10.72 2.02
CA ILE B 229 -4.50 11.68 3.12
C ILE B 229 -3.54 12.83 2.81
N SER B 230 -3.99 14.04 3.08
CA SER B 230 -3.16 15.23 2.96
C SER B 230 -3.35 16.05 4.23
N VAL B 231 -2.41 15.92 5.18
CA VAL B 231 -2.51 16.66 6.43
C VAL B 231 -1.54 17.84 6.38
N ALA B 232 -1.48 18.48 5.21
CA ALA B 232 -0.54 19.57 5.02
C ALA B 232 -0.97 20.79 5.83
N TYR B 233 0.00 21.62 6.18
CA TYR B 233 -0.24 22.89 6.86
C TYR B 233 -1.12 22.72 8.10
N ASN B 234 -0.63 21.88 9.01
CA ASN B 234 -1.32 21.67 10.27
C ASN B 234 -0.32 21.76 11.42
N SER B 235 -0.76 21.38 12.61
CA SER B 235 0.08 21.43 13.81
C SER B 235 0.21 20.03 14.40
N ILE B 236 0.37 19.02 13.53
CA ILE B 236 0.54 17.63 13.97
C ILE B 236 1.97 17.41 14.44
N ALA B 237 2.10 16.81 15.62
CA ALA B 237 3.40 16.52 16.21
C ALA B 237 3.68 15.03 16.26
N GLU B 238 2.66 14.24 16.56
CA GLU B 238 2.79 12.78 16.61
C GLU B 238 1.60 12.16 15.90
N LEU B 239 1.92 11.31 14.93
CA LEU B 239 0.97 10.64 14.07
C LEU B 239 1.14 9.14 14.19
N ASP B 240 0.02 8.42 14.29
CA ASP B 240 0.05 6.96 14.30
C ASP B 240 -0.87 6.45 13.20
N LEU B 241 -0.29 5.75 12.21
CA LEU B 241 -1.05 5.33 11.04
C LEU B 241 -0.86 3.88 10.67
N SER B 242 0.09 3.15 11.26
CA SER B 242 0.12 1.73 10.99
C SER B 242 -1.03 1.04 11.70
N LEU B 243 -1.47 1.62 12.82
CA LEU B 243 -2.57 1.11 13.63
C LEU B 243 -3.89 1.79 13.31
N ALA B 244 -3.95 2.67 12.30
CA ALA B 244 -5.18 3.34 11.92
C ALA B 244 -5.58 3.11 10.47
N THR B 245 -4.77 3.59 9.50
CA THR B 245 -5.05 3.57 8.07
C THR B 245 -4.25 2.50 7.31
N PRO B 246 -4.78 1.29 7.16
CA PRO B 246 -3.96 0.21 6.58
C PRO B 246 -3.76 0.25 5.05
N PHE B 247 -4.48 1.09 4.30
CA PHE B 247 -4.25 1.21 2.86
C PHE B 247 -3.73 2.57 2.46
N LEU B 248 -3.21 3.34 3.41
CA LEU B 248 -2.70 4.67 3.11
C LEU B 248 -1.66 4.59 2.00
N GLN B 249 -1.98 5.12 0.80
CA GLN B 249 -1.09 5.02 -0.35
C GLN B 249 -0.41 6.31 -0.74
N GLN B 250 -0.94 7.46 -0.32
CA GLN B 250 -0.36 8.77 -0.62
C GLN B 250 -0.54 9.58 0.67
N LEU B 251 0.54 9.77 1.40
CA LEU B 251 0.51 10.48 2.66
C LEU B 251 1.28 11.80 2.49
N ASP B 252 0.60 12.91 2.78
CA ASP B 252 1.20 14.25 2.71
C ASP B 252 1.18 14.86 4.10
N ALA B 253 2.34 14.97 4.72
CA ALA B 253 2.48 15.61 6.02
C ALA B 253 3.30 16.89 5.91
N GLU B 254 3.16 17.58 4.78
CA GLU B 254 3.89 18.81 4.55
C GLU B 254 3.41 19.92 5.48
N ALA B 255 4.34 20.76 5.91
CA ALA B 255 4.04 21.94 6.71
C ALA B 255 3.36 21.54 8.02
N ASN B 256 4.15 20.84 8.84
CA ASN B 256 3.72 20.44 10.17
C ASN B 256 4.89 20.70 11.11
N ARG B 257 4.71 20.33 12.37
CA ARG B 257 5.77 20.38 13.35
C ARG B 257 6.27 18.97 13.64
N ILE B 258 6.37 18.15 12.59
CA ILE B 258 6.75 16.74 12.71
C ILE B 258 8.26 16.62 12.87
N VAL B 259 8.69 16.07 14.00
CA VAL B 259 10.09 15.84 14.27
C VAL B 259 10.51 14.40 13.93
N ASP B 260 9.68 13.43 14.32
CA ASP B 260 9.92 12.02 13.99
C ASP B 260 8.61 11.25 13.99
N LEU B 261 8.52 10.27 13.07
CA LEU B 261 7.36 9.42 12.89
C LEU B 261 7.37 8.22 13.83
N THR B 262 6.17 7.65 14.02
CA THR B 262 6.02 6.46 14.85
C THR B 262 5.87 5.21 13.97
N SER B 263 4.82 5.16 13.16
CA SER B 263 4.55 3.93 12.42
C SER B 263 3.67 4.20 11.20
N LEU B 264 3.95 3.48 10.12
CA LEU B 264 3.24 3.54 8.86
C LEU B 264 2.77 2.17 8.43
N PRO B 265 1.74 2.09 7.59
CA PRO B 265 1.46 0.84 6.88
C PRO B 265 2.40 0.70 5.70
N GLY B 266 2.84 -0.53 5.45
CA GLY B 266 3.81 -0.83 4.40
C GLY B 266 3.38 -0.60 2.97
N THR B 267 2.31 0.19 2.77
CA THR B 267 1.77 0.44 1.45
C THR B 267 2.18 1.79 0.89
N VAL B 268 2.84 2.62 1.71
CA VAL B 268 3.10 4.02 1.38
C VAL B 268 4.13 4.11 0.26
N VAL B 269 3.73 4.78 -0.84
CA VAL B 269 4.61 4.98 -1.99
C VAL B 269 4.95 6.44 -2.24
N HIS B 270 4.36 7.40 -1.52
CA HIS B 270 4.68 8.83 -1.65
C HIS B 270 4.72 9.45 -0.25
N VAL B 271 5.92 9.83 0.21
CA VAL B 271 6.08 10.50 1.49
C VAL B 271 6.52 11.94 1.25
N ASN B 272 5.70 12.89 1.70
CA ASN B 272 6.01 14.32 1.63
C ASN B 272 6.09 14.81 3.07
N LEU B 273 7.31 15.00 3.56
CA LEU B 273 7.57 15.47 4.92
C LEU B 273 8.24 16.83 4.86
N ALA B 274 7.75 17.65 3.94
CA ALA B 274 8.26 19.00 3.72
C ALA B 274 7.78 19.95 4.82
N GLY B 275 8.63 20.92 5.15
CA GLY B 275 8.29 21.90 6.16
C GLY B 275 8.01 21.30 7.51
N ASN B 276 8.73 20.25 7.88
CA ASN B 276 8.57 19.63 9.17
C ASN B 276 9.79 19.94 10.02
N ALA B 277 9.79 19.45 11.25
CA ALA B 277 10.97 19.56 12.11
C ALA B 277 11.78 18.27 12.08
N LEU B 278 12.01 17.73 10.89
CA LEU B 278 12.77 16.49 10.76
C LEU B 278 14.26 16.80 10.78
N LYS B 279 15.00 16.06 11.61
CA LYS B 279 16.45 16.17 11.65
C LYS B 279 17.19 14.95 11.15
N ARG B 280 16.53 13.79 11.03
CA ARG B 280 17.11 12.64 10.34
C ARG B 280 15.97 11.76 9.84
N VAL B 281 16.31 10.67 9.14
CA VAL B 281 15.34 9.77 8.50
C VAL B 281 14.54 8.97 9.53
N PRO B 282 13.21 9.09 9.58
CA PRO B 282 12.42 8.26 10.49
C PRO B 282 12.50 6.79 10.11
N ASP B 283 12.30 5.94 11.11
CA ASP B 283 12.44 4.50 10.88
C ASP B 283 11.34 3.97 9.97
N ALA B 284 10.10 4.45 10.15
CA ALA B 284 8.99 3.95 9.35
C ALA B 284 9.05 4.41 7.90
N VAL B 285 10.01 5.27 7.54
CA VAL B 285 10.26 5.66 6.15
C VAL B 285 11.48 4.97 5.58
N ALA B 286 12.53 4.81 6.40
CA ALA B 286 13.72 4.12 5.94
C ALA B 286 13.50 2.62 5.79
N GLU B 287 12.51 2.07 6.49
CA GLU B 287 12.16 0.66 6.35
C GLU B 287 11.03 0.43 5.35
N LEU B 288 10.56 1.47 4.66
CA LEU B 288 9.36 1.37 3.82
C LEU B 288 9.53 0.30 2.74
N ALA B 289 8.40 -0.24 2.30
CA ALA B 289 8.41 -1.36 1.36
C ALA B 289 8.55 -0.90 -0.10
N SER B 290 7.66 -0.01 -0.55
CA SER B 290 7.57 0.42 -1.94
C SER B 290 7.65 1.95 -2.06
N LEU B 291 8.59 2.57 -1.34
CA LEU B 291 8.77 4.01 -1.37
C LEU B 291 9.23 4.47 -2.75
N VAL B 292 8.34 5.16 -3.49
CA VAL B 292 8.65 5.64 -4.85
C VAL B 292 9.37 6.97 -4.81
N ALA B 293 8.86 7.92 -4.05
CA ALA B 293 9.39 9.28 -4.01
C ALA B 293 9.44 9.76 -2.57
N LEU B 294 10.41 10.59 -2.25
CA LEU B 294 10.52 11.19 -0.92
C LEU B 294 10.88 12.67 -1.00
N ASN B 295 9.99 13.52 -0.50
CA ASN B 295 10.16 14.97 -0.43
C ASN B 295 10.35 15.34 1.05
N VAL B 296 11.61 15.38 1.48
CA VAL B 296 11.95 15.85 2.83
C VAL B 296 12.71 17.17 2.76
N SER B 297 12.16 18.15 2.04
CA SER B 297 12.77 19.48 1.92
C SER B 297 12.26 20.46 2.99
N ARG B 298 12.94 21.61 3.06
CA ARG B 298 12.66 22.70 3.99
C ARG B 298 12.66 22.24 5.46
N ASN B 299 13.41 21.18 5.75
CA ASN B 299 13.60 20.65 7.09
C ASN B 299 14.97 21.09 7.60
N GLU B 300 15.40 20.50 8.72
CA GLU B 300 16.70 20.76 9.32
C GLU B 300 17.45 19.46 9.48
N ILE B 301 17.53 18.70 8.38
CA ILE B 301 18.08 17.36 8.39
C ILE B 301 19.59 17.42 8.14
N GLU B 302 20.33 16.61 8.88
CA GLU B 302 21.76 16.43 8.68
C GLU B 302 22.07 14.96 8.40
N ALA B 303 23.10 14.73 7.59
CA ALA B 303 23.44 13.43 6.99
C ALA B 303 24.45 12.59 7.77
N GLY B 304 24.47 12.61 9.11
CA GLY B 304 25.42 11.78 9.83
C GLY B 304 24.94 10.39 10.26
N ASN B 305 23.71 10.32 10.78
CA ASN B 305 23.07 9.06 11.14
C ASN B 305 22.30 8.50 9.95
N SER B 306 22.99 8.40 8.82
CA SER B 306 22.36 8.07 7.55
C SER B 306 21.86 6.63 7.57
N SER B 307 20.55 6.48 7.75
CA SER B 307 19.88 5.17 7.75
C SER B 307 19.81 4.59 6.34
N VAL B 308 19.64 3.27 6.28
CA VAL B 308 19.62 2.55 5.02
C VAL B 308 18.19 2.41 4.53
N PHE B 309 17.94 2.84 3.30
CA PHE B 309 16.63 2.66 2.68
C PHE B 309 16.44 1.22 2.25
N SER B 310 15.17 0.78 2.28
CA SER B 310 14.73 -0.59 2.03
C SER B 310 14.14 -0.76 0.65
N SER B 311 13.33 0.20 0.23
CA SER B 311 12.64 0.13 -1.04
C SER B 311 13.64 0.30 -2.18
N PRO B 312 13.52 -0.48 -3.24
CA PRO B 312 14.25 -0.19 -4.48
C PRO B 312 13.50 0.71 -5.47
N GLU B 313 12.43 1.39 -5.03
CA GLU B 313 11.54 2.18 -5.88
C GLU B 313 11.83 3.67 -5.87
N LEU B 314 12.84 4.14 -5.11
CA LEU B 314 13.12 5.57 -4.97
C LEU B 314 13.61 6.13 -6.30
N GLU B 315 12.80 7.01 -6.90
CA GLU B 315 13.06 7.57 -8.22
C GLU B 315 13.18 9.09 -8.22
N MET B 316 12.70 9.78 -7.18
CA MET B 316 12.73 11.22 -7.02
C MET B 316 12.98 11.52 -5.56
N LEU B 317 14.02 12.32 -5.27
CA LEU B 317 14.39 12.59 -3.88
C LEU B 317 14.65 14.07 -3.69
N ASP B 318 13.85 14.69 -2.85
CA ASP B 318 13.92 16.12 -2.62
C ASP B 318 14.39 16.23 -1.17
N ALA B 319 15.71 16.21 -1.01
CA ALA B 319 16.31 16.46 0.30
C ALA B 319 16.92 17.85 0.37
N SER B 320 16.28 18.82 -0.29
CA SER B 320 16.78 20.19 -0.39
C SER B 320 16.52 20.95 0.91
N TYR B 321 16.98 22.19 0.92
CA TYR B 321 16.85 23.16 2.02
C TYR B 321 17.21 22.51 3.35
N ASN B 322 18.24 21.68 3.35
CA ASN B 322 18.63 20.94 4.54
C ASN B 322 20.08 21.27 4.87
N LYS B 323 20.55 20.70 5.98
CA LYS B 323 21.88 21.00 6.51
C LYS B 323 22.86 19.89 6.19
N LEU B 324 22.93 19.50 4.92
CA LEU B 324 23.70 18.35 4.47
C LEU B 324 25.17 18.69 4.23
N ASP B 325 26.06 17.77 4.65
CA ASP B 325 27.51 17.88 4.40
C ASP B 325 27.99 17.10 3.18
N SER B 326 27.47 15.89 2.95
CA SER B 326 27.87 14.99 1.87
C SER B 326 26.86 13.85 1.75
N LEU B 327 26.68 13.36 0.53
CA LEU B 327 25.60 12.41 0.19
C LEU B 327 25.75 11.04 0.86
N PRO B 328 24.78 10.60 1.66
CA PRO B 328 24.85 9.25 2.25
C PRO B 328 24.51 8.16 1.24
N VAL B 329 25.33 7.12 1.18
CA VAL B 329 25.06 6.01 0.28
C VAL B 329 24.03 5.04 0.83
N GLU B 330 23.76 5.07 2.15
CA GLU B 330 22.77 4.17 2.74
C GLU B 330 21.38 4.36 2.12
N TRP B 331 21.09 5.56 1.63
CA TRP B 331 19.79 5.85 1.04
C TRP B 331 19.62 5.10 -0.29
N LEU B 332 20.28 5.60 -1.34
CA LEU B 332 20.23 5.09 -2.70
C LEU B 332 20.92 3.70 -2.85
N GLN B 333 21.31 3.04 -1.76
CA GLN B 333 22.05 1.77 -1.83
C GLN B 333 21.26 0.65 -2.49
N LYS B 334 19.93 0.74 -2.50
CA LYS B 334 19.08 -0.31 -3.04
C LYS B 334 18.54 0.03 -4.43
N CYS B 335 18.55 1.30 -4.81
CA CYS B 335 17.87 1.80 -6.00
C CYS B 335 18.78 2.71 -6.83
N GLU B 336 20.02 2.26 -7.07
CA GLU B 336 20.98 3.05 -7.85
C GLU B 336 20.61 3.12 -9.33
N LYS B 337 20.02 2.06 -9.87
CA LYS B 337 19.62 2.01 -11.28
C LYS B 337 18.20 2.52 -11.52
N ARG B 338 17.48 2.90 -10.47
CA ARG B 338 16.11 3.38 -10.55
C ARG B 338 15.99 4.86 -10.21
N ILE B 339 17.00 5.45 -9.58
CA ILE B 339 16.92 6.86 -9.23
C ILE B 339 16.92 7.69 -10.50
N ALA B 340 16.09 8.74 -10.52
CA ALA B 340 15.87 9.59 -11.68
C ALA B 340 15.98 11.08 -11.34
N HIS B 341 15.53 11.48 -10.16
CA HIS B 341 15.49 12.87 -9.76
C HIS B 341 16.11 13.00 -8.38
N LEU B 342 17.20 13.75 -8.28
CA LEU B 342 17.87 14.02 -7.01
C LEU B 342 17.90 15.54 -6.81
N HIS B 343 16.94 16.06 -6.03
CA HIS B 343 16.86 17.49 -5.75
C HIS B 343 17.54 17.74 -4.40
N LEU B 344 18.59 18.55 -4.44
CA LEU B 344 19.43 18.78 -3.27
C LEU B 344 19.91 20.23 -3.29
N GLU B 345 18.97 21.16 -3.45
CA GLU B 345 19.33 22.56 -3.51
C GLU B 345 19.31 23.22 -2.12
N HIS B 346 19.98 24.36 -2.03
CA HIS B 346 20.08 25.20 -0.82
C HIS B 346 20.60 24.42 0.39
N ASN B 347 21.67 23.65 0.16
CA ASN B 347 22.42 22.94 1.20
C ASN B 347 23.84 23.48 1.27
N SER B 348 24.71 22.75 1.98
CA SER B 348 26.11 23.13 2.15
C SER B 348 27.07 22.00 1.81
N ILE B 349 26.76 21.21 0.79
CA ILE B 349 27.70 20.19 0.32
C ILE B 349 28.94 20.87 -0.24
N GLU B 350 30.11 20.54 0.33
CA GLU B 350 31.38 21.07 -0.18
C GLU B 350 32.00 20.20 -1.25
N GLN B 351 31.86 18.88 -1.17
CA GLN B 351 32.45 18.03 -2.19
C GLN B 351 31.58 16.81 -2.41
N LEU B 352 31.29 16.55 -3.69
CA LEU B 352 30.53 15.37 -4.13
C LEU B 352 31.46 14.16 -4.14
N THR B 353 31.28 13.28 -3.16
CA THR B 353 32.02 12.03 -3.16
C THR B 353 31.71 11.25 -4.44
N GLY B 354 32.60 11.36 -5.44
CA GLY B 354 32.29 10.81 -6.75
C GLY B 354 32.07 9.31 -6.72
N GLY B 355 31.17 8.84 -7.58
CA GLY B 355 30.89 7.43 -7.70
C GLY B 355 29.54 7.01 -7.12
N VAL B 356 29.02 7.79 -6.16
CA VAL B 356 27.75 7.43 -5.54
C VAL B 356 26.64 7.50 -6.57
N LEU B 357 26.68 8.52 -7.43
CA LEU B 357 25.71 8.65 -8.51
C LEU B 357 26.22 8.08 -9.83
N ALA B 358 27.46 7.56 -9.87
CA ALA B 358 28.02 6.98 -11.08
C ALA B 358 27.31 5.70 -11.52
N ASN B 359 26.24 5.31 -10.82
CA ASN B 359 25.43 4.15 -11.15
C ASN B 359 23.99 4.53 -11.44
N ALA B 360 23.73 5.82 -11.65
CA ALA B 360 22.37 6.31 -11.87
C ALA B 360 22.07 6.24 -13.36
N THR B 361 21.50 5.12 -13.77
CA THR B 361 21.15 4.95 -15.17
C THR B 361 19.85 5.65 -15.53
N ASN B 362 18.92 5.76 -14.58
CA ASN B 362 17.66 6.45 -14.79
C ASN B 362 17.68 7.92 -14.38
N LEU B 363 18.80 8.43 -13.83
CA LEU B 363 18.86 9.79 -13.33
C LEU B 363 18.54 10.82 -14.41
N GLN B 364 17.36 11.47 -14.32
CA GLN B 364 16.94 12.43 -15.33
C GLN B 364 17.14 13.87 -14.91
N THR B 365 17.04 14.18 -13.62
CA THR B 365 17.19 15.53 -13.08
C THR B 365 18.16 15.46 -11.91
N LEU B 366 19.17 16.34 -11.94
CA LEU B 366 20.10 16.46 -10.81
C LEU B 366 20.28 17.93 -10.49
N ASP B 367 19.68 18.35 -9.38
CA ASP B 367 19.70 19.74 -8.92
C ASP B 367 20.55 19.78 -7.66
N LEU B 368 21.72 20.39 -7.77
CA LEU B 368 22.63 20.60 -6.64
C LEU B 368 22.97 22.07 -6.56
N SER B 369 21.97 22.91 -6.81
CA SER B 369 22.10 24.36 -6.73
C SER B 369 22.18 24.83 -5.27
N SER B 370 22.80 26.00 -5.08
CA SER B 370 22.94 26.68 -3.79
C SER B 370 23.73 25.81 -2.80
N ASN B 371 24.97 25.50 -3.16
CA ASN B 371 25.86 24.74 -2.31
C ASN B 371 27.23 25.42 -2.32
N GLN B 372 28.24 24.73 -1.80
CA GLN B 372 29.60 25.26 -1.67
C GLN B 372 30.59 24.42 -2.44
N LEU B 373 30.19 23.92 -3.61
CA LEU B 373 31.10 23.13 -4.42
C LEU B 373 32.29 23.99 -4.82
N ARG B 374 33.44 23.35 -4.90
CA ARG B 374 34.63 24.03 -5.38
C ARG B 374 35.15 23.48 -6.70
N VAL B 375 35.05 22.18 -6.91
CA VAL B 375 35.48 21.54 -8.16
C VAL B 375 34.39 20.58 -8.60
N PHE B 376 33.91 20.75 -9.83
CA PHE B 376 32.94 19.83 -10.43
C PHE B 376 33.75 18.72 -11.10
N ARG B 377 33.97 17.64 -10.37
CA ARG B 377 34.87 16.59 -10.83
C ARG B 377 34.23 15.78 -11.96
N ASP B 378 35.00 14.82 -12.47
CA ASP B 378 34.60 13.95 -13.56
C ASP B 378 33.94 12.66 -13.09
N GLU B 379 34.20 12.23 -11.85
CA GLU B 379 33.83 10.90 -11.36
C GLU B 379 32.45 10.83 -10.71
N VAL B 380 31.61 11.83 -10.88
CA VAL B 380 30.33 11.83 -10.17
C VAL B 380 29.23 11.10 -10.95
N LEU B 381 29.18 11.28 -12.27
CA LEU B 381 28.09 10.77 -13.09
C LEU B 381 28.49 9.53 -13.87
N PRO B 382 27.52 8.71 -14.27
CA PRO B 382 27.78 7.67 -15.26
C PRO B 382 27.79 8.26 -16.67
N GLU B 383 28.35 7.49 -17.60
CA GLU B 383 28.68 8.03 -18.92
C GLU B 383 27.43 8.50 -19.67
N ASN B 384 26.32 7.77 -19.55
CA ASN B 384 25.10 8.04 -20.32
C ASN B 384 23.89 8.13 -19.39
N SER B 385 24.02 8.92 -18.33
CA SER B 385 22.88 9.11 -17.43
C SER B 385 21.76 9.82 -18.17
N LYS B 386 20.53 9.52 -17.79
CA LYS B 386 19.37 10.14 -18.44
C LYS B 386 19.22 11.61 -18.04
N ILE B 387 20.30 12.24 -17.58
CA ILE B 387 20.24 13.61 -17.07
C ILE B 387 19.95 14.53 -18.25
N GLY B 388 18.74 15.10 -18.26
CA GLY B 388 18.32 16.06 -19.24
C GLY B 388 18.26 17.42 -18.60
N ASN B 389 18.24 17.41 -17.28
CA ASN B 389 18.28 18.62 -16.48
C ASN B 389 19.46 18.54 -15.53
N LEU B 390 20.37 19.50 -15.65
CA LEU B 390 21.48 19.67 -14.73
C LEU B 390 21.59 21.13 -14.34
N ARG B 391 21.39 21.40 -13.06
CA ARG B 391 21.38 22.74 -12.48
C ARG B 391 22.49 22.80 -11.45
N LEU B 392 23.37 23.80 -11.55
CA LEU B 392 24.56 23.92 -10.67
C LEU B 392 24.85 25.40 -10.40
N SER B 393 23.93 26.07 -9.72
CA SER B 393 24.00 27.50 -9.45
C SER B 393 24.30 27.81 -7.98
N ASN B 394 24.79 29.04 -7.76
CA ASN B 394 25.10 29.61 -6.43
C ASN B 394 26.09 28.77 -5.63
N ASN B 395 27.20 28.45 -6.27
CA ASN B 395 28.31 27.73 -5.67
C ASN B 395 29.57 28.58 -5.77
N SER B 396 30.67 28.07 -5.23
CA SER B 396 31.98 28.68 -5.39
C SER B 396 32.77 28.02 -6.52
N LEU B 397 32.12 27.74 -7.65
CA LEU B 397 32.72 26.92 -8.71
C LEU B 397 33.95 27.59 -9.31
N GLU B 398 35.04 26.82 -9.38
CA GLU B 398 36.30 27.23 -9.97
C GLU B 398 36.70 26.41 -11.19
N LEU B 399 36.22 25.18 -11.32
CA LEU B 399 36.65 24.31 -12.39
C LEU B 399 35.52 23.37 -12.79
N LEU B 400 35.38 23.18 -14.12
CA LEU B 400 34.62 22.09 -14.70
C LEU B 400 35.61 21.29 -15.55
N GLU B 401 36.01 20.11 -15.04
CA GLU B 401 37.02 19.30 -15.70
C GLU B 401 36.46 18.74 -17.03
N PRO B 402 37.34 18.53 -18.04
CA PRO B 402 36.86 18.46 -19.44
C PRO B 402 36.01 17.26 -19.82
N SER B 403 35.62 16.41 -18.87
CA SER B 403 34.88 15.19 -19.19
C SER B 403 33.61 15.02 -18.38
N SER B 404 33.27 15.98 -17.52
CA SER B 404 32.12 15.87 -16.62
C SER B 404 30.80 15.75 -17.37
N LEU B 405 30.74 16.20 -18.62
CA LEU B 405 29.51 16.14 -19.40
C LEU B 405 29.69 15.34 -20.69
N SER B 406 30.69 14.45 -20.73
CA SER B 406 30.97 13.68 -21.94
C SER B 406 29.94 12.59 -22.16
N GLY B 407 29.35 12.58 -23.35
CA GLY B 407 28.38 11.58 -23.76
C GLY B 407 26.97 11.79 -23.26
N LEU B 408 26.70 12.91 -22.59
CA LEU B 408 25.36 13.18 -22.09
C LEU B 408 24.55 13.95 -23.14
N LYS B 409 23.23 13.82 -23.02
CA LYS B 409 22.29 14.50 -23.90
C LYS B 409 21.57 15.60 -23.12
N LEU B 410 22.33 16.46 -22.46
CA LEU B 410 21.73 17.51 -21.64
C LEU B 410 20.89 18.43 -22.52
N GLU B 411 19.71 18.79 -22.03
CA GLU B 411 18.91 19.86 -22.62
C GLU B 411 19.04 21.14 -21.80
N SER B 412 19.15 21.00 -20.49
CA SER B 412 19.22 22.14 -19.57
C SER B 412 20.48 22.02 -18.75
N LEU B 413 21.35 23.02 -18.88
CA LEU B 413 22.62 23.10 -18.15
C LEU B 413 22.66 24.45 -17.46
N ASP B 414 22.73 24.45 -16.14
CA ASP B 414 22.70 25.68 -15.38
C ASP B 414 24.00 25.80 -14.59
N LEU B 415 24.57 27.01 -14.57
CA LEU B 415 25.86 27.27 -13.92
C LEU B 415 26.00 28.74 -13.53
N SER B 416 24.99 29.31 -12.88
CA SER B 416 24.95 30.73 -12.55
C SER B 416 25.49 31.01 -11.14
N HIS B 417 25.70 32.29 -10.85
CA HIS B 417 26.12 32.81 -9.53
C HIS B 417 27.45 32.23 -9.03
N ASN B 418 28.44 32.20 -9.91
CA ASN B 418 29.69 31.55 -9.56
C ASN B 418 30.82 32.59 -9.56
N LYS B 419 32.05 32.08 -9.41
CA LYS B 419 33.26 32.89 -9.48
C LYS B 419 34.07 32.45 -10.68
N LEU B 420 33.40 31.75 -11.60
CA LEU B 420 34.02 31.20 -12.80
C LEU B 420 34.56 32.30 -13.68
N THR B 421 35.69 32.02 -14.30
CA THR B 421 36.23 32.89 -15.33
C THR B 421 36.17 32.30 -16.73
N GLU B 422 35.54 31.13 -16.92
CA GLU B 422 35.50 30.51 -18.25
C GLU B 422 34.30 29.60 -18.41
N VAL B 423 34.15 29.11 -19.64
CA VAL B 423 33.28 28.01 -20.08
C VAL B 423 34.15 26.78 -20.29
N PRO B 424 34.26 25.85 -19.33
CA PRO B 424 35.21 24.73 -19.50
C PRO B 424 34.74 23.73 -20.55
N ALA B 425 35.71 23.15 -21.24
CA ALA B 425 35.46 22.33 -22.43
C ALA B 425 34.52 21.15 -22.16
N ALA B 426 34.12 20.95 -20.91
CA ALA B 426 33.09 19.96 -20.61
C ALA B 426 31.80 20.24 -21.36
N ILE B 427 31.60 21.48 -21.81
CA ILE B 427 30.37 21.90 -22.48
C ILE B 427 30.38 21.63 -23.98
N GLY B 428 31.56 21.40 -24.58
CA GLY B 428 31.60 20.87 -25.93
C GLY B 428 31.32 19.39 -25.99
N LYS B 429 31.31 18.73 -24.82
CA LYS B 429 31.20 17.28 -24.79
C LYS B 429 29.75 16.84 -24.90
N VAL B 430 28.81 17.66 -24.42
CA VAL B 430 27.42 17.39 -24.72
C VAL B 430 27.21 17.71 -26.19
N GLU B 431 26.40 16.90 -26.86
CA GLU B 431 26.05 17.11 -28.25
C GLU B 431 24.61 17.56 -28.42
N GLN B 432 23.81 17.44 -27.36
CA GLN B 432 22.42 17.83 -27.34
C GLN B 432 22.19 19.15 -26.61
N LEU B 433 23.27 19.88 -26.26
CA LEU B 433 23.20 21.01 -25.31
C LEU B 433 22.43 22.20 -25.86
N LYS B 434 21.33 22.52 -25.19
CA LYS B 434 20.39 23.55 -25.63
C LYS B 434 20.32 24.76 -24.71
N LYS B 435 20.89 24.70 -23.51
CA LYS B 435 20.76 25.84 -22.61
C LYS B 435 21.93 25.92 -21.65
N VAL B 436 22.44 27.14 -21.44
CA VAL B 436 23.52 27.40 -20.49
C VAL B 436 23.28 28.74 -19.81
N ASP B 437 23.53 28.80 -18.50
CA ASP B 437 23.34 29.98 -17.67
C ASP B 437 24.66 30.30 -16.97
N LEU B 438 25.16 31.53 -17.16
CA LEU B 438 26.38 32.01 -16.50
C LEU B 438 26.20 33.40 -15.91
N SER B 439 25.10 33.63 -15.23
CA SER B 439 24.86 34.97 -14.70
C SER B 439 25.57 35.15 -13.35
N HIS B 440 25.66 36.42 -12.92
CA HIS B 440 26.23 36.78 -11.61
C HIS B 440 27.66 36.26 -11.42
N ASN B 441 28.44 36.18 -12.49
CA ASN B 441 29.81 35.70 -12.38
C ASN B 441 30.75 36.89 -12.16
N ARG B 442 32.05 36.65 -12.39
CA ARG B 442 33.08 37.68 -12.33
C ARG B 442 33.83 37.71 -13.66
N ILE B 443 33.10 37.39 -14.73
CA ILE B 443 33.65 37.30 -16.07
C ILE B 443 34.09 38.69 -16.53
N ALA B 444 35.33 38.79 -17.00
CA ALA B 444 35.86 40.08 -17.44
C ALA B 444 35.90 40.21 -18.95
N LYS B 445 35.67 39.12 -19.69
CA LYS B 445 35.82 39.10 -21.14
C LYS B 445 35.22 37.80 -21.64
N VAL B 446 34.77 37.82 -22.89
CA VAL B 446 34.26 36.64 -23.57
C VAL B 446 35.11 36.51 -24.83
N TYR B 447 35.92 35.45 -24.87
CA TYR B 447 36.89 35.30 -25.94
C TYR B 447 36.18 34.92 -27.24
N GLN B 448 36.96 34.89 -28.32
CA GLN B 448 36.34 34.67 -29.61
C GLN B 448 36.15 33.17 -29.88
N TYR B 449 37.08 32.35 -29.44
CA TYR B 449 37.07 30.92 -29.76
C TYR B 449 36.20 30.09 -28.81
N VAL B 450 35.82 30.64 -27.66
CA VAL B 450 35.20 29.88 -26.57
C VAL B 450 33.80 29.38 -26.90
N LEU B 451 32.83 30.30 -27.03
CA LEU B 451 31.42 29.97 -27.22
C LEU B 451 31.00 29.90 -28.69
N ASN B 452 31.93 29.70 -29.61
CA ASN B 452 31.60 29.56 -31.02
C ASN B 452 31.63 28.11 -31.50
N LYS B 453 32.54 27.30 -30.96
CA LYS B 453 32.68 25.91 -31.37
C LYS B 453 31.51 25.05 -30.92
N ILE B 454 30.55 25.63 -30.18
CA ILE B 454 29.33 24.95 -29.79
C ILE B 454 28.25 25.48 -30.73
N LYS B 455 27.82 24.64 -31.67
CA LYS B 455 26.81 25.07 -32.62
C LYS B 455 25.38 24.94 -32.07
N GLN B 456 25.09 23.89 -31.30
CA GLN B 456 23.74 23.66 -30.78
C GLN B 456 23.40 24.44 -29.50
N LEU B 457 24.26 25.34 -29.01
CA LEU B 457 23.93 26.09 -27.80
C LEU B 457 22.84 27.10 -28.12
N HIS B 458 21.64 26.86 -27.60
CA HIS B 458 20.46 27.66 -27.95
C HIS B 458 20.26 28.86 -27.04
N THR B 459 20.60 28.76 -25.76
CA THR B 459 20.23 29.79 -24.80
C THR B 459 21.41 30.05 -23.86
N VAL B 460 21.73 31.34 -23.67
CA VAL B 460 22.87 31.82 -22.87
C VAL B 460 22.42 32.91 -21.90
N ASP B 461 23.09 32.96 -20.74
CA ASP B 461 22.82 33.94 -19.70
C ASP B 461 24.14 34.57 -19.28
N LEU B 462 24.24 35.90 -19.40
CA LEU B 462 25.42 36.67 -18.98
C LEU B 462 25.02 37.95 -18.25
N SER B 463 24.02 37.89 -17.38
CA SER B 463 23.62 39.08 -16.65
C SER B 463 24.46 39.22 -15.38
N ASN B 464 24.45 40.44 -14.82
CA ASN B 464 25.15 40.78 -13.57
C ASN B 464 26.66 40.48 -13.64
N ASN B 465 27.26 40.59 -14.81
CA ASN B 465 28.69 40.33 -14.96
C ASN B 465 29.46 41.66 -14.91
N GLN B 466 30.68 41.67 -15.44
CA GLN B 466 31.54 42.85 -15.41
C GLN B 466 32.24 43.04 -16.76
N LEU B 467 31.53 42.74 -17.85
CA LEU B 467 32.01 42.95 -19.21
C LEU B 467 32.19 44.44 -19.51
N GLN B 468 33.23 44.78 -20.27
CA GLN B 468 33.39 46.15 -20.72
C GLN B 468 32.81 46.42 -22.10
N SER B 469 32.63 45.40 -22.93
CA SER B 469 32.09 45.54 -24.28
C SER B 469 31.87 44.13 -24.83
N ILE B 470 31.35 44.06 -26.05
CA ILE B 470 31.09 42.76 -26.70
C ILE B 470 31.98 42.68 -27.93
N GLY B 471 33.09 41.95 -27.80
CA GLY B 471 34.10 41.85 -28.82
C GLY B 471 33.63 41.06 -30.03
N PRO B 472 34.28 41.28 -31.17
CA PRO B 472 33.82 40.68 -32.42
C PRO B 472 34.11 39.20 -32.57
N TYR B 473 33.16 38.52 -33.21
CA TYR B 473 33.19 37.11 -33.61
C TYR B 473 33.22 36.14 -32.43
N ILE B 474 32.97 36.61 -31.21
CA ILE B 474 32.79 35.71 -30.09
C ILE B 474 31.44 35.01 -30.15
N PHE B 475 30.58 35.42 -31.10
CA PHE B 475 29.23 34.88 -31.19
C PHE B 475 28.83 34.42 -32.59
N SER B 476 29.76 34.30 -33.55
CA SER B 476 29.37 34.00 -34.93
C SER B 476 29.02 32.52 -35.14
N ASP B 477 29.99 31.61 -34.90
CA ASP B 477 29.76 30.17 -35.24
C ASP B 477 28.73 29.48 -34.35
N SER B 478 27.91 30.17 -33.57
CA SER B 478 26.81 29.52 -32.86
C SER B 478 25.50 29.83 -33.58
N SER B 479 25.33 29.22 -34.76
CA SER B 479 24.19 29.51 -35.62
C SER B 479 22.90 28.80 -35.16
N GLU B 480 22.81 28.35 -33.90
CA GLU B 480 21.55 27.86 -33.34
C GLU B 480 21.08 28.63 -32.10
N LEU B 481 21.61 29.83 -31.87
CA LEU B 481 21.26 30.63 -30.69
C LEU B 481 19.85 31.22 -30.81
N HIS B 482 19.13 31.32 -29.66
CA HIS B 482 17.75 31.83 -29.63
C HIS B 482 17.49 32.94 -28.61
N SER B 483 18.11 32.88 -27.43
CA SER B 483 17.90 33.89 -26.39
C SER B 483 19.24 34.29 -25.78
N LEU B 484 19.40 35.59 -25.52
CA LEU B 484 20.62 36.07 -24.89
C LEU B 484 20.33 37.16 -23.87
N ASP B 485 20.99 37.05 -22.72
CA ASP B 485 20.92 38.04 -21.64
C ASP B 485 22.34 38.50 -21.30
N VAL B 486 22.60 39.80 -21.47
CA VAL B 486 23.87 40.38 -21.02
C VAL B 486 23.52 41.66 -20.28
N SER B 487 22.45 41.62 -19.50
CA SER B 487 21.97 42.79 -18.77
C SER B 487 22.78 43.01 -17.49
N ASN B 488 22.76 44.25 -17.02
CA ASN B 488 23.41 44.66 -15.77
C ASN B 488 24.93 44.38 -15.79
N ASN B 489 25.61 44.91 -16.83
CA ASN B 489 27.06 44.85 -16.99
C ASN B 489 27.70 46.23 -16.96
N GLU B 490 28.85 46.36 -17.64
CA GLU B 490 29.54 47.63 -17.84
C GLU B 490 29.79 47.90 -19.33
N ILE B 491 29.01 47.26 -20.21
CA ILE B 491 29.20 47.33 -21.65
C ILE B 491 29.13 48.79 -22.08
N SER B 492 30.27 49.35 -22.48
CA SER B 492 30.34 50.74 -22.94
C SER B 492 30.44 50.84 -24.46
N LEU B 493 30.54 49.72 -25.17
CA LEU B 493 30.83 49.78 -26.59
C LEU B 493 30.39 48.46 -27.24
N LEU B 494 29.86 48.56 -28.46
CA LEU B 494 29.40 47.41 -29.22
C LEU B 494 30.10 47.40 -30.56
N PHE B 495 30.92 46.36 -30.79
CA PHE B 495 31.68 46.23 -32.02
C PHE B 495 30.81 45.74 -33.17
N LYS B 496 31.10 46.25 -34.37
CA LYS B 496 30.14 46.16 -35.47
C LYS B 496 29.78 44.73 -35.82
N ASP B 497 30.73 43.80 -35.70
CA ASP B 497 30.51 42.41 -36.07
C ASP B 497 30.13 41.51 -34.90
N ALA B 498 29.87 42.09 -33.72
CA ALA B 498 29.67 41.29 -32.51
C ALA B 498 28.52 40.29 -32.67
N PHE B 499 27.49 40.66 -33.42
CA PHE B 499 26.27 39.86 -33.52
C PHE B 499 25.91 39.66 -34.99
N ALA B 500 26.62 38.73 -35.62
CA ALA B 500 26.27 38.18 -36.92
C ALA B 500 26.37 36.65 -36.84
N ARG B 501 25.91 35.99 -37.90
CA ARG B 501 26.10 34.55 -38.11
C ARG B 501 25.26 33.66 -37.19
N CYS B 502 24.12 34.14 -36.71
CA CYS B 502 23.19 33.33 -35.92
C CYS B 502 21.78 33.69 -36.36
N PRO B 503 21.34 33.19 -37.53
CA PRO B 503 20.05 33.62 -38.08
C PRO B 503 18.85 33.04 -37.34
N LYS B 504 19.04 32.60 -36.09
CA LYS B 504 17.95 32.13 -35.26
C LYS B 504 17.81 32.89 -33.94
N LEU B 505 18.79 33.70 -33.55
CA LEU B 505 18.75 34.49 -32.32
C LEU B 505 17.66 35.56 -32.39
N ARG B 506 16.73 35.53 -31.41
CA ARG B 506 15.55 36.37 -31.44
C ARG B 506 15.31 37.18 -30.16
N LYS B 507 16.12 37.00 -29.12
CA LYS B 507 15.92 37.64 -27.82
C LYS B 507 17.26 38.14 -27.28
N ILE B 508 17.32 39.43 -26.93
CA ILE B 508 18.53 40.06 -26.38
C ILE B 508 18.12 40.98 -25.24
N SER B 509 18.89 40.97 -24.15
CA SER B 509 18.67 41.88 -23.03
C SER B 509 19.98 42.56 -22.67
N MET B 510 20.00 43.89 -22.73
CA MET B 510 21.19 44.65 -22.36
C MET B 510 20.84 45.78 -21.41
N LYS B 511 19.83 45.60 -20.57
CA LYS B 511 19.45 46.68 -19.68
C LYS B 511 20.51 46.87 -18.60
N MET B 512 20.58 48.09 -18.08
CA MET B 512 21.48 48.45 -16.99
C MET B 512 22.94 48.36 -17.43
N ASN B 513 23.34 49.18 -18.41
CA ASN B 513 24.70 49.14 -18.94
C ASN B 513 25.22 50.57 -19.10
N LYS B 514 26.28 50.73 -19.92
CA LYS B 514 26.79 52.05 -20.30
C LYS B 514 26.90 52.21 -21.83
N ILE B 515 26.06 51.51 -22.58
CA ILE B 515 26.01 51.66 -24.04
C ILE B 515 25.68 53.11 -24.33
N LYS B 516 26.65 53.87 -24.86
CA LYS B 516 26.41 55.28 -25.14
C LYS B 516 25.76 55.51 -26.49
N SER B 517 25.63 54.47 -27.28
CA SER B 517 24.96 54.53 -28.58
C SER B 517 24.73 53.10 -29.02
N LEU B 518 23.65 52.87 -29.76
CA LEU B 518 23.36 51.56 -30.29
C LEU B 518 23.79 51.44 -31.74
N ASP B 519 24.63 52.36 -32.19
CA ASP B 519 25.10 52.39 -33.57
C ASP B 519 26.10 51.27 -33.81
N GLU B 520 26.02 50.69 -35.01
CA GLU B 520 26.97 49.70 -35.52
C GLU B 520 26.79 48.36 -34.82
N GLY B 521 26.50 48.38 -33.51
CA GLY B 521 26.60 47.17 -32.70
C GLY B 521 25.55 46.10 -32.97
N LEU B 522 24.38 46.48 -33.50
CA LEU B 522 23.29 45.53 -33.74
C LEU B 522 22.75 45.53 -35.16
N THR B 523 23.37 46.26 -36.09
CA THR B 523 22.82 46.37 -37.45
C THR B 523 22.79 45.03 -38.18
N GLU B 524 23.56 44.03 -37.75
CA GLU B 524 23.77 42.84 -38.56
C GLU B 524 22.87 41.66 -38.20
N ALA B 525 22.46 41.51 -36.94
CA ALA B 525 21.59 40.39 -36.56
C ALA B 525 20.18 40.64 -37.10
N SER B 526 19.97 40.31 -38.38
CA SER B 526 18.70 40.54 -39.03
C SER B 526 17.67 39.46 -38.69
N GLY B 527 17.84 38.77 -37.56
CA GLY B 527 16.86 37.81 -37.08
C GLY B 527 16.27 38.17 -35.72
N LEU B 528 16.64 39.33 -35.19
CA LEU B 528 16.20 39.75 -33.86
C LEU B 528 14.76 40.23 -33.89
N ARG B 529 14.04 40.00 -32.79
CA ARG B 529 12.63 40.39 -32.66
C ARG B 529 12.38 41.23 -31.41
N ARG B 530 13.15 40.99 -30.34
CA ARG B 530 12.97 41.70 -29.08
C ARG B 530 14.33 42.18 -28.58
N LEU B 531 14.47 43.50 -28.43
CA LEU B 531 15.70 44.16 -28.01
C LEU B 531 15.49 44.90 -26.69
N ASP B 532 16.47 44.80 -25.79
CA ASP B 532 16.39 45.45 -24.49
C ASP B 532 17.62 46.33 -24.31
N VAL B 533 17.37 47.64 -24.14
CA VAL B 533 18.42 48.62 -23.94
C VAL B 533 17.99 49.59 -22.84
N SER B 534 17.18 49.11 -21.89
CA SER B 534 16.72 49.96 -20.80
C SER B 534 17.87 50.26 -19.83
N HIS B 535 17.74 51.38 -19.10
CA HIS B 535 18.73 51.83 -18.12
C HIS B 535 20.14 51.89 -18.70
N ASN B 536 20.31 52.78 -19.71
CA ASN B 536 21.59 52.95 -20.40
C ASN B 536 22.03 54.42 -20.44
N GLU B 537 22.80 54.79 -21.48
CA GLU B 537 23.24 56.17 -21.70
C GLU B 537 23.06 56.59 -23.16
N ILE B 538 22.06 56.02 -23.83
CA ILE B 538 21.84 56.28 -25.25
C ILE B 538 21.36 57.71 -25.41
N LEU B 539 22.16 58.53 -26.08
CA LEU B 539 21.78 59.94 -26.22
C LEU B 539 20.74 60.11 -27.31
N VAL B 540 20.98 59.52 -28.49
CA VAL B 540 20.02 59.53 -29.57
C VAL B 540 19.76 58.08 -29.97
N LEU B 541 18.52 57.82 -30.37
CA LEU B 541 18.09 56.51 -30.83
C LEU B 541 17.95 56.65 -32.34
N LYS B 542 18.85 56.00 -33.08
CA LYS B 542 18.78 55.97 -34.53
C LYS B 542 18.03 54.73 -34.99
N TRP B 543 16.96 54.95 -35.75
CA TRP B 543 16.13 53.86 -36.26
C TRP B 543 16.88 53.05 -37.29
N SER B 544 17.75 53.71 -38.05
CA SER B 544 18.57 53.02 -39.04
C SER B 544 19.57 52.06 -38.40
N ALA B 545 19.92 52.28 -37.13
CA ALA B 545 20.91 51.46 -36.42
C ALA B 545 20.31 50.26 -35.70
N LEU B 546 19.14 49.80 -36.11
CA LEU B 546 18.44 48.71 -35.44
C LEU B 546 18.37 47.52 -36.39
N PRO B 547 18.13 46.31 -35.87
CA PRO B 547 17.90 45.18 -36.77
C PRO B 547 16.65 45.42 -37.61
N GLU B 548 16.47 44.56 -38.60
CA GLU B 548 15.41 44.77 -39.58
C GLU B 548 14.15 43.97 -39.29
N ASN B 549 14.15 43.12 -38.25
CA ASN B 549 12.96 42.35 -37.96
C ASN B 549 12.49 42.51 -36.52
N LEU B 550 12.98 43.55 -35.83
CA LEU B 550 12.66 43.81 -34.43
C LEU B 550 11.18 44.13 -34.24
N GLU B 551 10.56 43.48 -33.25
CA GLU B 551 9.16 43.67 -32.93
C GLU B 551 8.93 44.23 -31.54
N ILE B 552 9.87 44.06 -30.61
CA ILE B 552 9.79 44.63 -29.27
C ILE B 552 11.06 45.42 -29.01
N LEU B 553 10.89 46.68 -28.60
CA LEU B 553 12.00 47.54 -28.23
C LEU B 553 11.75 48.09 -26.85
N ASN B 554 12.81 48.20 -26.04
CA ASN B 554 12.70 48.71 -24.67
C ASN B 554 13.88 49.63 -24.39
N ALA B 555 13.61 50.92 -24.30
CA ALA B 555 14.63 51.89 -23.93
C ALA B 555 14.11 52.73 -22.75
N ASP B 556 13.85 52.04 -21.62
CA ASP B 556 13.28 52.67 -20.44
C ASP B 556 14.38 53.30 -19.60
N ASN B 557 14.09 54.47 -19.03
CA ASN B 557 14.99 55.15 -18.07
C ASN B 557 16.35 55.49 -18.69
N ASN B 558 16.37 55.80 -19.98
CA ASN B 558 17.58 56.16 -20.70
C ASN B 558 17.81 57.67 -20.61
N ASP B 559 18.68 58.21 -21.46
CA ASP B 559 18.89 59.65 -21.59
C ASP B 559 18.40 60.18 -22.93
N ILE B 560 17.58 59.38 -23.63
CA ILE B 560 17.16 59.68 -25.01
C ILE B 560 16.48 61.03 -25.08
N ASN B 561 17.03 61.92 -25.92
CA ASN B 561 16.57 63.28 -26.07
C ASN B 561 16.28 63.65 -27.53
N LEU B 562 16.38 62.68 -28.44
CA LEU B 562 16.21 62.93 -29.86
C LEU B 562 15.73 61.67 -30.56
N LEU B 563 14.85 61.85 -31.55
CA LEU B 563 14.35 60.78 -32.38
C LEU B 563 14.72 61.05 -33.84
N THR B 564 15.35 60.07 -34.47
CA THR B 564 15.79 60.18 -35.85
C THR B 564 14.65 59.81 -36.80
N ALA B 565 14.92 59.84 -38.11
CA ALA B 565 13.92 59.52 -39.13
C ALA B 565 13.68 58.01 -39.20
N ALA B 566 12.60 57.55 -38.56
CA ALA B 566 12.15 56.17 -38.72
C ALA B 566 11.29 55.97 -39.96
N SER B 567 10.99 57.03 -40.71
CA SER B 567 10.20 56.89 -41.92
C SER B 567 11.05 56.76 -43.17
N MET B 568 12.27 57.33 -43.18
CA MET B 568 13.22 57.12 -44.25
C MET B 568 14.19 55.98 -43.92
N SER B 569 13.79 55.10 -43.02
CA SER B 569 14.58 53.94 -42.61
C SER B 569 13.71 52.69 -42.79
N PRO B 570 14.14 51.71 -43.58
CA PRO B 570 13.30 50.52 -43.78
C PRO B 570 13.20 49.65 -42.55
N SER B 571 14.00 49.93 -41.51
CA SER B 571 14.07 49.12 -40.30
C SER B 571 12.91 49.36 -39.32
N THR B 572 11.70 49.59 -39.82
CA THR B 572 10.54 49.82 -38.97
C THR B 572 9.38 48.88 -39.23
N ALA B 573 9.38 48.17 -40.36
CA ALA B 573 8.20 47.44 -40.82
C ALA B 573 7.72 46.40 -39.81
N ASN B 574 8.56 45.97 -38.88
CA ASN B 574 8.19 44.88 -37.97
C ASN B 574 8.03 45.32 -36.51
N LEU B 575 8.20 46.60 -36.20
CA LEU B 575 8.10 47.05 -34.81
C LEU B 575 6.64 47.08 -34.35
N LYS B 576 6.33 46.35 -33.28
CA LYS B 576 4.99 46.21 -32.72
C LYS B 576 4.82 46.91 -31.38
N SER B 577 5.74 46.70 -30.44
CA SER B 577 5.75 47.39 -29.16
C SER B 577 7.07 48.15 -28.98
N VAL B 578 6.98 49.31 -28.33
CA VAL B 578 8.14 50.17 -28.04
C VAL B 578 7.86 50.87 -26.72
N SER B 579 8.86 50.88 -25.84
CA SER B 579 8.74 51.58 -24.57
C SER B 579 9.94 52.51 -24.41
N LEU B 580 9.69 53.81 -24.43
CA LEU B 580 10.70 54.84 -24.19
C LEU B 580 10.34 55.62 -22.92
N SER B 581 9.93 54.92 -21.88
CA SER B 581 9.43 55.58 -20.67
C SER B 581 10.58 56.07 -19.78
N ASN B 582 10.28 57.13 -19.02
CA ASN B 582 11.22 57.72 -18.07
C ASN B 582 12.51 58.20 -18.76
N ASN B 583 12.32 58.97 -19.84
CA ASN B 583 13.39 59.53 -20.68
C ASN B 583 13.44 61.06 -20.69
N GLY B 584 13.89 61.63 -21.81
CA GLY B 584 13.99 63.08 -21.98
C GLY B 584 13.63 63.63 -23.35
N ILE B 585 12.86 62.85 -24.12
CA ILE B 585 12.40 63.26 -25.44
C ILE B 585 11.43 64.43 -25.29
N THR B 586 11.73 65.55 -25.95
CA THR B 586 10.89 66.74 -25.84
C THR B 586 9.97 66.98 -27.04
N ILE B 587 10.24 66.34 -28.18
CA ILE B 587 9.47 66.56 -29.41
C ILE B 587 9.22 65.23 -30.10
N MET B 588 8.04 65.11 -30.71
CA MET B 588 7.65 63.99 -31.57
C MET B 588 6.87 64.51 -32.77
N ASN B 589 7.33 64.13 -33.98
CA ASN B 589 6.69 64.50 -35.24
C ASN B 589 6.09 63.28 -35.94
N ALA B 590 5.66 63.46 -37.19
CA ALA B 590 5.12 62.34 -37.96
C ALA B 590 6.21 61.42 -38.48
N ASP B 591 7.33 61.98 -38.98
CA ASP B 591 8.39 61.18 -39.59
C ASP B 591 9.30 60.47 -38.58
N GLN B 592 9.27 60.87 -37.31
CA GLN B 592 10.08 60.29 -36.24
C GLN B 592 9.41 59.08 -35.59
N ILE B 593 8.20 58.75 -36.03
CA ILE B 593 7.33 57.71 -35.50
C ILE B 593 7.33 56.55 -36.50
N PRO B 594 7.88 55.38 -36.15
CA PRO B 594 7.69 54.21 -37.03
C PRO B 594 6.21 54.00 -37.24
N ASN B 595 5.81 53.73 -38.48
CA ASN B 595 4.39 53.82 -38.81
C ASN B 595 3.60 52.57 -38.40
N SER B 596 4.27 51.44 -38.17
CA SER B 596 3.62 50.16 -37.90
C SER B 596 3.55 49.79 -36.42
N LEU B 597 3.86 50.72 -35.50
CA LEU B 597 3.82 50.41 -34.08
C LEU B 597 2.39 50.21 -33.56
N GLU B 598 2.18 49.14 -32.78
CA GLU B 598 0.90 48.90 -32.11
C GLU B 598 0.88 49.33 -30.65
N SER B 599 2.05 49.60 -30.06
CA SER B 599 2.14 50.10 -28.70
C SER B 599 3.28 51.10 -28.67
N LEU B 600 3.09 52.18 -27.94
CA LEU B 600 4.13 53.21 -27.80
C LEU B 600 3.98 53.80 -26.43
N ASP B 601 5.09 53.87 -25.69
CA ASP B 601 5.08 54.34 -24.30
C ASP B 601 6.14 55.42 -24.20
N VAL B 602 5.70 56.69 -24.17
CA VAL B 602 6.59 57.83 -24.00
C VAL B 602 6.20 58.54 -22.72
N SER B 603 6.03 57.77 -21.66
CA SER B 603 5.61 58.31 -20.37
C SER B 603 6.82 58.83 -19.59
N ASN B 604 6.56 59.81 -18.72
CA ASN B 604 7.57 60.37 -17.84
C ASN B 604 8.70 61.08 -18.60
N ASN B 605 8.34 61.78 -19.70
CA ASN B 605 9.24 62.51 -20.60
C ASN B 605 9.12 64.05 -20.44
N ARG B 606 9.63 64.79 -21.43
CA ARG B 606 9.45 66.24 -21.57
C ARG B 606 8.80 66.64 -22.90
N LEU B 607 7.86 65.82 -23.37
CA LEU B 607 7.09 66.11 -24.58
C LEU B 607 6.28 67.38 -24.42
N ALA B 608 6.77 68.49 -24.96
CA ALA B 608 6.00 69.73 -24.91
C ALA B 608 5.07 69.86 -26.12
N LYS B 609 5.59 69.53 -27.31
CA LYS B 609 4.82 69.56 -28.54
C LYS B 609 4.41 68.16 -28.96
N LEU B 610 3.31 68.11 -29.72
CA LEU B 610 2.85 66.91 -30.41
C LEU B 610 2.54 67.30 -31.85
N GLY B 611 3.27 66.72 -32.80
CA GLY B 611 3.14 67.04 -34.21
C GLY B 611 1.73 67.10 -34.76
N LYS B 612 1.46 67.99 -35.72
CA LYS B 612 0.08 68.23 -36.13
C LYS B 612 -0.43 67.16 -37.09
N THR B 613 0.40 66.18 -37.45
CA THR B 613 0.00 64.96 -38.18
C THR B 613 0.69 63.73 -37.62
N ALA B 614 1.04 63.74 -36.33
CA ALA B 614 1.94 62.73 -35.78
C ALA B 614 1.35 61.32 -35.86
N LEU B 615 0.05 61.17 -35.63
CA LEU B 615 -0.58 59.86 -35.67
C LEU B 615 -1.49 59.66 -36.89
N ALA B 616 -1.35 60.49 -37.92
CA ALA B 616 -2.24 60.38 -39.08
C ALA B 616 -2.04 59.07 -39.82
N ALA B 617 -0.83 58.83 -40.34
CA ALA B 617 -0.51 57.65 -41.13
C ALA B 617 -0.02 56.46 -40.29
N LYS B 618 -0.23 56.48 -38.96
CA LYS B 618 0.20 55.39 -38.08
C LYS B 618 -0.98 54.45 -37.78
N SER B 619 -1.53 53.87 -38.85
CA SER B 619 -2.80 53.16 -38.77
C SER B 619 -2.82 51.95 -37.83
N GLN B 620 -1.67 51.44 -37.38
CA GLN B 620 -1.64 50.18 -36.63
C GLN B 620 -1.77 50.33 -35.12
N LEU B 621 -1.62 51.53 -34.56
CA LEU B 621 -1.52 51.65 -33.11
C LEU B 621 -2.84 51.31 -32.39
N ARG B 622 -2.70 50.80 -31.17
CA ARG B 622 -3.79 50.46 -30.26
C ARG B 622 -3.57 51.08 -28.88
N ARG B 623 -2.31 51.29 -28.50
CA ARG B 623 -1.98 51.85 -27.20
C ARG B 623 -1.02 53.04 -27.37
N LEU B 624 -1.17 54.01 -26.48
CA LEU B 624 -0.46 55.28 -26.58
C LEU B 624 -0.39 55.86 -25.17
N ASN B 625 0.83 56.09 -24.67
CA ASN B 625 1.03 56.52 -23.29
C ASN B 625 1.76 57.87 -23.26
N LEU B 626 1.03 58.93 -22.91
CA LEU B 626 1.62 60.26 -22.74
C LEU B 626 1.60 60.69 -21.27
N LYS B 627 1.73 59.74 -20.34
CA LYS B 627 1.55 60.01 -18.92
C LYS B 627 2.80 60.66 -18.31
N GLY B 628 2.60 61.72 -17.54
CA GLY B 628 3.73 62.40 -16.92
C GLY B 628 4.55 63.28 -17.85
N ASN B 629 3.99 63.73 -18.97
CA ASN B 629 4.69 64.58 -19.93
C ASN B 629 4.42 66.06 -19.61
N LEU B 630 4.84 66.95 -20.51
CA LEU B 630 4.60 68.38 -20.36
C LEU B 630 3.82 68.94 -21.56
N LEU B 631 2.79 68.20 -21.98
CA LEU B 631 1.90 68.65 -23.06
C LEU B 631 0.90 69.66 -22.52
N THR B 632 0.49 70.59 -23.37
CA THR B 632 -0.51 71.59 -23.00
C THR B 632 -1.66 71.64 -24.00
N VAL B 633 -1.31 71.93 -25.26
CA VAL B 633 -2.26 71.96 -26.38
C VAL B 633 -1.96 70.73 -27.23
N VAL B 634 -2.71 69.65 -27.00
CA VAL B 634 -2.61 68.41 -27.78
C VAL B 634 -3.78 68.36 -28.73
N ALA B 635 -3.54 68.70 -30.01
CA ALA B 635 -4.63 68.88 -30.95
C ALA B 635 -5.34 67.57 -31.23
N THR B 636 -6.55 67.69 -31.80
CA THR B 636 -7.36 66.53 -32.17
C THR B 636 -6.75 65.85 -33.39
N GLU B 637 -6.00 66.62 -34.19
CA GLU B 637 -5.37 66.16 -35.43
C GLU B 637 -4.05 65.42 -35.22
N SER B 638 -3.47 65.55 -34.02
CA SER B 638 -2.31 64.79 -33.59
C SER B 638 -2.71 63.43 -33.06
N MET B 639 -4.02 63.20 -32.93
CA MET B 639 -4.56 61.93 -32.47
C MET B 639 -5.55 61.34 -33.45
N LYS B 640 -5.88 62.05 -34.53
CA LYS B 640 -6.79 61.53 -35.55
C LYS B 640 -5.99 60.63 -36.49
N VAL B 641 -6.27 59.32 -36.41
CA VAL B 641 -5.54 58.30 -37.16
C VAL B 641 -6.31 58.01 -38.43
N VAL B 642 -5.66 58.19 -39.58
CA VAL B 642 -6.32 58.05 -40.87
C VAL B 642 -6.69 56.57 -41.06
N GLU B 643 -8.00 56.28 -40.96
CA GLU B 643 -8.56 54.96 -41.25
C GLU B 643 -8.00 53.86 -40.34
N ALA B 644 -7.93 54.17 -39.05
CA ALA B 644 -7.59 53.22 -38.00
C ALA B 644 -8.79 52.35 -37.66
N VAL B 645 -8.56 51.03 -37.54
CA VAL B 645 -9.69 50.12 -37.31
C VAL B 645 -10.12 50.06 -35.84
N HIS B 646 -9.22 50.33 -34.89
CA HIS B 646 -9.55 50.22 -33.47
C HIS B 646 -9.63 51.58 -32.79
N PRO B 647 -10.33 51.65 -31.65
CA PRO B 647 -10.26 52.86 -30.82
C PRO B 647 -8.86 53.00 -30.24
N LEU B 648 -8.35 54.22 -30.29
CA LEU B 648 -7.03 54.54 -29.76
C LEU B 648 -7.14 54.78 -28.25
N LYS B 649 -6.62 53.85 -27.45
CA LYS B 649 -6.60 54.05 -26.01
C LYS B 649 -5.43 54.97 -25.63
N VAL B 650 -5.68 55.87 -24.69
CA VAL B 650 -4.71 56.91 -24.37
C VAL B 650 -4.64 57.08 -22.86
N GLU B 651 -3.42 57.22 -22.35
CA GLU B 651 -3.17 57.70 -20.99
C GLU B 651 -2.62 59.11 -21.13
N ILE B 652 -3.40 60.11 -20.70
CA ILE B 652 -2.94 61.49 -20.82
C ILE B 652 -3.11 62.15 -19.46
N SER B 653 -3.28 61.32 -18.43
CA SER B 653 -3.24 61.84 -17.08
C SER B 653 -1.84 62.34 -16.78
N GLU B 654 -1.71 63.19 -15.75
CA GLU B 654 -0.43 63.77 -15.38
C GLU B 654 0.12 64.67 -16.49
N ASN B 655 -0.73 65.57 -17.02
CA ASN B 655 -0.35 66.51 -18.10
C ASN B 655 -0.89 67.91 -17.77
N PRO B 656 -0.07 68.98 -17.93
CA PRO B 656 -0.59 70.36 -17.78
C PRO B 656 -1.32 70.89 -19.01
N LEU B 657 -2.39 70.20 -19.40
CA LEU B 657 -3.23 70.61 -20.51
C LEU B 657 -4.13 71.76 -20.08
N ILE B 658 -4.69 72.45 -21.07
CA ILE B 658 -5.77 73.41 -20.81
C ILE B 658 -6.98 72.93 -21.61
N CYS B 659 -8.14 72.99 -20.97
CA CYS B 659 -9.35 72.42 -21.56
C CYS B 659 -9.99 73.47 -22.46
N ASP B 660 -9.66 73.38 -23.72
CA ASP B 660 -10.23 74.17 -24.79
C ASP B 660 -10.98 73.24 -25.74
N CYS B 661 -11.45 73.81 -26.84
CA CYS B 661 -12.16 73.06 -27.87
C CYS B 661 -11.23 72.23 -28.76
N GLN B 662 -9.90 72.40 -28.70
CA GLN B 662 -9.03 71.61 -29.55
C GLN B 662 -8.81 70.18 -29.07
N MET B 663 -9.15 69.86 -27.82
CA MET B 663 -9.05 68.47 -27.34
C MET B 663 -10.27 67.65 -27.74
N GLY B 664 -10.85 67.89 -28.92
CA GLY B 664 -12.15 67.31 -29.27
C GLY B 664 -12.26 65.83 -29.01
N TRP B 665 -11.14 65.11 -29.10
CA TRP B 665 -11.16 63.68 -28.85
C TRP B 665 -11.32 63.31 -27.38
N MET B 666 -11.07 64.26 -26.47
CA MET B 666 -11.13 63.92 -25.04
C MET B 666 -12.55 63.64 -24.58
N ILE B 667 -13.56 64.21 -25.27
CA ILE B 667 -14.95 63.88 -24.99
C ILE B 667 -15.38 62.60 -25.71
N GLY B 668 -14.52 62.05 -26.57
CA GLY B 668 -14.89 60.92 -27.40
C GLY B 668 -15.62 61.32 -28.66
N GLY B 669 -15.51 62.60 -29.04
CA GLY B 669 -16.07 63.15 -30.27
C GLY B 669 -15.15 63.13 -31.48
N ALA B 670 -14.19 62.21 -31.51
CA ALA B 670 -13.22 62.10 -32.61
C ALA B 670 -13.33 60.73 -33.26
N LYS B 671 -12.68 60.60 -34.41
CA LYS B 671 -12.62 59.34 -35.15
C LYS B 671 -11.14 59.05 -35.42
N PRO B 672 -10.53 58.05 -34.75
CA PRO B 672 -11.11 57.01 -33.90
C PRO B 672 -11.60 57.51 -32.57
N LYS B 673 -12.60 56.83 -32.03
CA LYS B 673 -13.17 57.22 -30.74
C LYS B 673 -12.07 56.94 -29.74
N VAL B 674 -11.37 58.00 -29.30
CA VAL B 674 -10.25 57.84 -28.38
C VAL B 674 -10.76 57.51 -26.98
N LEU B 675 -10.31 56.37 -26.45
CA LEU B 675 -10.79 55.86 -25.15
C LEU B 675 -9.65 55.96 -24.15
N ILE B 676 -9.74 56.90 -23.22
CA ILE B 676 -8.71 57.10 -22.20
C ILE B 676 -8.94 56.09 -21.09
N GLN B 677 -7.89 55.35 -20.71
CA GLN B 677 -8.06 54.37 -19.64
C GLN B 677 -8.22 55.05 -18.28
N ASP B 678 -7.37 56.04 -17.98
CA ASP B 678 -7.40 56.67 -16.65
C ASP B 678 -8.05 58.05 -16.71
N SER B 679 -9.23 58.14 -17.32
CA SER B 679 -9.93 59.41 -17.40
C SER B 679 -10.37 59.93 -16.03
N GLU B 680 -10.45 59.04 -15.03
CA GLU B 680 -10.90 59.38 -13.68
C GLU B 680 -9.86 60.12 -12.86
N THR B 681 -8.59 60.11 -13.29
CA THR B 681 -7.55 60.90 -12.67
C THR B 681 -6.95 61.93 -13.61
N ALA B 682 -7.18 61.80 -14.92
CA ALA B 682 -6.70 62.78 -15.88
C ALA B 682 -7.38 64.13 -15.63
N SER B 683 -6.58 65.19 -15.49
CA SER B 683 -7.10 66.52 -15.18
C SER B 683 -6.47 67.58 -16.09
N CYS B 684 -7.15 68.72 -16.20
CA CYS B 684 -6.73 69.89 -16.98
C CYS B 684 -7.17 71.16 -16.26
N SER B 685 -6.66 72.30 -16.69
CA SER B 685 -7.12 73.58 -16.18
C SER B 685 -8.16 74.22 -17.10
N HIS B 686 -8.94 75.13 -16.51
CA HIS B 686 -10.00 75.83 -17.23
C HIS B 686 -9.41 76.90 -18.16
N ALA B 687 -10.16 77.26 -19.21
CA ALA B 687 -9.75 78.25 -20.19
C ALA B 687 -10.11 79.69 -19.80
N VAL B 688 -10.96 79.89 -18.80
CA VAL B 688 -11.39 81.21 -18.35
C VAL B 688 -10.71 81.59 -17.03
N ASP B 689 -10.97 80.82 -15.96
CA ASP B 689 -10.30 81.05 -14.68
C ASP B 689 -9.17 80.04 -14.42
N GLY B 690 -9.31 78.80 -14.89
CA GLY B 690 -8.24 77.83 -14.82
C GLY B 690 -8.36 76.73 -13.78
N HIS B 691 -9.55 76.50 -13.21
CA HIS B 691 -9.65 75.46 -12.19
C HIS B 691 -9.64 74.07 -12.84
N GLN B 692 -9.34 73.07 -12.02
CA GLN B 692 -9.06 71.75 -12.54
C GLN B 692 -10.35 71.00 -12.80
N ILE B 693 -10.43 70.39 -13.99
CA ILE B 693 -11.59 69.63 -14.43
C ILE B 693 -11.22 68.17 -14.60
N GLN B 694 -12.11 67.28 -14.20
CA GLN B 694 -11.92 65.86 -14.50
C GLN B 694 -12.42 65.56 -15.91
N ILE B 695 -11.54 64.97 -16.73
CA ILE B 695 -11.95 64.56 -18.08
C ILE B 695 -13.05 63.52 -17.98
N GLN B 696 -13.18 62.85 -16.82
CA GLN B 696 -14.29 61.93 -16.59
C GLN B 696 -15.63 62.64 -16.74
N SER B 697 -15.81 63.76 -16.03
CA SER B 697 -16.99 64.61 -16.15
C SER B 697 -16.70 65.86 -16.98
N LEU B 698 -15.74 65.79 -17.90
CA LEU B 698 -15.43 66.88 -18.81
C LEU B 698 -16.61 67.16 -19.73
N SER B 699 -17.01 68.42 -19.83
CA SER B 699 -18.14 68.75 -20.69
C SER B 699 -17.63 69.37 -22.00
N LYS B 700 -18.51 69.33 -23.00
CA LYS B 700 -18.21 69.80 -24.35
C LYS B 700 -18.09 71.32 -24.42
N LYS B 701 -18.49 72.04 -23.37
CA LYS B 701 -18.40 73.49 -23.32
C LYS B 701 -16.96 73.99 -23.17
N ASP B 702 -16.06 73.18 -22.65
CA ASP B 702 -14.69 73.62 -22.39
C ASP B 702 -13.84 73.70 -23.66
N TYR B 707 -10.72 84.97 -29.31
CA TYR B 707 -10.66 85.67 -30.58
C TYR B 707 -10.73 87.18 -30.42
N LYS B 708 -10.36 87.91 -31.48
CA LYS B 708 -10.66 89.33 -31.61
C LYS B 708 -11.43 89.65 -32.87
N SER B 709 -11.40 88.75 -33.84
CA SER B 709 -12.24 88.77 -35.04
C SER B 709 -12.22 87.35 -35.56
N VAL B 710 -13.35 86.90 -36.10
CA VAL B 710 -13.47 85.51 -36.50
C VAL B 710 -14.65 85.44 -37.46
N CYS B 711 -14.78 84.30 -38.14
CA CYS B 711 -15.87 84.14 -39.08
C CYS B 711 -16.45 82.73 -38.97
N GLU B 712 -17.78 82.62 -39.00
CA GLU B 712 -18.39 81.30 -38.96
C GLU B 712 -17.97 80.51 -40.18
N PRO B 713 -18.13 79.19 -40.16
CA PRO B 713 -17.83 78.41 -41.37
C PRO B 713 -18.74 78.81 -42.52
N GLU B 714 -18.19 78.80 -43.73
CA GLU B 714 -18.91 79.15 -44.96
C GLU B 714 -19.36 80.62 -44.96
N CYS B 715 -18.82 81.46 -44.07
CA CYS B 715 -19.21 82.87 -43.98
C CYS B 715 -18.67 83.63 -45.20
N ILE B 716 -19.58 84.08 -46.06
CA ILE B 716 -19.20 84.66 -47.35
C ILE B 716 -18.87 86.15 -47.21
N CYS B 717 -19.49 86.84 -46.25
CA CYS B 717 -19.24 88.26 -46.07
C CYS B 717 -18.13 88.56 -45.08
N CYS B 718 -17.28 87.57 -44.79
CA CYS B 718 -16.22 87.73 -43.79
C CYS B 718 -15.29 88.87 -44.17
N GLN B 719 -15.17 89.16 -45.47
CA GLN B 719 -14.33 90.21 -46.00
C GLN B 719 -14.91 91.61 -45.81
N TYR B 720 -16.18 91.69 -45.41
CA TYR B 720 -16.88 92.96 -45.29
C TYR B 720 -16.95 93.40 -43.83
N GLY B 721 -17.27 94.69 -43.62
CA GLY B 721 -17.32 95.25 -42.29
C GLY B 721 -18.59 94.97 -41.51
N ASN B 722 -19.75 95.07 -42.18
CA ASN B 722 -21.04 94.77 -41.56
C ASN B 722 -21.48 93.40 -42.05
N CYS B 723 -21.02 92.36 -41.36
CA CYS B 723 -21.29 90.97 -41.68
C CYS B 723 -21.84 90.28 -40.45
N ASP B 724 -22.89 89.49 -40.64
CA ASP B 724 -23.58 88.90 -39.49
C ASP B 724 -22.77 87.76 -38.89
N CYS B 725 -22.26 86.86 -39.71
CA CYS B 725 -21.43 85.79 -39.16
C CYS B 725 -20.03 86.26 -38.73
N LYS B 726 -19.65 87.52 -39.00
CA LYS B 726 -18.35 88.04 -38.58
C LYS B 726 -18.47 88.64 -37.16
N SER B 727 -17.73 88.04 -36.23
CA SER B 727 -17.77 88.40 -34.81
C SER B 727 -16.56 89.26 -34.46
N VAL B 728 -16.73 90.58 -34.42
CA VAL B 728 -15.63 91.50 -34.10
C VAL B 728 -15.78 91.93 -32.65
N CYS B 729 -14.73 91.71 -31.86
CA CYS B 729 -14.74 91.98 -30.43
C CYS B 729 -14.56 93.48 -30.17
N PRO B 730 -15.38 94.09 -29.32
CA PRO B 730 -15.13 95.49 -28.96
C PRO B 730 -13.85 95.65 -28.14
N ALA B 731 -13.35 96.88 -28.10
CA ALA B 731 -12.15 97.19 -27.34
C ALA B 731 -12.41 97.04 -25.85
N ASN B 732 -11.34 96.71 -25.10
CA ASN B 732 -11.42 96.40 -23.68
C ASN B 732 -12.31 95.19 -23.41
N CYS B 733 -12.51 94.33 -24.41
CA CYS B 733 -13.35 93.15 -24.27
C CYS B 733 -12.55 91.92 -24.66
N ARG B 734 -12.74 90.85 -23.89
CA ARG B 734 -12.30 89.51 -24.25
C ARG B 734 -13.46 88.75 -24.87
N CYS B 735 -13.20 88.05 -25.96
CA CYS B 735 -14.21 87.26 -26.64
C CYS B 735 -13.71 85.82 -26.76
N PHE B 736 -14.50 84.87 -26.26
CA PHE B 736 -14.20 83.45 -26.37
C PHE B 736 -15.20 82.79 -27.30
N ARG B 737 -14.85 81.57 -27.72
CA ARG B 737 -15.71 80.75 -28.56
C ARG B 737 -15.29 79.29 -28.46
N ASP B 738 -16.16 78.42 -28.97
CA ASP B 738 -15.89 77.00 -29.10
C ASP B 738 -15.63 76.69 -30.58
N ASP B 739 -15.33 75.42 -30.87
CA ASP B 739 -14.81 75.08 -32.18
C ASP B 739 -15.81 75.27 -33.31
N GLN B 740 -17.12 75.10 -33.04
CA GLN B 740 -18.14 75.16 -34.07
C GLN B 740 -19.14 76.30 -33.86
N PHE B 741 -18.76 77.34 -33.12
CA PHE B 741 -19.61 78.52 -32.95
C PHE B 741 -20.95 78.19 -32.31
N ASN B 742 -20.91 77.33 -31.29
CA ASN B 742 -22.08 77.07 -30.45
C ASN B 742 -22.06 77.94 -29.22
N ILE B 743 -20.87 78.22 -28.68
CA ILE B 743 -20.64 79.17 -27.61
C ILE B 743 -20.00 80.40 -28.24
N ASN B 744 -20.42 81.59 -27.80
CA ASN B 744 -19.81 82.82 -28.32
C ASN B 744 -19.91 83.85 -27.20
N ILE B 745 -18.91 83.87 -26.33
CA ILE B 745 -18.90 84.71 -25.14
C ILE B 745 -18.27 86.05 -25.47
N VAL B 746 -18.93 87.13 -25.07
CA VAL B 746 -18.37 88.47 -25.18
C VAL B 746 -18.38 88.99 -23.75
N ARG B 747 -17.20 89.02 -23.11
CA ARG B 747 -17.06 89.37 -21.70
C ARG B 747 -16.21 90.66 -21.57
N CYS B 748 -16.91 91.80 -21.59
CA CYS B 748 -16.31 93.13 -21.47
C CYS B 748 -16.25 93.57 -20.01
N HIS B 749 -15.20 94.34 -19.68
CA HIS B 749 -15.13 94.98 -18.37
C HIS B 749 -14.48 96.35 -18.47
N GLY B 750 -15.11 97.33 -17.82
CA GLY B 750 -14.65 98.72 -17.75
C GLY B 750 -14.07 99.21 -16.43
N ASN B 751 -13.20 98.42 -15.81
CA ASN B 751 -12.46 98.81 -14.61
C ASN B 751 -11.29 99.72 -14.99
N SER B 752 -11.45 100.50 -16.05
CA SER B 752 -10.35 101.31 -16.58
C SER B 752 -10.19 102.56 -15.74
N SER B 753 -9.01 102.69 -15.12
CA SER B 753 -8.66 103.91 -14.39
C SER B 753 -8.74 105.13 -15.28
N MET B 754 -8.37 104.97 -16.55
CA MET B 754 -8.59 105.95 -17.61
C MET B 754 -10.09 106.03 -17.91
N VAL B 755 -10.75 107.01 -17.28
CA VAL B 755 -12.23 107.11 -17.25
C VAL B 755 -12.77 107.17 -18.67
N PRO B 756 -13.77 106.33 -19.02
CA PRO B 756 -14.36 106.38 -20.36
C PRO B 756 -15.02 107.72 -20.69
N LYS B 757 -14.39 108.51 -21.56
CA LYS B 757 -15.05 109.70 -22.07
C LYS B 757 -16.08 109.37 -23.14
N ARG B 758 -16.35 108.08 -23.38
CA ARG B 758 -17.43 107.65 -24.24
C ARG B 758 -18.21 106.51 -23.60
N GLU B 759 -19.53 106.54 -23.79
CA GLU B 759 -20.42 105.45 -23.39
C GLU B 759 -20.03 104.15 -24.10
N PHE B 760 -20.63 103.05 -23.63
CA PHE B 760 -20.48 101.77 -24.30
C PHE B 760 -21.41 101.65 -25.50
N VAL B 761 -20.84 101.28 -26.65
CA VAL B 761 -21.58 101.11 -27.89
C VAL B 761 -21.98 99.64 -28.01
N VAL B 762 -23.27 99.35 -27.82
CA VAL B 762 -23.75 97.97 -27.87
C VAL B 762 -23.77 97.44 -29.30
N SER B 763 -23.97 98.32 -30.28
CA SER B 763 -23.98 97.92 -31.69
C SER B 763 -22.61 97.47 -32.18
N GLU B 764 -21.58 97.54 -31.33
CA GLU B 764 -20.26 97.02 -31.65
C GLU B 764 -20.15 95.53 -31.37
N LEU B 765 -21.04 95.00 -30.53
CA LEU B 765 -20.99 93.61 -30.11
C LEU B 765 -21.18 92.66 -31.30
N PRO B 766 -20.79 91.40 -31.16
CA PRO B 766 -20.96 90.44 -32.26
C PRO B 766 -22.42 90.22 -32.62
N VAL B 767 -22.66 89.93 -33.90
CA VAL B 767 -24.03 89.72 -34.35
C VAL B 767 -24.56 88.38 -33.82
N SER B 768 -23.79 87.30 -33.99
CA SER B 768 -24.19 85.97 -33.53
C SER B 768 -23.91 85.73 -32.02
N ALA B 769 -23.74 86.78 -31.22
CA ALA B 769 -23.41 86.59 -29.81
C ALA B 769 -24.54 85.92 -29.04
N THR B 770 -24.17 84.97 -28.16
CA THR B 770 -25.11 84.22 -27.36
C THR B 770 -25.00 84.49 -25.86
N GLU B 771 -23.95 85.15 -25.40
CA GLU B 771 -23.85 85.60 -24.02
C GLU B 771 -23.06 86.89 -23.99
N ILE B 772 -23.56 87.88 -23.25
CA ILE B 772 -22.91 89.18 -23.14
C ILE B 772 -22.90 89.57 -21.67
N ILE B 773 -21.72 89.91 -21.14
CA ILE B 773 -21.55 90.35 -19.75
C ILE B 773 -20.91 91.74 -19.80
N LEU B 774 -21.72 92.77 -19.58
CA LEU B 774 -21.24 94.15 -19.56
C LEU B 774 -21.38 94.66 -18.13
N SER B 775 -20.37 94.41 -17.31
CA SER B 775 -20.46 94.69 -15.88
C SER B 775 -19.22 95.48 -15.50
N GLY B 776 -19.41 96.77 -15.28
CA GLY B 776 -18.34 97.72 -15.13
C GLY B 776 -18.27 98.71 -16.28
N VAL B 777 -18.91 98.42 -17.42
CA VAL B 777 -18.90 99.31 -18.58
C VAL B 777 -19.85 100.47 -18.32
N THR B 778 -19.74 101.53 -19.13
CA THR B 778 -20.60 102.72 -19.00
C THR B 778 -21.69 102.64 -20.06
N LEU B 779 -22.91 102.29 -19.64
CA LEU B 779 -24.06 102.18 -20.53
C LEU B 779 -25.29 102.68 -19.78
N PRO B 780 -25.68 103.94 -19.98
CA PRO B 780 -26.80 104.48 -19.20
C PRO B 780 -28.16 104.25 -19.85
N GLN B 781 -28.21 104.03 -21.16
CA GLN B 781 -29.48 103.94 -21.87
C GLN B 781 -29.49 102.80 -22.88
N LEU B 782 -30.63 102.11 -22.94
CA LEU B 782 -30.92 101.17 -24.02
C LEU B 782 -31.98 101.80 -24.93
N ARG B 783 -31.55 102.26 -26.11
CA ARG B 783 -32.44 102.92 -27.06
C ARG B 783 -33.37 101.90 -27.73
N THR B 784 -34.29 102.41 -28.56
CA THR B 784 -35.12 101.53 -29.38
C THR B 784 -34.21 100.68 -30.25
N HIS B 785 -34.42 99.36 -30.21
CA HIS B 785 -33.61 98.39 -30.94
C HIS B 785 -32.16 98.36 -30.44
N SER B 786 -31.98 98.10 -29.14
CA SER B 786 -30.63 97.96 -28.58
C SER B 786 -30.01 96.61 -28.94
N PHE B 787 -30.71 95.53 -28.62
CA PHE B 787 -30.26 94.17 -28.91
C PHE B 787 -31.17 93.60 -29.99
N ILE B 788 -30.96 94.10 -31.20
CA ILE B 788 -31.82 93.85 -32.35
C ILE B 788 -31.20 92.80 -33.25
N GLY B 789 -32.02 91.82 -33.66
CA GLY B 789 -31.57 90.80 -34.58
C GLY B 789 -30.66 89.75 -33.98
N ARG B 790 -30.37 89.83 -32.68
CA ARG B 790 -29.52 88.84 -31.99
C ARG B 790 -30.38 87.64 -31.59
N LEU B 791 -30.74 86.85 -32.60
CA LEU B 791 -31.62 85.71 -32.35
C LEU B 791 -30.96 84.68 -31.45
N ARG B 792 -29.64 84.53 -31.54
CA ARG B 792 -28.92 83.52 -30.78
C ARG B 792 -28.69 83.90 -29.32
N LEU B 793 -28.93 85.16 -28.93
CA LEU B 793 -28.61 85.61 -27.57
C LEU B 793 -29.35 84.76 -26.53
N GLN B 794 -28.65 84.34 -25.49
CA GLN B 794 -29.26 83.59 -24.40
C GLN B 794 -29.11 84.20 -23.01
N ARG B 795 -28.03 84.94 -22.76
CA ARG B 795 -27.88 85.67 -21.52
C ARG B 795 -27.41 87.08 -21.81
N LEU B 796 -27.94 88.02 -21.04
CA LEU B 796 -27.58 89.43 -21.15
C LEU B 796 -27.53 89.97 -19.73
N HIS B 797 -26.33 90.40 -19.31
CA HIS B 797 -26.04 90.83 -17.94
C HIS B 797 -25.56 92.28 -18.00
N ILE B 798 -26.46 93.23 -18.23
CA ILE B 798 -26.09 94.65 -18.22
C ILE B 798 -26.21 95.18 -16.80
N ASN B 799 -25.36 94.68 -15.91
CA ASN B 799 -25.47 94.98 -14.48
C ASN B 799 -24.28 95.81 -14.00
N GLY B 800 -24.57 96.83 -13.20
CA GLY B 800 -23.54 97.73 -12.72
C GLY B 800 -23.11 98.77 -13.73
N THR B 801 -24.07 99.35 -14.45
CA THR B 801 -23.79 100.36 -15.46
C THR B 801 -24.51 101.67 -15.20
N GLY B 802 -25.40 101.72 -14.21
CA GLY B 802 -26.17 102.92 -13.96
C GLY B 802 -27.25 103.15 -14.99
N LEU B 803 -27.81 102.08 -15.55
CA LEU B 803 -28.76 102.18 -16.64
C LEU B 803 -29.95 102.96 -16.11
N ARG B 804 -30.12 104.16 -16.66
CA ARG B 804 -31.17 105.09 -16.26
C ARG B 804 -32.46 104.83 -17.03
N SER B 805 -32.38 104.67 -18.35
CA SER B 805 -33.55 104.48 -19.19
C SER B 805 -33.45 103.23 -20.04
N ILE B 806 -34.59 102.58 -20.27
CA ILE B 806 -34.73 101.50 -21.24
C ILE B 806 -35.94 101.86 -22.09
N GLN B 807 -35.70 102.31 -23.33
CA GLN B 807 -36.80 102.63 -24.23
C GLN B 807 -37.56 101.38 -24.65
N PRO B 808 -38.86 101.52 -24.96
CA PRO B 808 -39.65 100.34 -25.35
C PRO B 808 -39.08 99.65 -26.57
N LYS B 809 -39.24 98.33 -26.58
CA LYS B 809 -38.66 97.42 -27.58
C LYS B 809 -37.13 97.48 -27.58
N ALA B 810 -36.51 97.89 -26.46
CA ALA B 810 -35.07 97.86 -26.34
C ALA B 810 -34.51 96.44 -26.30
N PHE B 811 -35.33 95.46 -25.96
CA PHE B 811 -34.98 94.05 -26.04
C PHE B 811 -35.90 93.37 -27.06
N HIS B 812 -35.65 93.61 -28.34
CA HIS B 812 -36.50 93.09 -29.41
C HIS B 812 -35.83 91.91 -30.12
N THR B 813 -36.62 90.84 -30.33
CA THR B 813 -36.26 89.61 -31.05
C THR B 813 -35.03 88.93 -30.44
N LEU B 814 -35.25 88.37 -29.25
CA LEU B 814 -34.25 87.56 -28.54
C LEU B 814 -34.90 86.21 -28.20
N PRO B 815 -35.10 85.35 -29.21
CA PRO B 815 -35.91 84.13 -28.96
C PRO B 815 -35.27 83.18 -27.98
N ALA B 816 -33.95 83.15 -27.93
CA ALA B 816 -33.23 82.30 -27.00
C ALA B 816 -32.96 82.95 -25.65
N LEU B 817 -33.39 84.20 -25.44
CA LEU B 817 -33.09 84.91 -24.19
C LEU B 817 -33.81 84.22 -23.03
N LYS B 818 -33.05 83.75 -22.04
CA LYS B 818 -33.62 82.98 -20.92
C LYS B 818 -33.22 83.55 -19.56
N THR B 819 -32.10 84.26 -19.51
CA THR B 819 -31.63 84.86 -18.29
C THR B 819 -31.25 86.30 -18.62
N LEU B 820 -31.79 87.23 -17.86
CA LEU B 820 -31.54 88.65 -18.06
C LEU B 820 -31.18 89.21 -16.69
N ASP B 821 -30.14 90.05 -16.65
CA ASP B 821 -29.65 90.66 -15.41
C ASP B 821 -29.57 92.17 -15.58
N LEU B 822 -30.51 92.89 -14.98
CA LEU B 822 -30.54 94.35 -14.99
C LEU B 822 -30.33 94.91 -13.58
N SER B 823 -29.44 94.27 -12.82
CA SER B 823 -29.21 94.66 -11.44
C SER B 823 -28.19 95.81 -11.36
N ASP B 824 -28.23 96.54 -10.24
CA ASP B 824 -27.25 97.57 -9.88
C ASP B 824 -27.27 98.76 -10.85
N ASN B 825 -28.47 99.26 -11.16
CA ASN B 825 -28.61 100.40 -12.07
C ASN B 825 -29.44 101.51 -11.43
N SER B 826 -30.04 102.35 -12.27
CA SER B 826 -30.86 103.47 -11.80
C SER B 826 -32.24 103.43 -12.46
N LEU B 827 -32.79 102.22 -12.63
CA LEU B 827 -34.14 102.09 -13.15
C LEU B 827 -35.14 102.29 -12.02
N ILE B 828 -36.23 102.96 -12.34
CA ILE B 828 -37.22 103.30 -11.32
C ILE B 828 -38.54 102.60 -11.67
N SER B 829 -38.79 102.41 -12.95
CA SER B 829 -39.93 101.62 -13.38
C SER B 829 -39.64 101.06 -14.76
N LEU B 830 -40.32 99.97 -15.10
CA LEU B 830 -40.20 99.33 -16.40
C LEU B 830 -41.59 98.99 -16.91
N SER B 831 -41.84 99.33 -18.18
CA SER B 831 -43.19 99.28 -18.73
C SER B 831 -43.64 97.86 -19.04
N GLY B 832 -42.98 97.20 -19.98
CA GLY B 832 -43.43 95.91 -20.48
C GLY B 832 -43.42 95.88 -21.99
N GLU B 833 -43.20 97.05 -22.58
CA GLU B 833 -42.99 97.19 -24.01
C GLU B 833 -41.54 96.99 -24.38
N GLU B 834 -40.64 97.01 -23.40
CA GLU B 834 -39.23 96.74 -23.68
C GLU B 834 -39.01 95.28 -24.03
N PHE B 835 -39.75 94.36 -23.41
CA PHE B 835 -39.64 92.93 -23.71
C PHE B 835 -40.73 92.60 -24.73
N LEU B 836 -40.40 92.75 -26.01
CA LEU B 836 -41.31 92.33 -27.07
C LEU B 836 -40.66 91.18 -27.82
N LYS B 837 -41.34 90.03 -27.85
CA LYS B 837 -40.85 88.80 -28.48
C LYS B 837 -39.50 88.37 -27.86
N CYS B 838 -39.63 87.94 -26.60
CA CYS B 838 -38.60 87.44 -25.71
C CYS B 838 -39.27 86.40 -24.83
N GLY B 839 -39.92 85.40 -25.44
CA GLY B 839 -40.85 84.59 -24.66
C GLY B 839 -40.24 83.57 -23.73
N GLU B 840 -39.04 83.08 -24.00
CA GLU B 840 -38.47 82.00 -23.21
C GLU B 840 -37.72 82.45 -21.96
N VAL B 841 -37.73 83.75 -21.62
CA VAL B 841 -36.99 84.20 -20.45
C VAL B 841 -37.52 83.49 -19.22
N SER B 842 -36.59 82.95 -18.41
CA SER B 842 -36.95 82.24 -17.20
C SER B 842 -36.21 82.72 -15.96
N GLN B 843 -35.20 83.59 -16.10
CA GLN B 843 -34.54 84.21 -14.97
C GLN B 843 -34.41 85.72 -15.20
N LEU B 844 -34.62 86.49 -14.13
CA LEU B 844 -34.67 87.95 -14.15
C LEU B 844 -34.08 88.48 -12.85
N PHE B 845 -33.08 89.36 -12.95
CA PHE B 845 -32.45 90.01 -11.79
C PHE B 845 -32.75 91.51 -11.82
N LEU B 846 -33.67 91.97 -10.96
CA LEU B 846 -33.96 93.39 -10.86
C LEU B 846 -33.55 93.95 -9.51
N ASN B 847 -32.57 93.31 -8.86
CA ASN B 847 -32.10 93.76 -7.55
C ASN B 847 -31.25 95.02 -7.71
N GLY B 848 -31.08 95.75 -6.61
CA GLY B 848 -30.16 96.86 -6.62
C GLY B 848 -30.52 98.04 -7.49
N ASN B 849 -31.81 98.32 -7.66
CA ASN B 849 -32.24 99.45 -8.49
C ASN B 849 -33.07 100.44 -7.69
N ARG B 850 -34.04 101.07 -8.35
CA ARG B 850 -34.98 101.96 -7.68
C ARG B 850 -36.41 101.57 -8.04
N PHE B 851 -36.68 100.26 -8.10
CA PHE B 851 -37.97 99.75 -8.52
C PHE B 851 -38.99 99.93 -7.41
N SER B 852 -40.07 100.64 -7.70
CA SER B 852 -41.14 100.85 -6.75
C SER B 852 -42.39 100.04 -7.07
N THR B 853 -42.60 99.74 -8.35
CA THR B 853 -43.74 98.95 -8.79
C THR B 853 -43.23 97.94 -9.79
N LEU B 854 -43.88 96.79 -9.82
CA LEU B 854 -43.59 95.76 -10.80
C LEU B 854 -44.78 95.76 -11.74
N SER B 855 -44.52 96.09 -13.02
CA SER B 855 -45.62 96.28 -13.95
C SER B 855 -46.41 94.98 -14.12
N ARG B 856 -47.60 95.11 -14.71
CA ARG B 856 -48.34 93.92 -15.08
C ARG B 856 -47.92 93.45 -16.47
N GLY B 857 -47.47 94.37 -17.32
CA GLY B 857 -46.97 94.07 -18.65
C GLY B 857 -45.69 93.26 -18.66
N ILE B 858 -45.03 93.13 -17.52
CA ILE B 858 -43.83 92.31 -17.40
C ILE B 858 -44.17 90.83 -17.51
N PHE B 859 -45.23 90.39 -16.82
CA PHE B 859 -45.68 89.01 -16.86
C PHE B 859 -46.56 88.74 -18.07
N GLU B 860 -46.91 89.80 -18.82
CA GLU B 860 -47.59 89.67 -20.10
C GLU B 860 -46.61 89.37 -21.24
N LYS B 861 -45.31 89.67 -21.07
CA LYS B 861 -44.29 89.44 -22.09
C LYS B 861 -43.18 88.46 -21.72
N LEU B 862 -43.18 87.89 -20.50
CA LEU B 862 -42.21 86.88 -20.07
C LEU B 862 -42.97 85.74 -19.41
N PRO B 863 -43.56 84.83 -20.19
CA PRO B 863 -44.41 83.79 -19.58
C PRO B 863 -43.65 82.72 -18.82
N ASN B 864 -42.53 82.27 -19.32
CA ASN B 864 -41.80 81.24 -18.59
C ASN B 864 -41.09 81.77 -17.33
N LEU B 865 -41.30 83.04 -16.98
CA LEU B 865 -40.60 83.64 -15.84
C LEU B 865 -40.82 82.79 -14.60
N LYS B 866 -39.73 82.24 -14.06
CA LYS B 866 -39.80 81.37 -12.90
C LYS B 866 -38.88 81.85 -11.78
N TYR B 867 -37.80 82.54 -12.14
CA TYR B 867 -36.83 83.01 -11.17
C TYR B 867 -36.78 84.53 -11.24
N LEU B 868 -36.84 85.17 -10.07
CA LEU B 868 -36.91 86.62 -9.93
C LEU B 868 -36.18 87.04 -8.67
N THR B 869 -35.45 88.16 -8.76
CA THR B 869 -34.80 88.77 -7.61
C THR B 869 -35.18 90.25 -7.56
N LEU B 870 -35.67 90.69 -6.40
CA LEU B 870 -36.09 92.08 -6.20
C LEU B 870 -35.56 92.67 -4.89
N HIS B 871 -34.43 92.17 -4.36
CA HIS B 871 -33.95 92.72 -3.10
C HIS B 871 -33.17 94.01 -3.32
N ASN B 872 -33.17 94.88 -2.30
CA ASN B 872 -32.56 96.20 -2.30
C ASN B 872 -33.19 97.11 -3.35
N ASN B 873 -34.37 97.65 -3.05
CA ASN B 873 -35.04 98.59 -3.94
C ASN B 873 -35.88 99.59 -3.16
N SER B 874 -37.02 100.01 -3.72
CA SER B 874 -37.82 101.07 -3.09
C SER B 874 -39.28 100.66 -2.93
N LEU B 875 -39.54 99.37 -2.77
CA LEU B 875 -40.91 98.88 -2.61
C LEU B 875 -41.42 99.20 -1.22
N GLU B 876 -42.49 100.00 -1.12
CA GLU B 876 -43.13 100.25 0.17
C GLU B 876 -44.21 99.22 0.47
N ASP B 877 -44.79 98.61 -0.57
CA ASP B 877 -45.75 97.52 -0.44
C ASP B 877 -45.56 96.61 -1.64
N ILE B 878 -46.36 95.54 -1.69
CA ILE B 878 -46.16 94.45 -2.65
C ILE B 878 -46.93 94.80 -3.93
N PRO B 879 -46.27 94.85 -5.09
CA PRO B 879 -46.98 95.18 -6.33
C PRO B 879 -48.07 94.16 -6.65
N GLN B 880 -49.27 94.69 -6.99
CA GLN B 880 -50.57 94.02 -7.14
C GLN B 880 -50.63 93.14 -8.40
N VAL B 881 -49.46 92.88 -8.99
CA VAL B 881 -49.31 91.90 -10.05
C VAL B 881 -49.02 90.49 -9.54
N LEU B 882 -48.46 90.34 -8.34
CA LEU B 882 -48.02 89.06 -7.81
C LEU B 882 -49.07 88.32 -6.99
N HIS B 883 -50.36 88.43 -7.32
CA HIS B 883 -51.32 87.60 -6.62
C HIS B 883 -51.68 86.35 -7.38
N SER B 884 -51.40 86.29 -8.69
CA SER B 884 -51.76 85.14 -9.49
C SER B 884 -50.72 84.93 -10.59
N THR B 885 -49.45 84.91 -10.22
CA THR B 885 -48.36 84.71 -11.17
C THR B 885 -47.61 83.42 -10.83
N ALA B 886 -46.89 82.90 -11.83
CA ALA B 886 -46.27 81.58 -11.77
C ALA B 886 -44.84 81.60 -11.24
N LEU B 887 -44.50 82.56 -10.38
CA LEU B 887 -43.15 82.66 -9.87
C LEU B 887 -42.87 81.56 -8.84
N SER B 888 -41.65 81.03 -8.88
CA SER B 888 -41.20 79.96 -8.01
C SER B 888 -40.20 80.42 -6.96
N LYS B 889 -39.26 81.29 -7.32
CA LYS B 889 -38.36 81.90 -6.34
C LYS B 889 -38.30 83.39 -6.58
N ILE B 890 -38.32 84.13 -5.47
CA ILE B 890 -38.28 85.59 -5.50
C ILE B 890 -37.58 86.04 -4.22
N SER B 891 -36.81 87.12 -4.32
CA SER B 891 -35.94 87.58 -3.24
C SER B 891 -36.36 88.98 -2.83
N LEU B 892 -36.71 89.15 -1.56
CA LEU B 892 -37.37 90.37 -1.10
C LEU B 892 -36.83 90.81 0.26
N SER B 893 -35.52 91.03 0.33
CA SER B 893 -34.89 91.60 1.51
C SER B 893 -34.50 93.05 1.23
N SER B 894 -34.20 93.78 2.30
CA SER B 894 -33.73 95.16 2.19
C SER B 894 -34.74 96.06 1.46
N ASN B 895 -36.03 95.88 1.77
CA ASN B 895 -37.09 96.70 1.22
C ASN B 895 -38.05 97.18 2.31
N PRO B 896 -38.42 98.47 2.32
CA PRO B 896 -39.30 99.06 3.36
C PRO B 896 -40.79 98.71 3.26
N LEU B 897 -41.15 97.51 3.66
CA LEU B 897 -42.53 97.04 3.53
C LEU B 897 -43.31 97.27 4.82
N ARG B 898 -44.56 97.71 4.68
CA ARG B 898 -45.41 98.03 5.84
C ARG B 898 -46.25 96.82 6.23
N CYS B 899 -46.33 96.61 7.55
CA CYS B 899 -46.98 95.43 8.13
C CYS B 899 -48.09 95.97 9.02
N ASP B 900 -49.31 95.96 8.51
CA ASP B 900 -50.47 96.41 9.26
C ASP B 900 -51.35 95.21 9.60
N CYS B 901 -52.43 95.47 10.34
CA CYS B 901 -53.41 94.45 10.66
C CYS B 901 -54.53 94.72 9.66
N SER B 902 -54.62 93.90 8.62
CA SER B 902 -55.60 94.09 7.56
C SER B 902 -57.01 93.64 7.98
N TRP B 921 -57.31 97.88 2.22
CA TRP B 921 -56.85 97.41 3.51
C TRP B 921 -56.97 95.90 3.67
N GLU B 922 -57.43 95.21 2.62
CA GLU B 922 -57.43 93.75 2.59
C GLU B 922 -56.21 93.18 1.86
N HIS B 923 -55.47 94.02 1.15
CA HIS B 923 -54.31 93.62 0.36
C HIS B 923 -53.11 94.30 1.02
N ASN B 924 -52.53 93.63 2.02
CA ASN B 924 -51.37 94.12 2.73
C ASN B 924 -50.11 93.38 2.27
N ALA B 925 -48.96 93.86 2.73
CA ALA B 925 -47.72 93.11 2.49
C ALA B 925 -47.64 91.89 3.40
N ALA B 926 -47.88 92.09 4.70
CA ALA B 926 -47.73 91.01 5.68
C ALA B 926 -48.69 89.86 5.45
N GLU B 927 -49.77 90.08 4.69
CA GLU B 927 -50.67 88.98 4.37
C GLU B 927 -50.17 88.18 3.17
N TRP B 928 -49.61 88.84 2.16
CA TRP B 928 -49.02 88.11 1.04
C TRP B 928 -47.87 87.23 1.50
N PHE B 929 -47.18 87.60 2.59
CA PHE B 929 -46.03 86.83 3.03
C PHE B 929 -46.45 85.58 3.80
N SER B 930 -47.38 85.70 4.75
CA SER B 930 -47.82 84.51 5.48
C SER B 930 -48.44 83.47 4.54
N LEU B 931 -48.84 83.88 3.33
CA LEU B 931 -49.38 82.98 2.33
C LEU B 931 -48.33 82.42 1.38
N HIS B 932 -47.25 83.16 1.12
CA HIS B 932 -46.25 82.77 0.12
C HIS B 932 -44.83 82.65 0.67
N ARG B 933 -44.65 82.53 2.00
CA ARG B 933 -43.30 82.66 2.55
C ARG B 933 -42.37 81.51 2.18
N HIS B 934 -42.84 80.48 1.49
CA HIS B 934 -41.92 79.51 0.92
C HIS B 934 -41.31 80.02 -0.40
N LEU B 935 -42.09 80.77 -1.19
CA LEU B 935 -41.59 81.29 -2.45
C LEU B 935 -40.46 82.31 -2.24
N VAL B 936 -40.32 82.86 -1.03
CA VAL B 936 -39.32 83.87 -0.72
C VAL B 936 -38.02 83.17 -0.33
N VAL B 937 -36.91 83.54 -0.99
CA VAL B 937 -35.64 82.89 -0.70
C VAL B 937 -34.97 83.46 0.54
N ASP B 938 -35.02 84.78 0.71
CA ASP B 938 -34.38 85.40 1.86
C ASP B 938 -35.42 85.85 2.89
N PHE B 939 -36.16 84.91 3.50
CA PHE B 939 -37.19 85.26 4.46
C PHE B 939 -36.64 85.80 5.79
N PRO B 940 -35.59 85.19 6.40
CA PRO B 940 -35.06 85.77 7.64
C PRO B 940 -34.30 87.07 7.43
N LYS B 941 -34.40 87.63 6.22
CA LYS B 941 -33.81 88.91 5.88
C LYS B 941 -34.84 89.96 5.49
N VAL B 942 -36.13 89.65 5.55
CA VAL B 942 -37.17 90.64 5.30
C VAL B 942 -37.47 91.36 6.60
N GLU B 943 -37.69 92.66 6.51
CA GLU B 943 -37.90 93.50 7.69
C GLU B 943 -39.05 94.46 7.44
N CYS B 944 -39.90 94.59 8.46
CA CYS B 944 -40.93 95.62 8.42
C CYS B 944 -40.27 96.96 8.63
N TRP B 945 -40.65 97.93 7.78
CA TRP B 945 -40.23 99.31 7.96
C TRP B 945 -41.45 100.17 8.22
N GLU B 946 -41.31 101.11 9.15
CA GLU B 946 -42.40 102.03 9.41
C GLU B 946 -41.74 103.30 9.90
N ASN B 947 -41.74 104.32 9.07
CA ASN B 947 -41.21 105.63 9.42
C ASN B 947 -42.12 106.26 10.48
N VAL B 948 -41.72 106.16 11.75
CA VAL B 948 -42.58 106.56 12.86
C VAL B 948 -42.84 108.07 12.83
N THR B 949 -41.87 108.84 12.33
CA THR B 949 -42.07 110.29 12.17
C THR B 949 -42.90 110.58 10.93
N LYS B 950 -42.85 109.70 9.93
CA LYS B 950 -43.65 109.89 8.72
C LYS B 950 -45.12 109.57 8.98
N ALA B 951 -45.41 108.50 9.72
CA ALA B 951 -46.79 108.16 10.02
C ALA B 951 -47.40 109.08 11.08
N PHE B 952 -46.58 109.79 11.85
CA PHE B 952 -47.11 110.73 12.84
C PHE B 952 -47.63 112.00 12.18
N LEU B 953 -46.94 112.49 11.16
CA LEU B 953 -47.34 113.73 10.51
C LEU B 953 -48.47 113.51 9.50
N THR B 954 -48.60 112.29 8.95
CA THR B 954 -49.62 111.97 7.96
C THR B 954 -50.84 111.24 8.52
N ASN B 955 -50.83 110.86 9.81
CA ASN B 955 -51.91 110.11 10.45
C ASN B 955 -52.22 108.79 9.75
N ASP B 956 -51.27 108.26 8.97
CA ASP B 956 -51.36 106.92 8.38
C ASP B 956 -50.94 105.88 9.41
N THR B 957 -51.80 105.72 10.41
CA THR B 957 -51.46 104.91 11.55
C THR B 957 -51.41 103.44 11.14
N THR B 958 -50.23 102.84 11.29
CA THR B 958 -50.03 101.40 11.21
C THR B 958 -49.50 100.96 12.58
N VAL B 959 -49.50 99.64 12.84
CA VAL B 959 -49.20 99.16 14.17
C VAL B 959 -47.77 99.48 14.63
N LEU B 960 -46.90 99.92 13.71
CA LEU B 960 -45.49 100.15 14.04
C LEU B 960 -45.10 101.62 14.22
N SER B 961 -45.98 102.58 13.95
CA SER B 961 -45.65 103.96 14.29
C SER B 961 -45.98 104.29 15.75
N ALA B 962 -46.37 103.28 16.54
CA ALA B 962 -46.51 103.38 17.99
C ALA B 962 -45.34 102.74 18.76
N TYR B 963 -44.47 101.94 18.08
CA TYR B 963 -43.23 101.45 18.67
C TYR B 963 -42.12 102.50 18.54
N PRO B 964 -41.22 102.57 19.50
CA PRO B 964 -40.13 103.56 19.41
C PRO B 964 -39.20 103.23 18.25
N PRO B 965 -39.00 104.16 17.32
CA PRO B 965 -38.09 103.89 16.20
C PRO B 965 -36.67 103.69 16.71
N ASN B 966 -35.86 102.97 15.92
CA ASN B 966 -34.50 102.68 16.34
C ASN B 966 -33.69 103.98 16.44
N MET B 967 -32.78 104.02 17.42
CA MET B 967 -32.05 105.24 17.78
C MET B 967 -31.20 105.77 16.63
N GLY B 968 -31.36 107.07 16.36
CA GLY B 968 -30.72 107.74 15.26
C GLY B 968 -31.55 107.82 14.00
N ASN B 969 -32.72 107.19 14.00
CA ASN B 969 -33.59 107.13 12.84
C ASN B 969 -34.99 107.55 13.26
N ASP B 970 -35.79 107.91 12.28
CA ASP B 970 -37.20 108.13 12.50
C ASP B 970 -38.03 106.90 12.17
N VAL B 971 -37.40 105.80 11.78
CA VAL B 971 -38.07 104.61 11.28
C VAL B 971 -37.85 103.46 12.25
N PHE B 972 -38.93 102.75 12.56
CA PHE B 972 -38.85 101.51 13.31
C PHE B 972 -38.77 100.33 12.37
N VAL B 973 -37.77 99.48 12.57
CA VAL B 973 -37.51 98.33 11.71
C VAL B 973 -37.68 97.07 12.53
N MET B 974 -38.52 96.16 12.06
CA MET B 974 -38.80 94.91 12.76
C MET B 974 -38.77 93.79 11.74
N PRO B 975 -37.94 92.77 11.94
CA PRO B 975 -37.92 91.63 11.01
C PRO B 975 -39.30 91.01 10.87
N ILE B 976 -39.58 90.51 9.66
CA ILE B 976 -40.93 90.04 9.36
C ILE B 976 -41.26 88.75 10.09
N GLU B 977 -40.24 87.95 10.43
CA GLU B 977 -40.53 86.69 11.10
C GLU B 977 -41.01 86.92 12.53
N GLU B 978 -40.56 87.98 13.18
CA GLU B 978 -41.03 88.28 14.52
C GLU B 978 -42.44 88.87 14.49
N PHE B 979 -42.82 89.49 13.37
CA PHE B 979 -44.14 90.09 13.26
C PHE B 979 -45.22 89.03 13.07
N LEU B 980 -44.95 88.02 12.26
CA LEU B 980 -45.99 87.05 11.98
C LEU B 980 -46.17 86.05 13.12
N ARG B 981 -45.10 85.75 13.87
CA ARG B 981 -45.20 84.81 14.99
C ARG B 981 -45.96 85.42 16.16
N ASP B 982 -45.62 86.65 16.52
CA ASP B 982 -46.37 87.40 17.54
C ASP B 982 -47.55 88.16 16.94
N TYR B 983 -48.21 87.59 15.94
CA TYR B 983 -49.33 88.26 15.28
C TYR B 983 -50.50 88.38 16.27
N ASN B 984 -51.09 87.27 16.68
CA ASN B 984 -52.21 87.30 17.62
C ASN B 984 -51.78 87.25 19.09
N SER B 985 -50.48 87.13 19.38
CA SER B 985 -50.07 87.03 20.78
C SER B 985 -49.92 88.41 21.42
N THR B 986 -49.42 89.41 20.67
CA THR B 986 -49.16 90.72 21.26
C THR B 986 -49.61 91.88 20.36
N ILE B 987 -49.27 91.81 19.08
CA ILE B 987 -49.36 92.99 18.20
C ILE B 987 -50.80 93.31 17.81
N CYS B 988 -51.50 92.35 17.20
CA CYS B 988 -52.86 92.57 16.68
C CYS B 988 -53.94 91.99 17.62
N VAL B 989 -53.89 92.34 18.90
CA VAL B 989 -54.87 91.89 19.89
C VAL B 989 -55.82 93.04 20.19
N PRO B 990 -57.15 92.86 20.00
CA PRO B 990 -58.18 93.83 20.35
C PRO B 990 -58.69 93.66 21.78
N GLU C 34 20.98 -8.83 14.40
CA GLU C 34 21.07 -10.28 14.29
C GLU C 34 21.66 -10.89 15.56
N CYS C 35 21.12 -12.05 15.94
CA CYS C 35 21.53 -12.70 17.17
C CYS C 35 22.95 -13.23 17.02
N PRO C 36 23.79 -13.08 18.04
CA PRO C 36 25.21 -13.43 17.91
C PRO C 36 25.43 -14.93 17.76
N LYS C 37 26.68 -15.38 17.86
CA LYS C 37 26.98 -16.78 17.61
C LYS C 37 26.47 -17.67 18.75
N PHE C 38 25.67 -18.69 18.38
CA PHE C 38 25.05 -19.64 19.33
C PHE C 38 24.12 -18.99 20.34
N CYS C 39 23.45 -17.87 20.00
CA CYS C 39 22.57 -17.18 20.93
C CYS C 39 21.28 -16.77 20.21
N LYS C 40 20.17 -16.79 20.95
CA LYS C 40 18.84 -16.58 20.41
C LYS C 40 18.20 -15.36 21.06
N CYS C 41 17.89 -14.34 20.24
CA CYS C 41 17.21 -13.15 20.73
C CYS C 41 15.77 -13.47 21.16
N ALA C 42 15.13 -12.50 21.86
CA ALA C 42 13.74 -12.62 22.30
C ALA C 42 13.20 -11.30 22.87
N PRO C 43 11.92 -10.96 22.65
CA PRO C 43 11.33 -9.82 23.37
C PRO C 43 11.09 -10.17 24.84
N ASP C 44 11.74 -9.42 25.73
CA ASP C 44 11.73 -9.64 27.17
C ASP C 44 10.30 -9.74 27.70
N PRO C 45 9.90 -10.84 28.33
CA PRO C 45 8.52 -10.93 28.85
C PRO C 45 8.20 -9.98 30.00
N VAL C 46 9.12 -9.79 30.94
CA VAL C 46 8.88 -8.85 32.04
C VAL C 46 8.92 -7.40 31.56
N GLN C 47 9.60 -7.14 30.44
CA GLN C 47 9.84 -5.78 29.94
C GLN C 47 9.78 -5.79 28.42
N PRO C 48 8.58 -5.73 27.83
CA PRO C 48 8.41 -6.09 26.41
C PRO C 48 9.16 -5.22 25.40
N THR C 49 9.74 -4.09 25.82
CA THR C 49 10.52 -3.23 24.92
C THR C 49 11.96 -3.67 24.75
N SER C 50 12.49 -4.44 25.69
CA SER C 50 13.89 -4.86 25.66
C SER C 50 14.04 -6.19 24.92
N LYS C 51 15.24 -6.75 24.96
CA LYS C 51 15.58 -7.96 24.22
C LYS C 51 16.21 -8.98 25.17
N LEU C 52 15.44 -10.00 25.51
CA LEU C 52 15.99 -11.18 26.16
C LEU C 52 16.93 -11.90 25.22
N LEU C 53 17.91 -12.61 25.79
CA LEU C 53 18.89 -13.35 25.03
C LEU C 53 19.02 -14.74 25.64
N LEU C 54 19.08 -15.76 24.77
CA LEU C 54 19.09 -17.17 25.20
C LEU C 54 20.28 -17.86 24.56
N CYS C 55 21.40 -17.93 25.27
CA CYS C 55 22.61 -18.50 24.69
C CYS C 55 22.69 -19.99 24.96
N ASP C 56 23.25 -20.71 23.99
CA ASP C 56 23.33 -22.16 24.02
C ASP C 56 24.78 -22.60 23.74
N TYR C 57 25.63 -22.38 24.74
CA TYR C 57 27.02 -22.87 24.72
C TYR C 57 27.13 -24.16 25.54
N SER C 58 26.25 -25.13 25.30
CA SER C 58 26.22 -26.33 26.15
C SER C 58 27.46 -27.21 26.00
N SER C 59 27.98 -27.38 24.77
CA SER C 59 29.11 -28.29 24.56
C SER C 59 29.62 -28.28 23.13
N LYS C 60 30.61 -27.44 22.87
CA LYS C 60 31.25 -27.41 21.56
C LYS C 60 32.61 -26.77 21.77
N ASN C 61 33.54 -27.04 20.87
CA ASN C 61 34.88 -26.48 20.95
C ASN C 61 35.00 -25.09 20.33
N THR C 62 33.91 -24.51 19.87
CA THR C 62 33.99 -23.17 19.32
C THR C 62 34.19 -22.16 20.45
N THR C 63 34.50 -20.94 20.06
CA THR C 63 34.87 -19.89 21.00
C THR C 63 33.64 -19.24 21.64
N ILE C 64 33.89 -18.49 22.72
CA ILE C 64 32.83 -17.77 23.40
C ILE C 64 32.92 -16.33 22.90
N THR C 65 32.38 -16.07 21.71
CA THR C 65 32.48 -14.74 21.12
C THR C 65 31.79 -13.70 22.01
N PRO C 66 32.50 -12.67 22.45
CA PRO C 66 31.86 -11.62 23.27
C PRO C 66 30.71 -10.94 22.56
N ILE C 67 29.68 -10.60 23.34
CA ILE C 67 28.53 -9.86 22.80
C ILE C 67 28.94 -8.46 22.37
N ALA C 68 29.87 -7.83 23.10
CA ALA C 68 30.40 -6.55 22.66
C ALA C 68 31.18 -6.67 21.35
N SER C 69 31.80 -7.84 21.11
CA SER C 69 32.52 -8.04 19.86
C SER C 69 31.65 -8.62 18.77
N SER C 70 30.47 -9.14 19.10
CA SER C 70 29.50 -9.52 18.07
C SER C 70 28.77 -8.30 17.54
N ASN C 71 28.94 -7.15 18.19
CA ASN C 71 28.32 -5.90 17.79
C ASN C 71 26.82 -6.06 17.57
N TYR C 72 26.14 -6.57 18.60
CA TYR C 72 24.70 -6.72 18.54
C TYR C 72 24.08 -5.34 18.40
N ASP C 73 23.05 -5.23 17.53
CA ASP C 73 22.58 -3.91 17.12
C ASP C 73 22.12 -3.05 18.29
N GLN C 74 21.76 -3.67 19.41
CA GLN C 74 21.46 -2.96 20.67
C GLN C 74 22.13 -3.76 21.79
N VAL C 75 23.44 -3.60 21.94
CA VAL C 75 24.15 -4.37 22.98
C VAL C 75 23.68 -3.94 24.37
N ALA C 76 23.41 -2.64 24.55
CA ALA C 76 22.93 -2.12 25.82
C ALA C 76 21.41 -2.23 26.03
N ASN C 77 20.65 -2.83 25.11
CA ASN C 77 19.20 -3.02 25.30
C ASN C 77 18.81 -4.40 25.82
N ILE C 78 19.78 -5.26 26.13
CA ILE C 78 19.53 -6.59 26.68
C ILE C 78 19.33 -6.46 28.19
N ARG C 79 18.08 -6.64 28.67
CA ARG C 79 17.77 -6.62 30.10
C ARG C 79 17.86 -7.98 30.74
N SER C 80 17.65 -9.02 29.96
CA SER C 80 17.78 -10.39 30.42
C SER C 80 18.68 -11.16 29.45
N LEU C 81 19.60 -11.97 30.01
CA LEU C 81 20.52 -12.78 29.23
C LEU C 81 20.56 -14.16 29.86
N PHE C 82 20.17 -15.18 29.10
CA PHE C 82 20.11 -16.56 29.57
C PHE C 82 21.16 -17.37 28.82
N ILE C 83 21.94 -18.15 29.56
CA ILE C 83 22.94 -19.05 29.01
C ILE C 83 22.64 -20.44 29.54
N SER C 84 22.76 -21.44 28.68
CA SER C 84 22.50 -22.82 29.08
C SER C 84 23.69 -23.63 28.62
N CYS C 85 24.30 -24.38 29.55
CA CYS C 85 25.49 -25.16 29.24
C CYS C 85 25.36 -26.60 29.73
N ASP C 86 26.30 -27.41 29.25
CA ASP C 86 26.55 -28.73 29.77
C ASP C 86 28.05 -29.01 29.83
N ASN C 87 28.90 -28.06 29.39
CA ASN C 87 30.34 -28.17 29.45
C ASN C 87 30.89 -27.87 30.85
N ASN C 88 32.02 -28.48 31.17
CA ASN C 88 32.67 -28.36 32.46
C ASN C 88 33.89 -27.46 32.34
N ASN C 89 34.31 -26.93 33.49
CA ASN C 89 35.44 -26.00 33.59
C ASN C 89 35.34 -24.91 32.51
N PHE C 90 34.10 -24.56 32.16
CA PHE C 90 33.79 -23.48 31.22
C PHE C 90 34.24 -22.16 31.85
N GLN C 91 35.26 -21.53 31.25
CA GLN C 91 35.83 -20.29 31.74
C GLN C 91 35.56 -19.17 30.73
N PHE C 92 34.93 -18.05 31.21
CA PHE C 92 34.54 -16.86 30.45
C PHE C 92 35.73 -15.94 30.16
N PRO C 93 35.84 -15.42 28.94
CA PRO C 93 36.84 -14.37 28.67
C PRO C 93 36.56 -13.14 29.52
N ASP C 94 37.63 -12.56 30.08
CA ASP C 94 37.47 -11.39 30.94
C ASP C 94 36.65 -10.29 30.25
N ALA C 95 36.79 -10.13 28.94
CA ALA C 95 35.97 -9.18 28.19
C ALA C 95 34.89 -9.92 27.40
N TYR C 96 33.93 -10.45 28.15
CA TYR C 96 32.76 -11.09 27.58
C TYR C 96 31.49 -10.34 27.92
N PHE C 97 31.27 -10.05 29.20
CA PHE C 97 30.09 -9.30 29.61
C PHE C 97 30.32 -7.80 29.43
N LYS C 98 30.87 -7.41 28.28
CA LYS C 98 31.09 -6.00 28.01
C LYS C 98 29.90 -5.43 27.24
N SER C 99 29.61 -4.15 27.51
CA SER C 99 28.55 -3.34 26.90
C SER C 99 27.14 -3.75 27.32
N LEU C 100 26.99 -4.68 28.27
CA LEU C 100 25.69 -5.09 28.82
C LEU C 100 25.28 -4.24 30.01
N THR C 101 25.51 -2.93 29.95
CA THR C 101 25.31 -2.03 31.09
C THR C 101 23.85 -1.87 31.51
N ALA C 102 22.90 -2.43 30.76
CA ALA C 102 21.50 -2.42 31.15
C ALA C 102 20.97 -3.82 31.45
N LEU C 103 21.85 -4.78 31.71
CA LEU C 103 21.42 -6.15 31.95
C LEU C 103 20.79 -6.21 33.33
N HIS C 104 19.49 -6.52 33.39
CA HIS C 104 18.79 -6.51 34.67
C HIS C 104 18.81 -7.87 35.35
N HIS C 105 18.65 -8.93 34.57
CA HIS C 105 18.59 -10.29 35.08
C HIS C 105 19.53 -11.14 34.25
N LEU C 106 20.25 -12.05 34.91
CA LEU C 106 21.25 -12.89 34.25
C LEU C 106 21.09 -14.30 34.77
N ARG C 107 20.87 -15.28 33.88
CA ARG C 107 20.71 -16.67 34.27
C ARG C 107 21.80 -17.53 33.64
N ILE C 108 22.58 -18.21 34.48
CA ILE C 108 23.62 -19.15 34.06
C ILE C 108 23.27 -20.52 34.62
N VAL C 109 23.02 -21.48 33.73
CA VAL C 109 22.57 -22.82 34.08
C VAL C 109 23.47 -23.82 33.38
N GLY C 110 24.28 -24.54 34.14
CA GLY C 110 25.08 -25.63 33.61
C GLY C 110 26.46 -25.26 33.12
N CYS C 111 26.94 -24.06 33.43
CA CYS C 111 28.24 -23.59 32.95
C CYS C 111 29.21 -23.72 34.11
N GLU C 112 29.77 -24.92 34.24
CA GLU C 112 30.59 -25.26 35.38
C GLU C 112 31.92 -24.51 35.37
N THR C 113 32.50 -24.36 36.56
CA THR C 113 33.76 -23.65 36.72
C THR C 113 34.22 -23.89 38.16
N THR C 114 35.39 -23.33 38.49
CA THR C 114 35.98 -23.39 39.83
C THR C 114 36.22 -22.01 40.45
N HIS C 115 36.06 -20.95 39.67
CA HIS C 115 36.14 -19.55 40.08
C HIS C 115 35.74 -18.69 38.90
N PHE C 116 35.16 -17.53 39.18
CA PHE C 116 34.90 -16.56 38.12
C PHE C 116 35.93 -15.43 38.16
N SER C 117 36.11 -14.79 37.00
CA SER C 117 37.01 -13.66 36.85
C SER C 117 36.39 -12.35 37.33
N VAL C 118 37.20 -11.54 38.03
CA VAL C 118 36.73 -10.25 38.52
C VAL C 118 36.47 -9.29 37.37
N LYS C 119 37.31 -9.35 36.32
CA LYS C 119 37.18 -8.49 35.14
C LYS C 119 35.89 -8.73 34.36
N LEU C 120 35.24 -9.87 34.55
CA LEU C 120 34.08 -10.19 33.74
C LEU C 120 32.89 -9.31 34.13
N PHE C 121 32.68 -9.11 35.43
CA PHE C 121 31.49 -8.47 35.98
C PHE C 121 31.59 -6.97 36.26
N GLU C 122 32.48 -6.23 35.60
CA GLU C 122 32.54 -4.81 35.96
C GLU C 122 31.42 -4.01 35.31
N ASP C 123 31.18 -4.25 34.03
CA ASP C 123 30.23 -3.46 33.25
C ASP C 123 28.81 -3.98 33.40
N LEU C 124 28.48 -4.48 34.59
CA LEU C 124 27.17 -5.06 34.87
C LEU C 124 26.64 -4.53 36.20
N ALA C 125 26.88 -3.25 36.49
CA ALA C 125 26.42 -2.64 37.73
C ALA C 125 24.90 -2.46 37.81
N ALA C 126 24.20 -2.45 36.68
CA ALA C 126 22.75 -2.34 36.69
C ALA C 126 22.07 -3.68 36.89
N LEU C 127 22.84 -4.74 37.17
CA LEU C 127 22.30 -6.08 37.28
C LEU C 127 21.49 -6.22 38.55
N ARG C 128 20.22 -6.60 38.42
CA ARG C 128 19.29 -6.69 39.54
C ARG C 128 19.08 -8.11 40.03
N ARG C 129 19.37 -9.11 39.22
CA ARG C 129 19.06 -10.49 39.59
C ARG C 129 20.09 -11.39 38.92
N LEU C 130 21.07 -11.84 39.70
CA LEU C 130 22.11 -12.73 39.21
C LEU C 130 21.78 -14.14 39.68
N GLU C 131 21.84 -15.09 38.76
CA GLU C 131 21.57 -16.48 39.04
C GLU C 131 22.75 -17.35 38.59
N LEU C 132 23.13 -18.28 39.45
CA LEU C 132 24.05 -19.34 39.05
C LEU C 132 23.34 -20.65 39.27
N ASP C 133 23.46 -21.55 38.30
CA ASP C 133 22.75 -22.82 38.35
C ASP C 133 23.67 -23.87 37.77
N GLN C 134 24.02 -24.86 38.60
CA GLN C 134 24.84 -25.99 38.18
C GLN C 134 26.17 -25.51 37.59
N ILE C 135 26.97 -24.92 38.49
CA ILE C 135 28.33 -24.49 38.17
C ILE C 135 29.38 -25.37 38.87
N SER C 136 28.97 -26.50 39.45
CA SER C 136 29.88 -27.45 40.07
C SER C 136 29.15 -28.77 40.34
N THR C 137 29.89 -29.88 40.27
CA THR C 137 29.38 -31.22 40.55
C THR C 137 30.08 -31.83 41.77
N ALA C 138 30.00 -33.17 41.89
CA ALA C 138 30.61 -33.87 43.02
C ALA C 138 32.13 -33.75 43.04
N SER C 139 32.76 -33.35 41.94
CA SER C 139 34.21 -33.23 41.85
C SER C 139 34.69 -31.78 41.91
N THR C 140 34.15 -30.90 41.05
CA THR C 140 34.63 -29.52 40.98
C THR C 140 34.13 -28.73 42.17
N SER C 141 35.04 -27.96 42.78
CA SER C 141 34.70 -27.09 43.89
C SER C 141 34.62 -25.65 43.38
N PHE C 142 33.50 -24.99 43.67
CA PHE C 142 33.30 -23.60 43.28
C PHE C 142 33.25 -22.70 44.51
N GLU C 143 34.02 -21.61 44.48
CA GLU C 143 34.02 -20.60 45.54
C GLU C 143 33.67 -19.25 44.92
N MET C 144 32.51 -18.71 45.29
CA MET C 144 32.19 -17.34 44.90
C MET C 144 33.09 -16.41 45.68
N THR C 145 33.95 -15.70 44.94
CA THR C 145 34.98 -14.86 45.54
C THR C 145 34.39 -13.53 46.03
N GLU C 146 34.93 -13.03 47.15
CA GLU C 146 34.47 -11.78 47.71
C GLU C 146 34.66 -10.59 46.77
N ASP C 147 35.51 -10.75 45.75
CA ASP C 147 35.85 -9.66 44.83
C ASP C 147 35.15 -9.76 43.47
N VAL C 148 34.69 -10.95 43.07
CA VAL C 148 33.93 -11.12 41.83
C VAL C 148 32.61 -10.37 41.86
N LEU C 149 31.97 -10.24 43.04
CA LEU C 149 30.66 -9.61 43.18
C LEU C 149 30.72 -8.15 43.62
N MET C 150 31.89 -7.52 43.64
CA MET C 150 31.95 -6.11 44.03
C MET C 150 31.20 -5.16 43.08
N PRO C 151 31.30 -5.29 41.73
CA PRO C 151 30.50 -4.40 40.86
C PRO C 151 29.07 -4.86 40.63
N LEU C 152 28.43 -5.35 41.69
CA LEU C 152 27.07 -5.87 41.65
C LEU C 152 26.29 -5.44 42.89
N ALA C 153 26.45 -4.17 43.30
CA ALA C 153 25.77 -3.69 44.50
C ALA C 153 24.25 -3.75 44.36
N ARG C 154 23.73 -3.34 43.19
CA ARG C 154 22.29 -3.39 42.93
C ARG C 154 21.75 -4.80 42.70
N LEU C 155 22.24 -5.79 43.43
CA LEU C 155 21.78 -7.17 43.24
C LEU C 155 20.65 -7.39 44.23
N GLU C 156 19.42 -7.31 43.73
CA GLU C 156 18.20 -7.43 44.50
C GLU C 156 17.72 -8.88 44.59
N LYS C 157 18.45 -9.82 43.99
CA LYS C 157 18.17 -11.24 43.99
C LYS C 157 19.46 -11.98 43.65
N PHE C 158 19.84 -12.96 44.49
CA PHE C 158 21.06 -13.74 44.29
C PHE C 158 20.65 -15.20 44.35
N SER C 159 20.74 -15.91 43.24
CA SER C 159 20.22 -17.27 43.11
C SER C 159 21.34 -18.22 42.67
N LEU C 160 21.69 -19.18 43.53
CA LEU C 160 22.80 -20.11 43.26
C LEU C 160 22.35 -21.52 43.68
N THR C 161 21.80 -22.28 42.73
CA THR C 161 21.13 -23.54 43.04
C THR C 161 21.78 -24.74 42.36
N ARG C 162 21.61 -25.90 42.98
CA ARG C 162 22.06 -27.20 42.49
C ARG C 162 23.52 -27.21 42.05
N SER C 163 24.43 -27.27 43.02
CA SER C 163 25.87 -27.36 42.79
C SER C 163 26.54 -27.77 44.10
N ARG C 164 27.52 -28.65 43.99
CA ARG C 164 28.14 -29.27 45.15
C ARG C 164 29.52 -28.67 45.43
N ASN C 165 29.99 -28.87 46.65
CA ASN C 165 31.30 -28.43 47.10
C ASN C 165 31.46 -26.93 46.87
N ILE C 166 30.53 -26.17 47.45
CA ILE C 166 30.48 -24.73 47.29
C ILE C 166 30.90 -24.08 48.62
N GLU C 167 31.63 -22.97 48.53
CA GLU C 167 31.99 -22.16 49.68
C GLU C 167 31.72 -20.69 49.35
N LEU C 168 30.78 -20.09 50.08
CA LEU C 168 30.43 -18.68 49.93
C LEU C 168 31.11 -17.86 51.02
N PRO C 169 31.52 -16.63 50.73
CA PRO C 169 32.28 -15.84 51.72
C PRO C 169 31.45 -15.49 52.95
N GLN C 170 32.14 -15.39 54.10
CA GLN C 170 31.45 -14.94 55.30
C GLN C 170 30.98 -13.51 55.13
N ARG C 171 31.70 -12.75 54.29
CA ARG C 171 31.29 -11.42 53.86
C ARG C 171 30.56 -11.42 52.50
N LEU C 172 29.65 -12.36 52.23
CA LEU C 172 28.91 -12.33 50.96
C LEU C 172 27.88 -11.22 50.99
N LEU C 173 27.21 -11.05 52.14
CA LEU C 173 26.17 -10.05 52.32
C LEU C 173 26.70 -8.63 52.31
N CYS C 174 27.99 -8.44 52.62
CA CYS C 174 28.61 -7.12 52.55
C CYS C 174 28.90 -6.65 51.12
N SER C 175 28.98 -7.56 50.15
CA SER C 175 29.08 -7.15 48.75
C SER C 175 27.72 -6.86 48.10
N LEU C 176 26.62 -7.42 48.63
CA LEU C 176 25.28 -7.25 48.06
C LEU C 176 24.31 -6.78 49.14
N PRO C 177 24.35 -5.50 49.51
CA PRO C 177 23.41 -5.02 50.54
C PRO C 177 21.98 -4.89 50.05
N HIS C 178 21.79 -4.56 48.77
CA HIS C 178 20.44 -4.46 48.19
C HIS C 178 19.89 -5.83 47.91
N LEU C 179 20.28 -6.85 48.68
CA LEU C 179 19.84 -8.21 48.39
C LEU C 179 18.47 -8.41 49.01
N GLN C 180 17.50 -8.83 48.19
CA GLN C 180 16.13 -9.06 48.64
C GLN C 180 15.73 -10.52 48.61
N VAL C 181 16.11 -11.25 47.57
CA VAL C 181 15.72 -12.64 47.39
C VAL C 181 17.00 -13.47 47.32
N LEU C 182 17.23 -14.32 48.31
CA LEU C 182 18.40 -15.21 48.33
C LEU C 182 17.98 -16.66 48.16
N ASN C 183 18.33 -17.25 47.01
CA ASN C 183 18.02 -18.64 46.69
C ASN C 183 19.35 -19.37 46.51
N ILE C 184 19.70 -20.20 47.49
CA ILE C 184 20.89 -21.05 47.42
C ILE C 184 20.50 -22.46 47.82
N SER C 185 19.52 -23.03 47.11
CA SER C 185 18.93 -24.31 47.46
C SER C 185 19.59 -25.47 46.72
N SER C 186 19.36 -26.68 47.24
CA SER C 186 19.85 -27.91 46.62
C SER C 186 21.37 -27.92 46.47
N ASN C 187 22.04 -27.31 47.46
CA ASN C 187 23.49 -27.03 47.40
C ASN C 187 24.32 -27.80 48.42
N GLU C 188 23.71 -28.62 49.27
CA GLU C 188 24.40 -29.58 50.14
C GLU C 188 25.41 -28.92 51.07
N LEU C 189 25.25 -27.65 51.36
CA LEU C 189 26.21 -26.99 52.24
C LEU C 189 26.04 -27.50 53.66
N PRO C 190 27.06 -28.11 54.28
CA PRO C 190 26.91 -28.59 55.66
C PRO C 190 26.80 -27.45 56.69
N SER C 191 27.34 -26.27 56.39
CA SER C 191 27.27 -25.12 57.27
C SER C 191 27.29 -23.84 56.43
N LEU C 192 26.73 -22.77 56.99
CA LEU C 192 26.87 -21.45 56.40
C LEU C 192 27.20 -20.44 57.49
N ARG C 193 28.28 -19.68 57.29
CA ARG C 193 28.80 -18.76 58.29
C ARG C 193 28.80 -17.33 57.76
N ARG C 194 28.46 -16.39 58.64
CA ARG C 194 28.44 -14.97 58.32
C ARG C 194 28.89 -14.19 59.56
N GLU C 195 29.75 -13.21 59.34
CA GLU C 195 30.17 -12.31 60.41
C GLU C 195 29.08 -11.29 60.76
N GLU C 196 28.93 -10.98 62.05
CA GLU C 196 27.84 -10.10 62.50
C GLU C 196 27.92 -8.69 61.93
N SER C 197 29.04 -8.28 61.33
CA SER C 197 29.06 -6.94 60.73
C SER C 197 28.23 -6.85 59.45
N CYS C 198 27.93 -7.99 58.80
CA CYS C 198 27.17 -7.98 57.55
C CYS C 198 25.68 -8.18 57.82
N VAL C 199 24.90 -7.16 57.46
CA VAL C 199 23.46 -7.11 57.68
C VAL C 199 22.81 -6.78 56.35
N ALA C 200 22.07 -7.71 55.78
CA ALA C 200 21.25 -7.43 54.59
C ALA C 200 19.88 -6.92 55.05
N GLN C 201 19.69 -5.60 55.00
CA GLN C 201 18.46 -4.99 55.51
C GLN C 201 17.38 -4.81 54.45
N GLN C 202 17.51 -5.46 53.29
CA GLN C 202 16.39 -5.56 52.35
C GLN C 202 16.06 -7.02 52.08
N LEU C 203 16.65 -7.95 52.85
CA LEU C 203 16.50 -9.38 52.63
C LEU C 203 15.07 -9.81 52.98
N LEU C 204 14.31 -10.21 51.96
CA LEU C 204 12.90 -10.54 52.04
C LEU C 204 12.67 -12.05 52.17
N ILE C 205 13.25 -12.81 51.23
CA ILE C 205 13.07 -14.25 51.15
C ILE C 205 14.45 -14.90 51.17
N VAL C 206 14.70 -15.76 52.17
CA VAL C 206 15.92 -16.55 52.26
C VAL C 206 15.55 -17.99 51.97
N ASP C 207 16.34 -18.65 51.12
CA ASP C 207 16.04 -20.02 50.69
C ASP C 207 17.23 -20.92 51.01
N LEU C 208 17.15 -21.61 52.14
CA LEU C 208 18.19 -22.53 52.60
C LEU C 208 17.84 -23.99 52.32
N SER C 209 16.73 -24.26 51.66
CA SER C 209 16.18 -25.61 51.57
C SER C 209 17.11 -26.52 50.79
N ARG C 210 16.99 -27.82 51.08
CA ARG C 210 17.73 -28.86 50.39
C ARG C 210 19.23 -28.68 50.62
N ASN C 211 19.61 -28.87 51.87
CA ASN C 211 20.99 -28.78 52.31
C ASN C 211 21.24 -29.83 53.40
N ARG C 212 22.41 -29.74 54.02
CA ARG C 212 22.81 -30.58 55.14
C ARG C 212 23.04 -29.72 56.39
N LEU C 213 22.20 -28.71 56.59
CA LEU C 213 22.42 -27.73 57.64
C LEU C 213 21.79 -28.20 58.94
N THR C 214 22.54 -28.07 60.03
CA THR C 214 22.12 -28.46 61.37
C THR C 214 21.88 -27.30 62.32
N ASN C 215 22.57 -26.18 62.11
CA ASN C 215 22.45 -25.00 62.96
C ASN C 215 22.67 -23.78 62.08
N ILE C 216 21.81 -22.76 62.21
CA ILE C 216 21.91 -21.57 61.36
C ILE C 216 21.70 -20.26 62.14
N GLU C 217 21.72 -20.33 63.48
CA GLU C 217 21.46 -19.14 64.28
C GLU C 217 22.48 -18.03 64.01
N GLN C 218 23.75 -18.38 63.80
CA GLN C 218 24.76 -17.35 63.51
C GLN C 218 24.49 -16.64 62.20
N PHE C 219 23.94 -17.35 61.22
CA PHE C 219 23.65 -16.74 59.93
C PHE C 219 22.44 -15.81 59.99
N LEU C 220 21.31 -16.29 60.56
CA LEU C 220 20.10 -15.46 60.70
C LEU C 220 20.29 -14.33 61.72
N ARG C 221 21.20 -14.53 62.67
CA ARG C 221 21.62 -13.50 63.62
C ARG C 221 22.09 -12.23 62.94
N GLY C 222 21.40 -11.12 63.20
CA GLY C 222 21.86 -9.86 62.65
C GLY C 222 21.38 -9.59 61.26
N ILE C 223 20.33 -10.28 60.82
CA ILE C 223 19.63 -9.96 59.59
C ILE C 223 18.14 -10.05 59.91
N PRO C 224 17.54 -8.96 60.37
CA PRO C 224 16.15 -8.98 60.82
C PRO C 224 15.14 -8.66 59.75
N ALA C 225 15.59 -8.18 58.58
CA ALA C 225 14.69 -7.88 57.49
C ALA C 225 13.99 -9.14 56.97
N ILE C 226 14.52 -10.30 57.31
CA ILE C 226 14.02 -11.56 56.78
C ILE C 226 12.57 -11.77 57.21
N ARG C 227 11.71 -12.01 56.24
CA ARG C 227 10.32 -12.37 56.50
C ARG C 227 9.98 -13.81 56.16
N GLN C 228 10.71 -14.43 55.24
CA GLN C 228 10.37 -15.76 54.77
C GLN C 228 11.65 -16.58 54.66
N ILE C 229 11.64 -17.78 55.23
CA ILE C 229 12.78 -18.68 55.22
C ILE C 229 12.30 -20.05 54.76
N SER C 230 13.13 -20.74 53.99
CA SER C 230 12.86 -22.13 53.61
C SER C 230 14.10 -22.95 53.94
N VAL C 231 14.08 -23.63 55.09
CA VAL C 231 15.19 -24.48 55.52
C VAL C 231 14.78 -25.93 55.33
N ALA C 232 14.10 -26.22 54.23
CA ALA C 232 13.58 -27.55 53.99
C ALA C 232 14.71 -28.55 53.69
N TYR C 233 14.41 -29.83 53.94
CA TYR C 233 15.26 -30.97 53.60
C TYR C 233 16.68 -30.82 54.18
N ASN C 234 16.71 -30.64 55.51
CA ASN C 234 17.95 -30.48 56.28
C ASN C 234 17.99 -31.37 57.51
N SER C 235 18.97 -31.12 58.39
CA SER C 235 19.15 -31.85 59.63
C SER C 235 19.16 -30.91 60.84
N ILE C 236 18.34 -29.85 60.81
CA ILE C 236 18.23 -28.87 61.89
C ILE C 236 17.33 -29.42 62.99
N ALA C 237 17.75 -29.27 64.26
CA ALA C 237 17.03 -29.84 65.40
C ALA C 237 16.35 -28.84 66.32
N GLU C 238 16.92 -27.65 66.57
CA GLU C 238 16.32 -26.66 67.47
C GLU C 238 16.33 -25.32 66.76
N LEU C 239 15.15 -24.69 66.65
CA LEU C 239 15.01 -23.47 65.87
C LEU C 239 14.47 -22.37 66.78
N ASP C 240 15.14 -21.21 66.76
CA ASP C 240 14.75 -20.02 67.51
C ASP C 240 14.65 -18.87 66.52
N LEU C 241 13.46 -18.25 66.44
CA LEU C 241 13.14 -17.27 65.40
C LEU C 241 12.48 -15.98 65.88
N SER C 242 12.08 -15.88 67.15
CA SER C 242 11.43 -14.64 67.61
C SER C 242 12.42 -13.49 67.75
N LEU C 243 13.65 -13.79 68.15
CA LEU C 243 14.68 -12.81 68.44
C LEU C 243 15.70 -12.63 67.30
N ALA C 244 15.47 -13.23 66.14
CA ALA C 244 16.36 -13.07 64.99
C ALA C 244 15.60 -12.45 63.83
N THR C 245 14.58 -13.13 63.31
CA THR C 245 13.73 -12.63 62.25
C THR C 245 12.39 -12.27 62.88
N PRO C 246 12.22 -11.05 63.41
CA PRO C 246 10.98 -10.72 64.14
C PRO C 246 9.79 -10.44 63.25
N PHE C 247 10.01 -10.32 61.94
CA PHE C 247 8.95 -10.10 60.96
C PHE C 247 8.75 -11.34 60.10
N LEU C 248 9.25 -12.49 60.57
CA LEU C 248 9.11 -13.80 59.94
C LEU C 248 7.65 -14.19 59.79
N GLN C 249 7.20 -14.29 58.53
CA GLN C 249 5.80 -14.50 58.22
C GLN C 249 5.48 -15.87 57.66
N GLN C 250 6.46 -16.52 57.04
CA GLN C 250 6.23 -17.80 56.38
C GLN C 250 7.47 -18.64 56.63
N LEU C 251 7.33 -19.68 57.45
CA LEU C 251 8.43 -20.57 57.79
C LEU C 251 8.18 -21.92 57.13
N ASP C 252 9.17 -22.37 56.38
CA ASP C 252 9.14 -23.67 55.71
C ASP C 252 10.26 -24.45 56.38
N ALA C 253 9.89 -25.38 57.27
CA ALA C 253 10.83 -26.26 57.95
C ALA C 253 10.54 -27.73 57.63
N GLU C 254 10.05 -28.02 56.43
CA GLU C 254 9.72 -29.38 56.07
C GLU C 254 11.00 -30.21 55.93
N ALA C 255 10.89 -31.49 56.31
CA ALA C 255 11.95 -32.48 56.17
C ALA C 255 13.19 -32.06 56.96
N ASN C 256 13.02 -32.03 58.28
CA ASN C 256 14.11 -31.70 59.18
C ASN C 256 14.08 -32.69 60.32
N ARG C 257 15.00 -32.50 61.27
CA ARG C 257 15.05 -33.29 62.49
C ARG C 257 14.61 -32.44 63.68
N ILE C 258 13.59 -31.62 63.47
CA ILE C 258 13.15 -30.66 64.49
C ILE C 258 12.36 -31.40 65.56
N VAL C 259 12.81 -31.30 66.81
CA VAL C 259 12.15 -31.96 67.92
C VAL C 259 11.13 -31.05 68.57
N ASP C 260 11.52 -29.82 68.88
CA ASP C 260 10.58 -28.83 69.39
C ASP C 260 11.15 -27.43 69.19
N LEU C 261 10.24 -26.49 68.95
CA LEU C 261 10.58 -25.08 68.80
C LEU C 261 10.66 -24.42 70.18
N THR C 262 11.35 -23.27 70.23
CA THR C 262 11.43 -22.51 71.47
C THR C 262 10.49 -21.31 71.43
N SER C 263 10.68 -20.42 70.47
CA SER C 263 9.91 -19.19 70.35
C SER C 263 9.93 -18.73 68.90
N LEU C 264 8.82 -18.17 68.45
CA LEU C 264 8.65 -17.64 67.12
C LEU C 264 8.20 -16.19 67.28
N PRO C 265 8.34 -15.35 66.24
CA PRO C 265 7.77 -13.99 66.35
C PRO C 265 6.25 -14.03 66.24
N GLY C 266 5.58 -13.20 67.05
CA GLY C 266 4.12 -13.14 67.13
C GLY C 266 3.49 -12.73 65.81
N THR C 267 4.26 -12.91 64.73
CA THR C 267 3.88 -12.60 63.35
C THR C 267 3.69 -13.81 62.44
N VAL C 268 4.03 -15.03 62.89
CA VAL C 268 4.04 -16.15 61.96
C VAL C 268 2.62 -16.50 61.56
N VAL C 269 2.35 -16.49 60.25
CA VAL C 269 1.05 -16.84 59.70
C VAL C 269 1.08 -18.13 58.88
N HIS C 270 2.26 -18.69 58.61
CA HIS C 270 2.38 -19.93 57.86
C HIS C 270 3.49 -20.77 58.48
N VAL C 271 3.09 -21.87 59.11
CA VAL C 271 4.01 -22.82 59.73
C VAL C 271 3.99 -24.11 58.91
N ASN C 272 5.16 -24.51 58.40
CA ASN C 272 5.31 -25.77 57.66
C ASN C 272 6.24 -26.67 58.45
N LEU C 273 5.66 -27.67 59.10
CA LEU C 273 6.38 -28.64 59.90
C LEU C 273 6.18 -30.05 59.37
N ALA C 274 6.15 -30.22 58.05
CA ALA C 274 5.96 -31.54 57.48
C ALA C 274 7.24 -32.38 57.57
N GLY C 275 7.07 -33.68 57.77
CA GLY C 275 8.19 -34.61 57.83
C GLY C 275 9.20 -34.37 58.93
N ASN C 276 8.75 -33.97 60.12
CA ASN C 276 9.63 -33.74 61.27
C ASN C 276 9.39 -34.79 62.35
N ALA C 277 10.17 -34.67 63.42
CA ALA C 277 10.05 -35.53 64.60
C ALA C 277 9.20 -34.88 65.69
N LEU C 278 8.03 -34.36 65.34
CA LEU C 278 7.13 -33.77 66.33
C LEU C 278 6.32 -34.87 67.02
N LYS C 279 6.30 -34.83 68.36
CA LYS C 279 5.58 -35.82 69.14
C LYS C 279 4.28 -35.30 69.74
N ARG C 280 4.12 -33.99 69.84
CA ARG C 280 2.88 -33.36 70.29
C ARG C 280 2.89 -31.91 69.79
N VAL C 281 1.83 -31.18 70.09
CA VAL C 281 1.68 -29.80 69.61
C VAL C 281 2.67 -28.87 70.31
N PRO C 282 3.57 -28.20 69.59
CA PRO C 282 4.44 -27.21 70.25
C PRO C 282 3.62 -26.02 70.76
N ASP C 283 4.10 -25.43 71.86
CA ASP C 283 3.40 -24.30 72.45
C ASP C 283 3.64 -23.02 71.65
N ALA C 284 4.88 -22.80 71.19
CA ALA C 284 5.21 -21.56 70.49
C ALA C 284 4.57 -21.47 69.10
N VAL C 285 3.92 -22.55 68.64
CA VAL C 285 3.07 -22.49 67.47
C VAL C 285 1.60 -22.51 67.86
N ALA C 286 1.24 -23.23 68.94
CA ALA C 286 -0.14 -23.27 69.44
C ALA C 286 -0.56 -21.94 70.04
N GLU C 287 0.40 -21.08 70.38
CA GLU C 287 0.11 -19.76 70.87
C GLU C 287 0.08 -18.72 69.75
N LEU C 288 0.22 -19.13 68.48
CA LEU C 288 0.31 -18.14 67.41
C LEU C 288 -0.97 -17.31 67.32
N ALA C 289 -0.79 -16.08 66.86
CA ALA C 289 -1.88 -15.11 66.83
C ALA C 289 -2.73 -15.26 65.57
N SER C 290 -2.10 -15.23 64.40
CA SER C 290 -2.80 -15.22 63.12
C SER C 290 -2.34 -16.37 62.22
N LEU C 291 -2.14 -17.56 62.78
CA LEU C 291 -1.70 -18.71 61.99
C LEU C 291 -2.73 -19.03 60.92
N VAL C 292 -2.39 -18.79 59.66
CA VAL C 292 -3.33 -19.03 58.56
C VAL C 292 -3.33 -20.50 58.17
N ALA C 293 -2.15 -21.11 58.00
CA ALA C 293 -2.06 -22.49 57.57
C ALA C 293 -1.04 -23.25 58.41
N LEU C 294 -1.33 -24.53 58.65
CA LEU C 294 -0.42 -25.39 59.39
C LEU C 294 -0.43 -26.79 58.75
N ASN C 295 0.70 -27.17 58.15
CA ASN C 295 0.88 -28.48 57.52
C ASN C 295 1.90 -29.20 58.40
N VAL C 296 1.39 -29.95 59.40
CA VAL C 296 2.21 -30.76 60.30
C VAL C 296 2.01 -32.22 59.94
N SER C 297 2.12 -32.52 58.65
CA SER C 297 1.86 -33.85 58.14
C SER C 297 3.12 -34.71 58.17
N ARG C 298 2.93 -36.02 57.94
CA ARG C 298 4.01 -37.00 57.87
C ARG C 298 4.85 -37.05 59.14
N ASN C 299 4.22 -36.73 60.28
CA ASN C 299 4.82 -36.71 61.61
C ASN C 299 4.37 -37.94 62.41
N GLU C 300 4.63 -37.89 63.72
CA GLU C 300 4.22 -38.89 64.69
C GLU C 300 3.47 -38.26 65.87
N ILE C 301 2.45 -37.47 65.58
CA ILE C 301 1.73 -36.75 66.64
C ILE C 301 0.63 -37.65 67.18
N GLU C 302 0.44 -37.65 68.51
CA GLU C 302 -0.64 -38.40 69.14
C GLU C 302 -1.57 -37.44 69.86
N ALA C 303 -2.87 -37.75 69.83
CA ALA C 303 -3.88 -36.82 70.33
C ALA C 303 -4.21 -37.02 71.80
N GLY C 304 -3.24 -37.51 72.57
CA GLY C 304 -3.41 -37.66 74.01
C GLY C 304 -2.86 -36.44 74.73
N ASN C 305 -1.67 -35.99 74.31
CA ASN C 305 -1.07 -34.78 74.86
C ASN C 305 -1.48 -33.56 74.04
N SER C 306 -2.78 -33.49 73.76
CA SER C 306 -3.37 -32.53 72.83
C SER C 306 -3.36 -31.11 73.42
N SER C 307 -2.44 -30.27 72.93
CA SER C 307 -2.38 -28.87 73.32
C SER C 307 -3.54 -28.07 72.73
N VAL C 308 -3.82 -26.93 73.37
CA VAL C 308 -4.95 -26.08 73.02
C VAL C 308 -4.49 -25.00 72.04
N PHE C 309 -5.18 -24.90 70.90
CA PHE C 309 -4.87 -23.86 69.94
C PHE C 309 -5.34 -22.50 70.41
N SER C 310 -4.63 -21.46 69.96
CA SER C 310 -4.91 -20.07 70.32
C SER C 310 -5.47 -19.24 69.18
N SER C 311 -4.95 -19.38 67.95
CA SER C 311 -5.31 -18.49 66.84
C SER C 311 -6.74 -18.71 66.34
N PRO C 312 -7.51 -17.65 66.12
CA PRO C 312 -8.81 -17.76 65.43
C PRO C 312 -8.75 -17.55 63.93
N GLU C 313 -7.55 -17.55 63.33
CA GLU C 313 -7.36 -17.34 61.91
C GLU C 313 -6.99 -18.61 61.17
N LEU C 314 -7.00 -19.76 61.86
CA LEU C 314 -6.59 -21.03 61.27
C LEU C 314 -7.57 -21.41 60.17
N GLU C 315 -7.09 -21.39 58.93
CA GLU C 315 -7.90 -21.58 57.74
C GLU C 315 -7.51 -22.79 56.91
N MET C 316 -6.30 -23.33 57.10
CA MET C 316 -5.88 -24.53 56.39
C MET C 316 -5.08 -25.35 57.38
N LEU C 317 -5.50 -26.60 57.59
CA LEU C 317 -4.90 -27.49 58.59
C LEU C 317 -4.68 -28.87 57.97
N ASP C 318 -3.42 -29.27 57.87
CA ASP C 318 -3.02 -30.55 57.28
C ASP C 318 -2.29 -31.32 58.38
N ALA C 319 -3.04 -32.08 59.18
CA ALA C 319 -2.46 -32.97 60.19
C ALA C 319 -2.50 -34.43 59.74
N SER C 320 -2.21 -34.67 58.46
CA SER C 320 -2.23 -36.00 57.87
C SER C 320 -0.99 -36.82 58.28
N TYR C 321 -1.00 -38.10 57.88
CA TYR C 321 0.07 -39.08 58.16
C TYR C 321 0.53 -39.08 59.61
N ASN C 322 -0.44 -39.03 60.54
CA ASN C 322 -0.16 -38.97 61.97
C ASN C 322 -0.90 -40.09 62.72
N LYS C 323 -0.57 -40.20 64.00
CA LYS C 323 -1.06 -41.25 64.91
C LYS C 323 -2.15 -40.74 65.83
N LEU C 324 -3.17 -40.09 65.27
CA LEU C 324 -4.23 -39.50 66.06
C LEU C 324 -5.28 -40.57 66.35
N ASP C 325 -5.77 -40.60 67.59
CA ASP C 325 -6.85 -41.53 67.91
C ASP C 325 -8.22 -40.89 67.74
N SER C 326 -8.35 -39.59 68.03
CA SER C 326 -9.60 -38.85 67.89
C SER C 326 -9.29 -37.37 67.92
N LEU C 327 -10.10 -36.58 67.20
CA LEU C 327 -9.86 -35.14 67.01
C LEU C 327 -10.03 -34.36 68.32
N PRO C 328 -8.99 -33.67 68.81
CA PRO C 328 -9.14 -32.84 70.02
C PRO C 328 -9.85 -31.52 69.71
N VAL C 329 -10.81 -31.18 70.58
CA VAL C 329 -11.56 -29.93 70.40
C VAL C 329 -10.74 -28.73 70.81
N GLU C 330 -9.66 -28.95 71.58
CA GLU C 330 -8.77 -27.85 71.95
C GLU C 330 -8.22 -27.18 70.70
N TRP C 331 -8.14 -27.94 69.61
CA TRP C 331 -7.58 -27.49 68.35
C TRP C 331 -8.51 -26.47 67.70
N LEU C 332 -9.60 -26.94 67.09
CA LEU C 332 -10.52 -26.00 66.43
C LEU C 332 -11.25 -25.08 67.40
N GLN C 333 -10.83 -25.06 68.68
CA GLN C 333 -11.52 -24.29 69.70
C GLN C 333 -11.56 -22.80 69.36
N LYS C 334 -10.62 -22.32 68.56
CA LYS C 334 -10.51 -20.89 68.32
C LYS C 334 -11.00 -20.44 66.94
N CYS C 335 -11.11 -21.34 65.97
CA CYS C 335 -11.38 -21.01 64.58
C CYS C 335 -12.51 -21.87 64.03
N GLU C 336 -13.60 -21.97 64.79
CA GLU C 336 -14.71 -22.82 64.40
C GLU C 336 -15.41 -22.29 63.15
N LYS C 337 -15.55 -20.97 63.04
CA LYS C 337 -16.17 -20.37 61.89
C LYS C 337 -15.19 -19.98 60.80
N ARG C 338 -13.90 -20.24 61.00
CA ARG C 338 -12.91 -19.89 59.99
C ARG C 338 -12.19 -21.08 59.37
N ILE C 339 -12.24 -22.27 59.98
CA ILE C 339 -11.55 -23.41 59.39
C ILE C 339 -12.21 -23.77 58.06
N ALA C 340 -11.38 -24.09 57.05
CA ALA C 340 -11.88 -24.28 55.69
C ALA C 340 -11.39 -25.54 55.00
N HIS C 341 -10.14 -25.94 55.22
CA HIS C 341 -9.56 -27.08 54.53
C HIS C 341 -8.92 -27.92 55.62
N LEU C 342 -9.45 -29.13 55.83
CA LEU C 342 -9.02 -30.00 56.94
C LEU C 342 -8.54 -31.34 56.40
N HIS C 343 -7.22 -31.50 56.29
CA HIS C 343 -6.60 -32.71 55.79
C HIS C 343 -6.10 -33.59 56.93
N LEU C 344 -6.63 -34.81 57.02
CA LEU C 344 -6.36 -35.75 58.11
C LEU C 344 -6.34 -37.17 57.58
N GLU C 345 -5.62 -37.40 56.49
CA GLU C 345 -5.59 -38.72 55.87
C GLU C 345 -4.46 -39.58 56.43
N HIS C 346 -4.61 -40.90 56.27
CA HIS C 346 -3.65 -41.90 56.74
C HIS C 346 -3.36 -41.77 58.23
N ASN C 347 -4.43 -41.69 59.03
CA ASN C 347 -4.36 -41.78 60.48
C ASN C 347 -5.01 -43.07 60.94
N SER C 348 -5.27 -43.15 62.23
CA SER C 348 -5.96 -44.27 62.87
C SER C 348 -7.08 -43.75 63.76
N ILE C 349 -7.76 -42.68 63.34
CA ILE C 349 -8.95 -42.24 64.06
C ILE C 349 -9.97 -43.36 63.98
N GLU C 350 -10.37 -43.88 65.14
CA GLU C 350 -11.36 -44.95 65.13
C GLU C 350 -12.77 -44.41 65.09
N GLN C 351 -13.00 -43.30 65.79
CA GLN C 351 -14.34 -42.75 65.88
C GLN C 351 -14.28 -41.26 66.22
N LEU C 352 -14.93 -40.44 65.40
CA LEU C 352 -15.14 -39.01 65.65
C LEU C 352 -16.32 -38.85 66.60
N THR C 353 -16.01 -38.55 67.86
CA THR C 353 -17.00 -38.20 68.87
C THR C 353 -17.82 -37.03 68.30
N GLY C 354 -19.05 -37.30 67.86
CA GLY C 354 -19.80 -36.31 67.11
C GLY C 354 -19.89 -34.99 67.85
N GLY C 355 -19.96 -33.89 67.11
CA GLY C 355 -19.98 -32.56 67.68
C GLY C 355 -18.70 -31.78 67.47
N VAL C 356 -17.58 -32.47 67.20
CA VAL C 356 -16.30 -31.80 67.09
C VAL C 356 -16.24 -30.91 65.86
N LEU C 357 -16.69 -31.41 64.71
CA LEU C 357 -16.70 -30.65 63.47
C LEU C 357 -18.04 -30.02 63.13
N ALA C 358 -19.06 -30.16 63.98
CA ALA C 358 -20.39 -29.66 63.67
C ALA C 358 -20.49 -28.13 63.60
N ASN C 359 -19.40 -27.39 63.73
CA ASN C 359 -19.49 -25.93 63.66
C ASN C 359 -18.61 -25.30 62.58
N ALA C 360 -18.06 -26.09 61.67
CA ALA C 360 -17.16 -25.56 60.63
C ALA C 360 -18.03 -25.12 59.47
N THR C 361 -18.42 -23.84 59.50
CA THR C 361 -19.30 -23.31 58.45
C THR C 361 -18.53 -22.94 57.19
N ASN C 362 -17.24 -22.60 57.28
CA ASN C 362 -16.42 -22.31 56.10
C ASN C 362 -15.76 -23.55 55.54
N LEU C 363 -15.93 -24.71 56.18
CA LEU C 363 -15.29 -25.96 55.80
C LEU C 363 -15.70 -26.37 54.39
N GLN C 364 -14.78 -26.24 53.43
CA GLN C 364 -15.02 -26.54 52.01
C GLN C 364 -14.44 -27.88 51.59
N THR C 365 -13.38 -28.33 52.25
CA THR C 365 -12.72 -29.59 51.97
C THR C 365 -12.56 -30.30 53.29
N LEU C 366 -12.97 -31.57 53.34
CA LEU C 366 -12.82 -32.42 54.51
C LEU C 366 -12.27 -33.75 54.03
N ASP C 367 -10.99 -34.01 54.32
CA ASP C 367 -10.28 -35.18 53.80
C ASP C 367 -9.96 -36.15 54.93
N LEU C 368 -10.67 -37.28 55.00
CA LEU C 368 -10.43 -38.36 55.95
C LEU C 368 -10.32 -39.70 55.24
N SER C 369 -9.63 -39.73 54.10
CA SER C 369 -9.34 -41.01 53.46
C SER C 369 -8.26 -41.75 54.26
N SER C 370 -8.29 -43.09 54.17
CA SER C 370 -7.34 -43.99 54.85
C SER C 370 -7.37 -43.82 56.38
N ASN C 371 -8.54 -44.07 56.96
CA ASN C 371 -8.71 -44.07 58.42
C ASN C 371 -9.52 -45.29 58.83
N GLN C 372 -10.01 -45.32 60.06
CA GLN C 372 -10.72 -46.48 60.58
C GLN C 372 -12.16 -46.17 60.97
N LEU C 373 -12.84 -45.29 60.24
CA LEU C 373 -14.24 -45.05 60.50
C LEU C 373 -15.07 -46.28 60.14
N ARG C 374 -16.08 -46.59 60.95
CA ARG C 374 -17.04 -47.64 60.62
C ARG C 374 -18.45 -47.14 60.35
N VAL C 375 -18.95 -46.16 61.12
CA VAL C 375 -20.24 -45.55 60.86
C VAL C 375 -20.07 -44.04 60.97
N PHE C 376 -20.39 -43.35 59.88
CA PHE C 376 -20.35 -41.89 59.86
C PHE C 376 -21.71 -41.33 60.27
N ARG C 377 -21.82 -40.91 61.53
CA ARG C 377 -23.10 -40.50 62.11
C ARG C 377 -23.56 -39.17 61.52
N ASP C 378 -24.74 -38.73 61.91
CA ASP C 378 -25.40 -37.60 61.28
C ASP C 378 -25.03 -36.23 61.88
N GLU C 379 -24.62 -36.21 63.14
CA GLU C 379 -24.43 -34.98 63.91
C GLU C 379 -23.00 -34.44 63.83
N VAL C 380 -22.20 -34.92 62.88
CA VAL C 380 -20.81 -34.53 62.81
C VAL C 380 -20.63 -33.23 62.03
N LEU C 381 -21.46 -32.97 61.00
CA LEU C 381 -21.38 -31.78 60.16
C LEU C 381 -22.48 -30.78 60.48
N PRO C 382 -22.27 -29.49 60.18
CA PRO C 382 -23.38 -28.53 60.28
C PRO C 382 -24.24 -28.63 59.03
N GLU C 383 -25.52 -28.31 59.21
CA GLU C 383 -26.50 -28.68 58.19
C GLU C 383 -26.26 -27.98 56.86
N ASN C 384 -25.66 -26.80 56.88
CA ASN C 384 -25.52 -26.08 55.63
C ASN C 384 -24.05 -25.75 55.35
N SER C 385 -23.20 -26.78 55.50
CA SER C 385 -21.78 -26.66 55.23
C SER C 385 -21.51 -26.47 53.72
N LYS C 386 -20.51 -25.65 53.41
CA LYS C 386 -20.06 -25.40 52.04
C LYS C 386 -19.17 -26.52 51.46
N ILE C 387 -19.24 -27.74 51.98
CA ILE C 387 -18.32 -28.80 51.57
C ILE C 387 -18.62 -29.23 50.14
N GLY C 388 -17.64 -29.03 49.24
CA GLY C 388 -17.76 -29.48 47.87
C GLY C 388 -16.91 -30.69 47.53
N ASN C 389 -15.88 -30.93 48.36
CA ASN C 389 -15.03 -32.10 48.25
C ASN C 389 -15.07 -32.83 49.59
N LEU C 390 -15.45 -34.09 49.58
CA LEU C 390 -15.42 -34.94 50.77
C LEU C 390 -14.85 -36.32 50.44
N ARG C 391 -13.71 -36.69 51.04
CA ARG C 391 -13.05 -37.95 50.73
C ARG C 391 -13.03 -38.88 51.93
N LEU C 392 -13.52 -40.10 51.76
CA LEU C 392 -13.55 -41.10 52.81
C LEU C 392 -13.33 -42.48 52.19
N SER C 393 -12.14 -42.67 51.62
CA SER C 393 -11.73 -43.90 50.94
C SER C 393 -10.73 -44.65 51.80
N ASN C 394 -10.61 -45.95 51.55
CA ASN C 394 -9.69 -46.82 52.29
C ASN C 394 -10.01 -46.76 53.80
N ASN C 395 -11.29 -46.87 54.11
CA ASN C 395 -11.78 -46.90 55.49
C ASN C 395 -12.49 -48.23 55.72
N SER C 396 -12.90 -48.42 56.98
CA SER C 396 -13.70 -49.59 57.35
C SER C 396 -15.18 -49.24 57.37
N LEU C 397 -15.61 -48.42 56.42
CA LEU C 397 -16.96 -47.85 56.44
C LEU C 397 -18.01 -48.93 56.20
N GLU C 398 -19.03 -48.94 57.06
CA GLU C 398 -20.14 -49.88 56.97
C GLU C 398 -21.47 -49.22 56.65
N LEU C 399 -21.70 -47.99 57.09
CA LEU C 399 -23.01 -47.36 56.91
C LEU C 399 -22.87 -45.83 56.96
N LEU C 400 -23.66 -45.13 56.15
CA LEU C 400 -23.85 -43.69 56.23
C LEU C 400 -25.31 -43.42 56.62
N GLU C 401 -25.52 -42.99 57.85
CA GLU C 401 -26.87 -42.77 58.38
C GLU C 401 -27.57 -41.63 57.61
N PRO C 402 -28.93 -41.68 57.49
CA PRO C 402 -29.61 -40.98 56.38
C PRO C 402 -29.58 -39.46 56.41
N SER C 403 -28.86 -38.87 57.36
CA SER C 403 -28.87 -37.42 57.49
C SER C 403 -27.47 -36.81 57.59
N SER C 404 -26.42 -37.63 57.57
CA SER C 404 -25.07 -37.08 57.69
C SER C 404 -24.69 -36.25 56.48
N LEU C 405 -25.27 -36.53 55.31
CA LEU C 405 -24.98 -35.78 54.09
C LEU C 405 -26.24 -35.18 53.49
N SER C 406 -27.27 -34.96 54.31
CA SER C 406 -28.54 -34.43 53.83
C SER C 406 -28.43 -32.94 53.56
N GLY C 407 -28.89 -32.53 52.37
CA GLY C 407 -28.98 -31.13 51.99
C GLY C 407 -27.70 -30.51 51.51
N LEU C 408 -26.66 -31.30 51.26
CA LEU C 408 -25.33 -30.82 50.94
C LEU C 408 -25.16 -30.51 49.45
N LYS C 409 -24.17 -29.66 49.17
CA LYS C 409 -23.82 -29.22 47.82
C LYS C 409 -22.49 -29.84 47.39
N LEU C 410 -22.34 -31.14 47.64
CA LEU C 410 -21.11 -31.84 47.31
C LEU C 410 -20.88 -31.87 45.80
N GLU C 411 -19.63 -31.68 45.38
CA GLU C 411 -19.22 -31.83 43.99
C GLU C 411 -18.47 -33.12 43.71
N SER C 412 -17.60 -33.53 44.63
CA SER C 412 -16.83 -34.76 44.52
C SER C 412 -16.97 -35.49 45.84
N LEU C 413 -17.48 -36.73 45.79
CA LEU C 413 -17.67 -37.54 47.00
C LEU C 413 -17.01 -38.90 46.80
N ASP C 414 -16.07 -39.24 47.67
CA ASP C 414 -15.25 -40.46 47.54
C ASP C 414 -15.47 -41.41 48.70
N LEU C 415 -15.61 -42.70 48.38
CA LEU C 415 -15.86 -43.74 49.38
C LEU C 415 -15.43 -45.12 48.90
N SER C 416 -14.21 -45.24 48.37
CA SER C 416 -13.73 -46.50 47.81
C SER C 416 -12.98 -47.32 48.86
N HIS C 417 -12.71 -48.59 48.52
CA HIS C 417 -11.96 -49.54 49.35
C HIS C 417 -12.62 -49.72 50.72
N ASN C 418 -13.95 -49.76 50.75
CA ASN C 418 -14.70 -49.77 52.01
C ASN C 418 -15.56 -51.04 52.14
N LYS C 419 -16.40 -51.05 53.17
CA LYS C 419 -17.24 -52.20 53.50
C LYS C 419 -18.74 -51.91 53.37
N LEU C 420 -19.14 -50.98 52.50
CA LEU C 420 -20.57 -50.78 52.24
C LEU C 420 -21.14 -52.00 51.53
N THR C 421 -22.37 -52.39 51.84
CA THR C 421 -23.06 -53.48 51.15
C THR C 421 -24.15 -52.99 50.18
N GLU C 422 -24.27 -51.68 49.99
CA GLU C 422 -25.30 -51.08 49.12
C GLU C 422 -24.91 -49.61 48.90
N VAL C 423 -25.82 -48.87 48.29
CA VAL C 423 -25.65 -47.42 48.15
C VAL C 423 -26.39 -46.77 49.32
N PRO C 424 -25.69 -46.33 50.37
CA PRO C 424 -26.38 -45.86 51.58
C PRO C 424 -27.17 -44.57 51.36
N ALA C 425 -28.30 -44.47 52.08
CA ALA C 425 -29.31 -43.44 51.84
C ALA C 425 -28.82 -42.02 52.07
N ALA C 426 -27.63 -41.83 52.62
CA ALA C 426 -27.07 -40.48 52.76
C ALA C 426 -26.90 -39.78 51.42
N ILE C 427 -26.83 -40.53 50.31
CA ILE C 427 -26.54 -39.98 48.99
C ILE C 427 -27.78 -39.58 48.20
N GLY C 428 -28.98 -39.97 48.65
CA GLY C 428 -30.20 -39.51 48.00
C GLY C 428 -30.62 -38.08 48.26
N LYS C 429 -30.02 -37.43 49.27
CA LYS C 429 -30.38 -36.07 49.70
C LYS C 429 -29.59 -34.96 49.01
N VAL C 430 -28.38 -35.26 48.54
CA VAL C 430 -27.53 -34.28 47.88
C VAL C 430 -28.15 -33.85 46.55
N GLU C 431 -28.00 -32.57 46.21
CA GLU C 431 -28.53 -32.09 44.94
C GLU C 431 -27.46 -31.76 43.91
N GLN C 432 -26.24 -31.44 44.33
CA GLN C 432 -25.19 -30.99 43.43
C GLN C 432 -24.11 -32.04 43.16
N LEU C 433 -24.34 -33.30 43.52
CA LEU C 433 -23.25 -34.27 43.49
C LEU C 433 -22.83 -34.53 42.05
N LYS C 434 -21.54 -34.29 41.75
CA LYS C 434 -21.02 -34.39 40.39
C LYS C 434 -20.12 -35.59 40.18
N LYS C 435 -19.65 -36.21 41.25
CA LYS C 435 -18.84 -37.40 41.12
C LYS C 435 -19.02 -38.21 42.40
N VAL C 436 -19.18 -39.52 42.24
CA VAL C 436 -19.34 -40.42 43.37
C VAL C 436 -18.54 -41.67 43.08
N ASP C 437 -17.82 -42.13 44.10
CA ASP C 437 -16.95 -43.29 44.03
C ASP C 437 -17.39 -44.25 45.12
N LEU C 438 -17.84 -45.45 44.73
CA LEU C 438 -18.19 -46.51 45.65
C LEU C 438 -17.63 -47.83 45.15
N SER C 439 -16.39 -47.79 44.67
CA SER C 439 -15.70 -48.92 44.11
C SER C 439 -14.94 -49.70 45.18
N HIS C 440 -14.51 -50.91 44.82
CA HIS C 440 -13.73 -51.79 45.70
C HIS C 440 -14.40 -51.96 47.05
N ASN C 441 -15.71 -51.79 47.08
CA ASN C 441 -16.56 -51.94 48.24
C ASN C 441 -17.19 -53.33 48.18
N ARG C 442 -18.27 -53.53 48.93
CA ARG C 442 -19.03 -54.75 48.82
C ARG C 442 -20.50 -54.45 48.49
N ILE C 443 -20.72 -53.39 47.70
CA ILE C 443 -22.07 -53.03 47.29
C ILE C 443 -22.61 -54.14 46.40
N ALA C 444 -23.77 -54.68 46.75
CA ALA C 444 -24.33 -55.82 46.04
C ALA C 444 -25.49 -55.45 45.11
N LYS C 445 -26.01 -54.23 45.17
CA LYS C 445 -27.20 -53.95 44.38
C LYS C 445 -27.44 -52.44 44.41
N VAL C 446 -28.01 -51.94 43.30
CA VAL C 446 -28.32 -50.51 43.10
C VAL C 446 -29.80 -50.37 42.74
N TYR C 447 -30.57 -49.76 43.65
CA TYR C 447 -32.02 -49.65 43.48
C TYR C 447 -32.36 -48.61 42.40
N GLN C 448 -33.66 -48.50 42.11
CA GLN C 448 -34.10 -47.70 40.98
C GLN C 448 -34.14 -46.20 41.31
N TYR C 449 -34.47 -45.85 42.56
CA TYR C 449 -34.66 -44.46 42.98
C TYR C 449 -33.39 -43.76 43.46
N VAL C 450 -32.35 -44.51 43.83
CA VAL C 450 -31.18 -43.99 44.57
C VAL C 450 -30.33 -43.05 43.72
N LEU C 451 -29.70 -43.56 42.67
CA LEU C 451 -28.78 -42.78 41.86
C LEU C 451 -29.49 -42.04 40.73
N ASN C 452 -30.79 -41.81 40.89
CA ASN C 452 -31.60 -41.01 39.98
C ASN C 452 -31.81 -39.60 40.50
N LYS C 453 -31.85 -39.45 41.84
CA LYS C 453 -32.14 -38.19 42.51
C LYS C 453 -31.05 -37.15 42.34
N ILE C 454 -29.91 -37.52 41.79
CA ILE C 454 -28.86 -36.56 41.47
C ILE C 454 -28.83 -36.45 39.95
N LYS C 455 -29.34 -35.33 39.44
CA LYS C 455 -29.34 -35.10 38.00
C LYS C 455 -28.00 -34.58 37.53
N GLN C 456 -27.34 -33.78 38.36
CA GLN C 456 -26.03 -33.20 38.04
C GLN C 456 -24.89 -34.19 38.21
N LEU C 457 -25.20 -35.45 38.49
CA LEU C 457 -24.19 -36.49 38.72
C LEU C 457 -23.55 -36.87 37.39
N HIS C 458 -22.26 -36.54 37.24
CA HIS C 458 -21.52 -36.79 36.01
C HIS C 458 -20.83 -38.14 35.99
N THR C 459 -20.30 -38.58 37.12
CA THR C 459 -19.43 -39.74 37.15
C THR C 459 -19.77 -40.59 38.35
N VAL C 460 -19.93 -41.88 38.11
CA VAL C 460 -20.27 -42.85 39.14
C VAL C 460 -19.26 -43.98 39.03
N ASP C 461 -18.91 -44.57 40.17
CA ASP C 461 -17.95 -45.68 40.17
C ASP C 461 -18.50 -46.82 41.02
N LEU C 462 -18.69 -47.98 40.41
CA LEU C 462 -19.19 -49.14 41.13
C LEU C 462 -18.42 -50.38 40.69
N SER C 463 -17.11 -50.24 40.50
CA SER C 463 -16.29 -51.34 40.03
C SER C 463 -15.78 -52.18 41.21
N ASN C 464 -15.34 -53.39 40.87
CA ASN C 464 -14.73 -54.32 41.83
C ASN C 464 -15.64 -54.60 43.01
N ASN C 465 -16.94 -54.48 42.76
CA ASN C 465 -17.98 -54.67 43.76
C ASN C 465 -18.65 -56.03 43.63
N GLN C 466 -19.93 -56.10 43.98
CA GLN C 466 -20.72 -57.33 43.94
C GLN C 466 -22.07 -57.10 43.25
N LEU C 467 -22.09 -56.23 42.23
CA LEU C 467 -23.27 -56.03 41.41
C LEU C 467 -23.53 -57.28 40.58
N GLN C 468 -24.79 -57.70 40.51
CA GLN C 468 -25.14 -58.85 39.66
C GLN C 468 -25.75 -58.47 38.30
N SER C 469 -26.32 -57.27 38.16
CA SER C 469 -26.84 -56.80 36.88
C SER C 469 -27.21 -55.33 37.06
N ILE C 470 -27.59 -54.69 35.95
CA ILE C 470 -27.95 -53.26 35.94
C ILE C 470 -29.40 -53.11 35.51
N GLY C 471 -30.29 -52.91 36.50
CA GLY C 471 -31.72 -52.84 36.34
C GLY C 471 -32.28 -51.56 35.71
N PRO C 472 -33.51 -51.64 35.20
CA PRO C 472 -34.11 -50.48 34.52
C PRO C 472 -34.55 -49.39 35.49
N TYR C 473 -34.40 -48.14 35.03
CA TYR C 473 -34.78 -46.89 35.71
C TYR C 473 -33.93 -46.60 36.94
N ILE C 474 -32.86 -47.37 37.18
CA ILE C 474 -31.90 -46.98 38.21
C ILE C 474 -30.93 -45.90 37.72
N PHE C 475 -30.93 -45.61 36.40
CA PHE C 475 -30.01 -44.65 35.80
C PHE C 475 -30.68 -43.61 34.88
N SER C 476 -32.00 -43.48 34.89
CA SER C 476 -32.66 -42.58 33.94
C SER C 476 -32.53 -41.10 34.34
N ASP C 477 -33.06 -40.71 35.53
CA ASP C 477 -33.14 -39.28 35.94
C ASP C 477 -31.77 -38.62 36.29
N SER C 478 -30.64 -39.21 35.93
CA SER C 478 -29.33 -38.57 36.10
C SER C 478 -28.99 -38.03 34.72
N SER C 479 -29.63 -36.92 34.38
CA SER C 479 -29.58 -36.31 33.05
C SER C 479 -28.29 -35.52 32.78
N GLU C 480 -27.25 -35.68 33.59
CA GLU C 480 -25.94 -35.12 33.28
C GLU C 480 -24.85 -36.20 33.28
N LEU C 481 -25.23 -37.47 33.20
CA LEU C 481 -24.26 -38.56 33.28
C LEU C 481 -23.37 -38.59 32.04
N HIS C 482 -22.07 -38.82 32.24
CA HIS C 482 -21.01 -38.86 31.24
C HIS C 482 -20.16 -40.12 31.30
N SER C 483 -19.91 -40.62 32.50
CA SER C 483 -19.05 -41.78 32.72
C SER C 483 -19.69 -42.73 33.72
N LEU C 484 -19.58 -44.02 33.45
CA LEU C 484 -20.02 -45.05 34.38
C LEU C 484 -19.00 -46.19 34.34
N ASP C 485 -18.53 -46.64 35.50
CA ASP C 485 -17.58 -47.74 35.61
C ASP C 485 -18.19 -48.80 36.53
N VAL C 486 -18.45 -49.99 35.98
CA VAL C 486 -18.94 -51.10 36.78
C VAL C 486 -18.18 -52.40 36.45
N SER C 487 -16.85 -52.29 36.31
CA SER C 487 -15.97 -53.40 35.98
C SER C 487 -15.68 -54.24 37.23
N ASN C 488 -15.30 -55.50 37.02
CA ASN C 488 -15.04 -56.43 38.13
C ASN C 488 -16.26 -56.60 39.04
N ASN C 489 -17.42 -56.85 38.42
CA ASN C 489 -18.62 -57.18 39.17
C ASN C 489 -19.13 -58.55 38.71
N GLU C 490 -20.44 -58.80 38.84
CA GLU C 490 -21.02 -60.06 38.42
C GLU C 490 -22.12 -59.87 37.40
N ILE C 491 -22.08 -58.74 36.67
CA ILE C 491 -23.17 -58.39 35.77
C ILE C 491 -23.39 -59.56 34.82
N SER C 492 -24.51 -60.24 35.01
CA SER C 492 -24.89 -61.38 34.18
C SER C 492 -26.00 -61.05 33.19
N LEU C 493 -26.55 -59.83 33.21
CA LEU C 493 -27.71 -59.51 32.40
C LEU C 493 -27.79 -58.00 32.20
N LEU C 494 -28.30 -57.60 31.03
CA LEU C 494 -28.44 -56.19 30.67
C LEU C 494 -29.91 -55.93 30.37
N PHE C 495 -30.55 -55.11 31.20
CA PHE C 495 -31.97 -54.80 31.07
C PHE C 495 -32.21 -53.76 29.98
N LYS C 496 -33.34 -53.90 29.26
CA LYS C 496 -33.54 -53.11 28.04
C LYS C 496 -33.58 -51.61 28.33
N ASP C 497 -34.17 -51.23 29.46
CA ASP C 497 -34.37 -49.82 29.80
C ASP C 497 -33.25 -49.26 30.66
N ALA C 498 -32.18 -50.03 30.88
CA ALA C 498 -31.16 -49.64 31.83
C ALA C 498 -30.53 -48.31 31.47
N PHE C 499 -30.42 -48.00 30.18
CA PHE C 499 -29.67 -46.83 29.72
C PHE C 499 -30.49 -45.95 28.78
N ALA C 500 -31.45 -45.25 29.36
CA ALA C 500 -32.14 -44.19 28.68
C ALA C 500 -32.09 -42.97 29.59
N ARG C 501 -32.43 -41.81 29.02
CA ARG C 501 -32.52 -40.53 29.74
C ARG C 501 -31.14 -40.01 30.14
N CYS C 502 -30.11 -40.40 29.41
CA CYS C 502 -28.74 -39.92 29.63
C CYS C 502 -28.17 -39.59 28.27
N PRO C 503 -28.61 -38.49 27.67
CA PRO C 503 -28.13 -38.16 26.32
C PRO C 503 -26.73 -37.56 26.35
N LYS C 504 -26.04 -37.71 27.48
CA LYS C 504 -24.69 -37.21 27.62
C LYS C 504 -23.68 -38.29 28.00
N LEU C 505 -24.14 -39.48 28.41
CA LEU C 505 -23.24 -40.57 28.76
C LEU C 505 -22.45 -40.97 27.53
N ARG C 506 -21.11 -40.90 27.63
CA ARG C 506 -20.26 -41.09 26.46
C ARG C 506 -19.27 -42.23 26.60
N LYS C 507 -19.06 -42.77 27.80
CA LYS C 507 -18.13 -43.86 27.95
C LYS C 507 -18.65 -44.74 29.09
N ILE C 508 -18.70 -46.04 28.85
CA ILE C 508 -19.16 -47.04 29.82
C ILE C 508 -18.16 -48.19 29.83
N SER C 509 -17.79 -48.66 31.02
CA SER C 509 -16.80 -49.72 31.17
C SER C 509 -17.39 -50.83 32.03
N MET C 510 -17.46 -52.05 31.49
CA MET C 510 -18.05 -53.19 32.19
C MET C 510 -17.16 -54.42 32.16
N LYS C 511 -15.83 -54.25 32.11
CA LYS C 511 -14.99 -55.43 31.91
C LYS C 511 -14.95 -56.31 33.15
N MET C 512 -14.73 -57.60 32.91
CA MET C 512 -14.58 -58.58 33.98
C MET C 512 -15.91 -58.74 34.71
N ASN C 513 -16.89 -59.28 34.02
CA ASN C 513 -18.23 -59.54 34.56
C ASN C 513 -18.64 -60.92 34.08
N LYS C 514 -19.94 -61.17 33.95
CA LYS C 514 -20.42 -62.39 33.34
C LYS C 514 -21.33 -62.09 32.14
N ILE C 515 -21.08 -60.96 31.46
CA ILE C 515 -21.86 -60.56 30.29
C ILE C 515 -21.75 -61.59 29.18
N LYS C 516 -22.83 -62.34 29.00
CA LYS C 516 -22.95 -63.33 27.93
C LYS C 516 -23.65 -62.76 26.70
N SER C 517 -24.18 -61.54 26.78
CA SER C 517 -24.95 -60.99 25.67
C SER C 517 -25.09 -59.49 25.83
N LEU C 518 -25.16 -58.81 24.67
CA LEU C 518 -25.35 -57.36 24.60
C LEU C 518 -26.75 -56.95 24.14
N ASP C 519 -27.72 -57.87 24.20
CA ASP C 519 -29.07 -57.55 23.78
C ASP C 519 -29.78 -56.66 24.79
N GLU C 520 -30.56 -55.72 24.25
CA GLU C 520 -31.46 -54.86 25.01
C GLU C 520 -30.72 -53.82 25.83
N GLY C 521 -29.66 -54.22 26.53
CA GLY C 521 -29.18 -53.41 27.64
C GLY C 521 -28.52 -52.10 27.26
N LEU C 522 -27.94 -52.03 26.07
CA LEU C 522 -27.15 -50.87 25.70
C LEU C 522 -27.71 -50.20 24.46
N THR C 523 -28.83 -50.69 23.96
CA THR C 523 -29.38 -50.17 22.72
C THR C 523 -29.85 -48.72 22.85
N GLU C 524 -30.15 -48.27 24.07
CA GLU C 524 -30.86 -47.01 24.24
C GLU C 524 -30.00 -45.81 24.63
N ALA C 525 -28.85 -46.01 25.29
CA ALA C 525 -27.99 -44.87 25.61
C ALA C 525 -27.35 -44.37 24.32
N SER C 526 -28.06 -43.48 23.58
CA SER C 526 -27.65 -42.96 22.28
C SER C 526 -26.65 -41.79 22.34
N GLY C 527 -25.90 -41.64 23.42
CA GLY C 527 -24.85 -40.65 23.45
C GLY C 527 -23.53 -41.39 23.65
N LEU C 528 -23.62 -42.72 23.68
CA LEU C 528 -22.46 -43.52 24.01
C LEU C 528 -21.50 -43.56 22.82
N ARG C 529 -20.20 -43.54 23.12
CA ARG C 529 -19.16 -43.45 22.08
C ARG C 529 -18.04 -44.47 22.20
N ARG C 530 -17.69 -44.86 23.41
CA ARG C 530 -16.59 -45.79 23.67
C ARG C 530 -17.11 -46.83 24.64
N LEU C 531 -17.12 -48.08 24.23
CA LEU C 531 -17.70 -49.14 25.05
C LEU C 531 -16.62 -50.15 25.42
N ASP C 532 -16.69 -50.62 26.67
CA ASP C 532 -15.76 -51.60 27.26
C ASP C 532 -16.57 -52.80 27.74
N VAL C 533 -16.30 -53.96 27.15
CA VAL C 533 -16.95 -55.20 27.53
C VAL C 533 -15.90 -56.28 27.58
N SER C 534 -14.65 -55.88 27.85
CA SER C 534 -13.54 -56.83 27.87
C SER C 534 -13.64 -57.81 29.03
N HIS C 535 -12.96 -58.95 28.88
CA HIS C 535 -12.90 -60.00 29.89
C HIS C 535 -14.30 -60.43 30.31
N ASN C 536 -15.05 -60.96 29.34
CA ASN C 536 -16.43 -61.36 29.61
C ASN C 536 -16.71 -62.78 29.12
N GLU C 537 -17.96 -63.05 28.76
CA GLU C 537 -18.40 -64.36 28.31
C GLU C 537 -19.24 -64.28 27.04
N ILE C 538 -19.03 -63.26 26.21
CA ILE C 538 -19.89 -63.04 25.05
C ILE C 538 -19.64 -64.12 24.01
N LEU C 539 -20.68 -64.91 23.72
CA LEU C 539 -20.53 -65.95 22.70
C LEU C 539 -20.70 -65.38 21.30
N VAL C 540 -21.72 -64.56 21.09
CA VAL C 540 -21.96 -63.91 19.79
C VAL C 540 -22.03 -62.40 19.99
N LEU C 541 -21.51 -61.66 19.01
CA LEU C 541 -21.49 -60.21 19.02
C LEU C 541 -22.51 -59.71 17.99
N LYS C 542 -23.62 -59.16 18.48
CA LYS C 542 -24.64 -58.56 17.63
C LYS C 542 -24.34 -57.08 17.46
N TRP C 543 -24.15 -56.65 16.19
CA TRP C 543 -23.87 -55.24 15.94
C TRP C 543 -25.10 -54.36 16.16
N SER C 544 -26.29 -54.85 15.77
CA SER C 544 -27.52 -54.05 15.89
C SER C 544 -27.93 -53.78 17.33
N ALA C 545 -27.42 -54.54 18.30
CA ALA C 545 -27.77 -54.37 19.71
C ALA C 545 -26.90 -53.34 20.42
N LEU C 546 -26.32 -52.41 19.67
CA LEU C 546 -25.42 -51.39 20.18
C LEU C 546 -26.03 -50.00 19.96
N PRO C 547 -25.56 -48.98 20.68
CA PRO C 547 -26.02 -47.61 20.40
C PRO C 547 -25.60 -47.13 19.02
N GLU C 548 -26.11 -45.97 18.63
CA GLU C 548 -25.91 -45.50 17.27
C GLU C 548 -24.70 -44.59 17.12
N ASN C 549 -24.06 -44.21 18.23
CA ASN C 549 -22.91 -43.32 18.20
C ASN C 549 -21.66 -43.96 18.76
N LEU C 550 -21.67 -45.28 18.93
CA LEU C 550 -20.50 -45.95 19.49
C LEU C 550 -19.35 -45.78 18.50
N GLU C 551 -18.19 -45.35 19.00
CA GLU C 551 -17.04 -45.03 18.15
C GLU C 551 -15.81 -45.87 18.40
N ILE C 552 -15.63 -46.35 19.63
CA ILE C 552 -14.55 -47.24 20.00
C ILE C 552 -15.17 -48.43 20.71
N LEU C 553 -14.78 -49.62 20.30
CA LEU C 553 -15.30 -50.82 20.91
C LEU C 553 -14.10 -51.59 21.46
N ASN C 554 -14.32 -52.26 22.59
CA ASN C 554 -13.27 -53.02 23.25
C ASN C 554 -13.88 -54.34 23.75
N ALA C 555 -13.53 -55.46 23.11
CA ALA C 555 -14.02 -56.79 23.51
C ALA C 555 -12.85 -57.76 23.74
N ASP C 556 -12.01 -57.45 24.72
CA ASP C 556 -10.80 -58.21 24.97
C ASP C 556 -11.09 -59.45 25.80
N ASN C 557 -10.42 -60.56 25.44
CA ASN C 557 -10.40 -61.78 26.28
C ASN C 557 -11.82 -62.32 26.53
N ASN C 558 -12.67 -62.21 25.52
CA ASN C 558 -14.03 -62.69 25.54
C ASN C 558 -14.07 -64.13 25.04
N ASP C 559 -15.26 -64.60 24.71
CA ASP C 559 -15.45 -65.91 24.08
C ASP C 559 -15.94 -65.77 22.64
N ILE C 560 -15.92 -64.55 22.11
CA ILE C 560 -16.57 -64.24 20.83
C ILE C 560 -16.00 -65.10 19.72
N ASN C 561 -16.89 -65.86 19.07
CA ASN C 561 -16.57 -66.76 17.99
C ASN C 561 -17.44 -66.47 16.77
N LEU C 562 -18.22 -65.39 16.84
CA LEU C 562 -19.09 -64.99 15.75
C LEU C 562 -19.34 -63.49 15.80
N LEU C 563 -19.34 -62.90 14.60
CA LEU C 563 -19.70 -61.52 14.35
C LEU C 563 -20.84 -61.58 13.33
N THR C 564 -21.97 -60.91 13.62
CA THR C 564 -23.11 -61.07 12.72
C THR C 564 -22.97 -60.15 11.49
N ALA C 565 -23.99 -60.17 10.64
CA ALA C 565 -23.99 -59.37 9.42
C ALA C 565 -24.10 -57.91 9.83
N ALA C 566 -22.96 -57.20 9.77
CA ALA C 566 -22.83 -55.79 10.11
C ALA C 566 -23.45 -54.86 9.07
N SER C 567 -24.10 -55.38 8.03
CA SER C 567 -24.75 -54.51 7.06
C SER C 567 -26.21 -54.25 7.41
N MET C 568 -26.86 -55.19 8.12
CA MET C 568 -28.20 -55.00 8.67
C MET C 568 -28.14 -54.49 10.11
N SER C 569 -27.11 -53.70 10.42
CA SER C 569 -26.91 -53.11 11.74
C SER C 569 -26.74 -51.59 11.64
N PRO C 570 -27.64 -50.79 12.23
CA PRO C 570 -27.45 -49.34 12.19
C PRO C 570 -26.40 -48.81 13.16
N SER C 571 -26.01 -49.60 14.16
CA SER C 571 -25.05 -49.21 15.19
C SER C 571 -23.59 -49.39 14.77
N THR C 572 -23.28 -49.16 13.50
CA THR C 572 -21.91 -49.29 13.00
C THR C 572 -21.38 -48.03 12.35
N ALA C 573 -22.26 -47.06 12.06
CA ALA C 573 -21.93 -45.89 11.24
C ALA C 573 -20.84 -45.01 11.84
N ASN C 574 -20.60 -45.06 13.15
CA ASN C 574 -19.65 -44.17 13.78
C ASN C 574 -18.45 -44.86 14.43
N LEU C 575 -18.37 -46.19 14.38
CA LEU C 575 -17.32 -46.93 15.08
C LEU C 575 -15.96 -46.72 14.42
N LYS C 576 -14.96 -46.33 15.23
CA LYS C 576 -13.64 -46.00 14.68
C LYS C 576 -12.60 -47.07 14.97
N SER C 577 -12.47 -47.48 16.23
CA SER C 577 -11.54 -48.54 16.62
C SER C 577 -12.29 -49.75 17.18
N VAL C 578 -11.70 -50.92 16.97
CA VAL C 578 -12.26 -52.17 17.43
C VAL C 578 -11.11 -53.05 17.85
N SER C 579 -11.26 -53.69 19.00
CA SER C 579 -10.29 -54.65 19.55
C SER C 579 -11.03 -55.95 19.85
N LEU C 580 -10.74 -56.98 19.07
CA LEU C 580 -11.33 -58.29 19.35
C LEU C 580 -10.25 -59.32 19.66
N SER C 581 -9.31 -58.94 20.52
CA SER C 581 -8.18 -59.82 20.81
C SER C 581 -8.58 -60.90 21.82
N ASN C 582 -7.90 -62.06 21.73
CA ASN C 582 -8.11 -63.23 22.60
C ASN C 582 -9.55 -63.75 22.51
N ASN C 583 -10.05 -63.88 21.29
CA ASN C 583 -11.40 -64.37 21.08
C ASN C 583 -11.33 -65.67 20.28
N GLY C 584 -12.36 -65.95 19.48
CA GLY C 584 -12.36 -67.18 18.70
C GLY C 584 -12.93 -67.08 17.29
N ILE C 585 -12.94 -65.87 16.73
CA ILE C 585 -13.50 -65.62 15.40
C ILE C 585 -12.66 -66.35 14.36
N THR C 586 -13.30 -67.19 13.55
CA THR C 586 -12.58 -67.97 12.55
C THR C 586 -12.72 -67.42 11.13
N ILE C 587 -13.73 -66.59 10.86
CA ILE C 587 -13.96 -66.07 9.51
C ILE C 587 -14.33 -64.61 9.58
N MET C 588 -13.86 -63.84 8.60
CA MET C 588 -14.31 -62.47 8.41
C MET C 588 -14.47 -62.19 6.92
N ASN C 589 -15.67 -61.77 6.53
CA ASN C 589 -15.95 -61.26 5.20
C ASN C 589 -16.28 -59.78 5.35
N ALA C 590 -16.84 -59.22 4.29
CA ALA C 590 -17.23 -57.81 4.32
C ALA C 590 -18.42 -57.59 5.23
N ASP C 591 -19.36 -58.55 5.29
CA ASP C 591 -20.57 -58.32 6.06
C ASP C 591 -20.32 -58.36 7.55
N GLN C 592 -19.20 -58.95 7.99
CA GLN C 592 -18.90 -58.96 9.42
C GLN C 592 -18.02 -57.78 9.83
N ILE C 593 -17.53 -56.99 8.86
CA ILE C 593 -16.65 -55.85 9.07
C ILE C 593 -17.38 -54.56 8.70
N PRO C 594 -17.76 -53.70 9.66
CA PRO C 594 -18.29 -52.38 9.32
C PRO C 594 -17.32 -51.60 8.43
N ASN C 595 -17.90 -50.79 7.53
CA ASN C 595 -17.14 -50.09 6.50
C ASN C 595 -16.45 -48.84 7.01
N SER C 596 -16.92 -48.27 8.12
CA SER C 596 -16.42 -46.99 8.62
C SER C 596 -15.39 -47.11 9.75
N LEU C 597 -14.98 -48.34 10.09
CA LEU C 597 -13.97 -48.53 11.12
C LEU C 597 -12.61 -48.05 10.62
N GLU C 598 -11.89 -47.32 11.48
CA GLU C 598 -10.57 -46.79 11.19
C GLU C 598 -9.42 -47.64 11.73
N SER C 599 -9.71 -48.58 12.63
CA SER C 599 -8.71 -49.48 13.15
C SER C 599 -9.36 -50.82 13.51
N LEU C 600 -8.62 -51.90 13.35
CA LEU C 600 -9.14 -53.22 13.69
C LEU C 600 -8.01 -54.06 14.27
N ASP C 601 -8.31 -54.74 15.39
CA ASP C 601 -7.41 -55.66 16.08
C ASP C 601 -8.16 -56.97 16.32
N VAL C 602 -7.82 -58.00 15.55
CA VAL C 602 -8.40 -59.33 15.75
C VAL C 602 -7.28 -60.31 16.08
N SER C 603 -6.43 -59.94 17.03
CA SER C 603 -5.28 -60.75 17.40
C SER C 603 -5.65 -61.85 18.39
N ASN C 604 -4.85 -62.94 18.35
CA ASN C 604 -5.01 -64.07 19.26
C ASN C 604 -6.36 -64.77 19.08
N ASN C 605 -6.85 -64.80 17.84
CA ASN C 605 -8.10 -65.45 17.56
C ASN C 605 -7.78 -66.81 16.92
N ARG C 606 -8.74 -67.39 16.24
CA ARG C 606 -8.55 -68.56 15.43
C ARG C 606 -9.04 -68.28 14.01
N LEU C 607 -8.85 -67.02 13.57
CA LEU C 607 -9.21 -66.52 12.25
C LEU C 607 -8.46 -67.22 11.13
N ALA C 608 -9.10 -68.18 10.47
CA ALA C 608 -8.50 -68.86 9.33
C ALA C 608 -8.86 -68.23 7.98
N LYS C 609 -10.13 -67.86 7.77
CA LYS C 609 -10.51 -67.26 6.49
C LYS C 609 -10.63 -65.75 6.61
N LEU C 610 -10.29 -65.07 5.52
CA LEU C 610 -10.54 -63.65 5.33
C LEU C 610 -11.15 -63.51 3.94
N GLY C 611 -12.46 -63.22 3.89
CA GLY C 611 -13.22 -63.12 2.66
C GLY C 611 -12.56 -62.27 1.61
N LYS C 612 -12.77 -62.58 0.33
CA LYS C 612 -12.04 -61.90 -0.74
C LYS C 612 -12.60 -60.49 -1.05
N THR C 613 -13.51 -59.96 -0.22
CA THR C 613 -13.75 -58.51 -0.21
C THR C 613 -13.84 -57.99 1.22
N ALA C 614 -13.18 -58.69 2.15
CA ALA C 614 -13.32 -58.36 3.57
C ALA C 614 -12.82 -56.96 3.83
N LEU C 615 -11.72 -56.58 3.19
CA LEU C 615 -11.16 -55.23 3.28
C LEU C 615 -11.33 -54.46 1.98
N ALA C 616 -12.13 -54.96 1.05
CA ALA C 616 -12.21 -54.35 -0.28
C ALA C 616 -12.88 -52.99 -0.24
N ALA C 617 -14.17 -52.95 0.13
CA ALA C 617 -14.89 -51.69 0.15
C ALA C 617 -14.71 -50.98 1.47
N LYS C 618 -13.72 -51.42 2.27
CA LYS C 618 -13.40 -50.79 3.56
C LYS C 618 -12.29 -49.77 3.35
N SER C 619 -12.57 -48.83 2.46
CA SER C 619 -11.59 -47.83 2.05
C SER C 619 -11.13 -46.94 3.20
N GLN C 620 -11.84 -46.98 4.33
CA GLN C 620 -11.66 -46.04 5.43
C GLN C 620 -10.64 -46.47 6.48
N LEU C 621 -10.27 -47.76 6.47
CA LEU C 621 -9.37 -48.36 7.45
C LEU C 621 -7.93 -47.89 7.26
N ARG C 622 -7.14 -48.01 8.33
CA ARG C 622 -5.71 -47.66 8.30
C ARG C 622 -4.81 -48.78 8.83
N ARG C 623 -5.30 -49.54 9.81
CA ARG C 623 -4.56 -50.60 10.48
C ARG C 623 -5.42 -51.85 10.55
N LEU C 624 -4.74 -52.99 10.58
CA LEU C 624 -5.39 -54.30 10.55
C LEU C 624 -4.44 -55.23 11.28
N ASN C 625 -4.92 -55.87 12.35
CA ASN C 625 -4.07 -56.72 13.19
C ASN C 625 -4.60 -58.15 13.16
N LEU C 626 -3.88 -59.01 12.45
CA LEU C 626 -4.15 -60.44 12.38
C LEU C 626 -3.09 -61.24 13.12
N LYS C 627 -2.56 -60.70 14.21
CA LYS C 627 -1.41 -61.33 14.86
C LYS C 627 -1.82 -62.53 15.72
N GLY C 628 -1.06 -63.63 15.59
CA GLY C 628 -1.25 -64.85 16.37
C GLY C 628 -2.41 -65.74 15.96
N ASN C 629 -2.90 -65.61 14.73
CA ASN C 629 -4.08 -66.31 14.24
C ASN C 629 -3.70 -67.61 13.50
N LEU C 630 -4.69 -68.20 12.81
CA LEU C 630 -4.57 -69.46 12.06
C LEU C 630 -4.81 -69.27 10.56
N LEU C 631 -4.28 -68.19 10.00
CA LEU C 631 -4.38 -67.91 8.56
C LEU C 631 -3.34 -68.70 7.79
N THR C 632 -3.67 -69.05 6.54
CA THR C 632 -2.75 -69.75 5.65
C THR C 632 -2.68 -69.06 4.29
N VAL C 633 -3.84 -69.00 3.64
CA VAL C 633 -4.01 -68.39 2.33
C VAL C 633 -4.77 -67.07 2.51
N VAL C 634 -4.04 -65.95 2.48
CA VAL C 634 -4.61 -64.61 2.59
C VAL C 634 -4.66 -64.04 1.17
N ALA C 635 -5.83 -64.06 0.54
CA ALA C 635 -5.96 -63.73 -0.89
C ALA C 635 -5.71 -62.24 -1.16
N THR C 636 -5.45 -61.93 -2.45
CA THR C 636 -5.17 -60.56 -2.89
C THR C 636 -6.41 -59.68 -2.90
N GLU C 637 -7.59 -60.27 -3.10
CA GLU C 637 -8.84 -59.53 -3.09
C GLU C 637 -9.29 -59.24 -1.65
N SER C 638 -8.69 -59.95 -0.70
CA SER C 638 -8.93 -59.81 0.74
C SER C 638 -8.11 -58.68 1.34
N MET C 639 -7.15 -58.14 0.59
CA MET C 639 -6.35 -57.00 0.99
C MET C 639 -6.39 -55.87 -0.04
N LYS C 640 -7.15 -56.05 -1.13
CA LYS C 640 -7.42 -55.03 -2.12
C LYS C 640 -8.45 -54.04 -1.55
N VAL C 641 -8.02 -52.83 -1.24
CA VAL C 641 -8.90 -51.82 -0.69
C VAL C 641 -9.30 -50.87 -1.81
N VAL C 642 -10.59 -50.82 -2.11
CA VAL C 642 -11.07 -50.00 -3.23
C VAL C 642 -10.90 -48.52 -2.85
N GLU C 643 -9.96 -47.84 -3.53
CA GLU C 643 -9.75 -46.40 -3.39
C GLU C 643 -9.40 -46.00 -1.96
N ALA C 644 -8.45 -46.73 -1.37
CA ALA C 644 -7.91 -46.36 -0.06
C ALA C 644 -6.95 -45.20 -0.21
N VAL C 645 -7.18 -44.15 0.58
CA VAL C 645 -6.39 -42.92 0.53
C VAL C 645 -5.06 -43.06 1.26
N HIS C 646 -4.98 -43.97 2.22
CA HIS C 646 -3.81 -44.18 3.05
C HIS C 646 -3.11 -45.49 2.75
N PRO C 647 -1.85 -45.63 3.17
CA PRO C 647 -1.25 -46.95 3.20
C PRO C 647 -1.92 -47.80 4.27
N LEU C 648 -2.35 -49.00 3.88
CA LEU C 648 -2.97 -49.93 4.82
C LEU C 648 -1.84 -50.74 5.47
N LYS C 649 -1.57 -50.45 6.74
CA LYS C 649 -0.61 -51.21 7.52
C LYS C 649 -1.32 -52.40 8.16
N VAL C 650 -0.62 -53.53 8.23
CA VAL C 650 -1.17 -54.79 8.68
C VAL C 650 -0.12 -55.46 9.57
N GLU C 651 -0.58 -56.16 10.62
CA GLU C 651 0.26 -57.12 11.37
C GLU C 651 -0.19 -58.57 11.17
N ILE C 652 0.65 -59.38 10.53
CA ILE C 652 0.27 -60.75 10.17
C ILE C 652 1.29 -61.78 10.67
N SER C 653 2.12 -61.41 11.65
CA SER C 653 3.06 -62.38 12.22
C SER C 653 2.34 -63.44 13.05
N GLU C 654 3.06 -64.53 13.33
CA GLU C 654 2.55 -65.66 14.12
C GLU C 654 1.37 -66.37 13.43
N ASN C 655 1.56 -66.71 12.15
CA ASN C 655 0.55 -67.39 11.33
C ASN C 655 1.14 -68.53 10.51
N PRO C 656 0.39 -69.61 10.36
CA PRO C 656 0.80 -70.73 9.47
C PRO C 656 0.60 -70.44 7.98
N LEU C 657 1.30 -69.43 7.47
CA LEU C 657 1.23 -69.08 6.06
C LEU C 657 2.09 -70.03 5.23
N ILE C 658 1.80 -70.08 3.93
CA ILE C 658 2.70 -70.64 2.93
C ILE C 658 2.90 -69.56 1.88
N CYS C 659 4.13 -69.41 1.42
CA CYS C 659 4.41 -68.38 0.43
C CYS C 659 4.08 -69.00 -0.91
N ASP C 660 2.85 -68.77 -1.35
CA ASP C 660 2.38 -69.14 -2.68
C ASP C 660 2.00 -67.87 -3.44
N CYS C 661 1.52 -68.05 -4.67
CA CYS C 661 1.24 -66.91 -5.55
C CYS C 661 0.01 -66.13 -5.14
N GLN C 662 -0.85 -66.68 -4.28
CA GLN C 662 -2.00 -65.90 -3.85
C GLN C 662 -1.64 -64.85 -2.81
N MET C 663 -0.48 -64.95 -2.18
CA MET C 663 0.01 -63.92 -1.27
C MET C 663 0.65 -62.78 -2.05
N GLY C 664 0.11 -62.46 -3.22
CA GLY C 664 0.74 -61.48 -4.09
C GLY C 664 1.05 -60.14 -3.44
N TRP C 665 0.26 -59.76 -2.42
CA TRP C 665 0.45 -58.47 -1.76
C TRP C 665 1.66 -58.41 -0.82
N MET C 666 2.22 -59.55 -0.42
CA MET C 666 3.35 -59.58 0.52
C MET C 666 4.66 -59.04 -0.05
N ILE C 667 4.78 -58.84 -1.38
CA ILE C 667 5.95 -58.17 -1.95
C ILE C 667 5.86 -56.64 -1.84
N GLY C 668 4.79 -56.11 -1.25
CA GLY C 668 4.55 -54.69 -1.17
C GLY C 668 4.02 -54.08 -2.45
N GLY C 669 3.52 -54.90 -3.37
CA GLY C 669 2.87 -54.46 -4.59
C GLY C 669 1.34 -54.42 -4.57
N ALA C 670 0.75 -53.26 -4.32
CA ALA C 670 -0.71 -53.12 -4.28
C ALA C 670 -1.04 -51.64 -4.10
N LYS C 671 -2.29 -51.29 -4.39
CA LYS C 671 -2.84 -49.95 -4.11
C LYS C 671 -4.14 -50.15 -3.34
N PRO C 672 -4.18 -49.81 -2.03
CA PRO C 672 -3.10 -49.13 -1.30
C PRO C 672 -1.88 -50.02 -1.05
N LYS C 673 -0.69 -49.40 -0.99
CA LYS C 673 0.51 -50.23 -0.87
C LYS C 673 0.46 -50.82 0.53
N VAL C 674 0.30 -52.13 0.60
CA VAL C 674 0.14 -52.78 1.89
C VAL C 674 1.50 -52.79 2.58
N LEU C 675 1.56 -52.19 3.77
CA LEU C 675 2.80 -52.02 4.52
C LEU C 675 2.71 -52.92 5.77
N ILE C 676 3.47 -54.02 5.78
CA ILE C 676 3.44 -54.96 6.89
C ILE C 676 4.40 -54.51 7.98
N GLN C 677 3.87 -54.41 9.21
CA GLN C 677 4.62 -53.85 10.33
C GLN C 677 5.70 -54.80 10.83
N ASP C 678 5.38 -56.07 11.02
CA ASP C 678 6.32 -56.99 11.65
C ASP C 678 7.00 -57.87 10.61
N SER C 679 7.59 -57.24 9.58
CA SER C 679 8.26 -58.00 8.53
C SER C 679 9.49 -58.77 9.03
N GLU C 680 10.08 -58.38 10.17
CA GLU C 680 11.26 -59.05 10.72
C GLU C 680 10.96 -60.37 11.43
N THR C 681 9.72 -60.59 11.88
CA THR C 681 9.32 -61.86 12.47
C THR C 681 8.21 -62.56 11.71
N ALA C 682 7.51 -61.86 10.81
CA ALA C 682 6.50 -62.50 9.99
C ALA C 682 7.17 -63.48 9.05
N SER C 683 6.73 -64.75 9.10
CA SER C 683 7.36 -65.81 8.35
C SER C 683 6.30 -66.62 7.60
N CYS C 684 6.79 -67.39 6.64
CA CYS C 684 5.97 -68.29 5.85
C CYS C 684 6.76 -69.55 5.57
N SER C 685 6.06 -70.62 5.20
CA SER C 685 6.70 -71.84 4.74
C SER C 685 6.66 -71.87 3.21
N HIS C 686 7.59 -72.63 2.62
CA HIS C 686 7.64 -72.67 1.18
C HIS C 686 6.48 -73.49 0.62
N ALA C 687 6.16 -73.24 -0.65
CA ALA C 687 5.08 -73.96 -1.32
C ALA C 687 5.52 -75.30 -1.88
N VAL C 688 6.83 -75.57 -1.94
CA VAL C 688 7.35 -76.83 -2.49
C VAL C 688 7.87 -77.75 -1.38
N ASP C 689 8.96 -77.32 -0.73
CA ASP C 689 9.58 -78.11 0.31
C ASP C 689 9.18 -77.65 1.71
N GLY C 690 8.96 -76.35 1.89
CA GLY C 690 8.39 -75.83 3.10
C GLY C 690 9.30 -75.12 4.07
N HIS C 691 10.51 -74.74 3.65
CA HIS C 691 11.36 -74.05 4.60
C HIS C 691 10.86 -72.62 4.80
N GLN C 692 11.37 -72.00 5.86
CA GLN C 692 10.83 -70.73 6.33
C GLN C 692 11.45 -69.56 5.58
N ILE C 693 10.59 -68.64 5.11
CA ILE C 693 11.00 -67.41 4.45
C ILE C 693 10.53 -66.25 5.33
N GLN C 694 11.40 -65.24 5.49
CA GLN C 694 11.06 -64.04 6.24
C GLN C 694 10.36 -63.04 5.32
N ILE C 695 9.18 -62.57 5.73
CA ILE C 695 8.37 -61.68 4.90
C ILE C 695 9.08 -60.34 4.62
N GLN C 696 10.00 -59.92 5.49
CA GLN C 696 10.77 -58.71 5.21
C GLN C 696 11.55 -58.83 3.90
N SER C 697 12.35 -59.89 3.79
CA SER C 697 13.17 -60.17 2.62
C SER C 697 12.56 -61.26 1.76
N LEU C 698 11.25 -61.45 1.84
CA LEU C 698 10.55 -62.36 0.95
C LEU C 698 10.57 -61.81 -0.48
N SER C 699 11.03 -62.63 -1.43
CA SER C 699 11.13 -62.18 -2.81
C SER C 699 10.05 -62.79 -3.70
N LYS C 700 9.84 -62.16 -4.86
CA LYS C 700 8.77 -62.52 -5.80
C LYS C 700 8.99 -63.86 -6.47
N LYS C 701 10.21 -64.39 -6.43
CA LYS C 701 10.43 -65.75 -6.91
C LYS C 701 9.91 -66.79 -5.92
N ASP C 702 9.76 -66.41 -4.66
CA ASP C 702 9.25 -67.29 -3.60
C ASP C 702 7.72 -67.45 -3.71
N LEU C 703 7.16 -67.28 -4.91
CA LEU C 703 5.71 -67.32 -5.13
C LEU C 703 5.37 -68.41 -6.15
N LEU C 704 4.93 -69.56 -5.64
CA LEU C 704 4.60 -70.72 -6.48
C LEU C 704 3.28 -71.32 -5.97
N CYS C 705 2.20 -71.32 -6.86
CA CYS C 705 0.95 -71.96 -6.43
C CYS C 705 0.97 -73.44 -6.82
N PRO C 706 0.31 -74.30 -6.04
CA PRO C 706 0.27 -75.73 -6.40
C PRO C 706 -0.98 -76.11 -7.15
N TYR C 707 -0.84 -77.03 -8.11
CA TYR C 707 -1.96 -77.48 -8.92
C TYR C 707 -1.90 -78.99 -9.04
N LYS C 708 -3.00 -79.59 -9.49
CA LYS C 708 -2.98 -80.95 -10.01
C LYS C 708 -3.55 -81.09 -11.41
N SER C 709 -4.35 -80.13 -11.88
CA SER C 709 -4.81 -80.06 -13.26
C SER C 709 -5.30 -78.64 -13.53
N VAL C 710 -4.98 -78.10 -14.70
CA VAL C 710 -5.29 -76.70 -15.01
C VAL C 710 -5.11 -76.44 -16.52
N CYS C 711 -5.55 -75.26 -16.98
CA CYS C 711 -5.40 -74.81 -18.37
C CYS C 711 -4.98 -73.35 -18.45
N GLU C 712 -4.03 -73.05 -19.35
CA GLU C 712 -3.59 -71.68 -19.56
C GLU C 712 -4.71 -70.81 -20.12
N PRO C 713 -4.59 -69.49 -19.98
CA PRO C 713 -5.50 -68.59 -20.68
C PRO C 713 -5.30 -68.67 -22.20
N GLU C 714 -6.40 -68.46 -22.92
CA GLU C 714 -6.45 -68.53 -24.38
C GLU C 714 -6.12 -69.93 -24.90
N CYS C 715 -6.14 -70.93 -24.02
CA CYS C 715 -5.95 -72.32 -24.39
C CYS C 715 -7.22 -72.78 -25.07
N ILE C 716 -7.12 -73.08 -26.37
CA ILE C 716 -8.31 -73.36 -27.16
C ILE C 716 -8.76 -74.82 -27.09
N CYS C 717 -7.83 -75.77 -26.92
CA CYS C 717 -8.19 -77.19 -26.85
C CYS C 717 -8.36 -77.69 -25.41
N CYS C 718 -8.62 -76.79 -24.45
CA CYS C 718 -8.62 -77.16 -23.04
C CYS C 718 -9.60 -78.29 -22.71
N GLN C 719 -10.67 -78.45 -23.49
CA GLN C 719 -11.61 -79.52 -23.26
C GLN C 719 -11.15 -80.87 -23.78
N TYR C 720 -10.03 -80.93 -24.51
CA TYR C 720 -9.53 -82.15 -25.14
C TYR C 720 -8.49 -82.84 -24.27
N GLY C 721 -8.24 -84.12 -24.60
CA GLY C 721 -7.29 -84.91 -23.84
C GLY C 721 -5.85 -84.65 -24.24
N ASN C 722 -5.56 -84.58 -25.54
CA ASN C 722 -4.21 -84.29 -26.01
C ASN C 722 -4.17 -82.81 -26.39
N CYS C 723 -3.96 -81.98 -25.38
CA CYS C 723 -3.88 -80.54 -25.55
C CYS C 723 -2.61 -80.06 -24.87
N ASP C 724 -1.83 -79.24 -25.58
CA ASP C 724 -0.49 -78.89 -25.13
C ASP C 724 -0.51 -77.89 -23.98
N CYS C 725 -1.34 -76.85 -24.08
CA CYS C 725 -1.46 -75.87 -23.00
C CYS C 725 -2.19 -76.42 -21.78
N LYS C 726 -2.72 -77.63 -21.85
CA LYS C 726 -3.40 -78.23 -20.71
C LYS C 726 -2.36 -78.89 -19.83
N SER C 727 -2.25 -78.41 -18.58
CA SER C 727 -1.24 -78.90 -17.64
C SER C 727 -1.89 -79.88 -16.67
N VAL C 728 -1.78 -81.17 -16.97
CA VAL C 728 -2.31 -82.24 -16.13
C VAL C 728 -1.17 -82.96 -15.46
N CYS C 729 -1.25 -83.07 -14.15
CA CYS C 729 -0.16 -83.65 -13.37
C CYS C 729 -0.19 -85.17 -13.49
N PRO C 730 0.94 -85.81 -13.80
CA PRO C 730 1.00 -87.27 -13.77
C PRO C 730 0.87 -87.75 -12.33
N ALA C 731 0.57 -89.05 -12.18
CA ALA C 731 0.39 -89.62 -10.86
C ALA C 731 1.71 -89.69 -10.07
N ASN C 732 1.57 -89.57 -8.73
CA ASN C 732 2.68 -89.56 -7.76
C ASN C 732 3.68 -88.42 -7.97
N CYS C 733 3.23 -87.31 -8.56
CA CYS C 733 4.06 -86.13 -8.77
C CYS C 733 3.40 -84.93 -8.11
N ARG C 734 4.20 -84.05 -7.52
CA ARG C 734 3.68 -82.77 -7.09
C ARG C 734 3.92 -81.72 -8.16
N CYS C 735 2.90 -80.91 -8.42
CA CYS C 735 2.93 -79.90 -9.47
C CYS C 735 2.67 -78.53 -8.87
N PHE C 736 3.58 -77.60 -9.14
CA PHE C 736 3.52 -76.21 -8.68
C PHE C 736 3.42 -75.31 -9.92
N ARG C 737 3.07 -74.04 -9.71
CA ARG C 737 3.01 -73.12 -10.85
C ARG C 737 3.05 -71.69 -10.35
N ASP C 738 3.27 -70.74 -11.26
CA ASP C 738 3.14 -69.34 -10.91
C ASP C 738 1.87 -68.79 -11.54
N ASP C 739 1.53 -67.55 -11.17
CA ASP C 739 0.20 -67.02 -11.49
C ASP C 739 0.02 -66.73 -12.98
N GLN C 740 1.10 -66.37 -13.68
CA GLN C 740 0.99 -65.86 -15.04
C GLN C 740 1.50 -66.83 -16.06
N PHE C 741 1.55 -68.11 -15.72
CA PHE C 741 1.84 -69.15 -16.69
C PHE C 741 3.17 -68.92 -17.40
N ASN C 742 4.13 -68.43 -16.63
CA ASN C 742 5.52 -68.28 -17.02
C ASN C 742 6.39 -69.41 -16.46
N ILE C 743 6.06 -69.86 -15.25
CA ILE C 743 6.70 -70.98 -14.56
C ILE C 743 5.75 -72.17 -14.60
N ASN C 744 6.32 -73.38 -14.69
CA ASN C 744 5.55 -74.61 -14.54
C ASN C 744 6.49 -75.70 -14.01
N ILE C 745 6.59 -75.78 -12.68
CA ILE C 745 7.47 -76.74 -12.02
C ILE C 745 6.70 -78.03 -11.76
N VAL C 746 7.27 -79.15 -12.18
CA VAL C 746 6.73 -80.48 -11.92
C VAL C 746 7.81 -81.27 -11.19
N ARG C 747 7.56 -81.63 -9.94
CA ARG C 747 8.55 -82.28 -9.08
C ARG C 747 8.07 -83.71 -8.79
N CYS C 748 8.47 -84.65 -9.66
CA CYS C 748 8.11 -86.05 -9.49
C CYS C 748 9.13 -86.76 -8.61
N HIS C 749 8.63 -87.64 -7.76
CA HIS C 749 9.47 -88.37 -6.83
C HIS C 749 8.88 -89.77 -6.73
N GLY C 750 9.73 -90.78 -6.80
CA GLY C 750 9.28 -92.14 -6.67
C GLY C 750 9.62 -92.70 -5.30
N ASN C 751 9.38 -91.90 -4.26
CA ASN C 751 9.60 -92.30 -2.87
C ASN C 751 8.44 -93.16 -2.37
N SER C 752 7.75 -93.84 -3.29
CA SER C 752 6.63 -94.71 -2.93
C SER C 752 7.18 -96.10 -2.61
N SER C 753 6.96 -96.55 -1.37
CA SER C 753 7.29 -97.94 -1.02
C SER C 753 6.54 -98.91 -1.91
N MET C 754 5.32 -98.56 -2.31
CA MET C 754 4.66 -99.29 -3.40
C MET C 754 5.42 -98.98 -4.68
N VAL C 755 6.43 -99.79 -5.00
CA VAL C 755 7.28 -99.47 -6.16
C VAL C 755 6.42 -99.50 -7.42
N PRO C 756 6.45 -98.47 -8.27
CA PRO C 756 5.67 -98.49 -9.51
C PRO C 756 6.00 -99.68 -10.40
N LYS C 757 5.02 -100.62 -10.57
CA LYS C 757 5.14 -101.82 -11.43
C LYS C 757 5.08 -101.50 -12.96
N ARG C 758 5.10 -100.23 -13.31
CA ARG C 758 5.22 -99.78 -14.69
C ARG C 758 6.27 -98.67 -14.75
N GLU C 759 7.00 -98.64 -15.86
CA GLU C 759 7.90 -97.55 -16.12
C GLU C 759 7.14 -96.22 -16.08
N PHE C 760 7.88 -95.13 -16.01
CA PHE C 760 7.25 -93.81 -16.11
C PHE C 760 7.02 -93.46 -17.58
N VAL C 761 5.82 -92.98 -17.89
CA VAL C 761 5.45 -92.58 -19.24
C VAL C 761 5.83 -91.12 -19.41
N VAL C 762 6.86 -90.87 -20.22
CA VAL C 762 7.37 -89.50 -20.35
C VAL C 762 6.35 -88.61 -21.06
N SER C 763 5.52 -89.19 -21.93
CA SER C 763 4.48 -88.42 -22.61
C SER C 763 3.36 -87.95 -21.69
N GLU C 764 3.36 -88.35 -20.40
CA GLU C 764 2.33 -87.89 -19.47
C GLU C 764 2.62 -86.55 -18.83
N LEU C 765 3.88 -86.11 -18.79
CA LEU C 765 4.22 -84.85 -18.15
C LEU C 765 3.59 -83.70 -18.92
N PRO C 766 3.40 -82.53 -18.28
CA PRO C 766 2.83 -81.39 -19.00
C PRO C 766 3.75 -80.95 -20.14
N VAL C 767 3.13 -80.39 -21.19
CA VAL C 767 3.88 -80.03 -22.38
C VAL C 767 4.73 -78.78 -22.13
N SER C 768 4.11 -77.70 -21.66
CA SER C 768 4.78 -76.43 -21.46
C SER C 768 5.58 -76.32 -20.14
N ALA C 769 5.92 -77.42 -19.49
CA ALA C 769 6.65 -77.37 -18.22
C ALA C 769 8.07 -76.83 -18.43
N THR C 770 8.52 -75.96 -17.52
CA THR C 770 9.84 -75.33 -17.65
C THR C 770 10.86 -75.89 -16.66
N GLU C 771 10.45 -76.75 -15.75
CA GLU C 771 11.41 -77.49 -14.93
C GLU C 771 10.80 -78.85 -14.65
N ILE C 772 11.60 -79.90 -14.83
CA ILE C 772 11.11 -81.25 -14.56
C ILE C 772 12.18 -82.02 -13.77
N ILE C 773 11.77 -82.56 -12.62
CA ILE C 773 12.62 -83.30 -11.70
C ILE C 773 11.97 -84.67 -11.56
N LEU C 774 12.52 -85.68 -12.23
CA LEU C 774 11.95 -87.02 -12.22
C LEU C 774 12.84 -87.99 -11.45
N SER C 775 13.11 -87.72 -10.18
CA SER C 775 14.17 -88.38 -9.44
C SER C 775 13.60 -89.42 -8.46
N GLY C 776 13.85 -90.70 -8.73
CA GLY C 776 13.34 -91.81 -7.96
C GLY C 776 12.35 -92.70 -8.69
N VAL C 777 11.78 -92.25 -9.80
CA VAL C 777 10.81 -93.04 -10.54
C VAL C 777 11.52 -94.18 -11.26
N THR C 778 10.76 -95.11 -11.83
CA THR C 778 11.31 -96.24 -12.58
C THR C 778 11.22 -95.91 -14.07
N LEU C 779 12.36 -95.53 -14.66
CA LEU C 779 12.42 -95.19 -16.09
C LEU C 779 13.79 -95.59 -16.64
N PRO C 780 13.88 -96.74 -17.32
CA PRO C 780 15.19 -97.20 -17.81
C PRO C 780 15.56 -96.67 -19.18
N GLN C 781 14.59 -96.19 -19.95
CA GLN C 781 14.81 -95.79 -21.33
C GLN C 781 14.11 -94.48 -21.64
N LEU C 782 14.83 -93.61 -22.36
CA LEU C 782 14.26 -92.43 -23.00
C LEU C 782 14.18 -92.70 -24.51
N ARG C 783 12.97 -92.97 -25.00
CA ARG C 783 12.78 -93.31 -26.41
C ARG C 783 12.96 -92.08 -27.30
N THR C 784 12.98 -92.35 -28.62
CA THR C 784 13.08 -91.28 -29.60
C THR C 784 11.94 -90.29 -29.40
N HIS C 785 12.27 -89.01 -29.37
CA HIS C 785 11.30 -87.94 -29.16
C HIS C 785 10.59 -88.09 -27.81
N SER C 786 11.39 -88.25 -26.75
CA SER C 786 10.83 -88.34 -25.40
C SER C 786 10.49 -86.95 -24.87
N PHE C 787 11.45 -86.04 -24.91
CA PHE C 787 11.24 -84.67 -24.50
C PHE C 787 11.28 -83.81 -25.76
N ILE C 788 10.28 -83.99 -26.60
CA ILE C 788 10.16 -83.26 -27.84
C ILE C 788 9.07 -82.22 -27.63
N GLY C 789 9.32 -81.01 -28.10
CA GLY C 789 8.34 -79.96 -28.01
C GLY C 789 8.21 -79.30 -26.66
N ARG C 790 9.01 -79.72 -25.66
CA ARG C 790 9.01 -79.01 -24.38
C ARG C 790 9.93 -77.80 -24.55
N LEU C 791 9.37 -76.82 -25.27
CA LEU C 791 10.13 -75.64 -25.65
C LEU C 791 10.53 -74.82 -24.44
N ARG C 792 9.65 -74.74 -23.45
CA ARG C 792 9.95 -73.91 -22.29
C ARG C 792 10.99 -74.51 -21.36
N LEU C 793 11.35 -75.79 -21.56
CA LEU C 793 12.17 -76.51 -20.57
C LEU C 793 13.48 -75.80 -20.30
N GLN C 794 13.79 -75.64 -19.00
CA GLN C 794 15.00 -74.96 -18.55
C GLN C 794 15.88 -75.81 -17.64
N ARG C 795 15.30 -76.71 -16.85
CA ARG C 795 16.03 -77.70 -16.08
C ARG C 795 15.35 -79.04 -16.25
N LEU C 796 16.15 -80.11 -16.38
CA LEU C 796 15.66 -81.47 -16.51
C LEU C 796 16.59 -82.39 -15.73
N HIS C 797 16.08 -83.02 -14.66
CA HIS C 797 16.87 -83.81 -13.69
C HIS C 797 16.32 -85.24 -13.56
N ILE C 798 16.62 -86.08 -14.55
CA ILE C 798 16.19 -87.47 -14.56
C ILE C 798 17.20 -88.27 -13.75
N ASN C 799 17.16 -88.08 -12.43
CA ASN C 799 18.22 -88.48 -11.50
C ASN C 799 17.83 -89.63 -10.57
N GLY C 800 18.67 -90.66 -10.49
CA GLY C 800 18.42 -91.78 -9.60
C GLY C 800 17.37 -92.78 -10.06
N THR C 801 17.37 -93.13 -11.36
CA THR C 801 16.37 -94.03 -11.92
C THR C 801 16.90 -95.31 -12.57
N GLY C 802 18.20 -95.47 -12.72
CA GLY C 802 18.72 -96.65 -13.41
C GLY C 802 18.54 -96.62 -14.92
N LEU C 803 18.61 -95.44 -15.53
CA LEU C 803 18.45 -95.25 -16.97
C LEU C 803 19.58 -95.91 -17.75
N ARG C 804 19.27 -96.98 -18.48
CA ARG C 804 20.30 -97.63 -19.27
C ARG C 804 20.43 -97.03 -20.67
N SER C 805 19.31 -96.83 -21.37
CA SER C 805 19.36 -96.41 -22.75
C SER C 805 18.64 -95.07 -22.96
N ILE C 806 19.19 -94.29 -23.89
CA ILE C 806 18.61 -93.05 -24.37
C ILE C 806 18.57 -93.18 -25.89
N GLN C 807 17.38 -93.39 -26.45
CA GLN C 807 17.24 -93.50 -27.89
C GLN C 807 17.60 -92.17 -28.56
N PRO C 808 18.05 -92.20 -29.82
CA PRO C 808 18.44 -90.96 -30.49
C PRO C 808 17.29 -89.97 -30.62
N LYS C 809 17.64 -88.68 -30.52
CA LYS C 809 16.67 -87.57 -30.58
C LYS C 809 15.63 -87.63 -29.47
N ALA C 810 15.97 -88.26 -28.35
CA ALA C 810 15.12 -88.23 -27.16
C ALA C 810 15.09 -86.83 -26.54
N PHE C 811 16.11 -86.02 -26.83
CA PHE C 811 16.14 -84.63 -26.41
C PHE C 811 16.06 -83.76 -27.66
N HIS C 812 14.88 -83.77 -28.28
CA HIS C 812 14.65 -83.12 -29.56
C HIS C 812 13.91 -81.80 -29.38
N THR C 813 14.46 -80.74 -29.98
CA THR C 813 13.90 -79.38 -29.99
C THR C 813 13.55 -78.93 -28.56
N LEU C 814 14.62 -78.74 -27.79
CA LEU C 814 14.57 -78.28 -26.40
C LEU C 814 15.31 -76.95 -26.32
N PRO C 815 14.75 -75.91 -26.94
CA PRO C 815 15.54 -74.68 -27.12
C PRO C 815 15.87 -73.94 -25.83
N ALA C 816 15.03 -73.95 -24.83
CA ALA C 816 15.43 -73.26 -23.61
C ALA C 816 16.24 -74.15 -22.68
N LEU C 817 16.52 -75.39 -23.08
CA LEU C 817 17.20 -76.32 -22.17
C LEU C 817 18.57 -75.79 -21.84
N LYS C 818 18.82 -75.58 -20.55
CA LYS C 818 20.04 -74.95 -20.05
C LYS C 818 20.76 -75.75 -18.96
N THR C 819 20.07 -76.66 -18.27
CA THR C 819 20.72 -77.55 -17.32
C THR C 819 20.16 -78.95 -17.54
N LEU C 820 21.03 -79.91 -17.73
CA LEU C 820 20.59 -81.28 -17.94
C LEU C 820 21.42 -82.17 -17.02
N ASP C 821 20.76 -83.06 -16.28
CA ASP C 821 21.38 -83.88 -15.25
C ASP C 821 21.01 -85.32 -15.54
N LEU C 822 21.97 -86.14 -15.98
CA LEU C 822 21.74 -87.56 -16.25
C LEU C 822 22.52 -88.47 -15.29
N SER C 823 22.67 -88.03 -14.04
CA SER C 823 23.52 -88.68 -13.05
C SER C 823 22.81 -89.80 -12.28
N ASP C 824 23.65 -90.69 -11.70
CA ASP C 824 23.23 -91.76 -10.78
C ASP C 824 22.26 -92.73 -11.47
N ASN C 825 22.61 -93.13 -12.68
CA ASN C 825 21.83 -94.07 -13.48
C ASN C 825 22.77 -95.20 -13.88
N SER C 826 22.45 -95.91 -14.97
CA SER C 826 23.27 -97.01 -15.47
C SER C 826 23.63 -96.79 -16.93
N LEU C 827 24.00 -95.55 -17.27
CA LEU C 827 24.52 -95.23 -18.59
C LEU C 827 25.99 -95.62 -18.66
N ILE C 828 26.42 -96.09 -19.82
CA ILE C 828 27.81 -96.49 -19.95
C ILE C 828 28.48 -95.57 -20.97
N SER C 829 27.72 -95.07 -21.93
CA SER C 829 28.22 -94.10 -22.91
C SER C 829 27.07 -93.24 -23.44
N LEU C 830 27.43 -92.09 -24.02
CA LEU C 830 26.48 -91.17 -24.67
C LEU C 830 27.01 -90.75 -26.03
N SER C 831 26.15 -90.84 -27.06
CA SER C 831 26.57 -90.73 -28.46
C SER C 831 26.77 -89.27 -28.91
N GLY C 832 25.70 -88.50 -28.89
CA GLY C 832 25.69 -87.16 -29.44
C GLY C 832 24.52 -86.98 -30.38
N GLU C 833 23.83 -88.09 -30.64
CA GLU C 833 22.62 -88.13 -31.47
C GLU C 833 21.35 -87.92 -30.67
N GLU C 834 21.41 -88.08 -29.34
CA GLU C 834 20.27 -87.80 -28.48
C GLU C 834 20.03 -86.30 -28.36
N PHE C 835 21.09 -85.51 -28.44
CA PHE C 835 21.00 -84.05 -28.38
C PHE C 835 20.86 -83.60 -29.82
N LEU C 836 19.60 -83.48 -30.27
CA LEU C 836 19.26 -82.88 -31.55
C LEU C 836 18.47 -81.60 -31.31
N LYS C 837 18.99 -80.48 -31.82
CA LYS C 837 18.35 -79.17 -31.71
C LYS C 837 18.09 -78.80 -30.24
N CYS C 838 19.16 -78.67 -29.46
CA CYS C 838 19.02 -78.26 -28.06
C CYS C 838 20.32 -77.59 -27.59
N GLY C 839 20.74 -76.56 -28.33
CA GLY C 839 22.10 -76.06 -28.22
C GLY C 839 22.42 -75.22 -26.99
N GLU C 840 21.41 -74.68 -26.31
CA GLU C 840 21.71 -73.71 -25.27
C GLU C 840 22.14 -74.35 -23.95
N VAL C 841 22.22 -75.68 -23.92
CA VAL C 841 22.63 -76.38 -22.71
C VAL C 841 24.03 -75.95 -22.35
N SER C 842 24.23 -75.60 -21.10
CA SER C 842 25.53 -75.20 -20.62
C SER C 842 25.97 -75.96 -19.37
N GLN C 843 25.13 -76.81 -18.80
CA GLN C 843 25.49 -77.70 -17.72
C GLN C 843 25.06 -79.11 -18.10
N LEU C 844 25.91 -80.09 -17.82
CA LEU C 844 25.59 -81.46 -18.19
C LEU C 844 26.18 -82.36 -17.11
N PHE C 845 25.33 -83.12 -16.41
CA PHE C 845 25.75 -83.97 -15.29
C PHE C 845 25.66 -85.42 -15.74
N LEU C 846 26.82 -86.04 -15.99
CA LEU C 846 26.89 -87.42 -16.44
C LEU C 846 27.63 -88.30 -15.42
N ASN C 847 27.69 -87.88 -14.15
CA ASN C 847 28.42 -88.51 -13.06
C ASN C 847 27.66 -89.72 -12.51
N GLY C 848 28.38 -90.55 -11.76
CA GLY C 848 27.77 -91.68 -11.06
C GLY C 848 27.30 -92.81 -11.95
N ASN C 849 27.97 -93.00 -13.10
CA ASN C 849 27.54 -93.99 -14.08
C ASN C 849 28.65 -95.03 -14.29
N ARG C 850 28.78 -95.51 -15.53
CA ARG C 850 29.84 -96.43 -15.93
C ARG C 850 30.56 -95.90 -17.16
N PHE C 851 30.76 -94.58 -17.18
CA PHE C 851 31.40 -93.89 -18.30
C PHE C 851 32.92 -94.07 -18.25
N SER C 852 33.47 -94.58 -19.35
CA SER C 852 34.89 -94.77 -19.54
C SER C 852 35.51 -93.78 -20.51
N THR C 853 34.71 -93.28 -21.46
CA THR C 853 35.14 -92.34 -22.48
C THR C 853 34.12 -91.21 -22.62
N LEU C 854 34.61 -90.04 -23.02
CA LEU C 854 33.77 -88.90 -23.33
C LEU C 854 33.78 -88.72 -24.84
N SER C 855 32.61 -88.91 -25.46
CA SER C 855 32.48 -88.86 -26.91
C SER C 855 32.78 -87.45 -27.43
N ARG C 856 32.92 -87.36 -28.75
CA ARG C 856 33.03 -86.05 -29.38
C ARG C 856 31.66 -85.45 -29.69
N GLY C 857 30.64 -86.28 -29.87
CA GLY C 857 29.28 -85.81 -30.16
C GLY C 857 28.58 -85.02 -29.05
N ILE C 858 29.13 -85.04 -27.82
CA ILE C 858 28.54 -84.26 -26.73
C ILE C 858 28.78 -82.77 -26.95
N PHE C 859 30.02 -82.38 -27.25
CA PHE C 859 30.39 -80.98 -27.40
C PHE C 859 30.12 -80.41 -28.81
N GLU C 860 29.77 -81.25 -29.79
CA GLU C 860 29.36 -80.74 -31.10
C GLU C 860 27.90 -80.32 -31.14
N LYS C 861 27.06 -80.82 -30.23
CA LYS C 861 25.64 -80.50 -30.18
C LYS C 861 25.30 -79.70 -28.93
N LEU C 862 26.25 -79.50 -28.03
CA LEU C 862 26.11 -78.69 -26.83
C LEU C 862 27.28 -77.73 -26.80
N PRO C 863 27.25 -76.67 -27.60
CA PRO C 863 28.41 -75.77 -27.67
C PRO C 863 28.59 -74.89 -26.44
N ASN C 864 27.52 -74.39 -25.84
CA ASN C 864 27.77 -73.56 -24.68
C ASN C 864 28.21 -74.34 -23.45
N LEU C 865 28.39 -75.66 -23.54
CA LEU C 865 28.72 -76.47 -22.36
C LEU C 865 29.96 -75.92 -21.67
N LYS C 866 29.81 -75.57 -20.39
CA LYS C 866 30.85 -74.98 -19.55
C LYS C 866 31.02 -75.84 -18.31
N TYR C 867 29.94 -76.48 -17.90
CA TYR C 867 29.92 -77.30 -16.71
C TYR C 867 29.61 -78.73 -17.10
N LEU C 868 30.44 -79.66 -16.63
CA LEU C 868 30.29 -81.07 -16.91
C LEU C 868 30.79 -81.82 -15.69
N THR C 869 30.07 -82.84 -15.23
CA THR C 869 30.47 -83.62 -14.07
C THR C 869 30.54 -85.10 -14.44
N LEU C 870 31.68 -85.73 -14.13
CA LEU C 870 31.91 -87.14 -14.43
C LEU C 870 32.51 -87.89 -13.24
N HIS C 871 32.30 -87.40 -12.02
CA HIS C 871 32.93 -88.04 -10.87
C HIS C 871 32.15 -89.29 -10.48
N ASN C 872 32.86 -90.23 -9.85
CA ASN C 872 32.29 -91.52 -9.50
C ASN C 872 31.89 -92.24 -10.78
N ASN C 873 32.86 -92.80 -11.51
CA ASN C 873 32.62 -93.51 -12.77
C ASN C 873 33.64 -94.60 -13.03
N SER C 874 33.98 -94.83 -14.32
CA SER C 874 34.90 -95.88 -14.75
C SER C 874 36.00 -95.33 -15.64
N LEU C 875 36.33 -94.04 -15.49
CA LEU C 875 37.35 -93.43 -16.34
C LEU C 875 38.72 -93.95 -15.94
N GLU C 876 39.40 -94.61 -16.88
CA GLU C 876 40.75 -95.10 -16.67
C GLU C 876 41.83 -94.11 -17.08
N ASP C 877 41.53 -93.22 -18.04
CA ASP C 877 42.41 -92.10 -18.35
C ASP C 877 41.52 -90.99 -18.91
N ILE C 878 42.14 -89.85 -19.25
CA ILE C 878 41.41 -88.62 -19.57
C ILE C 878 41.15 -88.57 -21.08
N PRO C 879 39.89 -88.59 -21.53
CA PRO C 879 39.60 -88.48 -22.97
C PRO C 879 40.07 -87.15 -23.52
N GLN C 880 40.82 -87.21 -24.61
CA GLN C 880 41.56 -86.08 -25.17
C GLN C 880 40.67 -85.08 -25.91
N VAL C 881 39.37 -85.05 -25.62
CA VAL C 881 38.50 -83.96 -26.10
C VAL C 881 38.56 -82.73 -25.20
N LEU C 882 38.92 -82.92 -23.93
CA LEU C 882 38.89 -81.86 -22.92
C LEU C 882 40.20 -81.11 -22.77
N HIS C 883 40.97 -80.89 -23.85
CA HIS C 883 42.17 -80.08 -23.74
C HIS C 883 42.00 -78.65 -24.25
N SER C 884 40.95 -78.39 -25.03
CA SER C 884 40.75 -77.07 -25.62
C SER C 884 39.25 -76.81 -25.72
N THR C 885 38.56 -76.97 -24.60
CA THR C 885 37.11 -76.80 -24.52
C THR C 885 36.78 -75.62 -23.62
N ALA C 886 35.56 -75.11 -23.79
CA ALA C 886 35.14 -73.89 -23.12
C ALA C 886 34.58 -74.16 -21.74
N LEU C 887 35.01 -75.26 -21.13
CA LEU C 887 34.53 -75.63 -19.82
C LEU C 887 35.08 -74.67 -18.78
N SER C 888 34.24 -74.34 -17.80
CA SER C 888 34.62 -73.48 -16.70
C SER C 888 34.79 -74.27 -15.42
N LYS C 889 33.92 -75.25 -15.20
CA LYS C 889 34.04 -76.18 -14.10
C LYS C 889 33.78 -77.59 -14.61
N ILE C 890 34.56 -78.55 -14.11
CA ILE C 890 34.46 -79.96 -14.48
C ILE C 890 34.86 -80.83 -13.28
N SER C 891 34.15 -81.95 -13.10
CA SER C 891 34.25 -82.76 -11.89
C SER C 891 34.72 -84.17 -12.22
N LEU C 892 35.84 -84.58 -11.62
CA LEU C 892 36.56 -85.80 -12.00
C LEU C 892 37.12 -86.53 -10.77
N SER C 893 36.27 -86.86 -9.80
CA SER C 893 36.69 -87.61 -8.62
C SER C 893 36.17 -89.04 -8.67
N SER C 894 36.77 -89.88 -7.81
CA SER C 894 36.33 -91.28 -7.63
C SER C 894 36.36 -92.07 -8.94
N ASN C 895 37.43 -91.88 -9.73
CA ASN C 895 37.62 -92.53 -11.01
C ASN C 895 38.98 -93.23 -11.04
N PRO C 896 39.03 -94.45 -11.57
CA PRO C 896 40.31 -95.19 -11.56
C PRO C 896 41.29 -94.60 -12.56
N LEU C 897 41.91 -93.46 -12.22
CA LEU C 897 42.75 -92.74 -13.17
C LEU C 897 44.18 -93.21 -13.07
N ARG C 898 44.79 -93.46 -14.22
CA ARG C 898 46.12 -94.07 -14.28
C ARG C 898 47.19 -93.01 -14.51
N CYS C 899 48.26 -93.13 -13.74
CA CYS C 899 49.33 -92.13 -13.66
C CYS C 899 50.67 -92.78 -13.96
N ASP C 900 51.22 -92.50 -15.14
CA ASP C 900 52.56 -92.89 -15.56
C ASP C 900 53.44 -91.64 -15.65
N CYS C 901 54.69 -91.84 -16.03
CA CYS C 901 55.64 -90.76 -16.25
C CYS C 901 55.63 -90.47 -17.75
N SER C 902 54.98 -89.37 -18.13
CA SER C 902 54.83 -88.97 -19.53
C SER C 902 56.06 -88.29 -20.15
N TRP C 921 51.59 -92.07 -25.63
CA TRP C 921 52.23 -91.92 -24.33
C TRP C 921 52.45 -90.45 -23.92
N GLU C 922 52.00 -89.51 -24.76
CA GLU C 922 52.08 -88.10 -24.42
C GLU C 922 50.80 -87.53 -23.82
N HIS C 923 49.72 -88.32 -23.74
CA HIS C 923 48.44 -87.86 -23.21
C HIS C 923 48.16 -88.60 -21.90
N ASN C 924 48.67 -88.05 -20.81
CA ASN C 924 48.47 -88.62 -19.48
C ASN C 924 47.40 -87.83 -18.73
N ALA C 925 47.02 -88.36 -17.56
CA ALA C 925 46.18 -87.61 -16.66
C ALA C 925 46.97 -86.49 -16.00
N ALA C 926 48.15 -86.82 -15.46
CA ALA C 926 48.93 -85.83 -14.74
C ALA C 926 49.40 -84.66 -15.62
N GLU C 927 49.41 -84.84 -16.94
CA GLU C 927 49.78 -83.75 -17.83
C GLU C 927 48.58 -82.88 -18.23
N TRP C 928 47.44 -83.50 -18.49
CA TRP C 928 46.22 -82.73 -18.70
C TRP C 928 45.86 -81.96 -17.44
N PHE C 929 46.18 -82.52 -16.28
CA PHE C 929 45.75 -81.97 -15.01
C PHE C 929 46.61 -80.80 -14.55
N SER C 930 47.93 -80.93 -14.60
CA SER C 930 48.82 -79.86 -14.17
C SER C 930 48.66 -78.58 -14.98
N LEU C 931 48.10 -78.67 -16.18
CA LEU C 931 47.82 -77.51 -17.01
C LEU C 931 46.39 -76.98 -16.80
N HIS C 932 45.46 -77.86 -16.41
CA HIS C 932 44.04 -77.53 -16.32
C HIS C 932 43.48 -77.75 -14.91
N ARG C 933 44.33 -77.86 -13.89
CA ARG C 933 43.85 -78.22 -12.56
C ARG C 933 42.98 -77.14 -11.94
N HIS C 934 42.86 -75.99 -12.59
CA HIS C 934 41.91 -75.00 -12.13
C HIS C 934 40.50 -75.40 -12.51
N LEU C 935 40.34 -75.99 -13.69
CA LEU C 935 39.02 -76.40 -14.15
C LEU C 935 38.40 -77.50 -13.27
N VAL C 936 39.18 -78.15 -12.39
CA VAL C 936 38.71 -79.26 -11.55
C VAL C 936 38.04 -78.72 -10.30
N VAL C 937 36.80 -79.17 -10.03
CA VAL C 937 36.09 -78.68 -8.86
C VAL C 937 36.49 -79.43 -7.60
N ASP C 938 36.60 -80.76 -7.64
CA ASP C 938 37.02 -81.50 -6.45
C ASP C 938 38.43 -82.05 -6.64
N PHE C 939 39.40 -81.14 -6.77
CA PHE C 939 40.79 -81.55 -7.03
C PHE C 939 41.40 -82.31 -5.86
N PRO C 940 41.27 -81.86 -4.58
CA PRO C 940 41.80 -82.68 -3.47
C PRO C 940 41.00 -83.95 -3.18
N LYS C 941 40.13 -84.37 -4.09
CA LYS C 941 39.41 -85.64 -3.97
C LYS C 941 39.75 -86.61 -5.10
N VAL C 942 40.66 -86.24 -6.00
CA VAL C 942 41.10 -87.11 -7.09
C VAL C 942 42.18 -88.05 -6.59
N GLU C 943 42.19 -89.26 -7.14
CA GLU C 943 43.09 -90.31 -6.74
C GLU C 943 43.72 -90.92 -7.98
N CYS C 944 45.02 -91.23 -7.92
CA CYS C 944 45.64 -92.08 -8.92
C CYS C 944 45.29 -93.55 -8.64
N TRP C 945 44.89 -94.26 -9.70
CA TRP C 945 44.65 -95.69 -9.59
C TRP C 945 45.58 -96.46 -10.51
N GLU C 946 46.06 -97.60 -10.03
CA GLU C 946 46.88 -98.50 -10.83
C GLU C 946 46.64 -99.90 -10.29
N ASN C 947 46.00 -100.75 -11.10
CA ASN C 947 45.74 -102.13 -10.71
C ASN C 947 47.05 -102.88 -10.55
N VAL C 948 47.52 -103.03 -9.31
CA VAL C 948 48.83 -103.63 -9.06
C VAL C 948 48.82 -105.11 -9.46
N THR C 949 47.65 -105.77 -9.39
CA THR C 949 47.55 -107.17 -9.79
C THR C 949 47.45 -107.35 -11.31
N LYS C 950 46.79 -106.43 -12.02
CA LYS C 950 46.68 -106.52 -13.46
C LYS C 950 47.92 -106.02 -14.19
N ALA C 951 48.52 -104.93 -13.70
CA ALA C 951 49.68 -104.35 -14.38
C ALA C 951 50.95 -105.18 -14.22
N PHE C 952 51.02 -106.07 -13.22
CA PHE C 952 52.15 -106.99 -13.13
C PHE C 952 51.94 -108.19 -14.06
N LEU C 953 50.69 -108.66 -14.17
CA LEU C 953 50.36 -109.80 -15.02
C LEU C 953 50.21 -109.40 -16.49
N THR C 954 49.85 -108.14 -16.78
CA THR C 954 49.70 -107.64 -18.15
C THR C 954 50.91 -106.84 -18.65
N ASN C 955 51.89 -106.58 -17.79
CA ASN C 955 53.12 -105.81 -18.09
C ASN C 955 52.81 -104.42 -18.66
N ASP C 956 51.60 -103.92 -18.40
CA ASP C 956 51.26 -102.52 -18.68
C ASP C 956 51.77 -101.69 -17.51
N THR C 957 53.10 -101.67 -17.40
CA THR C 957 53.78 -101.08 -16.25
C THR C 957 53.68 -99.56 -16.30
N THR C 958 53.08 -98.97 -15.26
CA THR C 958 53.14 -97.54 -15.02
C THR C 958 53.88 -97.34 -13.70
N VAL C 959 54.29 -96.10 -13.43
CA VAL C 959 55.18 -95.84 -12.30
C VAL C 959 54.54 -96.12 -10.94
N LEU C 960 53.22 -96.38 -10.89
CA LEU C 960 52.55 -96.57 -9.61
C LEU C 960 52.23 -98.03 -9.27
N SER C 961 52.42 -98.98 -10.19
CA SER C 961 52.18 -100.38 -9.84
C SER C 961 53.37 -101.05 -9.19
N ALA C 962 54.45 -100.33 -8.89
CA ALA C 962 55.58 -100.84 -8.11
C ALA C 962 55.52 -100.42 -6.63
N TYR C 963 54.59 -99.51 -6.26
CA TYR C 963 54.32 -99.11 -4.89
C TYR C 963 53.42 -100.14 -4.18
N PRO C 964 53.57 -100.28 -2.87
CA PRO C 964 52.77 -101.28 -2.13
C PRO C 964 51.29 -100.94 -2.11
N PRO C 965 50.42 -101.85 -2.56
CA PRO C 965 48.98 -101.57 -2.55
C PRO C 965 48.42 -101.39 -1.14
N ASN C 966 47.31 -100.66 -1.08
CA ASN C 966 46.64 -100.34 0.17
C ASN C 966 46.12 -101.61 0.83
N MET C 967 46.15 -101.63 2.16
CA MET C 967 45.73 -102.85 2.86
C MET C 967 44.25 -103.13 2.61
N GLY C 968 43.96 -104.36 2.21
CA GLY C 968 42.63 -104.80 1.83
C GLY C 968 42.31 -104.78 0.35
N ASN C 969 43.21 -104.28 -0.50
CA ASN C 969 42.96 -104.11 -1.92
C ASN C 969 44.12 -104.63 -2.75
N ASP C 970 43.84 -104.84 -4.04
CA ASP C 970 44.87 -105.10 -5.03
C ASP C 970 45.28 -103.83 -5.78
N VAL C 971 44.69 -102.68 -5.45
CA VAL C 971 44.93 -101.43 -6.16
C VAL C 971 45.60 -100.46 -5.20
N PHE C 972 46.69 -99.84 -5.62
CA PHE C 972 47.33 -98.79 -4.82
C PHE C 972 46.75 -97.44 -5.20
N VAL C 973 46.36 -96.68 -4.18
CA VAL C 973 45.67 -95.40 -4.36
C VAL C 973 46.56 -94.29 -3.83
N MET C 974 46.78 -93.27 -4.67
CA MET C 974 47.64 -92.15 -4.39
C MET C 974 46.95 -90.88 -4.88
N PRO C 975 46.78 -89.87 -4.03
CA PRO C 975 46.22 -88.60 -4.52
C PRO C 975 47.04 -88.05 -5.67
N ILE C 976 46.36 -87.39 -6.60
CA ILE C 976 47.02 -86.85 -7.78
C ILE C 976 47.93 -85.70 -7.39
N GLU C 977 47.63 -85.03 -6.26
CA GLU C 977 48.50 -83.98 -5.75
C GLU C 977 49.82 -84.55 -5.24
N GLU C 978 49.80 -85.79 -4.73
CA GLU C 978 51.00 -86.46 -4.27
C GLU C 978 51.83 -87.03 -5.42
N PHE C 979 51.21 -87.27 -6.59
CA PHE C 979 51.95 -87.74 -7.75
C PHE C 979 52.76 -86.64 -8.44
N LEU C 980 52.16 -85.46 -8.64
CA LEU C 980 52.85 -84.40 -9.35
C LEU C 980 53.80 -83.58 -8.47
N ARG C 981 53.57 -83.53 -7.15
CA ARG C 981 54.50 -82.83 -6.27
C ARG C 981 55.82 -83.58 -6.19
N ASP C 982 55.76 -84.91 -6.06
CA ASP C 982 56.93 -85.76 -6.12
C ASP C 982 57.24 -86.20 -7.56
N TYR C 983 56.90 -85.36 -8.55
CA TYR C 983 57.17 -85.62 -9.97
C TYR C 983 58.65 -85.50 -10.30
N ASN C 984 59.20 -84.28 -10.21
CA ASN C 984 60.61 -84.01 -10.50
C ASN C 984 61.52 -84.24 -9.30
N SER C 985 60.95 -84.49 -8.11
CA SER C 985 61.76 -84.68 -6.91
C SER C 985 62.10 -86.15 -6.63
N THR C 986 61.14 -87.07 -6.76
CA THR C 986 61.40 -88.45 -6.35
C THR C 986 60.85 -89.55 -7.28
N ILE C 987 59.59 -89.46 -7.71
CA ILE C 987 58.94 -90.61 -8.36
C ILE C 987 59.50 -90.82 -9.77
N CYS C 988 59.45 -89.79 -10.61
CA CYS C 988 59.88 -89.88 -11.99
C CYS C 988 61.27 -89.29 -12.18
N VAL C 989 62.20 -89.68 -11.32
CA VAL C 989 63.59 -89.25 -11.39
C VAL C 989 64.42 -90.42 -11.93
N PRO C 990 65.14 -90.25 -13.05
CA PRO C 990 66.01 -91.30 -13.62
C PRO C 990 67.44 -91.30 -13.07
N GLU D 34 97.69 9.41 -32.99
CA GLU D 34 96.58 8.74 -32.32
C GLU D 34 96.93 8.52 -30.83
N CYS D 35 96.01 7.92 -30.05
CA CYS D 35 96.21 7.79 -28.60
C CYS D 35 97.38 6.86 -28.26
N PRO D 36 98.16 7.19 -27.23
CA PRO D 36 99.43 6.49 -26.98
C PRO D 36 99.29 5.03 -26.59
N LYS D 37 100.39 4.44 -26.14
CA LYS D 37 100.37 3.03 -25.78
C LYS D 37 99.64 2.84 -24.45
N PHE D 38 98.60 2.00 -24.49
CA PHE D 38 97.75 1.64 -23.33
C PHE D 38 97.04 2.84 -22.70
N CYS D 39 96.73 3.88 -23.48
CA CYS D 39 96.07 5.05 -22.92
C CYS D 39 94.97 5.50 -23.85
N LYS D 40 93.87 5.97 -23.29
CA LYS D 40 92.66 6.27 -24.03
C LYS D 40 92.36 7.76 -23.87
N CYS D 41 92.38 8.49 -24.98
CA CYS D 41 92.17 9.93 -24.96
C CYS D 41 90.76 10.29 -24.51
N ALA D 42 90.57 11.58 -24.24
CA ALA D 42 89.30 12.18 -23.85
C ALA D 42 89.44 13.69 -23.90
N PRO D 43 88.40 14.43 -24.30
CA PRO D 43 88.45 15.90 -24.16
C PRO D 43 88.34 16.31 -22.68
N ASP D 44 89.32 17.09 -22.21
CA ASP D 44 89.42 17.48 -20.81
C ASP D 44 88.10 18.06 -20.30
N PRO D 45 87.49 17.46 -19.28
CA PRO D 45 86.22 18.00 -18.76
C PRO D 45 86.37 19.35 -18.08
N VAL D 46 87.40 19.51 -17.25
CA VAL D 46 87.57 20.76 -16.50
C VAL D 46 87.96 21.91 -17.43
N GLN D 47 88.56 21.60 -18.57
CA GLN D 47 89.11 22.61 -19.48
C GLN D 47 88.85 22.12 -20.91
N PRO D 48 87.62 22.35 -21.41
CA PRO D 48 87.17 21.62 -22.62
C PRO D 48 88.00 21.84 -23.88
N THR D 49 88.97 22.76 -23.88
CA THR D 49 89.84 22.99 -25.04
C THR D 49 91.04 22.04 -25.11
N SER D 50 91.46 21.50 -23.97
CA SER D 50 92.59 20.58 -23.88
C SER D 50 92.09 19.13 -23.93
N LYS D 51 92.99 18.20 -23.60
CA LYS D 51 92.74 16.77 -23.72
C LYS D 51 93.08 16.04 -22.41
N LEU D 52 92.05 15.57 -21.68
CA LEU D 52 92.26 14.56 -20.63
C LEU D 52 92.67 13.20 -21.22
N LEU D 53 93.41 12.42 -20.43
CA LEU D 53 93.93 11.14 -20.90
C LEU D 53 93.65 10.05 -19.86
N LEU D 54 93.29 8.86 -20.34
CA LEU D 54 92.87 7.73 -19.50
C LEU D 54 93.70 6.49 -19.81
N CYS D 55 94.72 6.25 -19.01
CA CYS D 55 95.66 5.16 -19.21
C CYS D 55 95.23 3.90 -18.46
N ASP D 56 95.60 2.74 -19.02
CA ASP D 56 95.31 1.42 -18.43
C ASP D 56 96.61 0.62 -18.36
N TYR D 57 97.46 0.94 -17.39
CA TYR D 57 98.70 0.19 -17.18
C TYR D 57 98.53 -1.01 -16.26
N SER D 58 97.33 -1.22 -15.74
CA SER D 58 97.02 -2.45 -14.99
C SER D 58 96.98 -3.65 -15.94
N SER D 59 96.64 -3.38 -17.21
CA SER D 59 96.35 -4.40 -18.21
C SER D 59 97.46 -5.45 -18.36
N LYS D 60 98.71 -5.02 -18.43
CA LYS D 60 99.79 -5.96 -18.71
C LYS D 60 101.10 -5.49 -18.08
N ASN D 61 102.01 -6.46 -17.94
CA ASN D 61 103.33 -6.28 -17.35
C ASN D 61 104.38 -5.79 -18.35
N THR D 62 104.00 -5.57 -19.61
CA THR D 62 104.92 -5.16 -20.66
C THR D 62 105.40 -3.72 -20.42
N THR D 63 106.22 -3.21 -21.35
CA THR D 63 106.91 -1.95 -21.12
C THR D 63 106.00 -0.74 -21.24
N ILE D 64 106.47 0.37 -20.68
CA ILE D 64 105.74 1.63 -20.60
C ILE D 64 106.32 2.60 -21.63
N THR D 65 105.66 2.69 -22.78
CA THR D 65 106.12 3.60 -23.83
C THR D 65 106.19 5.03 -23.28
N PRO D 66 107.34 5.70 -23.39
CA PRO D 66 107.41 7.09 -22.93
C PRO D 66 106.38 7.93 -23.64
N ILE D 67 105.68 8.77 -22.88
CA ILE D 67 104.66 9.63 -23.48
C ILE D 67 105.28 10.65 -24.42
N ALA D 68 106.52 11.10 -24.15
CA ALA D 68 107.17 12.02 -25.09
C ALA D 68 107.41 11.36 -26.43
N SER D 69 107.78 10.07 -26.43
CA SER D 69 107.93 9.27 -27.64
C SER D 69 106.74 8.33 -27.87
N SER D 70 105.55 8.73 -27.40
CA SER D 70 104.30 7.99 -27.57
C SER D 70 103.69 8.11 -28.97
N ASN D 71 104.29 8.90 -29.86
CA ASN D 71 103.74 9.13 -31.21
C ASN D 71 102.31 9.67 -31.12
N TYR D 72 102.14 10.67 -30.26
CA TYR D 72 100.86 11.35 -30.09
C TYR D 72 100.96 12.75 -30.69
N ASP D 73 99.99 13.09 -31.53
CA ASP D 73 100.00 14.34 -32.28
C ASP D 73 99.66 15.57 -31.45
N GLN D 74 99.05 15.42 -30.26
CA GLN D 74 98.63 16.55 -29.43
C GLN D 74 99.13 16.37 -28.00
N VAL D 75 100.47 16.35 -27.82
CA VAL D 75 101.03 16.21 -26.48
C VAL D 75 100.88 17.49 -25.66
N ALA D 76 100.94 18.67 -26.30
CA ALA D 76 100.73 19.91 -25.57
C ALA D 76 99.25 20.23 -25.35
N ASN D 77 98.34 19.36 -25.81
CA ASN D 77 96.91 19.46 -25.51
C ASN D 77 96.53 18.65 -24.30
N ILE D 78 97.50 17.93 -23.72
CA ILE D 78 97.27 17.07 -22.56
C ILE D 78 97.32 17.94 -21.30
N ARG D 79 96.15 18.27 -20.76
CA ARG D 79 96.07 18.96 -19.49
C ARG D 79 95.79 18.02 -18.33
N SER D 80 95.09 16.91 -18.58
CA SER D 80 94.73 15.96 -17.53
C SER D 80 95.15 14.55 -17.89
N LEU D 81 95.68 13.83 -16.91
CA LEU D 81 96.21 12.48 -17.11
C LEU D 81 95.76 11.58 -15.97
N PHE D 82 95.10 10.48 -16.33
CA PHE D 82 94.71 9.43 -15.39
C PHE D 82 95.52 8.20 -15.73
N ILE D 83 96.14 7.61 -14.70
CA ILE D 83 96.89 6.37 -14.81
C ILE D 83 96.32 5.39 -13.81
N SER D 84 96.16 4.13 -14.22
CA SER D 84 95.61 3.10 -13.36
C SER D 84 96.47 1.85 -13.44
N CYS D 85 96.92 1.38 -12.27
CA CYS D 85 97.70 0.15 -12.18
C CYS D 85 97.13 -0.69 -11.05
N ASP D 86 97.57 -1.93 -11.03
CA ASP D 86 97.46 -2.79 -9.88
C ASP D 86 98.72 -3.61 -9.71
N ASN D 87 99.68 -3.45 -10.62
CA ASN D 87 100.98 -4.11 -10.55
C ASN D 87 101.85 -3.45 -9.49
N ASN D 88 102.77 -4.24 -8.94
CA ASN D 88 103.62 -3.82 -7.84
C ASN D 88 105.02 -3.50 -8.39
N ASN D 89 105.78 -2.73 -7.60
CA ASN D 89 107.09 -2.22 -8.06
C ASN D 89 106.98 -1.64 -9.46
N PHE D 90 105.82 -1.06 -9.77
CA PHE D 90 105.60 -0.41 -11.06
C PHE D 90 106.48 0.83 -11.13
N GLN D 91 107.51 0.77 -11.97
CA GLN D 91 108.53 1.80 -12.08
C GLN D 91 108.40 2.51 -13.42
N PHE D 92 108.24 3.84 -13.39
CA PHE D 92 108.16 4.70 -14.57
C PHE D 92 109.54 4.99 -15.16
N PRO D 93 109.67 5.01 -16.49
CA PRO D 93 110.93 5.48 -17.10
C PRO D 93 111.20 6.93 -16.75
N ASP D 94 112.47 7.26 -16.46
CA ASP D 94 112.79 8.64 -16.10
C ASP D 94 112.28 9.60 -17.16
N ALA D 95 112.36 9.20 -18.42
CA ALA D 95 111.82 10.00 -19.51
C ALA D 95 110.49 9.40 -19.95
N TYR D 96 109.54 9.56 -19.04
CA TYR D 96 108.15 9.20 -19.25
C TYR D 96 107.31 10.46 -19.31
N PHE D 97 107.46 11.33 -18.31
CA PHE D 97 106.75 12.60 -18.28
C PHE D 97 107.41 13.67 -19.11
N LYS D 98 108.46 13.34 -19.85
CA LYS D 98 109.14 14.35 -20.64
C LYS D 98 108.16 15.06 -21.56
N SER D 99 108.39 16.37 -21.76
CA SER D 99 107.67 17.24 -22.69
C SER D 99 106.20 17.47 -22.33
N LEU D 100 105.72 17.03 -21.17
CA LEU D 100 104.34 17.29 -20.75
C LEU D 100 104.19 18.57 -19.93
N THR D 101 104.91 19.64 -20.27
CA THR D 101 104.93 20.85 -19.45
C THR D 101 103.59 21.56 -19.41
N ALA D 102 102.56 21.06 -20.07
CA ALA D 102 101.22 21.63 -20.01
C ALA D 102 100.24 20.74 -19.24
N LEU D 103 100.75 19.80 -18.44
CA LEU D 103 99.92 18.87 -17.69
C LEU D 103 99.40 19.56 -16.42
N HIS D 104 98.08 19.65 -16.28
CA HIS D 104 97.43 20.35 -15.17
C HIS D 104 97.10 19.43 -13.99
N HIS D 105 96.64 18.20 -14.27
CA HIS D 105 96.12 17.27 -13.26
C HIS D 105 96.74 15.90 -13.48
N LEU D 106 97.08 15.21 -12.40
CA LEU D 106 97.76 13.92 -12.54
C LEU D 106 97.17 12.92 -11.56
N ARG D 107 96.69 11.78 -12.07
CA ARG D 107 96.14 10.71 -11.25
C ARG D 107 96.95 9.43 -11.40
N ILE D 108 97.48 8.94 -10.28
CA ILE D 108 98.26 7.71 -10.22
C ILE D 108 97.53 6.78 -9.25
N VAL D 109 97.07 5.63 -9.75
CA VAL D 109 96.24 4.70 -8.98
C VAL D 109 96.81 3.29 -9.09
N GLY D 110 97.37 2.79 -8.00
CA GLY D 110 97.73 1.39 -7.95
C GLY D 110 99.11 1.05 -8.45
N CYS D 111 99.98 2.02 -8.64
CA CYS D 111 101.30 1.80 -9.23
C CYS D 111 102.36 1.78 -8.13
N GLU D 112 102.54 0.62 -7.51
CA GLU D 112 103.37 0.49 -6.32
C GLU D 112 104.84 0.76 -6.62
N THR D 113 105.55 1.14 -5.57
CA THR D 113 106.95 1.58 -5.67
C THR D 113 107.51 1.73 -4.26
N THR D 114 108.76 2.19 -4.17
CA THR D 114 109.42 2.52 -2.90
C THR D 114 109.84 3.98 -2.81
N HIS D 115 109.85 4.70 -3.93
CA HIS D 115 110.13 6.13 -4.10
C HIS D 115 109.98 6.40 -5.59
N PHE D 116 109.80 7.66 -5.94
CA PHE D 116 109.78 7.99 -7.36
C PHE D 116 111.17 8.34 -7.88
N SER D 117 111.31 8.25 -9.19
CA SER D 117 112.55 8.66 -9.85
C SER D 117 112.62 10.19 -9.87
N VAL D 118 113.81 10.71 -9.56
CA VAL D 118 113.92 12.16 -9.38
C VAL D 118 113.68 12.89 -10.69
N LYS D 119 114.21 12.32 -11.79
CA LYS D 119 113.96 12.89 -13.11
C LYS D 119 112.49 12.73 -13.54
N LEU D 120 111.71 11.87 -12.88
CA LEU D 120 110.37 11.59 -13.40
C LEU D 120 109.46 12.79 -13.30
N PHE D 121 109.45 13.49 -12.15
CA PHE D 121 108.59 14.65 -11.97
C PHE D 121 109.30 15.95 -12.33
N GLU D 122 110.29 15.87 -13.21
CA GLU D 122 111.12 17.03 -13.50
C GLU D 122 110.45 18.02 -14.44
N ASP D 123 109.84 17.55 -15.53
CA ASP D 123 109.24 18.47 -16.48
C ASP D 123 107.80 18.81 -16.12
N LEU D 124 107.46 18.87 -14.83
CA LEU D 124 106.09 19.05 -14.37
C LEU D 124 105.97 20.15 -13.31
N ALA D 125 106.75 21.22 -13.44
CA ALA D 125 106.61 22.33 -12.50
C ALA D 125 105.34 23.12 -12.75
N ALA D 126 104.75 22.98 -13.96
CA ALA D 126 103.46 23.58 -14.27
C ALA D 126 102.29 22.68 -13.85
N LEU D 127 102.58 21.57 -13.18
CA LEU D 127 101.57 20.64 -12.68
C LEU D 127 100.92 21.24 -11.43
N ARG D 128 99.61 21.37 -11.44
CA ARG D 128 98.98 21.99 -10.30
C ARG D 128 98.38 21.00 -9.31
N ARG D 129 98.14 19.75 -9.68
CA ARG D 129 97.43 18.84 -8.78
C ARG D 129 97.97 17.42 -8.91
N LEU D 130 98.65 16.95 -7.87
CA LEU D 130 99.16 15.59 -7.79
C LEU D 130 98.23 14.73 -6.94
N GLU D 131 97.91 13.54 -7.45
CA GLU D 131 97.17 12.51 -6.72
C GLU D 131 97.99 11.24 -6.75
N LEU D 132 98.13 10.61 -5.59
CA LEU D 132 98.79 9.31 -5.49
C LEU D 132 97.82 8.32 -4.88
N ASP D 133 97.77 7.11 -5.47
CA ASP D 133 96.81 6.09 -5.08
C ASP D 133 97.44 4.72 -5.18
N GLN D 134 97.52 4.03 -4.04
CA GLN D 134 98.00 2.66 -3.96
C GLN D 134 99.39 2.53 -4.57
N ILE D 135 100.32 3.25 -3.96
CA ILE D 135 101.75 3.13 -4.28
C ILE D 135 102.48 2.39 -3.17
N SER D 136 101.72 1.79 -2.26
CA SER D 136 102.24 0.97 -1.18
C SER D 136 101.09 0.19 -0.55
N THR D 137 101.41 -1.03 -0.12
CA THR D 137 100.49 -1.93 0.55
C THR D 137 100.96 -2.21 1.98
N ALA D 138 100.50 -3.32 2.57
CA ALA D 138 100.96 -3.67 3.91
C ALA D 138 102.44 -4.00 3.96
N SER D 139 103.07 -4.29 2.82
CA SER D 139 104.50 -4.63 2.75
C SER D 139 105.35 -3.54 2.10
N THR D 140 105.02 -3.09 0.89
CA THR D 140 105.91 -2.15 0.20
C THR D 140 105.84 -0.79 0.88
N SER D 141 106.99 -0.22 1.12
CA SER D 141 107.08 1.09 1.77
C SER D 141 107.39 2.15 0.74
N PHE D 142 106.61 3.21 0.76
CA PHE D 142 106.82 4.38 -0.07
C PHE D 142 107.31 5.53 0.82
N GLU D 143 108.39 6.18 0.40
CA GLU D 143 108.88 7.38 1.10
C GLU D 143 108.94 8.53 0.11
N MET D 144 108.14 9.55 0.36
CA MET D 144 108.21 10.76 -0.43
C MET D 144 109.58 11.39 -0.16
N THR D 145 110.43 11.38 -1.17
CA THR D 145 111.74 11.97 -0.96
C THR D 145 111.58 13.48 -1.11
N GLU D 146 112.28 14.23 -0.27
CA GLU D 146 112.25 15.69 -0.37
C GLU D 146 112.83 16.22 -1.68
N ASP D 147 113.51 15.37 -2.47
CA ASP D 147 114.16 15.73 -3.72
C ASP D 147 113.30 15.43 -4.95
N VAL D 148 112.39 14.47 -4.84
CA VAL D 148 111.44 14.20 -5.91
C VAL D 148 110.52 15.39 -6.12
N LEU D 149 110.29 16.17 -5.06
CA LEU D 149 109.42 17.34 -5.08
C LEU D 149 110.15 18.62 -5.40
N MET D 150 111.42 18.54 -5.81
CA MET D 150 112.13 19.77 -6.14
C MET D 150 111.53 20.48 -7.35
N PRO D 151 111.20 19.80 -8.49
CA PRO D 151 110.55 20.50 -9.61
C PRO D 151 109.02 20.57 -9.57
N LEU D 152 108.40 20.74 -8.40
CA LEU D 152 106.94 20.70 -8.31
C LEU D 152 106.44 21.80 -7.39
N ALA D 153 107.03 22.99 -7.50
CA ALA D 153 106.68 24.03 -6.55
C ALA D 153 105.21 24.42 -6.64
N ARG D 154 104.70 24.61 -7.86
CA ARG D 154 103.32 25.07 -8.04
C ARG D 154 102.31 23.98 -7.75
N LEU D 155 102.52 23.26 -6.65
CA LEU D 155 101.62 22.18 -6.22
C LEU D 155 100.61 22.79 -5.25
N GLU D 156 99.41 23.08 -5.78
CA GLU D 156 98.30 23.60 -5.01
C GLU D 156 97.36 22.49 -4.50
N LYS D 157 97.63 21.23 -4.85
CA LYS D 157 96.89 20.07 -4.32
C LYS D 157 97.75 18.83 -4.49
N PHE D 158 98.04 18.18 -3.36
CA PHE D 158 98.89 16.99 -3.29
C PHE D 158 98.13 15.92 -2.51
N SER D 159 97.79 14.82 -3.19
CA SER D 159 96.93 13.78 -2.63
C SER D 159 97.66 12.45 -2.64
N LEU D 160 97.82 11.87 -1.45
CA LEU D 160 98.50 10.59 -1.26
C LEU D 160 97.53 9.80 -0.39
N THR D 161 96.70 9.00 -1.06
CA THR D 161 95.57 8.32 -0.45
C THR D 161 95.71 6.82 -0.57
N ARG D 162 95.06 6.12 0.35
CA ARG D 162 94.94 4.67 0.37
C ARG D 162 96.30 4.00 0.17
N SER D 163 97.10 4.00 1.23
CA SER D 163 98.42 3.37 1.20
C SER D 163 98.94 3.26 2.62
N ARG D 164 99.57 2.12 2.94
CA ARG D 164 100.02 1.85 4.30
C ARG D 164 101.53 2.00 4.43
N ASN D 165 101.97 2.24 5.66
CA ASN D 165 103.39 2.30 6.04
C ASN D 165 104.13 3.34 5.19
N ILE D 166 103.72 4.60 5.31
CA ILE D 166 104.30 5.70 4.56
C ILE D 166 105.07 6.61 5.51
N GLU D 167 106.20 7.15 5.05
CA GLU D 167 106.90 8.24 5.75
C GLU D 167 107.33 9.30 4.73
N LEU D 168 106.80 10.49 4.87
CA LEU D 168 106.83 11.77 4.16
C LEU D 168 107.86 12.71 4.77
N PRO D 169 108.44 13.64 3.98
CA PRO D 169 109.53 14.48 4.49
C PRO D 169 109.06 15.38 5.63
N GLN D 170 109.97 15.61 6.56
CA GLN D 170 109.71 16.48 7.70
C GLN D 170 109.58 17.95 7.28
N ARG D 171 110.26 18.34 6.21
CA ARG D 171 110.06 19.64 5.55
C ARG D 171 109.09 19.51 4.37
N LEU D 172 107.96 18.83 4.56
CA LEU D 172 107.09 18.57 3.41
C LEU D 172 106.46 19.84 2.85
N LEU D 173 105.96 20.74 3.72
CA LEU D 173 105.38 21.98 3.20
C LEU D 173 106.43 22.95 2.67
N CYS D 174 107.69 22.83 3.10
CA CYS D 174 108.75 23.68 2.56
C CYS D 174 109.08 23.31 1.12
N SER D 175 108.76 22.09 0.70
CA SER D 175 108.88 21.73 -0.71
C SER D 175 107.67 22.20 -1.51
N LEU D 176 106.53 22.37 -0.84
CA LEU D 176 105.27 22.75 -1.49
C LEU D 176 104.69 23.94 -0.74
N PRO D 177 105.22 25.15 -0.98
CA PRO D 177 104.71 26.35 -0.30
C PRO D 177 103.36 26.84 -0.82
N HIS D 178 103.12 26.70 -2.12
CA HIS D 178 101.81 27.04 -2.68
C HIS D 178 100.81 25.90 -2.50
N LEU D 179 100.95 25.11 -1.43
CA LEU D 179 100.03 24.01 -1.18
C LEU D 179 98.79 24.55 -0.48
N GLN D 180 97.61 24.25 -1.04
CA GLN D 180 96.30 24.70 -0.55
C GLN D 180 95.47 23.56 -0.01
N VAL D 181 95.55 22.42 -0.68
CA VAL D 181 94.84 21.20 -0.33
C VAL D 181 95.89 20.14 -0.07
N LEU D 182 95.96 19.69 1.18
CA LEU D 182 96.82 18.58 1.53
C LEU D 182 95.90 17.40 1.84
N ASN D 183 95.92 16.38 0.99
CA ASN D 183 95.06 15.22 1.17
C ASN D 183 95.95 14.02 1.43
N ILE D 184 95.97 13.58 2.70
CA ILE D 184 96.73 12.42 3.14
C ILE D 184 95.80 11.51 3.92
N SER D 185 94.66 11.15 3.33
CA SER D 185 93.66 10.35 4.03
C SER D 185 93.83 8.85 3.74
N SER D 186 93.22 8.03 4.61
CA SER D 186 93.23 6.55 4.49
C SER D 186 94.65 6.00 4.50
N ASN D 187 95.54 6.64 5.29
CA ASN D 187 96.97 6.36 5.22
C ASN D 187 97.58 5.78 6.49
N GLU D 188 96.83 5.70 7.60
CA GLU D 188 97.27 4.99 8.80
C GLU D 188 98.59 5.51 9.37
N LEU D 189 98.91 6.78 9.17
CA LEU D 189 100.18 7.28 9.66
C LEU D 189 100.21 7.22 11.18
N PRO D 190 101.08 6.43 11.79
CA PRO D 190 101.05 6.31 13.26
C PRO D 190 101.49 7.59 13.94
N SER D 191 102.33 8.38 13.27
CA SER D 191 102.81 9.65 13.76
C SER D 191 103.10 10.52 12.55
N LEU D 192 103.08 11.83 12.76
CA LEU D 192 103.48 12.76 11.72
C LEU D 192 104.40 13.81 12.34
N ARG D 193 105.58 14.00 11.72
CA ARG D 193 106.56 14.98 12.18
C ARG D 193 106.78 16.03 11.09
N ARG D 194 106.86 17.29 11.53
CA ARG D 194 107.07 18.43 10.66
C ARG D 194 107.95 19.43 11.40
N GLU D 195 108.94 19.98 10.69
CA GLU D 195 109.76 21.03 11.27
C GLU D 195 108.97 22.33 11.31
N GLU D 196 109.00 23.00 12.48
CA GLU D 196 108.19 24.19 12.69
C GLU D 196 108.60 25.36 11.80
N SER D 197 109.76 25.27 11.13
CA SER D 197 110.20 26.32 10.23
C SER D 197 109.38 26.37 8.95
N CYS D 198 108.59 25.32 8.66
CA CYS D 198 107.77 25.30 7.47
C CYS D 198 106.39 25.84 7.80
N VAL D 199 106.01 26.93 7.13
CA VAL D 199 104.73 27.59 7.35
C VAL D 199 104.05 27.68 6.01
N ALA D 200 103.00 26.89 5.80
CA ALA D 200 102.19 26.97 4.58
C ALA D 200 101.13 28.05 4.76
N GLN D 201 101.37 29.21 4.18
CA GLN D 201 100.47 30.35 4.30
C GLN D 201 99.45 30.39 3.17
N GLN D 202 99.32 29.30 2.41
CA GLN D 202 98.18 29.11 1.52
C GLN D 202 97.54 27.75 1.71
N LEU D 203 97.98 26.96 2.71
CA LEU D 203 97.38 25.65 2.98
C LEU D 203 96.02 25.87 3.62
N LEU D 204 94.96 25.52 2.89
CA LEU D 204 93.59 25.75 3.32
C LEU D 204 92.98 24.52 3.97
N ILE D 205 93.03 23.37 3.29
CA ILE D 205 92.27 22.18 3.66
C ILE D 205 93.24 21.03 3.93
N VAL D 206 93.24 20.52 5.17
CA VAL D 206 94.04 19.37 5.59
C VAL D 206 93.12 18.19 5.88
N ASP D 207 93.47 17.03 5.36
CA ASP D 207 92.66 15.82 5.52
C ASP D 207 93.52 14.74 6.17
N LEU D 208 93.40 14.61 7.49
CA LEU D 208 94.12 13.58 8.24
C LEU D 208 93.25 12.36 8.53
N SER D 209 92.04 12.33 7.98
CA SER D 209 91.07 11.32 8.36
C SER D 209 91.53 9.92 7.96
N ARG D 210 91.03 8.93 8.71
CA ARG D 210 91.25 7.51 8.48
C ARG D 210 92.75 7.18 8.60
N ASN D 211 93.27 7.41 9.81
CA ASN D 211 94.67 7.18 10.14
C ASN D 211 94.78 6.63 11.56
N ARG D 212 96.02 6.46 12.02
CA ARG D 212 96.36 5.98 13.35
C ARG D 212 97.06 7.06 14.18
N LEU D 213 96.55 8.30 14.14
CA LEU D 213 97.30 9.43 14.69
C LEU D 213 97.15 9.53 16.20
N THR D 214 98.28 9.71 16.86
CA THR D 214 98.37 9.78 18.31
C THR D 214 98.66 11.18 18.82
N ASN D 215 99.37 11.98 18.02
CA ASN D 215 99.63 13.37 18.33
C ASN D 215 99.70 14.10 17.00
N ILE D 216 98.96 15.20 16.89
CA ILE D 216 98.87 15.98 15.65
C ILE D 216 98.91 17.47 15.96
N GLU D 217 99.13 17.80 17.23
CA GLU D 217 99.10 19.20 17.64
C GLU D 217 100.27 20.00 17.08
N GLN D 218 101.46 19.40 17.03
CA GLN D 218 102.67 20.08 16.53
C GLN D 218 102.60 20.37 15.03
N PHE D 219 101.87 19.56 14.26
CA PHE D 219 101.73 19.82 12.83
C PHE D 219 100.87 21.05 12.57
N LEU D 220 99.73 21.15 13.27
CA LEU D 220 98.83 22.30 13.10
C LEU D 220 99.49 23.59 13.55
N ARG D 221 100.41 23.50 14.51
CA ARG D 221 101.36 24.56 14.81
C ARG D 221 102.19 24.89 13.56
N GLY D 222 102.16 26.16 13.14
CA GLY D 222 102.94 26.57 11.98
C GLY D 222 102.21 26.53 10.65
N ILE D 223 100.87 26.52 10.68
CA ILE D 223 100.05 26.73 9.50
C ILE D 223 98.84 27.58 9.87
N PRO D 224 98.87 28.92 9.75
CA PRO D 224 97.71 29.70 10.18
C PRO D 224 96.65 29.85 9.09
N ALA D 225 96.99 29.46 7.86
CA ALA D 225 96.07 29.51 6.72
C ALA D 225 94.98 28.44 6.77
N ILE D 226 95.15 27.36 7.53
CA ILE D 226 94.19 26.27 7.44
C ILE D 226 92.83 26.76 7.88
N ARG D 227 91.84 26.57 7.01
CA ARG D 227 90.47 26.88 7.32
C ARG D 227 89.61 25.63 7.51
N GLN D 228 90.07 24.47 7.02
CA GLN D 228 89.31 23.24 7.16
C GLN D 228 90.24 22.10 7.56
N ILE D 229 89.84 21.39 8.62
CA ILE D 229 90.58 20.24 9.13
C ILE D 229 89.61 19.09 9.30
N SER D 230 90.05 17.89 8.96
CA SER D 230 89.28 16.66 9.18
C SER D 230 90.25 15.67 9.82
N VAL D 231 90.22 15.54 11.15
CA VAL D 231 91.10 14.60 11.82
C VAL D 231 90.31 13.36 12.20
N ALA D 232 89.42 12.94 11.30
CA ALA D 232 88.47 11.86 11.52
C ALA D 232 89.14 10.50 11.54
N TYR D 233 88.45 9.54 12.17
CA TYR D 233 88.83 8.12 12.19
C TYR D 233 90.27 7.91 12.65
N ASN D 234 90.56 8.43 13.83
CA ASN D 234 91.91 8.31 14.36
C ASN D 234 91.89 7.88 15.82
N SER D 235 93.04 7.97 16.48
CA SER D 235 93.18 7.67 17.89
C SER D 235 93.67 8.90 18.61
N ILE D 236 93.12 10.05 18.20
CA ILE D 236 93.46 11.36 18.77
C ILE D 236 92.72 11.53 20.09
N ALA D 237 93.45 11.99 21.10
CA ALA D 237 92.88 12.21 22.43
C ALA D 237 92.83 13.69 22.82
N GLU D 238 93.82 14.47 22.38
CA GLU D 238 93.98 15.86 22.77
C GLU D 238 94.20 16.73 21.53
N LEU D 239 93.37 17.75 21.38
CA LEU D 239 93.44 18.71 20.29
C LEU D 239 93.57 20.12 20.84
N ASP D 240 94.54 20.88 20.33
CA ASP D 240 94.70 22.29 20.69
C ASP D 240 94.81 23.14 19.43
N LEU D 241 93.85 24.06 19.25
CA LEU D 241 93.75 24.85 18.02
C LEU D 241 93.46 26.33 18.24
N SER D 242 93.19 26.79 19.46
CA SER D 242 92.86 28.20 19.69
C SER D 242 94.07 29.12 19.56
N LEU D 243 95.29 28.62 19.81
CA LEU D 243 96.49 29.43 19.82
C LEU D 243 97.24 29.43 18.49
N ALA D 244 96.72 28.76 17.46
CA ALA D 244 97.40 28.71 16.18
C ALA D 244 96.56 29.16 14.99
N THR D 245 95.48 28.42 14.68
CA THR D 245 94.66 28.57 13.48
C THR D 245 93.43 29.40 13.79
N PRO D 246 93.52 30.72 13.65
CA PRO D 246 92.39 31.57 14.03
C PRO D 246 91.28 31.59 12.99
N PHE D 247 91.51 30.98 11.82
CA PHE D 247 90.54 30.92 10.74
C PHE D 247 89.97 29.53 10.51
N LEU D 248 90.17 28.59 11.45
CA LEU D 248 89.60 27.25 11.32
C LEU D 248 88.07 27.35 11.27
N GLN D 249 87.50 26.95 10.13
CA GLN D 249 86.07 27.09 9.87
C GLN D 249 85.31 25.78 9.86
N GLN D 250 85.99 24.66 9.77
CA GLN D 250 85.33 23.37 9.81
C GLN D 250 86.29 22.38 10.47
N LEU D 251 85.95 21.87 11.66
CA LEU D 251 86.69 20.79 12.30
C LEU D 251 85.84 19.53 12.40
N ASP D 252 86.37 18.43 11.89
CA ASP D 252 85.77 17.11 12.01
C ASP D 252 86.73 16.27 12.83
N ALA D 253 86.33 15.88 14.03
CA ALA D 253 87.07 14.96 14.89
C ALA D 253 86.28 13.68 15.14
N GLU D 254 85.52 13.24 14.13
CA GLU D 254 84.70 12.05 14.29
C GLU D 254 85.55 10.80 14.42
N ALA D 255 85.07 9.85 15.23
CA ALA D 255 85.69 8.55 15.39
C ALA D 255 87.10 8.68 15.98
N ASN D 256 87.13 9.15 17.23
CA ASN D 256 88.37 9.32 17.95
C ASN D 256 88.23 8.76 19.36
N ARG D 257 89.29 8.91 20.12
CA ARG D 257 89.32 8.58 21.54
C ARG D 257 89.36 9.86 22.37
N ILE D 258 88.64 10.89 21.90
CA ILE D 258 88.59 12.21 22.54
C ILE D 258 87.62 12.16 23.71
N VAL D 259 88.09 12.52 24.90
CA VAL D 259 87.21 12.57 26.07
C VAL D 259 86.65 13.97 26.29
N ASP D 260 87.49 15.00 26.20
CA ASP D 260 87.05 16.40 26.28
C ASP D 260 88.10 17.29 25.62
N LEU D 261 87.62 18.41 25.04
CA LEU D 261 88.46 19.42 24.40
C LEU D 261 88.99 20.45 25.41
N THR D 262 90.04 21.17 25.00
CA THR D 262 90.59 22.25 25.81
C THR D 262 90.19 23.63 25.27
N SER D 263 90.53 23.93 24.02
CA SER D 263 90.26 25.27 23.49
C SER D 263 90.18 25.24 21.97
N LEU D 264 89.24 26.02 21.43
CA LEU D 264 89.01 26.20 20.01
C LEU D 264 89.00 27.69 19.65
N PRO D 265 89.28 28.04 18.40
CA PRO D 265 89.12 29.43 17.97
C PRO D 265 87.66 29.77 17.74
N GLY D 266 87.29 31.00 18.08
CA GLY D 266 85.93 31.49 17.97
C GLY D 266 85.40 31.65 16.55
N THR D 267 86.06 31.04 15.56
CA THR D 267 85.64 31.10 14.18
C THR D 267 85.03 29.80 13.68
N VAL D 268 85.04 28.74 14.48
CA VAL D 268 84.60 27.41 14.05
C VAL D 268 83.09 27.44 13.86
N VAL D 269 82.62 27.05 12.68
CA VAL D 269 81.19 27.02 12.41
C VAL D 269 80.65 25.58 12.32
N HIS D 270 81.51 24.56 12.33
CA HIS D 270 81.08 23.17 12.30
C HIS D 270 82.02 22.32 13.16
N VAL D 271 81.51 21.76 14.27
CA VAL D 271 82.25 20.77 15.06
C VAL D 271 81.50 19.44 15.03
N ASN D 272 82.17 18.39 14.56
CA ASN D 272 81.61 17.03 14.53
C ASN D 272 82.45 16.14 15.44
N LEU D 273 81.88 15.75 16.57
CA LEU D 273 82.56 14.89 17.53
C LEU D 273 81.84 13.55 17.65
N ALA D 274 81.37 13.03 16.53
CA ALA D 274 80.65 11.76 16.52
C ALA D 274 81.62 10.62 16.75
N GLY D 275 81.13 9.57 17.40
CA GLY D 275 81.92 8.39 17.72
C GLY D 275 83.10 8.63 18.64
N ASN D 276 82.92 9.51 19.63
CA ASN D 276 83.94 9.84 20.62
C ASN D 276 83.53 9.26 21.97
N ALA D 277 84.40 9.42 22.96
CA ALA D 277 84.09 9.04 24.34
C ALA D 277 83.61 10.25 25.11
N LEU D 278 82.69 10.99 24.51
CA LEU D 278 82.13 12.20 25.10
C LEU D 278 81.04 11.84 26.11
N LYS D 279 81.12 12.43 27.31
CA LYS D 279 80.11 12.24 28.35
C LYS D 279 79.29 13.48 28.64
N ARG D 280 79.75 14.66 28.22
CA ARG D 280 79.00 15.90 28.39
C ARG D 280 79.44 16.91 27.34
N VAL D 281 78.82 18.09 27.39
CA VAL D 281 79.11 19.19 26.46
C VAL D 281 80.49 19.76 26.75
N PRO D 282 81.43 19.73 25.80
CA PRO D 282 82.71 20.43 26.00
C PRO D 282 82.50 21.94 26.05
N ASP D 283 83.40 22.61 26.76
CA ASP D 283 83.27 24.04 26.98
C ASP D 283 83.55 24.85 25.70
N ALA D 284 84.56 24.44 24.93
CA ALA D 284 84.97 25.22 23.75
C ALA D 284 83.97 25.15 22.61
N VAL D 285 82.93 24.32 22.70
CA VAL D 285 81.89 24.26 21.68
C VAL D 285 80.62 25.00 22.12
N ALA D 286 80.25 24.87 23.40
CA ALA D 286 79.07 25.55 23.91
C ALA D 286 79.28 27.06 23.98
N GLU D 287 80.52 27.51 23.98
CA GLU D 287 80.88 28.92 23.99
C GLU D 287 81.09 29.52 22.60
N LEU D 288 80.89 28.73 21.54
CA LEU D 288 81.25 29.12 20.19
C LEU D 288 80.51 30.38 19.75
N ALA D 289 81.11 31.10 18.81
CA ALA D 289 80.56 32.38 18.37
C ALA D 289 79.46 32.17 17.32
N SER D 290 79.75 31.42 16.25
CA SER D 290 78.86 31.22 15.10
C SER D 290 78.61 29.74 14.81
N LEU D 291 78.41 28.92 15.85
CA LEU D 291 78.21 27.47 15.66
C LEU D 291 76.90 27.18 14.90
N VAL D 292 77.03 26.70 13.65
CA VAL D 292 75.88 26.38 12.80
C VAL D 292 75.34 25.00 13.13
N ALA D 293 76.23 24.01 13.23
CA ALA D 293 75.84 22.63 13.47
C ALA D 293 76.78 22.00 14.48
N LEU D 294 76.25 21.06 15.27
CA LEU D 294 77.04 20.26 16.21
C LEU D 294 76.56 18.82 16.18
N ASN D 295 77.42 17.90 15.77
CA ASN D 295 77.12 16.48 15.72
C ASN D 295 77.92 15.78 16.83
N VAL D 296 77.30 15.62 17.99
CA VAL D 296 77.88 14.86 19.10
C VAL D 296 77.10 13.56 19.21
N SER D 297 76.90 12.88 18.08
CA SER D 297 76.12 11.65 18.02
C SER D 297 76.99 10.43 18.26
N ARG D 298 76.33 9.29 18.43
CA ARG D 298 76.99 7.99 18.62
C ARG D 298 77.96 8.03 19.81
N ASN D 299 77.69 8.93 20.78
CA ASN D 299 78.45 9.20 21.99
C ASN D 299 77.80 8.59 23.24
N GLU D 300 78.24 9.09 24.42
CA GLU D 300 77.65 8.68 25.71
C GLU D 300 77.12 9.89 26.46
N ILE D 301 76.29 10.72 25.84
CA ILE D 301 75.87 11.96 26.48
C ILE D 301 74.65 11.70 27.35
N GLU D 302 74.64 12.29 28.55
CA GLU D 302 73.47 12.28 29.42
C GLU D 302 73.00 13.71 29.64
N ALA D 303 71.68 13.89 29.72
CA ALA D 303 71.07 15.21 29.68
C ALA D 303 70.82 15.81 31.07
N GLY D 304 71.67 15.51 32.06
CA GLY D 304 71.43 16.10 33.36
C GLY D 304 72.17 17.38 33.71
N ASN D 305 73.49 17.40 33.52
CA ASN D 305 74.29 18.60 33.78
C ASN D 305 74.45 19.43 32.50
N SER D 306 73.30 19.81 31.98
CA SER D 306 73.14 20.43 30.67
C SER D 306 73.75 21.83 30.60
N SER D 307 74.88 21.94 29.91
CA SER D 307 75.49 23.24 29.63
C SER D 307 74.68 24.01 28.60
N VAL D 308 74.84 25.34 28.62
CA VAL D 308 74.06 26.26 27.79
C VAL D 308 74.84 26.65 26.55
N PHE D 309 74.21 26.53 25.37
CA PHE D 309 74.76 27.02 24.11
C PHE D 309 74.64 28.54 24.00
N SER D 310 75.57 29.14 23.23
CA SER D 310 75.70 30.59 23.04
C SER D 310 75.19 31.08 21.70
N SER D 311 75.52 30.37 20.64
CA SER D 311 75.24 30.86 19.30
C SER D 311 73.75 30.86 19.02
N PRO D 312 73.22 31.92 18.40
CA PRO D 312 71.86 31.87 17.84
C PRO D 312 71.80 31.40 16.38
N GLU D 313 72.89 30.83 15.87
CA GLU D 313 73.00 30.39 14.48
C GLU D 313 72.87 28.86 14.35
N LEU D 314 72.66 28.15 15.46
CA LEU D 314 72.58 26.69 15.45
C LEU D 314 71.33 26.23 14.69
N GLU D 315 71.55 25.55 13.55
CA GLU D 315 70.50 25.09 12.65
C GLU D 315 70.39 23.58 12.52
N MET D 316 71.42 22.83 12.95
CA MET D 316 71.41 21.38 12.89
C MET D 316 72.06 20.86 14.16
N LEU D 317 71.35 20.02 14.91
CA LEU D 317 71.89 19.45 16.15
C LEU D 317 71.55 17.95 16.14
N ASP D 318 72.58 17.12 16.07
CA ASP D 318 72.44 15.67 15.98
C ASP D 318 73.11 15.04 17.19
N ALA D 319 72.36 14.88 18.28
CA ALA D 319 72.85 14.17 19.45
C ALA D 319 72.25 12.77 19.54
N SER D 320 72.18 12.06 18.41
CA SER D 320 71.59 10.74 18.39
C SER D 320 72.50 9.74 19.08
N TYR D 321 71.99 8.50 19.20
CA TYR D 321 72.69 7.36 19.84
C TYR D 321 73.33 7.73 21.17
N ASN D 322 72.59 8.46 22.00
CA ASN D 322 73.09 8.97 23.26
C ASN D 322 72.19 8.48 24.39
N LYS D 323 72.53 8.86 25.61
CA LYS D 323 71.83 8.39 26.82
C LYS D 323 70.89 9.47 27.37
N LEU D 324 70.01 10.01 26.53
CA LEU D 324 69.16 11.13 26.93
C LEU D 324 67.91 10.67 27.68
N ASP D 325 67.58 11.38 28.75
CA ASP D 325 66.36 11.15 29.52
C ASP D 325 65.21 12.05 29.06
N SER D 326 65.53 13.30 28.76
CA SER D 326 64.64 14.35 28.27
C SER D 326 65.52 15.53 27.84
N LEU D 327 65.05 16.27 26.84
CA LEU D 327 65.85 17.34 26.22
C LEU D 327 66.06 18.50 27.20
N PRO D 328 67.30 18.87 27.49
CA PRO D 328 67.54 20.04 28.36
C PRO D 328 67.31 21.35 27.61
N VAL D 329 66.61 22.27 28.28
CA VAL D 329 66.31 23.58 27.70
C VAL D 329 67.52 24.50 27.72
N GLU D 330 68.56 24.16 28.50
CA GLU D 330 69.78 24.97 28.50
C GLU D 330 70.40 25.06 27.11
N TRP D 331 70.19 24.06 26.25
CA TRP D 331 70.83 24.01 24.95
C TRP D 331 70.34 25.05 23.94
N LEU D 332 69.19 24.76 23.30
CA LEU D 332 68.68 25.60 22.21
C LEU D 332 68.23 26.97 22.72
N GLN D 333 68.69 27.36 23.91
CA GLN D 333 68.24 28.60 24.54
C GLN D 333 68.43 29.81 23.64
N LYS D 334 69.38 29.74 22.70
CA LYS D 334 69.69 30.91 21.92
C LYS D 334 69.11 30.87 20.52
N CYS D 335 68.70 29.70 20.04
CA CYS D 335 68.27 29.51 18.67
C CYS D 335 66.97 28.72 18.60
N GLU D 336 65.99 29.03 19.44
CA GLU D 336 64.71 28.32 19.37
C GLU D 336 63.94 28.69 18.10
N LYS D 337 64.01 29.95 17.68
CA LYS D 337 63.33 30.39 16.47
C LYS D 337 64.18 30.22 15.23
N ARG D 338 65.40 29.69 15.38
CA ARG D 338 66.31 29.43 14.26
C ARG D 338 66.61 27.95 14.05
N ILE D 339 66.32 27.09 15.03
CA ILE D 339 66.60 25.67 14.87
C ILE D 339 65.74 25.15 13.73
N ALA D 340 66.34 24.29 12.90
CA ALA D 340 65.68 23.84 11.68
C ALA D 340 65.75 22.32 11.62
N HIS D 341 66.83 21.76 12.14
CA HIS D 341 67.07 20.33 12.05
C HIS D 341 67.43 19.84 13.44
N LEU D 342 66.58 18.98 14.01
CA LEU D 342 66.80 18.39 15.33
C LEU D 342 66.74 16.86 15.22
N HIS D 343 67.90 16.21 15.09
CA HIS D 343 67.99 14.75 15.00
C HIS D 343 68.41 14.18 16.34
N LEU D 344 67.56 13.33 16.91
CA LEU D 344 67.75 12.84 18.27
C LEU D 344 67.26 11.39 18.36
N GLU D 345 67.73 10.52 17.46
CA GLU D 345 67.27 9.15 17.39
C GLU D 345 68.04 8.22 18.32
N HIS D 346 67.46 7.04 18.56
CA HIS D 346 68.06 5.95 19.34
C HIS D 346 68.48 6.38 20.74
N ASN D 347 67.57 7.05 21.43
CA ASN D 347 67.77 7.45 22.81
C ASN D 347 66.76 6.74 23.72
N SER D 348 66.65 7.27 24.95
CA SER D 348 65.72 6.81 25.98
C SER D 348 64.93 7.99 26.52
N ILE D 349 64.56 8.93 25.64
CA ILE D 349 63.67 10.02 26.03
C ILE D 349 62.33 9.41 26.42
N GLU D 350 61.88 9.68 27.65
CA GLU D 350 60.58 9.14 28.03
C GLU D 350 59.43 10.02 27.60
N GLN D 351 59.62 11.34 27.69
CA GLN D 351 58.54 12.26 27.36
C GLN D 351 59.12 13.58 26.88
N LEU D 352 58.54 14.08 25.80
CA LEU D 352 58.87 15.42 25.34
C LEU D 352 58.20 16.36 26.32
N THR D 353 58.97 16.83 27.30
CA THR D 353 58.52 17.85 28.23
C THR D 353 58.16 19.12 27.47
N GLY D 354 56.85 19.33 27.25
CA GLY D 354 56.40 20.33 26.29
C GLY D 354 56.89 21.73 26.60
N GLY D 355 57.02 22.53 25.52
CA GLY D 355 57.37 23.93 25.57
C GLY D 355 58.75 24.27 25.03
N VAL D 356 59.69 23.32 25.08
CA VAL D 356 61.05 23.62 24.65
C VAL D 356 61.11 23.81 23.14
N LEU D 357 60.45 22.92 22.38
CA LEU D 357 60.40 23.01 20.92
C LEU D 357 59.12 23.66 20.41
N ALA D 358 58.22 24.10 21.29
CA ALA D 358 57.03 24.80 20.83
C ALA D 358 57.34 26.15 20.24
N ASN D 359 58.66 26.41 20.15
CA ASN D 359 59.23 27.66 19.65
C ASN D 359 60.08 27.49 18.39
N ALA D 360 60.07 26.32 17.77
CA ALA D 360 60.91 26.06 16.61
C ALA D 360 60.17 26.47 15.34
N THR D 361 60.36 27.72 14.91
CA THR D 361 59.69 28.18 13.71
C THR D 361 60.40 27.74 12.41
N ASN D 362 61.71 27.51 12.47
CA ASN D 362 62.44 27.03 11.30
C ASN D 362 62.56 25.51 11.22
N LEU D 363 62.09 24.78 12.24
CA LEU D 363 62.27 23.33 12.34
C LEU D 363 61.70 22.60 11.13
N GLN D 364 62.57 22.10 10.28
CA GLN D 364 62.17 21.38 9.08
C GLN D 364 62.30 19.87 9.22
N THR D 365 63.19 19.40 10.09
CA THR D 365 63.39 17.97 10.29
C THR D 365 63.42 17.65 11.79
N LEU D 366 62.63 16.65 12.19
CA LEU D 366 62.67 16.10 13.55
C LEU D 366 62.67 14.58 13.49
N ASP D 367 63.81 13.95 13.76
CA ASP D 367 63.97 12.49 13.71
C ASP D 367 64.16 12.03 15.16
N LEU D 368 63.14 11.41 15.72
CA LEU D 368 63.16 10.88 17.08
C LEU D 368 62.80 9.41 17.07
N SER D 369 63.35 8.68 16.10
CA SER D 369 63.13 7.25 16.08
C SER D 369 63.90 6.58 17.22
N SER D 370 63.40 5.42 17.63
CA SER D 370 64.01 4.58 18.68
C SER D 370 64.10 5.29 20.04
N ASN D 371 62.92 5.64 20.57
CA ASN D 371 62.85 6.26 21.89
C ASN D 371 61.75 5.59 22.72
N GLN D 372 61.40 6.18 23.88
CA GLN D 372 60.41 5.61 24.78
C GLN D 372 59.22 6.54 24.95
N LEU D 373 58.84 7.25 23.90
CA LEU D 373 57.67 8.11 23.97
C LEU D 373 56.43 7.24 24.16
N ARG D 374 55.51 7.72 24.99
CA ARG D 374 54.23 7.05 25.13
C ARG D 374 53.10 7.86 24.51
N VAL D 375 53.14 9.17 24.64
CA VAL D 375 52.17 10.05 24.00
C VAL D 375 52.93 11.21 23.38
N PHE D 376 52.76 11.40 22.08
CA PHE D 376 53.26 12.58 21.38
C PHE D 376 52.15 13.62 21.50
N ARG D 377 52.29 14.50 22.49
CA ARG D 377 51.23 15.42 22.87
C ARG D 377 51.05 16.53 21.84
N ASP D 378 50.06 17.40 22.11
CA ASP D 378 49.68 18.50 21.24
C ASP D 378 50.49 19.76 21.54
N GLU D 379 51.08 19.84 22.73
CA GLU D 379 51.76 21.03 23.23
C GLU D 379 53.26 21.05 22.92
N VAL D 380 53.74 20.13 22.08
CA VAL D 380 55.17 19.99 21.81
C VAL D 380 55.63 20.82 20.61
N LEU D 381 54.74 20.96 19.52
CA LEU D 381 55.15 21.60 18.27
C LEU D 381 54.61 23.02 18.16
N PRO D 382 55.30 23.87 17.40
CA PRO D 382 54.80 25.21 17.10
C PRO D 382 53.78 25.22 15.96
N GLU D 383 52.99 26.31 15.93
CA GLU D 383 51.78 26.34 15.11
C GLU D 383 52.07 26.25 13.62
N ASN D 384 53.15 26.87 13.14
CA ASN D 384 53.44 26.94 11.71
C ASN D 384 54.85 26.46 11.44
N SER D 385 55.20 25.33 12.05
CA SER D 385 56.53 24.76 11.88
C SER D 385 56.74 24.31 10.44
N LYS D 386 57.96 24.49 9.93
CA LYS D 386 58.30 24.04 8.58
C LYS D 386 58.57 22.52 8.48
N ILE D 387 58.08 21.71 9.43
CA ILE D 387 58.43 20.29 9.49
C ILE D 387 57.79 19.59 8.29
N GLY D 388 58.62 19.08 7.39
CA GLY D 388 58.12 18.30 6.26
C GLY D 388 58.47 16.85 6.44
N ASN D 389 59.46 16.59 7.28
CA ASN D 389 59.87 15.24 7.64
C ASN D 389 59.77 15.13 9.14
N LEU D 390 58.94 14.22 9.62
CA LEU D 390 58.84 13.92 11.05
C LEU D 390 58.79 12.41 11.24
N ARG D 391 59.82 11.84 11.86
CA ARG D 391 59.96 10.41 12.03
C ARG D 391 59.93 10.08 13.51
N LEU D 392 59.10 9.11 13.86
CA LEU D 392 58.91 8.68 15.23
C LEU D 392 58.71 7.16 15.19
N SER D 393 59.76 6.45 14.78
CA SER D 393 59.68 5.00 14.63
C SER D 393 60.40 4.30 15.77
N ASN D 394 60.01 3.05 16.01
CA ASN D 394 60.57 2.19 17.06
C ASN D 394 60.38 2.80 18.47
N ASN D 395 59.15 3.21 18.76
CA ASN D 395 58.74 3.72 20.06
C ASN D 395 57.67 2.82 20.68
N SER D 396 57.27 3.17 21.90
CA SER D 396 56.13 2.53 22.56
C SER D 396 54.87 3.38 22.43
N LEU D 397 54.69 4.03 21.27
CA LEU D 397 53.63 5.01 21.10
C LEU D 397 52.25 4.34 21.11
N GLU D 398 51.36 4.85 21.95
CA GLU D 398 50.00 4.37 22.09
C GLU D 398 48.95 5.40 21.68
N LEU D 399 49.27 6.68 21.76
CA LEU D 399 48.28 7.71 21.51
C LEU D 399 48.98 8.89 20.86
N LEU D 400 48.33 9.45 19.84
CA LEU D 400 48.66 10.74 19.25
C LEU D 400 47.41 11.61 19.33
N GLU D 401 47.42 12.61 20.22
CA GLU D 401 46.23 13.41 20.46
C GLU D 401 45.86 14.21 19.19
N PRO D 402 44.55 14.47 18.98
CA PRO D 402 44.07 14.80 17.63
C PRO D 402 44.56 16.11 17.05
N SER D 403 45.47 16.80 17.74
CA SER D 403 45.95 18.09 17.31
C SER D 403 47.47 18.19 17.27
N SER D 404 48.19 17.13 17.65
CA SER D 404 49.65 17.16 17.66
C SER D 404 50.23 17.33 16.26
N LEU D 405 49.45 16.99 15.22
CA LEU D 405 49.88 17.15 13.83
C LEU D 405 48.91 18.04 13.06
N SER D 406 48.13 18.87 13.74
CA SER D 406 47.17 19.76 13.09
C SER D 406 47.87 20.98 12.51
N GLY D 407 47.61 21.26 11.24
CA GLY D 407 48.10 22.45 10.57
C GLY D 407 49.50 22.36 10.01
N LEU D 408 50.10 21.17 10.00
CA LEU D 408 51.45 20.97 9.50
C LEU D 408 51.42 20.69 7.99
N LYS D 409 52.56 20.97 7.35
CA LYS D 409 52.70 20.73 5.91
C LYS D 409 53.66 19.57 5.67
N LEU D 410 53.48 18.49 6.43
CA LEU D 410 54.40 17.36 6.33
C LEU D 410 54.37 16.73 4.94
N GLU D 411 55.54 16.36 4.43
CA GLU D 411 55.62 15.51 3.26
C GLU D 411 55.93 14.07 3.63
N SER D 412 56.76 13.84 4.64
CA SER D 412 57.14 12.51 5.09
C SER D 412 56.96 12.41 6.59
N LEU D 413 56.14 11.45 7.02
CA LEU D 413 55.87 11.20 8.44
C LEU D 413 56.11 9.72 8.70
N ASP D 414 57.00 9.41 9.65
CA ASP D 414 57.40 8.03 9.93
C ASP D 414 56.99 7.63 11.34
N LEU D 415 56.50 6.39 11.45
CA LEU D 415 55.98 5.83 12.69
C LEU D 415 56.12 4.31 12.66
N SER D 416 57.30 3.81 12.37
CA SER D 416 57.42 2.36 12.28
C SER D 416 57.82 1.76 13.64
N HIS D 417 57.64 0.44 13.75
CA HIS D 417 58.03 -0.33 14.94
C HIS D 417 57.33 0.19 16.19
N ASN D 418 56.02 0.39 16.09
CA ASN D 418 55.24 0.96 17.19
C ASN D 418 54.18 -0.03 17.68
N LYS D 419 53.34 0.47 18.60
CA LYS D 419 52.26 -0.31 19.20
C LYS D 419 50.89 0.20 18.81
N LEU D 420 50.80 0.96 17.72
CA LEU D 420 49.51 1.51 17.31
C LEU D 420 48.56 0.40 16.89
N THR D 421 47.29 0.55 17.31
CA THR D 421 46.19 -0.28 16.87
C THR D 421 45.28 0.49 15.92
N GLU D 422 45.66 1.72 15.57
CA GLU D 422 44.89 2.60 14.71
C GLU D 422 45.82 3.67 14.17
N VAL D 423 45.28 4.50 13.28
CA VAL D 423 45.94 5.70 12.79
C VAL D 423 45.32 6.89 13.53
N PRO D 424 46.01 7.49 14.50
CA PRO D 424 45.36 8.50 15.35
C PRO D 424 44.93 9.75 14.58
N ALA D 425 43.80 10.30 15.00
CA ALA D 425 43.09 11.33 14.24
C ALA D 425 43.92 12.58 13.96
N ALA D 426 45.12 12.68 14.53
CA ALA D 426 46.03 13.78 14.18
C ALA D 426 46.42 13.81 12.71
N ILE D 427 46.26 12.69 12.00
CA ILE D 427 46.75 12.58 10.62
C ILE D 427 45.74 13.03 9.56
N GLY D 428 44.46 13.22 9.93
CA GLY D 428 43.53 13.86 9.01
C GLY D 428 43.65 15.38 8.92
N LYS D 429 44.41 16.00 9.84
CA LYS D 429 44.50 17.45 9.96
C LYS D 429 45.59 18.07 9.09
N VAL D 430 46.64 17.31 8.77
CA VAL D 430 47.63 17.79 7.81
C VAL D 430 47.00 17.84 6.43
N GLU D 431 47.36 18.87 5.65
CA GLU D 431 46.81 18.99 4.31
C GLU D 431 47.83 18.79 3.18
N GLN D 432 49.13 18.83 3.47
CA GLN D 432 50.16 18.71 2.45
C GLN D 432 50.76 17.31 2.34
N LEU D 433 50.16 16.31 2.99
CA LEU D 433 50.84 15.02 3.15
C LEU D 433 50.93 14.28 1.82
N LYS D 434 52.17 14.02 1.38
CA LYS D 434 52.48 13.30 0.15
C LYS D 434 53.14 11.96 0.41
N LYS D 435 53.64 11.73 1.63
CA LYS D 435 54.20 10.45 2.03
C LYS D 435 54.00 10.28 3.53
N VAL D 436 53.58 9.09 3.92
CA VAL D 436 53.27 8.78 5.31
C VAL D 436 53.74 7.36 5.61
N ASP D 437 54.29 7.17 6.81
CA ASP D 437 54.81 5.88 7.25
C ASP D 437 54.07 5.46 8.52
N LEU D 438 53.40 4.32 8.43
CA LEU D 438 52.73 3.60 9.50
C LEU D 438 53.13 2.14 9.40
N SER D 439 54.40 1.92 9.12
CA SER D 439 54.94 0.59 8.91
C SER D 439 55.34 -0.02 10.23
N HIS D 440 55.59 -1.33 10.21
CA HIS D 440 56.06 -2.08 11.37
C HIS D 440 55.16 -1.84 12.59
N ASN D 441 53.90 -1.50 12.34
CA ASN D 441 52.92 -1.24 13.37
C ASN D 441 52.05 -2.49 13.58
N ARG D 442 50.88 -2.31 14.18
CA ARG D 442 49.93 -3.38 14.38
C ARG D 442 48.57 -3.05 13.76
N ILE D 443 48.60 -2.31 12.64
CA ILE D 443 47.38 -1.89 11.94
C ILE D 443 46.66 -3.10 11.37
N ALA D 444 45.37 -3.19 11.63
CA ALA D 444 44.54 -4.30 11.18
C ALA D 444 43.63 -3.96 10.00
N LYS D 445 43.51 -2.69 9.65
CA LYS D 445 42.51 -2.26 8.66
C LYS D 445 42.80 -0.85 8.19
N VAL D 446 42.46 -0.59 6.93
CA VAL D 446 42.54 0.72 6.32
C VAL D 446 41.18 1.01 5.69
N TYR D 447 40.49 2.03 6.19
CA TYR D 447 39.15 2.31 5.70
C TYR D 447 39.20 2.90 4.30
N GLN D 448 38.01 3.07 3.72
CA GLN D 448 37.90 3.55 2.35
C GLN D 448 38.04 5.06 2.30
N TYR D 449 37.53 5.75 3.32
CA TYR D 449 37.45 7.21 3.33
C TYR D 449 38.70 7.91 3.86
N VAL D 450 39.59 7.20 4.57
CA VAL D 450 40.66 7.87 5.31
C VAL D 450 41.70 8.49 4.39
N LEU D 451 42.47 7.65 3.70
CA LEU D 451 43.57 8.11 2.86
C LEU D 451 43.20 8.32 1.40
N ASN D 452 41.93 8.57 1.10
CA ASN D 452 41.48 8.74 -0.27
C ASN D 452 41.32 10.19 -0.70
N LYS D 453 40.96 11.10 0.20
CA LYS D 453 40.63 12.47 -0.20
C LYS D 453 41.83 13.29 -0.68
N ILE D 454 43.06 12.80 -0.54
CA ILE D 454 44.21 13.45 -1.13
C ILE D 454 44.67 12.59 -2.31
N LYS D 455 44.42 13.10 -3.53
CA LYS D 455 44.88 12.46 -4.77
C LYS D 455 46.35 12.76 -5.01
N GLN D 456 46.83 13.85 -4.41
CA GLN D 456 48.23 14.27 -4.46
C GLN D 456 49.11 13.40 -3.59
N LEU D 457 48.55 12.35 -2.97
CA LEU D 457 49.35 11.47 -2.13
C LEU D 457 50.21 10.62 -3.04
N HIS D 458 51.51 10.93 -3.05
CA HIS D 458 52.46 10.39 -4.02
C HIS D 458 53.12 9.10 -3.54
N THR D 459 53.40 8.99 -2.24
CA THR D 459 54.15 7.87 -1.71
C THR D 459 53.53 7.47 -0.38
N VAL D 460 53.28 6.17 -0.18
CA VAL D 460 52.70 5.67 1.06
C VAL D 460 53.48 4.44 1.50
N ASP D 461 53.56 4.23 2.81
CA ASP D 461 54.23 3.08 3.40
C ASP D 461 53.32 2.47 4.48
N LEU D 462 52.96 1.20 4.31
CA LEU D 462 52.17 0.45 5.30
C LEU D 462 52.73 -0.95 5.47
N SER D 463 54.05 -1.08 5.46
CA SER D 463 54.73 -2.38 5.48
C SER D 463 54.93 -2.90 6.90
N ASN D 464 55.28 -4.19 6.98
CA ASN D 464 55.61 -4.88 8.23
C ASN D 464 54.50 -4.80 9.27
N ASN D 465 53.23 -4.70 8.82
CA ASN D 465 52.09 -4.60 9.72
C ASN D 465 51.40 -5.94 9.91
N GLN D 466 50.11 -5.91 10.23
CA GLN D 466 49.29 -7.11 10.42
C GLN D 466 47.98 -6.96 9.68
N LEU D 467 48.03 -6.36 8.50
CA LEU D 467 46.86 -6.20 7.66
C LEU D 467 46.35 -7.56 7.22
N GLN D 468 45.04 -7.72 7.23
CA GLN D 468 44.37 -8.95 6.82
C GLN D 468 43.97 -8.93 5.36
N SER D 469 43.81 -7.75 4.78
CA SER D 469 43.44 -7.58 3.38
C SER D 469 43.55 -6.10 3.06
N ILE D 470 43.29 -5.76 1.81
CA ILE D 470 43.33 -4.39 1.33
C ILE D 470 41.90 -4.08 0.88
N GLY D 471 41.17 -3.33 1.70
CA GLY D 471 39.78 -3.13 1.45
C GLY D 471 39.58 -2.38 0.15
N PRO D 472 38.40 -2.50 -0.44
CA PRO D 472 38.19 -1.91 -1.76
C PRO D 472 37.98 -0.41 -1.69
N TYR D 473 38.51 0.29 -2.70
CA TYR D 473 38.32 1.71 -2.93
C TYR D 473 38.93 2.61 -1.86
N ILE D 474 39.76 2.06 -0.98
CA ILE D 474 40.49 2.87 -0.01
C ILE D 474 41.64 3.64 -0.64
N PHE D 475 41.95 3.35 -1.90
CA PHE D 475 43.09 3.92 -2.61
C PHE D 475 42.67 4.46 -3.98
N SER D 476 41.37 4.60 -4.22
CA SER D 476 40.88 4.88 -5.57
C SER D 476 41.20 6.30 -6.02
N ASP D 477 40.76 7.30 -5.24
CA ASP D 477 40.89 8.68 -5.76
C ASP D 477 42.30 9.07 -5.89
N SER D 478 43.31 8.24 -5.75
CA SER D 478 44.69 8.68 -5.94
C SER D 478 45.25 8.15 -7.25
N SER D 479 44.78 8.73 -8.37
CA SER D 479 45.21 8.32 -9.71
C SER D 479 46.55 8.96 -10.09
N GLU D 480 47.26 9.47 -9.09
CA GLU D 480 48.63 9.97 -9.20
C GLU D 480 49.59 9.17 -8.35
N LEU D 481 49.19 7.96 -7.96
CA LEU D 481 50.04 7.13 -7.13
C LEU D 481 51.24 6.66 -7.94
N HIS D 482 52.36 6.59 -7.30
CA HIS D 482 53.54 6.06 -7.98
C HIS D 482 54.20 4.95 -7.19
N SER D 483 54.22 5.03 -5.86
CA SER D 483 54.83 4.01 -5.01
C SER D 483 53.92 3.71 -3.82
N LEU D 484 53.80 2.43 -3.49
CA LEU D 484 53.08 1.92 -2.33
C LEU D 484 53.89 0.78 -1.71
N ASP D 485 54.00 0.77 -0.39
CA ASP D 485 54.71 -0.27 0.34
C ASP D 485 53.73 -0.88 1.34
N VAL D 486 53.39 -2.16 1.13
CA VAL D 486 52.57 -2.92 2.07
C VAL D 486 53.19 -4.30 2.24
N SER D 487 54.52 -4.33 2.30
CA SER D 487 55.27 -5.58 2.38
C SER D 487 55.30 -6.12 3.81
N ASN D 488 55.54 -7.43 3.92
CA ASN D 488 55.65 -8.16 5.19
C ASN D 488 54.44 -7.94 6.09
N ASN D 489 53.26 -8.15 5.51
CA ASN D 489 51.97 -8.04 6.17
C ASN D 489 51.39 -9.45 6.28
N GLU D 490 50.07 -9.56 6.37
CA GLU D 490 49.39 -10.84 6.39
C GLU D 490 48.33 -10.91 5.32
N ILE D 491 48.45 -10.06 4.29
CA ILE D 491 47.44 -9.88 3.26
C ILE D 491 47.10 -11.22 2.63
N SER D 492 45.91 -11.73 2.92
CA SER D 492 45.42 -12.97 2.32
C SER D 492 44.40 -12.70 1.22
N LEU D 493 44.06 -11.44 0.95
CA LEU D 493 42.97 -11.11 0.04
C LEU D 493 43.19 -9.73 -0.56
N LEU D 494 42.88 -9.62 -1.86
CA LEU D 494 42.94 -8.37 -2.61
C LEU D 494 41.61 -8.20 -3.33
N PHE D 495 40.88 -7.14 -3.01
CA PHE D 495 39.59 -6.94 -3.66
C PHE D 495 39.81 -6.58 -5.11
N LYS D 496 38.90 -7.08 -5.96
CA LYS D 496 39.08 -6.91 -7.39
C LYS D 496 39.13 -5.43 -7.72
N ASP D 497 38.33 -4.64 -7.01
CA ASP D 497 38.24 -3.21 -7.19
C ASP D 497 39.09 -2.45 -6.19
N ALA D 498 39.83 -3.16 -5.32
CA ALA D 498 40.65 -2.49 -4.32
C ALA D 498 41.67 -1.58 -5.00
N PHE D 499 42.09 -1.97 -6.22
CA PHE D 499 43.17 -1.31 -6.94
C PHE D 499 42.65 -0.98 -8.35
N ALA D 500 41.80 0.05 -8.45
CA ALA D 500 41.38 0.60 -9.72
C ALA D 500 41.50 2.12 -9.73
N ARG D 501 41.34 2.66 -10.95
CA ARG D 501 41.23 4.10 -11.22
C ARG D 501 42.54 4.85 -11.03
N CYS D 502 43.67 4.18 -11.19
CA CYS D 502 45.00 4.80 -11.08
C CYS D 502 45.95 4.21 -12.11
N PRO D 503 45.83 4.64 -13.39
CA PRO D 503 46.68 4.08 -14.45
C PRO D 503 48.09 4.66 -14.47
N LYS D 504 48.51 5.29 -13.37
CA LYS D 504 49.85 5.86 -13.24
C LYS D 504 50.64 5.22 -12.10
N LEU D 505 50.01 4.39 -11.29
CA LEU D 505 50.70 3.67 -10.23
C LEU D 505 51.76 2.76 -10.82
N ARG D 506 53.01 2.90 -10.37
CA ARG D 506 54.15 2.22 -10.96
C ARG D 506 54.97 1.40 -9.98
N LYS D 507 54.70 1.48 -8.68
CA LYS D 507 55.46 0.76 -7.68
C LYS D 507 54.54 0.28 -6.56
N ILE D 508 54.56 -1.03 -6.29
CA ILE D 508 53.80 -1.65 -5.21
C ILE D 508 54.70 -2.72 -4.58
N SER D 509 54.69 -2.81 -3.25
CA SER D 509 55.48 -3.83 -2.54
C SER D 509 54.57 -4.60 -1.59
N MET D 510 54.46 -5.92 -1.81
CA MET D 510 53.62 -6.78 -0.98
C MET D 510 54.36 -8.06 -0.58
N LYS D 511 55.69 -7.97 -0.44
CA LYS D 511 56.52 -9.13 -0.16
C LYS D 511 56.38 -9.61 1.28
N MET D 512 56.58 -10.92 1.48
CA MET D 512 56.55 -11.58 2.79
C MET D 512 55.15 -11.53 3.42
N ASN D 513 54.21 -12.18 2.77
CA ASN D 513 52.80 -12.17 3.16
C ASN D 513 52.25 -13.59 3.20
N LYS D 514 50.91 -13.68 3.16
CA LYS D 514 50.13 -14.91 3.04
C LYS D 514 49.18 -14.83 1.84
N ILE D 515 49.53 -14.01 0.84
CA ILE D 515 48.74 -13.85 -0.38
C ILE D 515 48.68 -15.20 -1.08
N LYS D 516 47.53 -15.86 -1.08
CA LYS D 516 47.42 -17.13 -1.80
C LYS D 516 46.97 -16.96 -3.25
N SER D 517 46.65 -15.74 -3.66
CA SER D 517 46.26 -15.50 -5.05
C SER D 517 46.32 -14.02 -5.36
N LEU D 518 46.70 -13.72 -6.61
CA LEU D 518 46.70 -12.35 -7.14
C LEU D 518 45.58 -12.11 -8.14
N ASP D 519 44.56 -12.96 -8.15
CA ASP D 519 43.47 -12.84 -9.10
C ASP D 519 42.59 -11.64 -8.77
N GLU D 520 42.13 -10.94 -9.81
CA GLU D 520 41.14 -9.88 -9.73
C GLU D 520 41.66 -8.58 -9.12
N GLY D 521 42.47 -8.67 -8.06
CA GLY D 521 42.75 -7.51 -7.22
C GLY D 521 43.56 -6.42 -7.89
N LEU D 522 44.36 -6.79 -8.90
CA LEU D 522 45.20 -5.85 -9.63
C LEU D 522 44.94 -5.92 -11.13
N THR D 523 43.93 -6.69 -11.55
CA THR D 523 43.64 -6.87 -12.98
C THR D 523 43.33 -5.54 -13.64
N GLU D 524 42.95 -4.55 -12.84
CA GLU D 524 42.46 -3.26 -13.29
C GLU D 524 43.55 -2.21 -13.32
N ALA D 525 44.56 -2.35 -12.45
CA ALA D 525 45.69 -1.43 -12.43
C ALA D 525 46.50 -1.69 -13.69
N SER D 526 46.04 -1.12 -14.79
CA SER D 526 46.67 -1.29 -16.09
C SER D 526 47.81 -0.31 -16.36
N GLY D 527 48.35 0.33 -15.32
CA GLY D 527 49.50 1.22 -15.45
C GLY D 527 50.69 0.88 -14.57
N LEU D 528 50.61 -0.23 -13.85
CA LEU D 528 51.60 -0.55 -12.82
C LEU D 528 52.95 -0.90 -13.45
N ARG D 529 54.02 -0.59 -12.72
CA ARG D 529 55.35 -0.88 -13.27
C ARG D 529 56.21 -1.71 -12.32
N ARG D 530 56.00 -1.61 -11.01
CA ARG D 530 56.78 -2.40 -10.05
C ARG D 530 55.89 -3.04 -9.00
N LEU D 531 55.83 -4.38 -9.00
CA LEU D 531 55.04 -5.17 -8.07
C LEU D 531 55.95 -6.18 -7.35
N ASP D 532 55.69 -6.39 -6.06
CA ASP D 532 56.46 -7.33 -5.24
C ASP D 532 55.50 -8.34 -4.61
N VAL D 533 55.68 -9.63 -4.91
CA VAL D 533 54.84 -10.67 -4.31
C VAL D 533 55.64 -11.90 -3.87
N SER D 534 56.93 -11.72 -3.62
CA SER D 534 57.78 -12.81 -3.13
C SER D 534 57.47 -13.13 -1.66
N HIS D 535 57.95 -14.28 -1.21
CA HIS D 535 57.76 -14.76 0.16
C HIS D 535 56.28 -14.78 0.52
N ASN D 536 55.51 -15.52 -0.28
CA ASN D 536 54.07 -15.52 -0.09
C ASN D 536 53.56 -16.95 0.02
N GLU D 537 52.30 -17.12 -0.35
CA GLU D 537 51.64 -18.41 -0.42
C GLU D 537 50.85 -18.51 -1.74
N ILE D 538 51.28 -17.78 -2.77
CA ILE D 538 50.53 -17.71 -4.02
C ILE D 538 50.60 -19.06 -4.70
N LEU D 539 49.43 -19.70 -4.82
CA LEU D 539 49.38 -21.07 -5.34
C LEU D 539 49.47 -21.10 -6.86
N VAL D 540 48.67 -20.26 -7.53
CA VAL D 540 48.74 -20.11 -8.98
C VAL D 540 48.89 -18.62 -9.30
N LEU D 541 49.70 -18.31 -10.30
CA LEU D 541 49.80 -16.95 -10.83
C LEU D 541 49.33 -16.97 -12.28
N LYS D 542 48.18 -16.35 -12.53
CA LYS D 542 47.65 -16.19 -13.87
C LYS D 542 48.09 -14.84 -14.46
N TRP D 543 48.62 -14.86 -15.68
CA TRP D 543 49.09 -13.64 -16.33
C TRP D 543 47.95 -12.70 -16.69
N SER D 544 46.76 -13.24 -16.96
CA SER D 544 45.60 -12.38 -17.17
C SER D 544 45.17 -11.69 -15.87
N ALA D 545 45.52 -12.24 -14.71
CA ALA D 545 45.14 -11.71 -13.41
C ALA D 545 46.15 -10.71 -12.83
N LEU D 546 47.00 -10.12 -13.68
CA LEU D 546 48.06 -9.19 -13.29
C LEU D 546 47.84 -7.81 -13.89
N PRO D 547 48.58 -6.79 -13.44
CA PRO D 547 48.46 -5.47 -14.06
C PRO D 547 48.81 -5.50 -15.53
N GLU D 548 48.45 -4.43 -16.23
CA GLU D 548 48.52 -4.43 -17.68
C GLU D 548 49.72 -3.66 -18.23
N ASN D 549 50.50 -2.97 -17.39
CA ASN D 549 51.70 -2.25 -17.83
C ASN D 549 52.94 -2.60 -17.01
N LEU D 550 52.94 -3.74 -16.32
CA LEU D 550 54.00 -4.07 -15.36
C LEU D 550 55.38 -4.06 -16.00
N GLU D 551 56.32 -3.38 -15.34
CA GLU D 551 57.69 -3.31 -15.81
C GLU D 551 58.70 -3.86 -14.83
N ILE D 552 58.35 -4.02 -13.56
CA ILE D 552 59.13 -4.82 -12.63
C ILE D 552 58.16 -5.77 -11.91
N LEU D 553 58.46 -7.04 -11.93
CA LEU D 553 57.70 -8.03 -11.18
C LEU D 553 58.66 -8.77 -10.27
N ASN D 554 58.16 -9.15 -9.11
CA ASN D 554 58.95 -9.89 -8.14
C ASN D 554 58.02 -10.98 -7.65
N ALA D 555 58.23 -12.19 -8.15
CA ALA D 555 57.48 -13.36 -7.73
C ALA D 555 58.47 -14.47 -7.35
N ASP D 556 59.35 -14.15 -6.39
CA ASP D 556 60.43 -15.03 -5.99
C ASP D 556 59.95 -15.99 -4.92
N ASN D 557 60.39 -17.25 -5.02
CA ASN D 557 60.07 -18.30 -4.04
C ASN D 557 58.57 -18.54 -3.93
N ASN D 558 57.84 -18.41 -5.04
CA ASN D 558 56.40 -18.63 -5.08
C ASN D 558 56.05 -20.07 -5.47
N ASP D 559 54.77 -20.28 -5.76
CA ASP D 559 54.23 -21.56 -6.25
C ASP D 559 53.70 -21.48 -7.68
N ILE D 560 54.09 -20.46 -8.46
CA ILE D 560 53.58 -20.31 -9.82
C ILE D 560 53.89 -21.59 -10.59
N ASN D 561 52.84 -22.28 -11.07
CA ASN D 561 53.03 -23.56 -11.76
C ASN D 561 52.38 -23.63 -13.14
N LEU D 562 51.80 -22.54 -13.63
CA LEU D 562 51.11 -22.52 -14.91
C LEU D 562 51.12 -21.10 -15.44
N LEU D 563 51.25 -20.98 -16.76
CA LEU D 563 51.27 -19.69 -17.43
C LEU D 563 50.12 -19.58 -18.42
N THR D 564 49.33 -18.51 -18.32
CA THR D 564 48.19 -18.29 -19.19
C THR D 564 48.63 -17.62 -20.49
N ALA D 565 47.66 -17.34 -21.37
CA ALA D 565 47.93 -16.72 -22.67
C ALA D 565 48.26 -15.25 -22.45
N ALA D 566 49.55 -14.92 -22.44
CA ALA D 566 49.94 -13.51 -22.35
C ALA D 566 49.83 -12.79 -23.68
N SER D 567 49.44 -13.47 -24.75
CA SER D 567 49.24 -12.85 -26.06
C SER D 567 47.78 -12.48 -26.29
N MET D 568 46.86 -13.19 -25.66
CA MET D 568 45.43 -12.87 -25.67
C MET D 568 45.07 -11.97 -24.50
N SER D 569 46.07 -11.25 -23.97
CA SER D 569 45.89 -10.35 -22.83
C SER D 569 46.43 -8.99 -23.26
N PRO D 570 45.62 -7.93 -23.21
CA PRO D 570 46.09 -6.60 -23.63
C PRO D 570 47.16 -6.05 -22.71
N SER D 571 47.43 -6.76 -21.63
CA SER D 571 48.36 -6.38 -20.58
C SER D 571 49.81 -6.52 -21.01
N THR D 572 50.13 -6.24 -22.28
CA THR D 572 51.48 -6.44 -22.76
C THR D 572 52.16 -5.23 -23.39
N ALA D 573 51.43 -4.18 -23.78
CA ALA D 573 52.05 -3.15 -24.62
C ALA D 573 53.20 -2.41 -23.94
N ASN D 574 53.24 -2.37 -22.60
CA ASN D 574 54.24 -1.58 -21.86
C ASN D 574 55.17 -2.40 -20.96
N LEU D 575 55.06 -3.74 -20.97
CA LEU D 575 55.86 -4.60 -20.08
C LEU D 575 57.34 -4.61 -20.45
N LYS D 576 58.21 -4.29 -19.48
CA LYS D 576 59.65 -4.20 -19.73
C LYS D 576 60.49 -5.26 -19.02
N SER D 577 60.38 -5.43 -17.70
CA SER D 577 61.13 -6.41 -16.93
C SER D 577 60.23 -7.35 -16.15
N VAL D 578 60.70 -8.58 -15.96
CA VAL D 578 59.95 -9.60 -15.23
C VAL D 578 60.94 -10.50 -14.49
N SER D 579 60.60 -10.85 -13.24
CA SER D 579 61.38 -11.76 -12.41
C SER D 579 60.44 -12.88 -11.95
N LEU D 580 60.68 -14.10 -12.45
CA LEU D 580 59.92 -15.28 -12.08
C LEU D 580 60.80 -16.38 -11.48
N SER D 581 61.71 -16.00 -10.61
CA SER D 581 62.70 -16.92 -10.09
C SER D 581 62.17 -17.80 -8.95
N ASN D 582 62.79 -18.98 -8.81
CA ASN D 582 62.52 -19.93 -7.72
C ASN D 582 61.03 -20.29 -7.60
N ASN D 583 60.46 -20.63 -8.75
CA ASN D 583 59.05 -20.96 -8.86
C ASN D 583 58.87 -22.41 -9.29
N GLY D 584 57.80 -22.66 -10.05
CA GLY D 584 57.48 -23.99 -10.52
C GLY D 584 57.05 -23.97 -11.98
N ILE D 585 57.49 -22.93 -12.70
CA ILE D 585 57.24 -22.82 -14.13
C ILE D 585 58.00 -23.91 -14.85
N THR D 586 57.28 -24.77 -15.58
CA THR D 586 57.90 -25.87 -16.30
C THR D 586 57.98 -25.69 -17.81
N ILE D 587 57.15 -24.82 -18.39
CA ILE D 587 57.11 -24.61 -19.84
C ILE D 587 56.89 -23.13 -20.13
N MET D 588 57.50 -22.65 -21.22
CA MET D 588 57.27 -21.33 -21.76
C MET D 588 57.19 -21.44 -23.27
N ASN D 589 56.13 -20.88 -23.86
CA ASN D 589 55.96 -20.82 -25.30
C ASN D 589 56.03 -19.36 -25.79
N ALA D 590 55.62 -19.13 -27.03
CA ALA D 590 55.61 -17.78 -27.60
C ALA D 590 54.47 -16.92 -27.06
N ASP D 591 53.28 -17.52 -26.89
CA ASP D 591 52.08 -16.77 -26.51
C ASP D 591 52.05 -16.36 -25.03
N GLN D 592 52.84 -17.00 -24.18
CA GLN D 592 52.87 -16.66 -22.77
C GLN D 592 53.92 -15.59 -22.46
N ILE D 593 54.71 -15.21 -23.47
CA ILE D 593 55.81 -14.25 -23.35
C ILE D 593 55.38 -12.96 -24.03
N PRO D 594 55.07 -11.89 -23.28
CA PRO D 594 54.82 -10.58 -23.91
C PRO D 594 56.00 -10.12 -24.77
N ASN D 595 55.66 -9.48 -25.90
CA ASN D 595 56.62 -9.29 -26.99
C ASN D 595 57.55 -8.08 -26.85
N SER D 596 57.19 -7.02 -26.11
CA SER D 596 58.01 -5.82 -26.04
C SER D 596 58.88 -5.74 -24.78
N LEU D 597 58.99 -6.84 -24.02
CA LEU D 597 59.81 -6.91 -22.80
C LEU D 597 61.30 -6.75 -23.10
N GLU D 598 62.00 -6.00 -22.23
CA GLU D 598 63.43 -5.78 -22.37
C GLU D 598 64.30 -6.72 -21.53
N SER D 599 63.74 -7.40 -20.53
CA SER D 599 64.50 -8.36 -19.74
C SER D 599 63.54 -9.44 -19.22
N LEU D 600 64.04 -10.67 -19.07
CA LEU D 600 63.22 -11.77 -18.54
C LEU D 600 64.05 -12.72 -17.68
N ASP D 601 63.52 -13.06 -16.50
CA ASP D 601 64.22 -13.92 -15.53
C ASP D 601 63.30 -15.06 -15.08
N VAL D 602 63.58 -16.27 -15.56
CA VAL D 602 62.88 -17.48 -15.13
C VAL D 602 63.90 -18.45 -14.56
N SER D 603 64.79 -17.95 -13.69
CA SER D 603 65.86 -18.76 -13.14
C SER D 603 65.42 -19.54 -11.91
N ASN D 604 66.07 -20.69 -11.67
CA ASN D 604 65.80 -21.59 -10.55
C ASN D 604 64.37 -22.16 -10.59
N ASN D 605 63.86 -22.41 -11.79
CA ASN D 605 62.50 -22.89 -12.00
C ASN D 605 62.53 -24.40 -12.26
N ARG D 606 61.46 -24.93 -12.84
CA ARG D 606 61.36 -26.32 -13.26
C ARG D 606 61.10 -26.42 -14.75
N LEU D 607 61.64 -25.46 -15.52
CA LEU D 607 61.52 -25.37 -16.98
C LEU D 607 62.15 -26.52 -17.74
N ALA D 608 61.35 -27.47 -18.22
CA ALA D 608 61.91 -28.54 -19.02
C ALA D 608 61.94 -28.19 -20.51
N LYS D 609 60.82 -27.69 -21.05
CA LYS D 609 60.74 -27.29 -22.45
C LYS D 609 60.84 -25.77 -22.59
N LEU D 610 61.37 -25.36 -23.75
CA LEU D 610 61.36 -23.96 -24.17
C LEU D 610 60.72 -23.93 -25.55
N GLY D 611 59.57 -23.24 -25.65
CA GLY D 611 58.81 -23.14 -26.88
C GLY D 611 59.64 -22.74 -28.07
N LYS D 612 59.32 -23.32 -29.22
CA LYS D 612 60.15 -23.25 -30.41
C LYS D 612 59.95 -21.98 -31.25
N THR D 613 59.15 -21.01 -30.78
CA THR D 613 59.14 -19.67 -31.35
C THR D 613 59.04 -18.61 -30.25
N ALA D 614 59.51 -18.94 -29.05
CA ALA D 614 59.25 -18.11 -27.87
C ALA D 614 59.90 -16.74 -27.96
N LEU D 615 61.11 -16.67 -28.52
CA LEU D 615 61.82 -15.40 -28.65
C LEU D 615 61.84 -14.87 -30.07
N ALA D 616 61.01 -15.41 -30.96
CA ALA D 616 61.03 -14.96 -32.34
C ALA D 616 60.51 -13.52 -32.44
N ALA D 617 59.25 -13.31 -32.04
CA ALA D 617 58.61 -12.01 -32.17
C ALA D 617 58.85 -11.12 -30.96
N LYS D 618 59.82 -11.44 -30.10
CA LYS D 618 60.15 -10.60 -28.96
C LYS D 618 61.38 -9.75 -29.26
N SER D 619 61.31 -8.94 -30.32
CA SER D 619 62.48 -8.25 -30.86
C SER D 619 63.10 -7.24 -29.90
N GLN D 620 62.42 -6.89 -28.80
CA GLN D 620 62.90 -5.83 -27.91
C GLN D 620 63.82 -6.33 -26.79
N LEU D 621 63.92 -7.65 -26.59
CA LEU D 621 64.64 -8.18 -25.44
C LEU D 621 66.14 -7.94 -25.56
N ARG D 622 66.77 -7.79 -24.39
CA ARG D 622 68.21 -7.55 -24.27
C ARG D 622 68.83 -8.54 -23.28
N ARG D 623 68.08 -8.94 -22.24
CA ARG D 623 68.55 -9.90 -21.24
C ARG D 623 67.53 -11.00 -20.97
N LEU D 624 68.07 -12.16 -20.62
CA LEU D 624 67.31 -13.40 -20.48
C LEU D 624 68.08 -14.34 -19.56
N ASN D 625 67.47 -14.78 -18.46
CA ASN D 625 68.17 -15.64 -17.50
C ASN D 625 67.44 -16.99 -17.39
N LEU D 626 68.10 -18.04 -17.89
CA LEU D 626 67.57 -19.40 -17.82
C LEU D 626 68.37 -20.26 -16.83
N LYS D 627 68.90 -19.62 -15.79
CA LYS D 627 69.85 -20.24 -14.86
C LYS D 627 69.16 -21.15 -13.84
N GLY D 628 69.74 -22.34 -13.64
CA GLY D 628 69.17 -23.24 -12.65
C GLY D 628 67.89 -23.92 -13.06
N ASN D 629 67.62 -24.01 -14.36
CA ASN D 629 66.41 -24.67 -14.84
C ASN D 629 66.70 -26.13 -15.17
N LEU D 630 65.74 -26.77 -15.84
CA LEU D 630 65.81 -28.14 -16.31
C LEU D 630 65.64 -28.22 -17.83
N LEU D 631 66.28 -27.29 -18.55
CA LEU D 631 66.31 -27.28 -20.01
C LEU D 631 67.33 -28.28 -20.51
N THR D 632 67.11 -28.82 -21.72
CA THR D 632 68.08 -29.76 -22.29
C THR D 632 68.55 -29.31 -23.67
N VAL D 633 67.69 -29.27 -24.67
CA VAL D 633 68.05 -28.79 -26.01
C VAL D 633 67.33 -27.47 -26.24
N VAL D 634 68.08 -26.37 -26.18
CA VAL D 634 67.54 -25.02 -26.37
C VAL D 634 67.72 -24.66 -27.85
N ALA D 635 66.67 -24.87 -28.63
CA ALA D 635 66.71 -24.81 -30.09
C ALA D 635 67.04 -23.40 -30.57
N THR D 636 67.38 -23.30 -31.87
CA THR D 636 67.80 -22.02 -32.41
C THR D 636 66.64 -21.03 -32.53
N GLU D 637 65.41 -21.50 -32.70
CA GLU D 637 64.28 -20.59 -32.89
C GLU D 637 63.75 -19.99 -31.60
N SER D 638 64.11 -20.56 -30.44
CA SER D 638 63.79 -19.96 -29.15
C SER D 638 64.83 -18.92 -28.70
N MET D 639 65.94 -18.81 -29.43
CA MET D 639 66.97 -17.81 -29.19
C MET D 639 67.21 -16.95 -30.42
N LYS D 640 66.53 -17.25 -31.52
CA LYS D 640 66.52 -16.41 -32.71
C LYS D 640 65.53 -15.28 -32.50
N VAL D 641 66.02 -14.06 -32.32
CA VAL D 641 65.16 -12.90 -32.11
C VAL D 641 65.08 -12.19 -33.46
N VAL D 642 63.89 -12.19 -34.07
CA VAL D 642 63.72 -11.65 -35.41
C VAL D 642 63.91 -10.15 -35.39
N GLU D 643 65.03 -9.69 -35.98
CA GLU D 643 65.34 -8.26 -36.11
C GLU D 643 65.43 -7.55 -34.76
N ALA D 644 66.17 -8.17 -33.85
CA ALA D 644 66.56 -7.52 -32.61
C ALA D 644 67.76 -6.61 -32.91
N VAL D 645 67.68 -5.36 -32.45
CA VAL D 645 68.75 -4.42 -32.79
C VAL D 645 69.99 -4.64 -31.92
N HIS D 646 69.83 -5.19 -30.73
CA HIS D 646 70.92 -5.30 -29.77
C HIS D 646 71.33 -6.74 -29.52
N PRO D 647 72.52 -6.98 -29.00
CA PRO D 647 72.89 -8.36 -28.62
C PRO D 647 72.04 -8.87 -27.46
N LEU D 648 71.54 -10.09 -27.62
CA LEU D 648 70.75 -10.77 -26.60
C LEU D 648 71.70 -11.48 -25.65
N LYS D 649 71.78 -11.01 -24.42
CA LYS D 649 72.58 -11.68 -23.40
C LYS D 649 71.79 -12.85 -22.84
N VAL D 650 72.48 -13.95 -22.52
CA VAL D 650 71.81 -15.12 -21.97
C VAL D 650 72.67 -15.68 -20.85
N GLU D 651 72.04 -16.00 -19.73
CA GLU D 651 72.66 -16.73 -18.62
C GLU D 651 72.04 -18.11 -18.61
N ILE D 652 72.83 -19.15 -18.91
CA ILE D 652 72.23 -20.45 -19.10
C ILE D 652 72.96 -21.56 -18.31
N SER D 653 73.74 -21.18 -17.29
CA SER D 653 74.39 -22.14 -16.41
C SER D 653 73.42 -22.91 -15.51
N GLU D 654 73.93 -24.04 -14.97
CA GLU D 654 73.19 -24.90 -14.03
C GLU D 654 71.93 -25.46 -14.67
N ASN D 655 72.10 -26.01 -15.86
CA ASN D 655 71.05 -26.56 -16.68
C ASN D 655 71.59 -27.88 -17.23
N PRO D 656 70.75 -28.95 -17.26
CA PRO D 656 71.14 -30.23 -17.93
C PRO D 656 71.02 -30.22 -19.46
N LEU D 657 71.83 -29.39 -20.13
CA LEU D 657 71.77 -29.17 -21.60
C LEU D 657 72.35 -30.34 -22.42
N ILE D 658 72.05 -30.31 -23.74
CA ILE D 658 72.66 -31.17 -24.77
C ILE D 658 73.20 -30.36 -25.95
N CYS D 659 74.40 -30.72 -26.43
CA CYS D 659 75.06 -30.07 -27.59
C CYS D 659 74.78 -30.77 -28.92
N ASP D 660 73.82 -30.25 -29.68
CA ASP D 660 73.64 -30.63 -31.09
C ASP D 660 73.87 -29.39 -31.96
N CYS D 661 73.60 -29.53 -33.27
CA CYS D 661 73.90 -28.47 -34.24
C CYS D 661 72.97 -27.26 -34.14
N GLN D 662 71.85 -27.38 -33.45
CA GLN D 662 70.87 -26.31 -33.34
C GLN D 662 71.31 -25.23 -32.35
N MET D 663 72.40 -25.46 -31.61
CA MET D 663 72.96 -24.45 -30.72
C MET D 663 73.87 -23.47 -31.45
N GLY D 664 73.54 -23.17 -32.72
CA GLY D 664 74.34 -22.22 -33.49
C GLY D 664 74.48 -20.89 -32.78
N TRP D 665 73.49 -20.52 -31.97
CA TRP D 665 73.54 -19.26 -31.23
C TRP D 665 74.63 -19.29 -30.16
N MET D 666 75.03 -20.46 -29.68
CA MET D 666 76.07 -20.49 -28.67
C MET D 666 77.42 -20.10 -29.25
N ILE D 667 77.59 -20.23 -30.58
CA ILE D 667 78.88 -19.90 -31.19
C ILE D 667 79.02 -18.39 -31.24
N GLY D 668 80.26 -17.93 -31.14
CA GLY D 668 80.58 -16.53 -31.13
C GLY D 668 81.13 -16.10 -32.49
N GLY D 669 80.82 -16.89 -33.50
CA GLY D 669 81.26 -16.59 -34.84
C GLY D 669 80.44 -15.46 -35.45
N ALA D 670 79.13 -15.49 -35.27
CA ALA D 670 78.30 -14.40 -35.79
C ALA D 670 78.75 -13.12 -35.08
N LYS D 671 78.56 -11.99 -35.77
CA LYS D 671 78.91 -10.69 -35.22
C LYS D 671 77.79 -9.67 -35.43
N PRO D 672 77.18 -9.13 -34.35
CA PRO D 672 77.16 -9.61 -32.97
C PRO D 672 76.19 -10.76 -32.79
N LYS D 673 76.06 -11.28 -31.58
CA LYS D 673 75.23 -12.45 -31.34
C LYS D 673 74.77 -12.52 -29.89
N VAL D 674 74.32 -13.69 -29.47
CA VAL D 674 73.93 -13.97 -28.09
C VAL D 674 75.18 -14.15 -27.26
N LEU D 675 75.30 -13.40 -26.17
CA LEU D 675 76.49 -13.46 -25.33
C LEU D 675 76.13 -14.11 -23.99
N ILE D 676 76.69 -15.30 -23.74
CA ILE D 676 76.51 -16.02 -22.48
C ILE D 676 77.57 -15.56 -21.49
N GLN D 677 77.12 -15.13 -20.31
CA GLN D 677 78.06 -14.66 -19.29
C GLN D 677 78.85 -15.81 -18.69
N ASP D 678 78.17 -16.92 -18.42
CA ASP D 678 78.75 -18.02 -17.66
C ASP D 678 79.20 -19.18 -18.54
N SER D 679 79.97 -18.89 -19.61
CA SER D 679 80.48 -19.98 -20.41
C SER D 679 81.47 -20.86 -19.64
N GLU D 680 81.99 -20.37 -18.50
CA GLU D 680 82.90 -21.20 -17.71
C GLU D 680 82.18 -22.26 -16.89
N THR D 681 80.89 -22.10 -16.59
CA THR D 681 80.09 -23.14 -15.94
C THR D 681 78.89 -23.61 -16.74
N ALA D 682 78.44 -22.86 -17.75
CA ALA D 682 77.38 -23.34 -18.62
C ALA D 682 77.91 -24.53 -19.39
N SER D 683 77.21 -25.64 -19.32
CA SER D 683 77.73 -26.88 -19.88
C SER D 683 76.70 -27.53 -20.79
N CYS D 684 77.19 -28.45 -21.62
CA CYS D 684 76.34 -29.23 -22.49
C CYS D 684 76.89 -30.65 -22.56
N SER D 685 76.04 -31.56 -23.02
CA SER D 685 76.48 -32.92 -23.31
C SER D 685 76.73 -33.03 -24.80
N HIS D 686 77.60 -33.96 -25.17
CA HIS D 686 77.90 -34.14 -26.58
C HIS D 686 76.71 -34.80 -27.25
N ALA D 687 76.65 -34.66 -28.57
CA ALA D 687 75.56 -35.28 -29.30
C ALA D 687 75.81 -36.76 -29.59
N VAL D 688 77.04 -37.25 -29.35
CA VAL D 688 77.45 -38.62 -29.64
C VAL D 688 77.49 -39.49 -28.38
N ASP D 689 78.42 -39.19 -27.45
CA ASP D 689 78.55 -39.98 -26.23
C ASP D 689 77.90 -39.36 -25.01
N GLY D 690 77.91 -38.04 -24.90
CA GLY D 690 77.23 -37.32 -23.83
C GLY D 690 78.12 -36.71 -22.76
N HIS D 691 79.42 -36.60 -23.01
CA HIS D 691 80.34 -36.01 -22.05
C HIS D 691 80.16 -34.49 -22.03
N GLN D 692 80.66 -33.86 -20.96
CA GLN D 692 80.39 -32.44 -20.72
C GLN D 692 81.39 -31.55 -21.46
N ILE D 693 80.86 -30.55 -22.17
CA ILE D 693 81.65 -29.59 -22.93
C ILE D 693 81.51 -28.22 -22.29
N GLN D 694 82.62 -27.50 -22.18
CA GLN D 694 82.58 -26.13 -21.68
C GLN D 694 82.21 -25.22 -22.85
N ILE D 695 81.11 -24.47 -22.70
CA ILE D 695 80.72 -23.58 -23.78
C ILE D 695 81.79 -22.53 -24.00
N GLN D 696 82.62 -22.29 -22.97
CA GLN D 696 83.73 -21.35 -23.06
C GLN D 696 84.71 -21.73 -24.18
N SER D 697 85.20 -22.97 -24.16
CA SER D 697 86.12 -23.47 -25.17
C SER D 697 85.44 -24.41 -26.17
N LEU D 698 84.14 -24.22 -26.36
CA LEU D 698 83.41 -25.03 -27.33
C LEU D 698 83.87 -24.72 -28.74
N SER D 699 84.24 -25.77 -29.48
CA SER D 699 84.60 -25.65 -30.89
C SER D 699 83.46 -26.21 -31.73
N LYS D 700 83.41 -25.81 -33.01
CA LYS D 700 82.26 -26.14 -33.87
C LYS D 700 82.20 -27.63 -34.22
N LYS D 701 83.26 -28.39 -33.93
CA LYS D 701 83.27 -29.82 -34.19
C LYS D 701 82.35 -30.57 -33.23
N ASP D 702 82.03 -29.96 -32.09
CA ASP D 702 81.20 -30.54 -31.04
C ASP D 702 79.70 -30.51 -31.38
N LEU D 703 79.33 -30.01 -32.55
CA LEU D 703 77.95 -30.01 -33.03
C LEU D 703 77.78 -31.22 -33.93
N LEU D 704 77.08 -32.27 -33.42
CA LEU D 704 77.03 -33.56 -34.12
C LEU D 704 75.64 -34.22 -33.97
N CYS D 705 74.64 -33.63 -34.60
CA CYS D 705 73.26 -34.11 -34.48
C CYS D 705 73.08 -35.46 -35.17
N PRO D 706 72.46 -36.45 -34.52
CA PRO D 706 72.41 -37.82 -35.05
C PRO D 706 71.41 -37.99 -36.20
N TYR D 707 71.54 -39.14 -36.88
CA TYR D 707 70.66 -39.50 -37.98
C TYR D 707 70.79 -41.00 -38.24
N LYS D 708 69.84 -41.55 -39.01
CA LYS D 708 69.99 -42.86 -39.64
C LYS D 708 69.88 -42.84 -41.16
N SER D 709 69.32 -41.80 -41.76
CA SER D 709 69.35 -41.63 -43.21
C SER D 709 69.09 -40.16 -43.53
N VAL D 710 69.80 -39.67 -44.55
CA VAL D 710 69.74 -38.25 -44.92
C VAL D 710 70.30 -38.10 -46.33
N CYS D 711 70.11 -36.92 -46.95
CA CYS D 711 70.60 -36.65 -48.28
C CYS D 711 71.27 -35.28 -48.35
N GLU D 712 72.42 -35.23 -49.01
CA GLU D 712 73.18 -34.00 -49.15
C GLU D 712 72.37 -32.98 -49.97
N PRO D 713 72.70 -31.70 -49.86
CA PRO D 713 72.07 -30.71 -50.75
C PRO D 713 72.47 -30.98 -52.19
N GLU D 714 71.55 -30.68 -53.10
CA GLU D 714 71.73 -30.90 -54.53
C GLU D 714 71.88 -32.38 -54.88
N CYS D 715 71.54 -33.30 -53.96
CA CYS D 715 71.59 -34.74 -54.21
C CYS D 715 70.41 -35.15 -55.09
N ILE D 716 70.70 -35.60 -56.31
CA ILE D 716 69.65 -35.83 -57.30
C ILE D 716 69.01 -37.22 -57.20
N CYS D 717 69.77 -38.24 -56.79
CA CYS D 717 69.29 -39.62 -56.73
C CYS D 717 68.76 -40.03 -55.36
N CYS D 718 68.34 -39.06 -54.54
CA CYS D 718 67.99 -39.34 -53.15
C CYS D 718 66.90 -40.40 -53.01
N GLN D 719 66.00 -40.52 -54.00
CA GLN D 719 64.94 -41.53 -53.98
C GLN D 719 65.42 -42.95 -54.33
N TYR D 720 66.65 -43.10 -54.80
CA TYR D 720 67.14 -44.38 -55.28
C TYR D 720 67.93 -45.10 -54.19
N GLY D 721 68.10 -46.40 -54.38
CA GLY D 721 68.77 -47.23 -53.39
C GLY D 721 70.29 -47.10 -53.44
N ASN D 722 70.83 -47.00 -54.65
CA ASN D 722 72.27 -46.85 -54.87
C ASN D 722 72.57 -45.39 -55.18
N CYS D 723 72.75 -44.58 -54.13
CA CYS D 723 73.02 -43.15 -54.30
C CYS D 723 74.19 -42.74 -53.40
N ASP D 724 75.13 -41.97 -53.96
CA ASP D 724 76.38 -41.61 -53.29
C ASP D 724 76.18 -40.54 -52.23
N CYS D 725 75.52 -39.46 -52.59
CA CYS D 725 75.27 -38.40 -51.61
C CYS D 725 74.23 -38.83 -50.59
N LYS D 726 73.63 -40.00 -50.78
CA LYS D 726 72.66 -40.56 -49.84
C LYS D 726 73.45 -41.32 -48.78
N SER D 727 73.41 -40.84 -47.55
CA SER D 727 74.13 -41.45 -46.44
C SER D 727 73.13 -42.27 -45.61
N VAL D 728 73.09 -43.58 -45.85
CA VAL D 728 72.19 -44.51 -45.16
C VAL D 728 72.99 -45.27 -44.11
N CYS D 729 72.51 -45.28 -42.88
CA CYS D 729 73.30 -45.89 -41.82
C CYS D 729 73.14 -47.41 -41.87
N PRO D 730 74.24 -48.16 -41.91
CA PRO D 730 74.15 -49.62 -41.87
C PRO D 730 73.71 -50.09 -40.50
N ALA D 731 73.23 -51.34 -40.45
CA ALA D 731 72.74 -51.88 -39.19
C ALA D 731 73.88 -52.03 -38.18
N ASN D 732 73.52 -51.94 -36.90
CA ASN D 732 74.43 -51.96 -35.74
C ASN D 732 75.42 -50.78 -35.73
N CYS D 733 75.08 -49.67 -36.40
CA CYS D 733 75.93 -48.50 -36.46
C CYS D 733 75.19 -47.23 -36.05
N ARG D 734 75.90 -46.34 -35.35
CA ARG D 734 75.45 -44.98 -35.10
C ARG D 734 76.02 -44.05 -36.15
N CYS D 735 75.20 -43.16 -36.67
CA CYS D 735 75.61 -42.20 -37.69
C CYS D 735 75.33 -40.79 -37.19
N PHE D 736 76.38 -39.95 -37.18
CA PHE D 736 76.25 -38.57 -36.78
C PHE D 736 76.65 -37.65 -37.94
N ARG D 737 76.28 -36.38 -37.83
CA ARG D 737 76.68 -35.40 -38.85
C ARG D 737 76.57 -33.99 -38.28
N ASP D 738 77.10 -33.05 -39.04
CA ASP D 738 77.08 -31.63 -38.73
C ASP D 738 76.06 -30.89 -39.59
N ASP D 739 75.96 -29.57 -39.40
CA ASP D 739 74.88 -28.79 -40.01
C ASP D 739 75.00 -28.69 -41.52
N GLN D 740 76.22 -28.65 -42.07
CA GLN D 740 76.42 -28.38 -43.49
C GLN D 740 77.03 -29.57 -44.23
N PHE D 741 76.86 -30.78 -43.69
CA PHE D 741 77.33 -32.03 -44.31
C PHE D 741 78.84 -32.02 -44.49
N ASN D 742 79.56 -31.45 -43.53
CA ASN D 742 81.01 -31.48 -43.57
C ASN D 742 81.60 -32.59 -42.71
N ILE D 743 80.95 -32.90 -41.59
CA ILE D 743 81.32 -34.03 -40.73
C ILE D 743 80.28 -35.12 -40.94
N ASN D 744 80.73 -36.38 -40.96
CA ASN D 744 79.82 -37.52 -41.15
C ASN D 744 80.42 -38.70 -40.38
N ILE D 745 80.03 -38.84 -39.12
CA ILE D 745 80.55 -39.88 -38.25
C ILE D 745 79.70 -41.14 -38.36
N VAL D 746 80.34 -42.27 -38.61
CA VAL D 746 79.72 -43.59 -38.61
C VAL D 746 80.53 -44.43 -37.62
N ARG D 747 79.99 -44.68 -36.43
CA ARG D 747 80.73 -45.34 -35.36
C ARG D 747 80.08 -46.69 -35.04
N CYS D 748 80.53 -47.73 -35.75
CA CYS D 748 80.00 -49.08 -35.64
C CYS D 748 80.71 -49.84 -34.54
N HIS D 749 79.97 -50.72 -33.87
CA HIS D 749 80.55 -51.56 -32.84
C HIS D 749 79.90 -52.93 -32.84
N GLY D 750 80.72 -53.96 -32.71
CA GLY D 750 80.25 -55.32 -32.59
C GLY D 750 80.39 -55.78 -31.15
N ASN D 751 80.01 -54.89 -30.24
CA ASN D 751 80.01 -55.15 -28.80
C ASN D 751 78.80 -55.99 -28.43
N SER D 752 78.27 -56.75 -29.39
CA SER D 752 77.12 -57.60 -29.17
C SER D 752 77.58 -58.97 -28.68
N SER D 753 77.10 -59.36 -27.49
CA SER D 753 77.32 -60.73 -27.03
C SER D 753 76.76 -61.71 -28.04
N MET D 754 75.68 -61.34 -28.73
CA MET D 754 75.27 -62.04 -29.94
C MET D 754 76.32 -61.77 -31.01
N VAL D 755 77.32 -62.64 -31.10
CA VAL D 755 78.49 -62.41 -31.96
C VAL D 755 78.02 -62.24 -33.40
N PRO D 756 78.50 -61.22 -34.13
CA PRO D 756 78.08 -61.07 -35.54
C PRO D 756 78.40 -62.32 -36.35
N LYS D 757 77.33 -63.05 -36.72
CA LYS D 757 77.36 -64.25 -37.54
C LYS D 757 77.57 -63.98 -39.03
N ARG D 758 77.82 -62.73 -39.40
CA ARG D 758 78.11 -62.33 -40.77
C ARG D 758 79.30 -61.37 -40.78
N GLU D 759 80.10 -61.46 -41.84
CA GLU D 759 81.16 -60.47 -42.03
C GLU D 759 80.56 -59.07 -42.07
N PHE D 760 81.42 -58.08 -41.88
CA PHE D 760 80.96 -56.72 -42.06
C PHE D 760 81.03 -56.41 -43.55
N VAL D 761 79.93 -55.92 -44.12
CA VAL D 761 79.87 -55.58 -45.53
C VAL D 761 80.20 -54.10 -45.65
N VAL D 762 81.40 -53.80 -46.17
CA VAL D 762 81.87 -52.41 -46.21
C VAL D 762 81.11 -51.60 -47.26
N SER D 763 80.63 -52.24 -48.32
CA SER D 763 79.90 -51.53 -49.37
C SER D 763 78.55 -51.00 -48.91
N GLU D 764 78.11 -51.37 -47.70
CA GLU D 764 76.85 -50.90 -47.11
C GLU D 764 77.00 -49.55 -46.39
N LEU D 765 78.22 -49.15 -46.05
CA LEU D 765 78.49 -47.88 -45.37
C LEU D 765 78.15 -46.70 -46.27
N PRO D 766 77.95 -45.50 -45.69
CA PRO D 766 77.67 -44.31 -46.52
C PRO D 766 78.85 -43.98 -47.44
N VAL D 767 78.50 -43.39 -48.60
CA VAL D 767 79.52 -43.06 -49.57
C VAL D 767 80.36 -41.90 -49.08
N SER D 768 79.70 -40.81 -48.65
CA SER D 768 80.35 -39.61 -48.14
C SER D 768 80.81 -39.75 -46.69
N ALA D 769 80.91 -40.99 -46.21
CA ALA D 769 81.28 -41.27 -44.83
C ALA D 769 82.70 -40.81 -44.52
N THR D 770 82.91 -40.31 -43.31
CA THR D 770 84.22 -39.83 -42.87
C THR D 770 84.86 -40.64 -41.74
N GLU D 771 84.15 -41.59 -41.13
CA GLU D 771 84.73 -42.42 -40.07
C GLU D 771 84.14 -43.82 -40.06
N ILE D 772 84.99 -44.82 -39.83
CA ILE D 772 84.57 -46.21 -39.72
C ILE D 772 85.24 -46.82 -38.51
N ILE D 773 84.47 -47.51 -37.67
CA ILE D 773 84.97 -48.26 -36.52
C ILE D 773 84.52 -49.71 -36.69
N LEU D 774 85.44 -50.59 -37.04
CA LEU D 774 85.12 -52.02 -37.13
C LEU D 774 85.83 -52.74 -36.01
N SER D 775 85.12 -53.64 -35.34
CA SER D 775 85.60 -54.28 -34.12
C SER D 775 84.63 -55.40 -33.76
N GLY D 776 85.04 -56.64 -33.98
CA GLY D 776 84.19 -57.79 -33.81
C GLY D 776 83.78 -58.43 -35.11
N VAL D 777 83.90 -57.69 -36.21
CA VAL D 777 83.47 -58.19 -37.50
C VAL D 777 84.48 -59.19 -38.02
N THR D 778 84.05 -59.98 -39.00
CA THR D 778 84.90 -60.97 -39.66
C THR D 778 85.38 -60.38 -40.98
N LEU D 779 86.66 -60.03 -41.06
CA LEU D 779 87.22 -59.48 -42.29
C LEU D 779 88.63 -60.00 -42.48
N PRO D 780 88.81 -61.09 -43.25
CA PRO D 780 90.15 -61.68 -43.42
C PRO D 780 90.90 -61.09 -44.61
N GLN D 781 90.15 -60.50 -45.54
CA GLN D 781 90.74 -60.00 -46.77
C GLN D 781 90.11 -58.65 -47.09
N LEU D 782 90.95 -57.70 -47.48
CA LEU D 782 90.51 -56.43 -48.06
C LEU D 782 90.81 -56.55 -49.54
N ARG D 783 89.77 -56.80 -50.34
CA ARG D 783 89.96 -57.02 -51.75
C ARG D 783 90.35 -55.72 -52.44
N THR D 784 90.75 -55.85 -53.70
CA THR D 784 91.01 -54.70 -54.53
C THR D 784 89.75 -53.84 -54.60
N HIS D 785 89.93 -52.53 -54.42
CA HIS D 785 88.83 -51.56 -54.51
C HIS D 785 87.79 -51.78 -53.40
N SER D 786 88.26 -51.78 -52.15
CA SER D 786 87.38 -51.85 -50.98
C SER D 786 86.81 -50.48 -50.60
N PHE D 787 87.66 -49.45 -50.56
CA PHE D 787 87.28 -48.11 -50.12
C PHE D 787 87.11 -47.20 -51.34
N ILE D 788 85.94 -47.35 -51.96
CA ILE D 788 85.54 -46.68 -53.19
C ILE D 788 84.66 -45.48 -52.85
N GLY D 789 84.98 -44.33 -53.45
CA GLY D 789 84.14 -43.16 -53.29
C GLY D 789 84.13 -42.56 -51.91
N ARG D 790 84.86 -43.16 -50.96
CA ARG D 790 84.95 -42.62 -49.60
C ARG D 790 86.12 -41.65 -49.50
N LEU D 791 85.94 -40.50 -50.15
CA LEU D 791 86.94 -39.43 -50.16
C LEU D 791 87.03 -38.69 -48.84
N ARG D 792 85.91 -38.54 -48.13
CA ARG D 792 85.88 -37.76 -46.89
C ARG D 792 86.47 -38.51 -45.70
N LEU D 793 86.73 -39.82 -45.84
CA LEU D 793 87.16 -40.62 -44.71
C LEU D 793 88.44 -40.06 -44.11
N GLN D 794 88.44 -39.90 -42.80
CA GLN D 794 89.60 -39.38 -42.08
C GLN D 794 90.17 -40.35 -41.07
N ARG D 795 89.33 -41.20 -40.47
CA ARG D 795 89.81 -42.24 -39.58
C ARG D 795 89.17 -43.58 -39.93
N LEU D 796 89.98 -44.63 -39.86
CA LEU D 796 89.56 -45.97 -40.20
C LEU D 796 90.20 -46.90 -39.18
N HIS D 797 89.37 -47.60 -38.40
CA HIS D 797 89.84 -48.45 -37.31
C HIS D 797 89.32 -49.87 -37.51
N ILE D 798 89.92 -50.59 -38.46
CA ILE D 798 89.56 -51.98 -38.69
C ILE D 798 90.45 -52.88 -37.85
N ASN D 799 90.21 -52.89 -36.54
CA ASN D 799 91.01 -53.60 -35.56
C ASN D 799 90.23 -54.75 -34.93
N GLY D 800 90.87 -55.91 -34.82
CA GLY D 800 90.22 -57.09 -34.26
C GLY D 800 89.30 -57.82 -35.22
N THR D 801 89.72 -57.98 -36.48
CA THR D 801 88.92 -58.64 -37.50
C THR D 801 89.58 -59.87 -38.12
N GLY D 802 90.84 -60.16 -37.80
CA GLY D 802 91.49 -61.31 -38.39
C GLY D 802 91.91 -61.16 -39.85
N LEU D 803 92.27 -59.94 -40.24
CA LEU D 803 92.61 -59.63 -41.63
C LEU D 803 93.88 -60.38 -42.05
N ARG D 804 93.73 -61.35 -42.96
CA ARG D 804 94.87 -62.13 -43.44
C ARG D 804 95.56 -61.45 -44.61
N SER D 805 94.78 -61.06 -45.62
CA SER D 805 95.30 -60.52 -46.85
C SER D 805 94.72 -59.15 -47.12
N ILE D 806 95.52 -58.29 -47.75
CA ILE D 806 95.08 -56.99 -48.25
C ILE D 806 95.49 -56.94 -49.71
N GLN D 807 94.53 -57.06 -50.61
CA GLN D 807 94.81 -57.01 -52.04
C GLN D 807 95.29 -55.62 -52.45
N PRO D 808 96.12 -55.53 -53.48
CA PRO D 808 96.53 -54.20 -53.96
C PRO D 808 95.32 -53.39 -54.39
N LYS D 809 95.42 -52.08 -54.21
CA LYS D 809 94.31 -51.14 -54.43
C LYS D 809 93.12 -51.41 -53.50
N ALA D 810 93.36 -52.03 -52.35
CA ALA D 810 92.31 -52.14 -51.34
C ALA D 810 92.03 -50.81 -50.64
N PHE D 811 93.04 -49.93 -50.58
CA PHE D 811 92.89 -48.57 -50.05
C PHE D 811 93.16 -47.60 -51.18
N HIS D 812 92.21 -47.53 -52.11
CA HIS D 812 92.37 -46.73 -53.30
C HIS D 812 91.51 -45.48 -53.17
N THR D 813 92.14 -44.33 -53.42
CA THR D 813 91.51 -43.00 -53.40
C THR D 813 90.85 -42.70 -52.05
N LEU D 814 91.72 -42.46 -51.08
CA LEU D 814 91.34 -42.06 -49.72
C LEU D 814 92.08 -40.78 -49.40
N PRO D 815 91.66 -39.66 -50.01
CA PRO D 815 92.46 -38.41 -49.89
C PRO D 815 92.42 -37.80 -48.50
N ALA D 816 91.30 -37.89 -47.80
CA ALA D 816 91.21 -37.34 -46.45
C ALA D 816 91.69 -38.32 -45.40
N LEU D 817 92.19 -39.49 -45.81
CA LEU D 817 92.62 -40.53 -44.90
C LEU D 817 93.83 -40.06 -44.09
N LYS D 818 93.68 -40.03 -42.78
CA LYS D 818 94.72 -39.54 -41.87
C LYS D 818 95.04 -40.50 -40.74
N THR D 819 94.16 -41.45 -40.43
CA THR D 819 94.43 -42.43 -39.39
C THR D 819 94.00 -43.83 -39.83
N LEU D 820 94.89 -44.81 -39.67
CA LEU D 820 94.62 -46.21 -40.02
C LEU D 820 94.99 -47.12 -38.85
N ASP D 821 94.08 -48.02 -38.47
CA ASP D 821 94.26 -48.95 -37.36
C ASP D 821 93.92 -50.36 -37.83
N LEU D 822 94.95 -51.17 -38.05
CA LEU D 822 94.81 -52.55 -38.52
C LEU D 822 95.34 -53.54 -37.48
N SER D 823 95.10 -53.28 -36.19
CA SER D 823 95.76 -54.06 -35.16
C SER D 823 95.04 -55.39 -34.90
N ASP D 824 95.78 -56.33 -34.32
CA ASP D 824 95.25 -57.60 -33.83
C ASP D 824 94.67 -58.44 -34.96
N ASN D 825 95.43 -58.53 -36.06
CA ASN D 825 95.02 -59.33 -37.20
C ASN D 825 96.18 -60.27 -37.53
N SER D 826 96.21 -60.79 -38.76
CA SER D 826 97.24 -61.74 -39.20
C SER D 826 97.87 -61.31 -40.52
N LEU D 827 98.22 -60.03 -40.65
CA LEU D 827 98.91 -59.57 -41.84
C LEU D 827 100.38 -59.97 -41.72
N ILE D 828 101.02 -60.32 -42.84
CA ILE D 828 102.38 -60.85 -42.83
C ILE D 828 103.38 -59.87 -43.43
N SER D 829 102.99 -59.15 -44.47
CA SER D 829 103.82 -58.09 -45.02
C SER D 829 102.89 -57.16 -45.79
N LEU D 830 103.36 -55.95 -46.04
CA LEU D 830 102.59 -55.02 -46.83
C LEU D 830 103.53 -54.38 -47.85
N SER D 831 103.11 -54.41 -49.10
CA SER D 831 103.95 -53.98 -50.21
C SER D 831 103.94 -52.46 -50.34
N GLY D 832 102.76 -51.89 -50.57
CA GLY D 832 102.63 -50.48 -50.90
C GLY D 832 101.70 -50.24 -52.08
N GLU D 833 101.26 -51.34 -52.70
CA GLU D 833 100.26 -51.30 -53.76
C GLU D 833 98.84 -51.33 -53.23
N GLU D 834 98.67 -51.71 -51.95
CA GLU D 834 97.38 -51.59 -51.29
C GLU D 834 97.08 -50.13 -50.97
N PHE D 835 98.12 -49.35 -50.68
CA PHE D 835 97.99 -47.92 -50.45
C PHE D 835 98.22 -47.26 -51.80
N LEU D 836 97.15 -47.09 -52.56
CA LEU D 836 97.20 -46.36 -53.81
C LEU D 836 96.38 -45.10 -53.57
N LYS D 837 97.02 -43.94 -53.72
CA LYS D 837 96.43 -42.65 -53.40
C LYS D 837 96.02 -42.58 -51.92
N CYS D 838 97.04 -42.52 -51.07
CA CYS D 838 96.88 -42.40 -49.62
C CYS D 838 98.00 -41.56 -49.03
N GLY D 839 98.16 -40.34 -49.56
CA GLY D 839 99.28 -39.48 -49.19
C GLY D 839 99.10 -38.77 -47.87
N GLU D 840 97.85 -38.58 -47.44
CA GLU D 840 97.55 -37.84 -46.23
C GLU D 840 97.77 -38.67 -44.98
N VAL D 841 98.23 -39.89 -45.15
CA VAL D 841 98.45 -40.79 -44.03
C VAL D 841 99.54 -40.25 -43.13
N SER D 842 99.21 -40.13 -41.85
CA SER D 842 100.13 -39.71 -40.81
C SER D 842 100.08 -40.57 -39.55
N GLN D 843 99.11 -41.47 -39.40
CA GLN D 843 99.06 -42.41 -38.28
C GLN D 843 98.73 -43.82 -38.76
N LEU D 844 99.40 -44.80 -38.16
CA LEU D 844 99.27 -46.18 -38.60
C LEU D 844 99.42 -47.11 -37.40
N PHE D 845 98.43 -47.98 -37.18
CA PHE D 845 98.46 -48.97 -36.11
C PHE D 845 98.57 -50.37 -36.74
N LEU D 846 99.75 -50.98 -36.67
CA LEU D 846 99.94 -52.34 -37.19
C LEU D 846 100.36 -53.33 -36.10
N ASN D 847 100.00 -53.04 -34.85
CA ASN D 847 100.39 -53.89 -33.74
C ASN D 847 99.60 -55.21 -33.75
N GLY D 848 100.13 -56.20 -33.05
CA GLY D 848 99.41 -57.45 -32.88
C GLY D 848 99.26 -58.28 -34.14
N ASN D 849 100.23 -58.20 -35.07
CA ASN D 849 100.10 -58.91 -36.34
C ASN D 849 101.21 -59.93 -36.53
N ARG D 850 101.57 -60.19 -37.80
CA ARG D 850 102.65 -61.11 -38.18
C ARG D 850 103.66 -60.40 -39.06
N PHE D 851 103.90 -59.12 -38.80
CA PHE D 851 104.80 -58.34 -39.63
C PHE D 851 106.24 -58.69 -39.27
N SER D 852 106.99 -59.19 -40.23
CA SER D 852 108.39 -59.51 -40.02
C SER D 852 109.32 -58.55 -40.74
N THR D 853 108.90 -58.00 -41.87
CA THR D 853 109.68 -57.04 -42.59
C THR D 853 108.73 -55.91 -42.99
N LEU D 854 109.27 -54.70 -43.04
CA LEU D 854 108.47 -53.56 -43.49
C LEU D 854 109.07 -53.03 -44.79
N SER D 855 108.26 -53.06 -45.85
CA SER D 855 108.69 -52.67 -47.19
C SER D 855 109.01 -51.17 -47.28
N ARG D 856 109.62 -50.80 -48.41
CA ARG D 856 109.75 -49.39 -48.75
C ARG D 856 108.49 -48.84 -49.42
N GLY D 857 107.73 -49.72 -50.10
CA GLY D 857 106.52 -49.27 -50.77
C GLY D 857 105.46 -48.76 -49.82
N ILE D 858 105.60 -49.04 -48.52
CA ILE D 858 104.71 -48.46 -47.53
C ILE D 858 105.03 -46.97 -47.37
N PHE D 859 106.32 -46.65 -47.26
CA PHE D 859 106.79 -45.28 -47.07
C PHE D 859 106.94 -44.54 -48.39
N GLU D 860 106.75 -45.23 -49.54
CA GLU D 860 106.68 -44.55 -50.83
C GLU D 860 105.31 -43.93 -51.06
N LYS D 861 104.29 -44.43 -50.37
CA LYS D 861 102.93 -43.90 -50.48
C LYS D 861 102.50 -43.25 -49.17
N LEU D 862 103.36 -43.30 -48.15
CA LEU D 862 103.12 -42.64 -46.88
C LEU D 862 104.36 -41.84 -46.50
N PRO D 863 104.60 -40.70 -47.17
CA PRO D 863 105.69 -39.82 -46.74
C PRO D 863 105.32 -39.03 -45.50
N ASN D 864 104.03 -38.65 -45.41
CA ASN D 864 103.44 -37.92 -44.30
C ASN D 864 103.34 -38.78 -43.04
N LEU D 865 103.86 -39.99 -43.10
CA LEU D 865 103.87 -40.93 -41.99
C LEU D 865 104.64 -40.32 -40.82
N LYS D 866 103.98 -40.16 -39.67
CA LYS D 866 104.68 -39.59 -38.51
C LYS D 866 104.46 -40.38 -37.22
N TYR D 867 103.28 -40.99 -37.05
CA TYR D 867 102.93 -41.74 -35.85
C TYR D 867 102.62 -43.19 -36.22
N LEU D 868 103.21 -44.13 -35.47
CA LEU D 868 103.13 -45.55 -35.80
C LEU D 868 103.16 -46.40 -34.54
N THR D 869 102.37 -47.48 -34.52
CA THR D 869 102.41 -48.47 -33.44
C THR D 869 102.67 -49.84 -34.06
N LEU D 870 103.73 -50.52 -33.58
CA LEU D 870 104.11 -51.79 -34.16
C LEU D 870 104.45 -52.86 -33.13
N HIS D 871 103.92 -52.76 -31.91
CA HIS D 871 104.30 -53.72 -30.89
C HIS D 871 103.54 -55.04 -31.05
N ASN D 872 104.14 -56.12 -30.53
CA ASN D 872 103.63 -57.49 -30.62
C ASN D 872 103.58 -58.02 -32.05
N ASN D 873 104.74 -58.42 -32.60
CA ASN D 873 104.79 -58.97 -33.96
C ASN D 873 105.92 -59.99 -34.07
N SER D 874 106.55 -60.07 -35.24
CA SER D 874 107.56 -61.08 -35.52
C SER D 874 108.84 -60.47 -36.08
N LEU D 875 109.11 -59.20 -35.76
CA LEU D 875 110.28 -58.50 -36.27
C LEU D 875 111.56 -58.99 -35.57
N GLU D 876 112.50 -59.52 -36.35
CA GLU D 876 113.77 -59.94 -35.78
C GLU D 876 114.82 -58.83 -35.75
N ASP D 877 114.75 -57.90 -36.71
CA ASP D 877 115.63 -56.73 -36.74
C ASP D 877 114.89 -55.61 -37.46
N ILE D 878 115.58 -54.51 -37.68
CA ILE D 878 114.98 -53.29 -38.21
C ILE D 878 115.04 -53.37 -39.74
N PRO D 879 113.90 -53.46 -40.43
CA PRO D 879 113.93 -53.50 -41.90
C PRO D 879 114.52 -52.21 -42.42
N GLN D 880 115.40 -52.33 -43.43
CA GLN D 880 116.19 -51.19 -43.83
C GLN D 880 115.34 -50.11 -44.48
N VAL D 881 114.02 -50.19 -44.31
CA VAL D 881 113.20 -49.06 -44.68
C VAL D 881 113.12 -48.07 -43.53
N LEU D 882 113.28 -48.54 -42.28
CA LEU D 882 113.20 -47.63 -41.14
C LEU D 882 114.53 -47.01 -40.79
N HIS D 883 115.42 -46.91 -41.77
CA HIS D 883 116.67 -46.18 -41.65
C HIS D 883 116.65 -44.87 -42.45
N SER D 884 115.59 -44.60 -43.21
CA SER D 884 115.50 -43.39 -44.03
C SER D 884 114.05 -42.86 -44.13
N THR D 885 113.35 -42.74 -43.00
CA THR D 885 111.97 -42.22 -43.02
C THR D 885 111.76 -41.12 -41.98
N ALA D 886 110.70 -40.33 -42.19
CA ALA D 886 110.42 -39.10 -41.43
C ALA D 886 109.56 -39.32 -40.19
N LEU D 887 109.68 -40.47 -39.52
CA LEU D 887 108.84 -40.76 -38.35
C LEU D 887 109.26 -39.94 -37.12
N SER D 888 108.24 -39.52 -36.34
CA SER D 888 108.39 -38.74 -35.12
C SER D 888 108.05 -39.54 -33.86
N LYS D 889 107.04 -40.42 -33.91
CA LYS D 889 106.76 -41.37 -32.84
C LYS D 889 106.49 -42.74 -33.44
N ILE D 890 107.02 -43.77 -32.79
CA ILE D 890 106.87 -45.16 -33.25
C ILE D 890 106.91 -46.06 -32.01
N SER D 891 106.10 -47.12 -32.00
CA SER D 891 105.90 -47.96 -30.82
C SER D 891 106.33 -49.39 -31.15
N LEU D 892 107.27 -49.92 -30.37
CA LEU D 892 107.99 -51.14 -30.72
C LEU D 892 108.29 -52.05 -29.53
N SER D 893 107.26 -52.59 -28.88
CA SER D 893 107.49 -53.54 -27.81
C SER D 893 107.16 -54.97 -28.26
N SER D 894 107.63 -55.94 -27.49
CA SER D 894 107.30 -57.35 -27.70
C SER D 894 107.75 -57.89 -29.05
N ASN D 895 108.98 -57.55 -29.45
CA ASN D 895 109.53 -58.08 -30.71
C ASN D 895 110.91 -58.68 -30.50
N PRO D 896 111.16 -59.86 -31.09
CA PRO D 896 112.43 -60.57 -30.90
C PRO D 896 113.62 -59.96 -31.62
N LEU D 897 114.21 -58.90 -31.08
CA LEU D 897 115.30 -58.19 -31.75
C LEU D 897 116.67 -58.67 -31.28
N ARG D 898 117.60 -58.81 -32.23
CA ARG D 898 118.94 -59.33 -31.96
C ARG D 898 119.93 -58.20 -31.72
N CYS D 899 120.77 -58.37 -30.70
CA CYS D 899 121.71 -57.32 -30.29
C CYS D 899 123.13 -57.85 -30.33
N ASP D 900 123.87 -57.43 -31.35
CA ASP D 900 125.29 -57.69 -31.53
C ASP D 900 126.07 -56.40 -31.28
N CYS D 901 127.39 -56.49 -31.39
CA CYS D 901 128.28 -55.36 -31.17
C CYS D 901 128.76 -54.77 -32.49
N SER D 902 128.19 -53.63 -32.86
CA SER D 902 128.57 -52.94 -34.08
C SER D 902 129.87 -52.17 -33.86
N TRP D 921 127.60 -57.24 -40.44
CA TRP D 921 127.52 -57.27 -38.98
C TRP D 921 127.55 -55.87 -38.38
N GLU D 922 127.54 -54.85 -39.24
CA GLU D 922 127.48 -53.45 -38.83
C GLU D 922 126.04 -52.94 -38.78
N HIS D 923 125.05 -53.78 -39.11
CA HIS D 923 123.62 -53.47 -39.14
C HIS D 923 122.96 -54.28 -38.02
N ASN D 924 122.93 -53.69 -36.83
CA ASN D 924 122.35 -54.33 -35.65
C ASN D 924 120.97 -53.72 -35.33
N ALA D 925 120.29 -54.35 -34.37
CA ALA D 925 119.08 -53.76 -33.79
C ALA D 925 119.43 -52.64 -32.80
N ALA D 926 120.37 -52.91 -31.89
CA ALA D 926 120.74 -51.96 -30.85
C ALA D 926 121.40 -50.70 -31.41
N GLU D 927 121.87 -50.71 -32.67
CA GLU D 927 122.48 -49.51 -33.25
C GLU D 927 121.45 -48.53 -33.79
N TRP D 928 120.41 -49.01 -34.47
CA TRP D 928 119.34 -48.09 -34.86
C TRP D 928 118.64 -47.53 -33.63
N PHE D 929 118.69 -48.25 -32.50
CA PHE D 929 118.00 -47.80 -31.29
C PHE D 929 118.75 -46.68 -30.59
N SER D 930 120.07 -46.79 -30.43
CA SER D 930 120.81 -45.72 -29.77
C SER D 930 120.74 -44.39 -30.54
N LEU D 931 120.46 -44.44 -31.84
CA LEU D 931 120.37 -43.23 -32.64
C LEU D 931 118.94 -42.69 -32.73
N HIS D 932 117.93 -43.55 -32.61
CA HIS D 932 116.52 -43.19 -32.84
C HIS D 932 115.67 -43.37 -31.59
N ARG D 933 116.28 -43.50 -30.41
CA ARG D 933 115.55 -43.90 -29.21
C ARG D 933 114.56 -42.86 -28.71
N HIS D 934 114.49 -41.67 -29.33
CA HIS D 934 113.43 -40.72 -29.01
C HIS D 934 112.11 -41.15 -29.63
N LEU D 935 112.19 -41.75 -30.82
CA LEU D 935 110.99 -42.15 -31.54
C LEU D 935 110.19 -43.21 -30.78
N VAL D 936 110.84 -43.94 -29.87
CA VAL D 936 110.20 -45.06 -29.18
C VAL D 936 109.51 -44.59 -27.92
N VAL D 937 108.21 -44.83 -27.85
CA VAL D 937 107.41 -44.46 -26.69
C VAL D 937 107.49 -45.56 -25.62
N ASP D 938 107.50 -46.82 -26.02
CA ASP D 938 107.63 -47.94 -25.08
C ASP D 938 109.04 -48.50 -25.13
N PHE D 939 109.99 -47.63 -24.73
CA PHE D 939 111.41 -47.98 -24.81
C PHE D 939 111.84 -49.06 -23.83
N PRO D 940 111.46 -49.03 -22.52
CA PRO D 940 111.89 -50.11 -21.63
C PRO D 940 111.19 -51.42 -21.92
N LYS D 941 110.50 -51.48 -23.05
CA LYS D 941 109.71 -52.64 -23.42
C LYS D 941 110.21 -53.31 -24.69
N VAL D 942 111.30 -52.84 -25.27
CA VAL D 942 111.95 -53.50 -26.39
C VAL D 942 112.90 -54.53 -25.80
N GLU D 943 113.06 -55.68 -26.47
CA GLU D 943 113.94 -56.70 -25.90
C GLU D 943 114.88 -57.32 -26.92
N CYS D 944 116.13 -57.54 -26.47
CA CYS D 944 117.11 -58.32 -27.21
C CYS D 944 116.74 -59.80 -27.11
N TRP D 945 116.69 -60.49 -28.25
CA TRP D 945 116.38 -61.91 -28.23
C TRP D 945 117.50 -62.71 -28.90
N GLU D 946 117.82 -63.89 -28.35
CA GLU D 946 118.76 -64.79 -28.98
C GLU D 946 118.48 -66.23 -28.55
N ASN D 947 118.01 -67.04 -29.49
CA ASN D 947 117.79 -68.48 -29.29
C ASN D 947 119.17 -69.14 -29.15
N VAL D 948 119.55 -69.48 -27.91
CA VAL D 948 120.89 -69.93 -27.60
C VAL D 948 121.25 -71.26 -28.26
N THR D 949 120.27 -72.14 -28.47
CA THR D 949 120.57 -73.43 -29.08
C THR D 949 120.69 -73.38 -30.60
N LYS D 950 119.96 -72.47 -31.28
CA LYS D 950 120.02 -72.40 -32.74
C LYS D 950 121.32 -71.77 -33.24
N ALA D 951 121.83 -70.77 -32.53
CA ALA D 951 123.05 -70.12 -32.95
C ALA D 951 124.28 -71.01 -32.81
N PHE D 952 124.17 -72.13 -32.09
CA PHE D 952 125.28 -73.08 -31.99
C PHE D 952 125.38 -74.04 -33.18
N LEU D 953 124.24 -74.55 -33.70
CA LEU D 953 124.31 -75.52 -34.79
C LEU D 953 124.49 -74.86 -36.16
N THR D 954 124.03 -73.62 -36.32
CA THR D 954 124.14 -72.89 -37.59
C THR D 954 125.32 -71.93 -37.60
N ASN D 955 126.04 -71.79 -36.48
CA ASN D 955 127.19 -70.90 -36.30
C ASN D 955 126.88 -69.44 -36.59
N ASP D 956 125.60 -69.04 -36.55
CA ASP D 956 125.26 -67.61 -36.60
C ASP D 956 125.41 -67.06 -35.17
N THR D 957 126.65 -67.08 -34.71
CA THR D 957 126.97 -66.77 -33.32
C THR D 957 126.86 -65.27 -33.06
N THR D 958 126.00 -64.90 -32.11
CA THR D 958 125.93 -63.55 -31.56
C THR D 958 126.25 -63.58 -30.07
N VAL D 959 126.49 -62.39 -29.50
CA VAL D 959 127.02 -62.29 -28.13
C VAL D 959 126.06 -62.80 -27.05
N LEU D 960 124.80 -63.06 -27.38
CA LEU D 960 123.80 -63.47 -26.39
C LEU D 960 123.51 -64.96 -26.40
N SER D 961 123.99 -65.72 -27.40
CA SER D 961 123.86 -67.17 -27.41
C SER D 961 124.98 -67.87 -26.66
N ALA D 962 125.87 -67.11 -26.02
CA ALA D 962 126.83 -67.66 -25.06
C ALA D 962 126.34 -67.47 -23.64
N TYR D 963 125.25 -66.68 -23.45
CA TYR D 963 124.51 -66.49 -22.21
C TYR D 963 123.48 -67.61 -22.03
N PRO D 964 123.20 -68.00 -20.79
CA PRO D 964 122.24 -69.08 -20.53
C PRO D 964 120.83 -68.67 -20.91
N PRO D 965 120.16 -69.44 -21.76
CA PRO D 965 118.77 -69.13 -22.11
C PRO D 965 117.85 -69.23 -20.89
N ASN D 966 116.70 -68.55 -20.97
CA ASN D 966 115.75 -68.52 -19.86
C ASN D 966 115.22 -69.92 -19.54
N MET D 967 114.88 -70.12 -18.27
CA MET D 967 114.51 -71.45 -17.77
C MET D 967 113.28 -71.99 -18.49
N GLY D 968 113.43 -73.19 -19.07
CA GLY D 968 112.40 -73.84 -19.86
C GLY D 968 112.48 -73.59 -21.35
N ASN D 969 113.34 -72.69 -21.80
CA ASN D 969 113.45 -72.32 -23.20
C ASN D 969 114.90 -72.25 -23.62
N ASP D 970 115.10 -72.25 -24.93
CA ASP D 970 116.40 -72.03 -25.54
C ASP D 970 116.64 -70.58 -25.94
N VAL D 971 115.73 -69.67 -25.57
CA VAL D 971 115.77 -68.28 -26.03
C VAL D 971 116.18 -67.40 -24.86
N PHE D 972 117.21 -66.58 -25.09
CA PHE D 972 117.71 -65.61 -24.13
C PHE D 972 117.00 -64.27 -24.38
N VAL D 973 116.37 -63.73 -23.34
CA VAL D 973 115.57 -62.51 -23.45
C VAL D 973 116.17 -61.45 -22.53
N MET D 974 116.48 -60.28 -23.12
CA MET D 974 117.15 -59.17 -22.42
C MET D 974 116.54 -57.82 -22.78
N PRO D 975 116.11 -57.01 -21.80
CA PRO D 975 115.64 -55.65 -22.12
C PRO D 975 116.72 -54.85 -22.85
N ILE D 976 116.29 -53.99 -23.77
CA ILE D 976 117.22 -53.28 -24.63
C ILE D 976 118.00 -52.20 -23.89
N GLU D 977 117.46 -51.69 -22.78
CA GLU D 977 118.16 -50.66 -22.06
C GLU D 977 119.40 -51.18 -21.33
N GLU D 978 119.40 -52.46 -20.92
CA GLU D 978 120.55 -53.03 -20.22
C GLU D 978 121.69 -53.47 -21.15
N PHE D 979 121.40 -53.80 -22.42
CA PHE D 979 122.46 -54.16 -23.37
C PHE D 979 123.20 -52.92 -23.89
N LEU D 980 122.44 -51.86 -24.20
CA LEU D 980 123.02 -50.64 -24.76
C LEU D 980 123.64 -49.75 -23.68
N ARG D 981 123.16 -49.83 -22.44
CA ARG D 981 123.84 -49.11 -21.37
C ARG D 981 125.19 -49.75 -21.09
N ASP D 982 125.23 -51.09 -21.05
CA ASP D 982 126.47 -51.85 -20.95
C ASP D 982 127.11 -52.09 -22.31
N TYR D 983 126.91 -51.15 -23.24
CA TYR D 983 127.52 -51.25 -24.57
C TYR D 983 129.03 -51.08 -24.48
N ASN D 984 129.49 -49.90 -24.06
CA ASN D 984 130.91 -49.63 -24.01
C ASN D 984 131.58 -50.10 -22.73
N SER D 985 130.81 -50.60 -21.77
CA SER D 985 131.42 -50.97 -20.50
C SER D 985 131.90 -52.43 -20.44
N THR D 986 131.09 -53.39 -20.87
CA THR D 986 131.46 -54.80 -20.70
C THR D 986 131.13 -55.70 -21.88
N ILE D 987 129.94 -55.53 -22.45
CA ILE D 987 129.41 -56.49 -23.42
C ILE D 987 130.23 -56.45 -24.69
N CYS D 988 130.40 -55.27 -25.26
CA CYS D 988 131.04 -55.09 -26.55
C CYS D 988 132.49 -54.60 -26.42
N VAL D 989 133.26 -55.22 -25.54
CA VAL D 989 134.68 -54.95 -25.36
C VAL D 989 135.47 -56.14 -25.91
N PRO D 990 136.35 -55.95 -26.90
CA PRO D 990 137.20 -57.03 -27.42
C PRO D 990 138.55 -57.13 -26.68
N ALA E 1 -100.70 66.20 -13.04
CA ALA E 1 -99.85 66.82 -12.02
C ALA E 1 -98.71 67.60 -12.68
N ASP E 2 -97.79 68.10 -11.85
CA ASP E 2 -96.64 68.91 -12.26
C ASP E 2 -95.47 68.02 -12.66
N PRO E 3 -94.77 68.40 -13.73
CA PRO E 3 -93.59 67.62 -14.15
C PRO E 3 -92.50 67.65 -13.08
N THR E 4 -91.90 66.48 -12.85
CA THR E 4 -90.84 66.32 -11.85
C THR E 4 -89.57 65.78 -12.53
N THR E 5 -88.43 66.38 -12.18
CA THR E 5 -87.12 66.00 -12.68
C THR E 5 -86.34 65.28 -11.59
N ASP E 6 -85.70 64.17 -11.95
CA ASP E 6 -84.93 63.40 -10.99
C ASP E 6 -83.47 63.85 -11.00
N GLU E 7 -82.59 63.08 -10.37
CA GLU E 7 -81.20 63.48 -10.22
C GLU E 7 -80.42 63.36 -11.52
N SER E 8 -80.85 62.50 -12.45
CA SER E 8 -80.22 62.35 -13.75
C SER E 8 -80.82 63.26 -14.83
N GLY E 9 -81.67 64.21 -14.45
CA GLY E 9 -82.19 65.21 -15.37
C GLY E 9 -83.32 64.77 -16.28
N THR E 10 -84.00 63.66 -15.99
CA THR E 10 -85.13 63.22 -16.80
C THR E 10 -86.43 63.78 -16.23
N ILE E 11 -87.18 64.51 -17.05
CA ILE E 11 -88.43 65.12 -16.63
C ILE E 11 -89.58 64.17 -16.96
N SER E 12 -90.36 63.82 -15.94
CA SER E 12 -91.54 62.96 -16.06
C SER E 12 -92.80 63.82 -16.04
N HIS E 13 -93.88 63.30 -16.63
CA HIS E 13 -95.13 64.04 -16.63
C HIS E 13 -96.29 63.05 -16.64
N THR E 14 -97.32 63.32 -15.82
CA THR E 14 -98.51 62.47 -15.67
C THR E 14 -99.77 63.27 -15.94
N ILE E 15 -100.43 63.01 -17.08
CA ILE E 15 -101.53 63.83 -17.59
C ILE E 15 -102.75 62.93 -17.82
N CYS E 16 -103.92 63.38 -17.34
CA CYS E 16 -105.15 62.56 -17.34
C CYS E 16 -105.81 62.52 -18.73
N ASP E 17 -106.85 61.67 -18.82
CA ASP E 17 -107.60 61.47 -20.06
C ASP E 17 -108.49 62.66 -20.39
N GLY E 18 -108.34 63.18 -21.61
CA GLY E 18 -109.14 64.29 -22.05
C GLY E 18 -108.55 65.63 -21.73
N GLU E 19 -107.40 65.68 -21.08
CA GLU E 19 -106.76 66.91 -20.68
C GLU E 19 -105.68 67.32 -21.69
N ALA E 20 -105.20 68.54 -21.52
CA ALA E 20 -104.15 69.09 -22.38
C ALA E 20 -102.76 68.77 -21.82
N ALA E 21 -101.88 68.36 -22.71
CA ALA E 21 -100.51 67.94 -22.38
C ALA E 21 -99.53 68.96 -22.95
N GLU E 22 -98.66 69.49 -22.09
CA GLU E 22 -97.63 70.43 -22.51
C GLU E 22 -96.27 69.96 -22.01
N LEU E 23 -95.39 69.56 -22.93
CA LEU E 23 -93.99 69.29 -22.64
C LEU E 23 -93.13 70.44 -23.16
N SER E 24 -92.16 70.87 -22.35
CA SER E 24 -91.35 72.04 -22.69
C SER E 24 -89.93 71.85 -22.19
N CYS E 25 -88.96 72.27 -23.00
CA CYS E 25 -87.55 72.22 -22.63
C CYS E 25 -86.94 73.62 -22.66
N PRO E 26 -85.95 73.89 -21.81
CA PRO E 26 -85.33 75.23 -21.77
C PRO E 26 -84.65 75.60 -23.08
N ALA E 27 -84.17 76.85 -23.12
CA ALA E 27 -83.58 77.42 -24.32
C ALA E 27 -82.31 76.69 -24.73
N GLY E 28 -82.22 76.35 -26.02
CA GLY E 28 -81.07 75.66 -26.58
C GLY E 28 -81.15 74.15 -26.56
N LYS E 29 -82.23 73.58 -26.04
CA LYS E 29 -82.41 72.14 -25.93
C LYS E 29 -83.74 71.73 -26.58
N VAL E 30 -83.84 70.45 -26.93
CA VAL E 30 -85.04 69.88 -27.54
C VAL E 30 -85.50 68.66 -26.75
N ILE E 31 -86.80 68.35 -26.84
CA ILE E 31 -87.40 67.24 -26.09
C ILE E 31 -86.88 65.90 -26.60
N SER E 32 -86.64 64.98 -25.66
CA SER E 32 -86.16 63.62 -25.98
C SER E 32 -86.97 62.61 -25.17
N ILE E 33 -87.98 61.99 -25.78
CA ILE E 33 -88.91 61.12 -25.06
C ILE E 33 -88.21 59.85 -24.62
N VAL E 34 -88.10 59.64 -23.32
CA VAL E 34 -87.46 58.45 -22.78
C VAL E 34 -88.47 57.30 -22.67
N LEU E 35 -89.67 57.59 -22.21
CA LEU E 35 -90.70 56.59 -22.01
C LEU E 35 -92.04 57.20 -22.39
N GLY E 36 -93.02 56.33 -22.62
CA GLY E 36 -94.35 56.77 -22.98
C GLY E 36 -95.36 55.65 -22.88
N ASN E 37 -96.45 55.87 -22.13
CA ASN E 37 -97.51 54.88 -21.99
C ASN E 37 -98.82 55.59 -21.71
N TYR E 38 -99.82 55.32 -22.54
CA TYR E 38 -101.17 55.83 -22.34
C TYR E 38 -102.08 54.69 -21.91
N GLY E 39 -102.49 54.70 -20.64
CA GLY E 39 -103.33 53.65 -20.09
C GLY E 39 -103.56 53.84 -18.60
N ARG E 40 -103.43 52.77 -17.83
CA ARG E 40 -103.59 52.84 -16.39
C ARG E 40 -102.62 51.87 -15.72
N PHE E 41 -101.68 52.43 -14.96
CA PHE E 41 -100.75 51.65 -14.14
C PHE E 41 -100.89 51.92 -12.65
N SER E 42 -101.91 52.66 -12.22
CA SER E 42 -102.03 53.00 -10.80
C SER E 42 -103.49 53.15 -10.40
N VAL E 43 -103.82 52.75 -9.17
CA VAL E 43 -105.18 52.92 -8.67
C VAL E 43 -105.40 54.35 -8.19
N ALA E 44 -104.34 55.01 -7.72
CA ALA E 44 -104.46 56.26 -6.98
C ALA E 44 -104.43 57.49 -7.87
N VAL E 45 -103.86 57.40 -9.08
CA VAL E 45 -103.61 58.56 -9.93
C VAL E 45 -104.84 58.83 -10.80
N CYS E 46 -105.19 60.11 -10.93
CA CYS E 46 -106.37 60.58 -11.65
C CYS E 46 -107.62 59.83 -11.19
N LEU E 47 -108.00 60.08 -9.94
CA LEU E 47 -109.15 59.38 -9.36
C LEU E 47 -110.42 59.81 -10.08
N PRO E 48 -111.29 58.87 -10.47
CA PRO E 48 -112.65 59.27 -10.89
C PRO E 48 -113.41 59.82 -9.70
N ASP E 49 -114.08 60.96 -9.93
CA ASP E 49 -114.84 61.63 -8.88
C ASP E 49 -116.11 60.88 -8.50
N ASN E 50 -116.35 59.71 -9.11
CA ASN E 50 -117.53 58.88 -8.86
C ASN E 50 -117.28 57.79 -7.83
N ASP E 51 -116.10 57.78 -7.20
CA ASP E 51 -115.76 56.80 -6.17
C ASP E 51 -115.85 55.37 -6.71
N ILE E 52 -115.24 55.15 -7.88
CA ILE E 52 -115.11 53.83 -8.48
C ILE E 52 -113.61 53.50 -8.62
N VAL E 53 -113.07 52.70 -7.71
CA VAL E 53 -111.62 52.42 -7.79
C VAL E 53 -111.33 51.59 -9.03
N PRO E 54 -110.38 52.01 -9.88
CA PRO E 54 -110.10 51.30 -11.13
C PRO E 54 -109.49 49.92 -10.88
N SER E 55 -110.11 48.89 -11.46
CA SER E 55 -109.65 47.52 -11.35
C SER E 55 -108.61 47.11 -12.41
N ASN E 56 -108.27 47.97 -13.36
CA ASN E 56 -107.36 47.61 -14.43
C ASN E 56 -106.10 48.46 -14.30
N ILE E 57 -105.07 47.88 -13.68
CA ILE E 57 -103.79 48.55 -13.47
C ILE E 57 -102.66 47.83 -14.21
N ASN E 58 -103.01 46.96 -15.16
CA ASN E 58 -102.05 46.39 -16.09
C ASN E 58 -102.47 46.76 -17.50
N CYS E 59 -102.69 48.06 -17.72
CA CYS E 59 -103.20 48.58 -18.97
C CYS E 59 -102.05 49.25 -19.73
N GLN E 60 -101.82 48.82 -20.97
CA GLN E 60 -100.63 49.21 -21.71
C GLN E 60 -100.96 49.47 -23.17
N ASN E 61 -100.47 50.59 -23.68
CA ASN E 61 -100.54 50.97 -25.09
C ASN E 61 -99.10 51.09 -25.56
N HIS E 62 -98.62 50.05 -26.26
CA HIS E 62 -97.21 49.96 -26.63
C HIS E 62 -96.82 50.97 -27.72
N LYS E 63 -97.79 51.45 -28.50
CA LYS E 63 -97.56 52.45 -29.53
C LYS E 63 -97.38 53.86 -28.97
N THR E 64 -97.51 54.05 -27.65
CA THR E 64 -97.47 55.39 -27.08
C THR E 64 -96.09 56.04 -27.18
N LYS E 65 -95.03 55.33 -26.78
CA LYS E 65 -93.70 55.92 -26.85
C LYS E 65 -93.31 56.27 -28.29
N SER E 66 -93.69 55.42 -29.25
CA SER E 66 -93.34 55.69 -30.64
C SER E 66 -94.16 56.82 -31.25
N ILE E 67 -95.40 57.01 -30.81
CA ILE E 67 -96.23 58.11 -31.28
C ILE E 67 -95.84 59.44 -30.64
N LEU E 68 -95.32 59.41 -29.40
CA LEU E 68 -94.82 60.62 -28.75
C LEU E 68 -93.48 61.07 -29.30
N GLU E 69 -92.62 60.12 -29.71
CA GLU E 69 -91.32 60.47 -30.29
C GLU E 69 -91.45 61.07 -31.69
N LYS E 70 -92.42 60.61 -32.47
CA LYS E 70 -92.70 61.21 -33.77
C LYS E 70 -93.45 62.55 -33.67
N LYS E 71 -93.95 62.91 -32.49
CA LYS E 71 -94.70 64.15 -32.29
C LYS E 71 -93.92 65.22 -31.53
N CYS E 72 -93.10 64.83 -30.54
CA CYS E 72 -92.47 65.77 -29.64
C CYS E 72 -90.95 65.88 -29.79
N ASN E 73 -90.30 64.90 -30.41
CA ASN E 73 -88.84 64.90 -30.50
C ASN E 73 -88.35 65.90 -31.54
N GLY E 74 -87.16 66.45 -31.29
CA GLY E 74 -86.59 67.49 -32.10
C GLY E 74 -87.20 68.87 -31.88
N ASP E 75 -88.31 68.96 -31.16
CA ASP E 75 -89.01 70.20 -30.89
C ASP E 75 -88.72 70.65 -29.46
N SER E 76 -88.71 71.97 -29.24
CA SER E 76 -88.52 72.48 -27.90
C SER E 76 -89.80 72.45 -27.05
N MET E 77 -90.98 72.35 -27.67
CA MET E 77 -92.25 72.30 -26.95
C MET E 77 -93.26 71.49 -27.75
N CYS E 78 -94.10 70.71 -27.03
CA CYS E 78 -95.06 69.78 -27.61
C CYS E 78 -96.45 70.01 -27.02
N TYR E 79 -97.48 70.07 -27.88
CA TYR E 79 -98.87 70.20 -27.44
C TYR E 79 -99.76 69.16 -28.10
N PHE E 80 -100.72 68.63 -27.33
CA PHE E 80 -101.79 67.75 -27.80
C PHE E 80 -102.76 67.47 -26.65
N THR E 81 -103.92 66.90 -27.00
CA THR E 81 -104.92 66.42 -26.04
C THR E 81 -104.78 64.91 -25.83
N VAL E 82 -104.79 64.49 -24.56
CA VAL E 82 -104.65 63.08 -24.21
C VAL E 82 -106.04 62.44 -24.30
N ASP E 83 -106.30 61.72 -25.38
CA ASP E 83 -107.50 60.90 -25.55
C ASP E 83 -107.15 59.74 -26.47
N LYS E 84 -108.15 58.88 -26.73
CA LYS E 84 -107.90 57.70 -27.56
C LYS E 84 -107.68 58.04 -29.03
N LYS E 85 -107.88 59.30 -29.42
CA LYS E 85 -107.64 59.69 -30.81
C LYS E 85 -106.15 59.85 -31.12
N THR E 86 -105.36 60.30 -30.16
CA THR E 86 -103.94 60.57 -30.38
C THR E 86 -103.09 59.29 -30.39
N PHE E 87 -103.46 58.28 -29.61
CA PHE E 87 -102.67 57.06 -29.47
C PHE E 87 -103.30 55.87 -30.20
N THR E 88 -104.20 56.15 -31.15
CA THR E 88 -104.70 55.21 -32.17
C THR E 88 -105.53 54.04 -31.64
N GLU E 89 -105.53 53.81 -30.33
CA GLU E 89 -106.27 52.66 -29.79
C GLU E 89 -106.61 52.91 -28.33
N ASP E 90 -107.65 52.19 -27.86
CA ASP E 90 -108.07 52.14 -26.47
C ASP E 90 -107.46 50.91 -25.82
N PRO E 91 -106.38 51.03 -25.02
CA PRO E 91 -105.68 49.84 -24.51
C PRO E 91 -106.44 49.10 -23.39
N CYS E 92 -107.45 49.71 -22.79
CA CYS E 92 -108.30 49.04 -21.81
C CYS E 92 -109.63 49.78 -21.74
N PRO E 93 -110.61 49.35 -22.53
CA PRO E 93 -111.91 50.05 -22.53
C PRO E 93 -112.54 50.00 -21.15
N ASN E 94 -113.31 51.03 -20.84
CA ASN E 94 -114.05 51.15 -19.58
C ASN E 94 -113.12 51.24 -18.37
N THR E 95 -111.87 51.63 -18.60
CA THR E 95 -110.93 51.95 -17.54
C THR E 95 -110.42 53.36 -17.76
N PRO E 96 -110.42 54.22 -16.73
CA PRO E 96 -109.83 55.56 -16.90
C PRO E 96 -108.35 55.46 -17.24
N LYS E 97 -107.93 56.20 -18.26
CA LYS E 97 -106.55 56.15 -18.72
C LYS E 97 -105.87 57.49 -18.51
N TYR E 98 -104.54 57.46 -18.58
CA TYR E 98 -103.73 58.66 -18.45
C TYR E 98 -102.38 58.41 -19.10
N LEU E 99 -101.81 59.46 -19.68
CA LEU E 99 -100.48 59.39 -20.26
C LEU E 99 -99.45 59.71 -19.18
N GLU E 100 -98.50 58.82 -19.02
CA GLU E 100 -97.31 59.05 -18.20
C GLU E 100 -96.13 59.15 -19.16
N VAL E 101 -95.51 60.33 -19.24
CA VAL E 101 -94.42 60.56 -20.16
C VAL E 101 -93.21 61.08 -19.40
N LYS E 102 -92.05 60.48 -19.66
CA LYS E 102 -90.76 60.93 -19.14
C LYS E 102 -89.92 61.33 -20.33
N TYR E 103 -89.17 62.41 -20.16
CA TYR E 103 -88.40 62.94 -21.28
C TYR E 103 -87.16 63.65 -20.78
N ASN E 104 -86.13 63.62 -21.63
CA ASN E 104 -84.87 64.31 -21.42
C ASN E 104 -84.83 65.55 -22.31
N CYS E 105 -84.08 66.56 -21.89
CA CYS E 105 -83.87 67.77 -22.70
C CYS E 105 -82.41 67.84 -23.13
N VAL E 106 -82.15 67.55 -24.41
CA VAL E 106 -80.80 67.44 -24.94
C VAL E 106 -80.52 68.58 -25.91
N VAL E 107 -79.24 68.91 -26.05
CA VAL E 107 -78.80 69.94 -27.00
C VAL E 107 -78.87 69.39 -28.41
N PRO E 108 -79.55 70.05 -29.36
CA PRO E 108 -79.73 69.52 -30.73
C PRO E 108 -78.42 69.31 -31.48
N ALA F 1 -26.09 105.36 -44.47
CA ALA F 1 -25.29 105.64 -43.28
C ALA F 1 -24.16 106.61 -43.62
N ASP F 2 -23.28 106.84 -42.66
CA ASP F 2 -22.21 107.81 -42.87
C ASP F 2 -21.05 107.15 -43.59
N PRO F 3 -20.43 107.86 -44.54
CA PRO F 3 -19.22 107.32 -45.16
C PRO F 3 -18.14 107.19 -44.09
N THR F 4 -17.48 106.04 -44.07
CA THR F 4 -16.45 105.78 -43.08
C THR F 4 -15.13 105.48 -43.76
N THR F 5 -14.07 106.13 -43.30
CA THR F 5 -12.72 105.90 -43.81
C THR F 5 -11.92 105.19 -42.73
N ASP F 6 -11.23 104.12 -43.13
CA ASP F 6 -10.40 103.37 -42.20
C ASP F 6 -8.99 103.93 -42.28
N GLU F 7 -8.02 103.26 -41.66
CA GLU F 7 -6.67 103.80 -41.64
C GLU F 7 -5.95 103.67 -42.97
N SER F 8 -6.38 102.74 -43.83
CA SER F 8 -5.77 102.59 -45.15
C SER F 8 -6.45 103.44 -46.22
N GLY F 9 -7.33 104.35 -45.82
CA GLY F 9 -7.93 105.31 -46.74
C GLY F 9 -9.05 104.82 -47.62
N THR F 10 -9.67 103.69 -47.31
CA THR F 10 -10.77 103.16 -48.11
C THR F 10 -12.08 103.71 -47.58
N ILE F 11 -12.84 104.39 -48.44
CA ILE F 11 -14.12 104.97 -48.04
C ILE F 11 -15.22 103.96 -48.34
N SER F 12 -15.92 103.52 -47.31
CA SER F 12 -17.03 102.58 -47.44
C SER F 12 -18.35 103.31 -47.27
N HIS F 13 -19.40 102.74 -47.85
CA HIS F 13 -20.73 103.33 -47.75
C HIS F 13 -21.78 102.23 -47.75
N THR F 14 -22.79 102.38 -46.90
CA THR F 14 -23.90 101.42 -46.78
C THR F 14 -25.19 102.15 -47.07
N ILE F 15 -25.78 101.88 -48.23
CA ILE F 15 -26.90 102.63 -48.79
C ILE F 15 -28.07 101.69 -49.00
N CYS F 16 -29.26 102.09 -48.52
CA CYS F 16 -30.43 101.22 -48.54
C CYS F 16 -31.08 101.19 -49.93
N ASP F 17 -32.05 100.28 -50.07
CA ASP F 17 -32.76 100.08 -51.33
C ASP F 17 -33.73 101.22 -51.61
N GLY F 18 -33.63 101.81 -52.80
CA GLY F 18 -34.49 102.90 -53.19
C GLY F 18 -33.98 104.28 -52.87
N GLU F 19 -32.81 104.40 -52.25
CA GLU F 19 -32.24 105.67 -51.86
C GLU F 19 -31.23 106.15 -52.92
N ALA F 20 -30.82 107.40 -52.80
CA ALA F 20 -29.85 107.97 -53.71
C ALA F 20 -28.43 107.74 -53.19
N ALA F 21 -27.55 107.32 -54.09
CA ALA F 21 -26.17 106.98 -53.76
C ALA F 21 -25.24 108.03 -54.36
N GLU F 22 -24.41 108.65 -53.52
CA GLU F 22 -23.45 109.65 -53.95
C GLU F 22 -22.06 109.25 -53.45
N LEU F 23 -21.19 108.86 -54.38
CA LEU F 23 -19.78 108.62 -54.08
C LEU F 23 -18.97 109.80 -54.60
N SER F 24 -18.04 110.30 -53.79
CA SER F 24 -17.29 111.50 -54.13
C SER F 24 -15.86 111.41 -53.61
N CYS F 25 -14.91 111.90 -54.42
CA CYS F 25 -13.52 111.97 -54.02
C CYS F 25 -13.06 113.43 -54.04
N PRO F 26 -12.12 113.80 -53.17
CA PRO F 26 -11.63 115.18 -53.15
C PRO F 26 -10.99 115.59 -54.47
N ALA F 27 -10.63 116.88 -54.54
CA ALA F 27 -10.11 117.44 -55.78
C ALA F 27 -8.82 116.75 -56.19
N GLY F 28 -8.75 116.35 -57.46
CA GLY F 28 -7.59 115.67 -58.00
C GLY F 28 -7.63 114.17 -57.91
N LYS F 29 -8.70 113.59 -57.38
CA LYS F 29 -8.79 112.15 -57.22
C LYS F 29 -10.06 111.62 -57.88
N VAL F 30 -10.03 110.34 -58.25
CA VAL F 30 -11.14 109.67 -58.93
C VAL F 30 -11.51 108.41 -58.15
N ILE F 31 -12.78 108.01 -58.29
CA ILE F 31 -13.29 106.84 -57.56
C ILE F 31 -12.62 105.58 -58.09
N SER F 32 -12.31 104.66 -57.17
CA SER F 32 -11.74 103.35 -57.51
C SER F 32 -12.48 102.30 -56.70
N ILE F 33 -13.50 101.66 -57.29
CA ILE F 33 -14.40 100.76 -56.58
C ILE F 33 -13.65 99.49 -56.20
N VAL F 34 -13.52 99.23 -54.91
CA VAL F 34 -12.82 98.05 -54.43
C VAL F 34 -13.75 96.84 -54.34
N LEU F 35 -14.95 97.03 -53.82
CA LEU F 35 -15.90 95.94 -53.60
C LEU F 35 -17.30 96.45 -53.93
N GLY F 36 -18.22 95.52 -54.12
CA GLY F 36 -19.59 95.88 -54.43
C GLY F 36 -20.57 94.72 -54.29
N ASN F 37 -21.63 94.92 -53.51
CA ASN F 37 -22.67 93.91 -53.34
C ASN F 37 -23.98 94.61 -53.00
N TYR F 38 -25.02 94.33 -53.80
CA TYR F 38 -26.37 94.83 -53.57
C TYR F 38 -27.25 93.65 -53.11
N GLY F 39 -27.61 93.65 -51.83
CA GLY F 39 -28.41 92.59 -51.25
C GLY F 39 -28.59 92.73 -49.75
N ARG F 40 -28.40 91.63 -49.00
CA ARG F 40 -28.53 91.70 -47.55
C ARG F 40 -27.55 90.73 -46.91
N PHE F 41 -26.60 91.28 -46.15
CA PHE F 41 -25.66 90.51 -45.35
C PHE F 41 -25.82 90.76 -43.86
N SER F 42 -26.86 91.49 -43.43
CA SER F 42 -26.99 91.86 -42.03
C SER F 42 -28.46 92.00 -41.66
N VAL F 43 -28.80 91.67 -40.40
CA VAL F 43 -30.17 91.86 -39.91
C VAL F 43 -30.45 93.29 -39.45
N ALA F 44 -29.44 94.00 -38.94
CA ALA F 44 -29.66 95.26 -38.23
C ALA F 44 -29.64 96.47 -39.14
N VAL F 45 -29.03 96.36 -40.33
CA VAL F 45 -28.84 97.49 -41.24
C VAL F 45 -30.02 97.58 -42.20
N CYS F 46 -30.43 98.81 -42.51
CA CYS F 46 -31.58 99.08 -43.37
C CYS F 46 -32.79 98.30 -42.88
N LEU F 47 -33.22 98.71 -41.68
CA LEU F 47 -34.29 98.06 -40.96
C LEU F 47 -35.64 98.35 -41.61
N PRO F 48 -36.50 97.34 -41.78
CA PRO F 48 -37.90 97.62 -42.07
C PRO F 48 -38.57 98.27 -40.86
N ASP F 49 -39.41 99.30 -41.13
CA ASP F 49 -40.06 100.05 -40.06
C ASP F 49 -41.17 99.26 -39.34
N ASN F 50 -41.47 98.03 -39.74
CA ASN F 50 -42.50 97.20 -39.11
C ASN F 50 -41.94 96.19 -38.12
N ASP F 51 -40.64 96.25 -37.82
CA ASP F 51 -39.98 95.33 -36.89
C ASP F 51 -40.11 93.86 -37.34
N ILE F 52 -39.77 93.61 -38.60
CA ILE F 52 -39.65 92.25 -39.15
C ILE F 52 -38.18 92.04 -39.52
N VAL F 53 -37.44 91.35 -38.66
CA VAL F 53 -36.00 91.16 -38.90
C VAL F 53 -35.83 90.26 -40.12
N PRO F 54 -34.99 90.64 -41.08
CA PRO F 54 -34.83 89.82 -42.30
C PRO F 54 -34.19 88.48 -42.00
N SER F 55 -34.85 87.40 -42.45
CA SER F 55 -34.33 86.05 -42.29
C SER F 55 -33.32 85.66 -43.36
N ASN F 56 -33.04 86.55 -44.31
CA ASN F 56 -32.11 86.26 -45.41
C ASN F 56 -30.93 87.21 -45.29
N ILE F 57 -29.84 86.72 -44.68
CA ILE F 57 -28.60 87.44 -44.52
C ILE F 57 -27.47 86.74 -45.27
N ASN F 58 -27.81 85.85 -46.19
CA ASN F 58 -26.85 85.25 -47.10
C ASN F 58 -27.25 85.59 -48.53
N CYS F 59 -27.53 86.87 -48.78
CA CYS F 59 -28.04 87.34 -50.07
C CYS F 59 -26.95 88.09 -50.79
N GLN F 60 -26.66 87.69 -52.03
CA GLN F 60 -25.51 88.20 -52.76
C GLN F 60 -25.86 88.40 -54.23
N ASN F 61 -25.44 89.55 -54.75
CA ASN F 61 -25.52 89.86 -56.18
C ASN F 61 -24.06 90.06 -56.61
N HIS F 62 -23.51 89.02 -57.24
CA HIS F 62 -22.09 89.03 -57.58
C HIS F 62 -21.78 90.00 -58.71
N LYS F 63 -22.79 90.34 -59.51
CA LYS F 63 -22.66 91.30 -60.60
C LYS F 63 -22.63 92.75 -60.11
N THR F 64 -22.73 93.00 -58.80
CA THR F 64 -22.79 94.37 -58.29
C THR F 64 -21.46 95.10 -58.47
N LYS F 65 -20.34 94.45 -58.10
CA LYS F 65 -19.04 95.11 -58.21
C LYS F 65 -18.73 95.53 -59.65
N SER F 66 -19.07 94.69 -60.63
CA SER F 66 -18.79 95.03 -62.03
C SER F 66 -19.71 96.13 -62.54
N ILE F 67 -20.93 96.24 -61.99
CA ILE F 67 -21.84 97.31 -62.39
C ILE F 67 -21.42 98.65 -61.81
N LEU F 68 -20.80 98.66 -60.62
CA LEU F 68 -20.27 99.88 -60.04
C LEU F 68 -18.94 100.33 -60.67
N GLU F 69 -18.11 99.38 -61.13
CA GLU F 69 -16.84 99.74 -61.76
C GLU F 69 -17.02 100.35 -63.14
N LYS F 70 -18.00 99.86 -63.92
CA LYS F 70 -18.33 100.47 -65.20
C LYS F 70 -19.10 101.78 -65.07
N LYS F 71 -19.58 102.12 -63.87
CA LYS F 71 -20.35 103.33 -63.61
C LYS F 71 -19.59 104.40 -62.83
N CYS F 72 -18.73 103.99 -61.88
CA CYS F 72 -18.10 104.93 -60.96
C CYS F 72 -16.59 105.11 -61.16
N ASN F 73 -15.92 104.20 -61.86
CA ASN F 73 -14.46 104.27 -61.98
C ASN F 73 -14.02 105.39 -62.91
N GLY F 74 -12.86 105.98 -62.60
CA GLY F 74 -12.33 107.11 -63.33
C GLY F 74 -12.98 108.44 -63.07
N ASP F 75 -14.09 108.47 -62.32
CA ASP F 75 -14.83 109.69 -62.03
C ASP F 75 -14.55 110.19 -60.61
N SER F 76 -14.61 111.51 -60.45
CA SER F 76 -14.50 112.09 -59.13
C SER F 76 -15.82 111.99 -58.35
N MET F 77 -16.92 111.73 -59.05
CA MET F 77 -18.24 111.63 -58.43
C MET F 77 -19.08 110.62 -59.20
N CYS F 78 -19.89 109.84 -58.48
CA CYS F 78 -20.76 108.82 -59.07
C CYS F 78 -22.16 109.00 -58.51
N TYR F 79 -23.16 109.03 -59.38
CA TYR F 79 -24.56 109.12 -58.96
C TYR F 79 -25.40 108.03 -59.60
N PHE F 80 -26.35 107.50 -58.83
CA PHE F 80 -27.35 106.55 -59.31
C PHE F 80 -28.35 106.31 -58.19
N THR F 81 -29.48 105.69 -58.55
CA THR F 81 -30.47 105.24 -57.59
C THR F 81 -30.26 103.76 -57.31
N VAL F 82 -30.25 103.38 -56.03
CA VAL F 82 -30.02 102.00 -55.62
C VAL F 82 -31.36 101.25 -55.72
N ASP F 83 -31.53 100.47 -56.78
CA ASP F 83 -32.71 99.63 -56.95
C ASP F 83 -32.33 98.42 -57.81
N LYS F 84 -33.30 97.54 -58.06
CA LYS F 84 -33.02 96.38 -58.90
C LYS F 84 -32.86 96.75 -60.36
N LYS F 85 -33.15 97.99 -60.73
CA LYS F 85 -32.98 98.46 -62.10
C LYS F 85 -31.52 98.74 -62.41
N THR F 86 -30.76 99.23 -61.44
CA THR F 86 -29.35 99.55 -61.64
C THR F 86 -28.49 98.30 -61.63
N PHE F 87 -28.85 97.29 -60.83
CA PHE F 87 -28.04 96.09 -60.68
C PHE F 87 -28.69 94.88 -61.37
N THR F 88 -29.64 95.15 -62.28
CA THR F 88 -30.14 94.20 -63.28
C THR F 88 -30.90 92.99 -62.74
N GLU F 89 -30.80 92.68 -61.45
CA GLU F 89 -31.45 91.48 -60.96
C GLU F 89 -31.80 91.63 -59.48
N ASP F 90 -32.81 90.87 -59.07
CA ASP F 90 -33.23 90.77 -57.68
C ASP F 90 -32.63 89.50 -57.07
N PRO F 91 -31.53 89.60 -56.30
CA PRO F 91 -30.85 88.38 -55.84
C PRO F 91 -31.58 87.61 -54.75
N CYS F 92 -32.58 88.19 -54.09
CA CYS F 92 -33.38 87.47 -53.09
C CYS F 92 -34.73 88.15 -52.92
N PRO F 93 -35.76 87.70 -53.65
CA PRO F 93 -37.06 88.38 -53.56
C PRO F 93 -37.63 88.35 -52.14
N ASN F 94 -38.42 89.39 -51.83
CA ASN F 94 -39.11 89.59 -50.55
C ASN F 94 -38.16 89.83 -49.38
N THR F 95 -36.92 90.26 -49.64
CA THR F 95 -36.01 90.67 -48.59
C THR F 95 -35.55 92.10 -48.82
N PRO F 96 -35.60 92.97 -47.81
CA PRO F 96 -35.03 94.32 -47.97
C PRO F 96 -33.54 94.25 -48.28
N LYS F 97 -33.12 95.01 -49.29
CA LYS F 97 -31.75 94.98 -49.78
C LYS F 97 -31.06 96.31 -49.51
N TYR F 98 -29.74 96.31 -49.62
CA TYR F 98 -28.93 97.51 -49.47
C TYR F 98 -27.58 97.32 -50.15
N LEU F 99 -27.05 98.41 -50.70
CA LEU F 99 -25.74 98.40 -51.35
C LEU F 99 -24.64 98.70 -50.35
N GLU F 100 -23.64 97.82 -50.32
CA GLU F 100 -22.38 98.08 -49.63
C GLU F 100 -21.28 98.21 -50.69
N VAL F 101 -20.70 99.40 -50.80
CA VAL F 101 -19.67 99.68 -51.78
C VAL F 101 -18.45 100.25 -51.06
N LYS F 102 -17.27 99.73 -51.41
CA LYS F 102 -16.00 100.27 -50.93
C LYS F 102 -15.22 100.74 -52.14
N TYR F 103 -14.57 101.91 -52.01
CA TYR F 103 -13.90 102.50 -53.17
C TYR F 103 -12.69 103.30 -52.71
N ASN F 104 -11.71 103.43 -53.61
CA ASN F 104 -10.49 104.20 -53.39
C ASN F 104 -10.54 105.52 -54.15
N CYS F 105 -9.79 106.52 -53.64
CA CYS F 105 -9.61 107.81 -54.30
C CYS F 105 -8.17 107.89 -54.77
N VAL F 106 -7.93 107.50 -56.02
CA VAL F 106 -6.60 107.40 -56.59
C VAL F 106 -6.35 108.55 -57.55
N VAL F 107 -5.07 108.87 -57.74
CA VAL F 107 -4.67 109.92 -58.69
C VAL F 107 -4.61 109.31 -60.09
N PRO F 108 -5.30 109.89 -61.09
CA PRO F 108 -5.39 109.33 -62.44
C PRO F 108 -4.03 109.05 -63.09
N ALA G 1 -2.66 -93.95 -35.11
CA ALA G 1 -2.34 -94.60 -33.84
C ALA G 1 -3.46 -95.55 -33.42
N ASP G 2 -3.36 -96.09 -32.20
CA ASP G 2 -4.19 -97.10 -31.56
C ASP G 2 -5.40 -96.48 -30.87
N PRO G 3 -6.59 -97.05 -31.03
CA PRO G 3 -7.76 -96.57 -30.28
C PRO G 3 -7.64 -96.92 -28.80
N THR G 4 -7.91 -95.92 -27.96
CA THR G 4 -7.90 -96.08 -26.50
C THR G 4 -9.24 -95.64 -25.95
N THR G 5 -9.77 -96.41 -24.99
CA THR G 5 -11.05 -96.10 -24.36
C THR G 5 -10.77 -95.49 -22.99
N ASP G 6 -11.46 -94.39 -22.66
CA ASP G 6 -11.25 -93.66 -21.42
C ASP G 6 -12.20 -94.12 -20.32
N GLU G 7 -12.25 -93.35 -19.23
CA GLU G 7 -12.97 -93.76 -18.03
C GLU G 7 -14.48 -93.68 -18.19
N SER G 8 -14.98 -92.79 -19.05
CA SER G 8 -16.40 -92.68 -19.35
C SER G 8 -16.82 -93.50 -20.58
N GLY G 9 -15.96 -94.40 -21.04
CA GLY G 9 -16.28 -95.30 -22.14
C GLY G 9 -16.18 -94.69 -23.51
N THR G 10 -15.52 -93.53 -23.63
CA THR G 10 -15.34 -92.89 -24.92
C THR G 10 -14.05 -93.41 -25.53
N ILE G 11 -14.15 -93.99 -26.71
CA ILE G 11 -13.01 -94.56 -27.40
C ILE G 11 -12.40 -93.49 -28.30
N SER G 12 -11.11 -93.23 -28.12
CA SER G 12 -10.39 -92.22 -28.88
C SER G 12 -9.56 -92.86 -29.99
N HIS G 13 -9.20 -92.06 -30.99
CA HIS G 13 -8.32 -92.48 -32.07
C HIS G 13 -7.47 -91.30 -32.52
N THR G 14 -6.20 -91.57 -32.77
CA THR G 14 -5.24 -90.57 -33.22
C THR G 14 -4.68 -91.07 -34.55
N ILE G 15 -5.12 -90.44 -35.65
CA ILE G 15 -4.87 -90.95 -36.99
C ILE G 15 -4.10 -89.91 -37.77
N CYS G 16 -2.97 -90.32 -38.34
CA CYS G 16 -2.07 -89.41 -39.02
C CYS G 16 -2.62 -89.10 -40.41
N ASP G 17 -1.98 -88.14 -41.08
CA ASP G 17 -2.41 -87.79 -42.43
C ASP G 17 -1.99 -88.89 -43.40
N GLY G 18 -2.95 -89.37 -44.19
CA GLY G 18 -2.70 -90.42 -45.18
C GLY G 18 -2.98 -91.84 -44.74
N GLU G 19 -3.42 -92.07 -43.51
CA GLU G 19 -3.77 -93.40 -43.04
C GLU G 19 -5.28 -93.65 -43.08
N ALA G 20 -5.65 -94.91 -42.88
CA ALA G 20 -7.03 -95.34 -42.78
C ALA G 20 -7.51 -95.29 -41.33
N ALA G 21 -8.73 -94.80 -41.13
CA ALA G 21 -9.31 -94.61 -39.81
C ALA G 21 -10.43 -95.62 -39.59
N GLU G 22 -10.33 -96.38 -38.50
CA GLU G 22 -11.28 -97.43 -38.17
C GLU G 22 -11.91 -97.14 -36.81
N LEU G 23 -13.18 -96.75 -36.83
CA LEU G 23 -13.97 -96.62 -35.60
C LEU G 23 -14.88 -97.84 -35.51
N SER G 24 -14.92 -98.46 -34.32
CA SER G 24 -15.64 -99.72 -34.17
C SER G 24 -16.25 -99.83 -32.78
N CYS G 25 -17.47 -100.36 -32.72
CA CYS G 25 -18.16 -100.61 -31.47
C CYS G 25 -18.47 -102.10 -31.33
N PRO G 26 -18.49 -102.61 -30.10
CA PRO G 26 -18.84 -104.03 -29.89
C PRO G 26 -20.24 -104.33 -30.39
N ALA G 27 -20.60 -105.62 -30.35
CA ALA G 27 -21.85 -106.08 -30.94
C ALA G 27 -23.07 -105.44 -30.28
N GLY G 28 -23.98 -104.92 -31.12
CA GLY G 28 -25.21 -104.31 -30.67
C GLY G 28 -25.16 -102.82 -30.45
N LYS G 29 -24.01 -102.17 -30.66
CA LYS G 29 -23.88 -100.74 -30.42
C LYS G 29 -23.41 -100.05 -31.69
N VAL G 30 -23.73 -98.76 -31.77
CA VAL G 30 -23.41 -97.94 -32.93
C VAL G 30 -22.57 -96.75 -32.49
N ILE G 31 -21.76 -96.23 -33.42
CA ILE G 31 -20.83 -95.16 -33.11
C ILE G 31 -21.59 -93.89 -32.73
N SER G 32 -21.06 -93.18 -31.73
CA SER G 32 -21.64 -91.93 -31.24
C SER G 32 -20.50 -90.91 -31.12
N ILE G 33 -20.35 -90.06 -32.13
CA ILE G 33 -19.21 -89.16 -32.27
C ILE G 33 -19.26 -88.04 -31.22
N VAL G 34 -18.26 -88.02 -30.33
CA VAL G 34 -18.14 -87.02 -29.26
C VAL G 34 -17.35 -85.79 -29.71
N LEU G 35 -16.23 -85.99 -30.40
CA LEU G 35 -15.30 -84.92 -30.75
C LEU G 35 -14.75 -85.16 -32.14
N GLY G 36 -14.21 -84.10 -32.75
CA GLY G 36 -13.59 -84.23 -34.06
C GLY G 36 -12.74 -83.04 -34.45
N ASN G 37 -11.48 -83.29 -34.80
CA ASN G 37 -10.59 -82.22 -35.26
C ASN G 37 -9.50 -82.81 -36.15
N TYR G 38 -9.40 -82.30 -37.37
CA TYR G 38 -8.34 -82.64 -38.32
C TYR G 38 -7.41 -81.44 -38.49
N GLY G 39 -6.22 -81.52 -37.88
CA GLY G 39 -5.25 -80.44 -37.92
C GLY G 39 -4.08 -80.77 -37.02
N ARG G 40 -3.63 -79.83 -36.20
CA ARG G 40 -2.53 -80.08 -35.28
C ARG G 40 -2.69 -79.24 -34.02
N PHE G 41 -2.88 -79.90 -32.88
CA PHE G 41 -2.89 -79.24 -31.57
C PHE G 41 -1.71 -79.64 -30.70
N SER G 42 -0.77 -80.39 -31.25
CA SER G 42 0.39 -80.88 -30.51
C SER G 42 1.54 -81.07 -31.50
N VAL G 43 2.76 -80.85 -31.03
CA VAL G 43 3.92 -81.14 -31.87
C VAL G 43 4.30 -82.61 -31.88
N ALA G 44 3.93 -83.37 -30.84
CA ALA G 44 4.58 -84.66 -30.59
C ALA G 44 3.97 -85.86 -31.32
N VAL G 45 2.68 -85.86 -31.65
CA VAL G 45 2.06 -87.05 -32.25
C VAL G 45 2.07 -86.88 -33.76
N CYS G 46 2.25 -88.00 -34.46
CA CYS G 46 2.38 -88.05 -35.91
C CYS G 46 3.48 -87.11 -36.39
N LEU G 47 4.69 -87.44 -35.95
CA LEU G 47 5.86 -86.66 -36.30
C LEU G 47 6.27 -86.96 -37.74
N PRO G 48 6.62 -85.94 -38.52
CA PRO G 48 7.35 -86.21 -39.77
C PRO G 48 8.76 -86.70 -39.46
N ASP G 49 9.20 -87.71 -40.21
CA ASP G 49 10.52 -88.30 -40.01
C ASP G 49 11.66 -87.35 -40.39
N ASN G 50 11.35 -86.12 -40.80
CA ASN G 50 12.36 -85.13 -41.17
C ASN G 50 12.73 -84.18 -40.03
N ASP G 51 12.17 -84.37 -38.83
CA ASP G 51 12.48 -83.55 -37.64
C ASP G 51 12.31 -82.05 -37.92
N ILE G 52 11.16 -81.69 -38.47
CA ILE G 52 10.76 -80.30 -38.63
C ILE G 52 9.58 -80.10 -37.70
N VAL G 53 9.86 -79.58 -36.50
CA VAL G 53 8.87 -79.47 -35.44
C VAL G 53 7.76 -78.51 -35.88
N PRO G 54 6.51 -78.84 -35.64
CA PRO G 54 5.42 -77.99 -36.13
C PRO G 54 5.45 -76.61 -35.50
N SER G 55 5.55 -75.59 -36.36
CA SER G 55 5.45 -74.20 -35.95
C SER G 55 4.01 -73.71 -35.93
N ASN G 56 3.08 -74.56 -36.35
CA ASN G 56 1.64 -74.25 -36.40
C ASN G 56 0.94 -75.29 -35.53
N ILE G 57 0.67 -74.95 -34.26
CA ILE G 57 -0.02 -75.86 -33.35
C ILE G 57 -1.35 -75.27 -32.84
N ASN G 58 -1.88 -74.26 -33.54
CA ASN G 58 -3.21 -73.74 -33.25
C ASN G 58 -4.10 -73.86 -34.49
N CYS G 59 -4.14 -75.05 -35.08
CA CYS G 59 -4.81 -75.31 -36.34
C CYS G 59 -6.09 -76.08 -36.10
N GLN G 60 -7.22 -75.57 -36.62
CA GLN G 60 -8.53 -76.07 -36.23
C GLN G 60 -9.46 -76.19 -37.45
N ASN G 61 -10.08 -77.37 -37.58
CA ASN G 61 -11.06 -77.67 -38.63
C ASN G 61 -12.36 -78.14 -37.95
N HIS G 62 -13.36 -77.26 -37.86
CA HIS G 62 -14.61 -77.63 -37.19
C HIS G 62 -15.51 -78.53 -38.02
N LYS G 63 -15.38 -78.52 -39.35
CA LYS G 63 -16.21 -79.36 -40.21
C LYS G 63 -15.82 -80.82 -40.13
N THR G 64 -14.81 -81.15 -39.32
CA THR G 64 -14.33 -82.52 -39.20
C THR G 64 -15.36 -83.40 -38.50
N LYS G 65 -15.86 -82.94 -37.36
CA LYS G 65 -16.84 -83.69 -36.57
C LYS G 65 -18.13 -83.95 -37.36
N SER G 66 -18.61 -82.94 -38.08
CA SER G 66 -19.88 -83.07 -38.81
C SER G 66 -19.76 -83.95 -40.05
N ILE G 67 -18.60 -83.98 -40.70
CA ILE G 67 -18.44 -84.84 -41.88
C ILE G 67 -18.31 -86.29 -41.46
N LEU G 68 -17.72 -86.56 -40.29
CA LEU G 68 -17.74 -87.92 -39.76
C LEU G 68 -19.10 -88.26 -39.13
N GLU G 69 -19.78 -87.28 -38.54
CA GLU G 69 -21.12 -87.53 -38.02
C GLU G 69 -22.11 -87.80 -39.16
N LYS G 70 -21.91 -87.16 -40.31
CA LYS G 70 -22.66 -87.51 -41.50
C LYS G 70 -22.21 -88.85 -42.08
N LYS G 71 -21.06 -89.35 -41.62
CA LYS G 71 -20.43 -90.57 -42.10
C LYS G 71 -20.49 -91.74 -41.12
N CYS G 72 -20.40 -91.48 -39.80
CA CYS G 72 -20.23 -92.55 -38.83
C CYS G 72 -21.45 -92.78 -37.94
N ASN G 73 -22.38 -91.82 -37.85
CA ASN G 73 -23.48 -91.92 -36.90
C ASN G 73 -24.49 -92.99 -37.31
N GLY G 74 -25.09 -93.62 -36.29
CA GLY G 74 -26.03 -94.70 -36.49
C GLY G 74 -25.39 -96.02 -36.88
N ASP G 75 -24.10 -96.03 -37.16
CA ASP G 75 -23.37 -97.19 -37.65
C ASP G 75 -22.56 -97.82 -36.52
N SER G 76 -22.40 -99.13 -36.58
CA SER G 76 -21.54 -99.81 -35.62
C SER G 76 -20.05 -99.71 -35.96
N MET G 77 -19.71 -99.33 -37.20
CA MET G 77 -18.31 -99.26 -37.62
C MET G 77 -18.15 -98.18 -38.69
N CYS G 78 -17.03 -97.45 -38.63
CA CYS G 78 -16.75 -96.34 -39.55
C CYS G 78 -15.37 -96.48 -40.17
N TYR G 79 -15.31 -96.30 -41.49
CA TYR G 79 -14.06 -96.35 -42.24
C TYR G 79 -13.90 -95.09 -43.08
N PHE G 80 -12.65 -94.62 -43.20
CA PHE G 80 -12.29 -93.53 -44.09
C PHE G 80 -10.77 -93.38 -44.06
N THR G 81 -10.25 -92.65 -45.05
CA THR G 81 -8.85 -92.23 -45.06
C THR G 81 -8.77 -90.80 -44.57
N VAL G 82 -7.84 -90.55 -43.65
CA VAL G 82 -7.68 -89.22 -43.05
C VAL G 82 -6.84 -88.38 -43.99
N ASP G 83 -7.47 -87.51 -44.77
CA ASP G 83 -6.77 -86.58 -45.64
C ASP G 83 -7.64 -85.35 -45.87
N LYS G 84 -7.12 -84.41 -46.67
CA LYS G 84 -7.84 -83.18 -46.99
C LYS G 84 -9.00 -83.39 -47.96
N LYS G 85 -9.12 -84.59 -48.55
CA LYS G 85 -10.23 -84.91 -49.44
C LYS G 85 -11.51 -85.29 -48.69
N THR G 86 -11.38 -85.96 -47.53
CA THR G 86 -12.54 -86.40 -46.77
C THR G 86 -13.18 -85.28 -45.96
N PHE G 87 -12.39 -84.32 -45.50
CA PHE G 87 -12.85 -83.27 -44.61
C PHE G 87 -12.93 -81.90 -45.27
N THR G 88 -12.96 -81.85 -46.60
CA THR G 88 -13.33 -80.69 -47.41
C THR G 88 -12.37 -79.49 -47.33
N GLU G 89 -11.45 -79.45 -46.38
CA GLU G 89 -10.55 -78.29 -46.32
C GLU G 89 -9.22 -78.67 -45.67
N ASP G 90 -8.18 -77.91 -46.04
CA ASP G 90 -6.86 -77.95 -45.44
C ASP G 90 -6.77 -76.78 -44.46
N PRO G 91 -6.90 -76.99 -43.14
CA PRO G 91 -7.05 -75.85 -42.22
C PRO G 91 -5.78 -75.03 -42.00
N CYS G 92 -4.61 -75.54 -42.35
CA CYS G 92 -3.35 -74.81 -42.24
C CYS G 92 -2.37 -75.43 -43.22
N PRO G 93 -2.28 -74.91 -44.44
CA PRO G 93 -1.45 -75.56 -45.47
C PRO G 93 0.00 -75.68 -45.05
N ASN G 94 0.64 -76.74 -45.53
CA ASN G 94 2.06 -77.01 -45.29
C ASN G 94 2.38 -77.20 -43.81
N THR G 95 1.38 -77.59 -43.02
CA THR G 95 1.56 -77.99 -41.64
C THR G 95 1.11 -79.44 -41.48
N PRO G 96 1.90 -80.30 -40.84
CA PRO G 96 1.45 -81.68 -40.63
C PRO G 96 0.16 -81.71 -39.84
N LYS G 97 -0.80 -82.49 -40.34
CA LYS G 97 -2.12 -82.61 -39.75
C LYS G 97 -2.39 -84.06 -39.32
N TYR G 98 -3.37 -84.22 -38.44
CA TYR G 98 -3.82 -85.54 -38.04
C TYR G 98 -5.21 -85.39 -37.43
N LEU G 99 -6.05 -86.40 -37.63
CA LEU G 99 -7.37 -86.39 -37.03
C LEU G 99 -7.33 -87.04 -35.64
N GLU G 100 -7.84 -86.32 -34.65
CA GLU G 100 -8.11 -86.86 -33.32
C GLU G 100 -9.62 -86.92 -33.14
N VAL G 101 -10.15 -88.13 -33.01
CA VAL G 101 -11.59 -88.37 -32.89
C VAL G 101 -11.84 -89.23 -31.65
N LYS G 102 -12.84 -88.84 -30.85
CA LYS G 102 -13.31 -89.61 -29.70
C LYS G 102 -14.80 -89.93 -29.90
N TYR G 103 -15.22 -91.15 -29.53
CA TYR G 103 -16.60 -91.58 -29.80
C TYR G 103 -17.11 -92.54 -28.72
N ASN G 104 -18.44 -92.53 -28.53
CA ASN G 104 -19.17 -93.39 -27.61
C ASN G 104 -19.88 -94.53 -28.33
N CYS G 105 -20.06 -95.64 -27.61
CA CYS G 105 -20.83 -96.80 -28.08
C CYS G 105 -22.08 -96.90 -27.21
N VAL G 106 -23.22 -96.43 -27.72
CA VAL G 106 -24.48 -96.53 -27.01
C VAL G 106 -25.32 -97.63 -27.63
N VAL G 107 -26.28 -98.13 -26.84
CA VAL G 107 -27.23 -99.13 -27.31
C VAL G 107 -28.51 -98.45 -27.78
N ALA H 1 73.83 -54.78 -59.26
CA ALA H 1 73.31 -54.65 -57.89
C ALA H 1 72.16 -55.63 -57.65
N ASP H 2 71.49 -55.46 -56.52
CA ASP H 2 70.42 -56.37 -56.11
C ASP H 2 69.10 -55.92 -56.75
N PRO H 3 68.31 -56.86 -57.28
CA PRO H 3 67.01 -56.50 -57.85
C PRO H 3 66.02 -56.03 -56.78
N THR H 4 65.31 -54.94 -57.08
CA THR H 4 64.30 -54.35 -56.21
C THR H 4 62.96 -54.22 -56.93
N THR H 5 61.87 -54.57 -56.23
CA THR H 5 60.52 -54.47 -56.77
C THR H 5 59.79 -53.28 -56.14
N ASP H 6 59.11 -52.48 -56.97
CA ASP H 6 58.41 -51.29 -56.50
C ASP H 6 56.94 -51.63 -56.21
N GLU H 7 56.12 -50.58 -56.01
CA GLU H 7 54.74 -50.79 -55.55
C GLU H 7 53.80 -51.30 -56.64
N SER H 8 54.09 -51.03 -57.91
CA SER H 8 53.27 -51.52 -59.01
C SER H 8 53.73 -52.87 -59.57
N GLY H 9 54.62 -53.57 -58.88
CA GLY H 9 55.07 -54.88 -59.30
C GLY H 9 56.15 -54.88 -60.37
N THR H 10 56.81 -53.75 -60.59
CA THR H 10 57.91 -53.64 -61.54
C THR H 10 59.23 -53.86 -60.79
N ILE H 11 60.00 -54.86 -61.23
CA ILE H 11 61.27 -55.21 -60.59
C ILE H 11 62.39 -54.44 -61.27
N SER H 12 63.16 -53.66 -60.51
CA SER H 12 64.26 -52.89 -61.05
C SER H 12 65.60 -53.56 -60.75
N HIS H 13 66.58 -53.27 -61.61
CA HIS H 13 67.93 -53.78 -61.48
C HIS H 13 68.90 -52.74 -61.99
N THR H 14 70.00 -52.56 -61.27
CA THR H 14 71.04 -51.61 -61.63
C THR H 14 72.35 -52.39 -61.74
N ILE H 15 72.84 -52.55 -62.96
CA ILE H 15 73.94 -53.45 -63.26
C ILE H 15 75.08 -52.64 -63.86
N CYS H 16 76.27 -52.79 -63.29
CA CYS H 16 77.40 -51.96 -63.70
C CYS H 16 77.98 -52.45 -65.02
N ASP H 17 78.89 -51.66 -65.55
CA ASP H 17 79.55 -52.01 -66.79
C ASP H 17 80.52 -53.16 -66.52
N GLY H 18 80.39 -54.23 -67.29
CA GLY H 18 81.22 -55.41 -67.13
C GLY H 18 80.67 -56.51 -66.27
N GLU H 19 79.47 -56.35 -65.69
CA GLU H 19 78.87 -57.37 -64.86
C GLU H 19 77.86 -58.22 -65.64
N ALA H 20 77.45 -59.31 -65.02
CA ALA H 20 76.41 -60.18 -65.55
C ALA H 20 75.06 -59.69 -65.05
N ALA H 21 74.08 -59.68 -65.96
CA ALA H 21 72.74 -59.17 -65.68
C ALA H 21 71.76 -60.34 -65.63
N GLU H 22 71.03 -60.46 -64.53
CA GLU H 22 70.07 -61.54 -64.34
C GLU H 22 68.70 -60.94 -64.07
N LEU H 23 67.79 -61.08 -65.03
CA LEU H 23 66.38 -60.74 -64.85
C LEU H 23 65.61 -62.04 -64.66
N SER H 24 64.72 -62.08 -63.66
CA SER H 24 64.03 -63.30 -63.31
C SER H 24 62.62 -62.99 -62.80
N CYS H 25 61.66 -63.83 -63.17
CA CYS H 25 60.26 -63.77 -62.77
C CYS H 25 59.82 -65.03 -62.03
N PRO H 26 58.85 -64.94 -61.12
CA PRO H 26 58.37 -66.13 -60.41
C PRO H 26 57.76 -67.14 -61.36
N ALA H 27 57.44 -68.32 -60.80
CA ALA H 27 56.94 -69.43 -61.59
C ALA H 27 55.63 -69.06 -62.26
N GLY H 28 55.53 -69.34 -63.56
CA GLY H 28 54.35 -69.06 -64.33
C GLY H 28 54.30 -67.69 -64.98
N LYS H 29 55.33 -66.87 -64.80
CA LYS H 29 55.36 -65.52 -65.35
C LYS H 29 56.60 -65.32 -66.20
N VAL H 30 56.52 -64.36 -67.12
CA VAL H 30 57.59 -64.03 -68.05
C VAL H 30 57.93 -62.55 -67.95
N ILE H 31 59.16 -62.21 -68.33
CA ILE H 31 59.67 -60.84 -68.22
C ILE H 31 58.92 -59.91 -69.18
N SER H 32 58.63 -58.69 -68.72
CA SER H 32 57.97 -57.65 -69.51
C SER H 32 58.74 -56.35 -69.32
N ILE H 33 59.63 -56.04 -70.27
CA ILE H 33 60.57 -54.93 -70.11
C ILE H 33 59.83 -53.59 -70.15
N VAL H 34 59.86 -52.87 -69.04
CA VAL H 34 59.20 -51.57 -68.90
C VAL H 34 60.13 -50.42 -69.31
N LEU H 35 61.39 -50.47 -68.92
CA LEU H 35 62.32 -49.37 -69.12
C LEU H 35 63.69 -49.92 -69.50
N GLY H 36 64.52 -49.06 -70.09
CA GLY H 36 65.87 -49.45 -70.47
C GLY H 36 66.78 -48.29 -70.82
N ASN H 37 67.93 -48.19 -70.16
CA ASN H 37 68.93 -47.16 -70.45
C ASN H 37 70.30 -47.67 -70.02
N TYR H 38 71.24 -47.78 -70.97
CA TYR H 38 72.63 -48.13 -70.67
C TYR H 38 73.48 -46.88 -70.89
N GLY H 39 73.91 -46.26 -69.80
CA GLY H 39 74.68 -45.04 -69.88
C GLY H 39 74.91 -44.51 -68.50
N ARG H 40 74.70 -43.21 -68.30
CA ARG H 40 74.88 -42.65 -66.96
C ARG H 40 73.88 -41.53 -66.77
N PHE H 41 72.98 -41.71 -65.80
CA PHE H 41 72.06 -40.68 -65.37
C PHE H 41 72.32 -40.25 -63.93
N SER H 42 73.41 -40.75 -63.32
CA SER H 42 73.76 -40.44 -61.95
C SER H 42 75.27 -40.53 -61.76
N VAL H 43 75.82 -39.67 -60.91
CA VAL H 43 77.21 -39.77 -60.51
C VAL H 43 77.38 -40.89 -59.51
N ALA H 44 76.28 -41.28 -58.88
CA ALA H 44 76.27 -42.06 -57.65
C ALA H 44 76.31 -43.56 -57.83
N VAL H 45 75.80 -44.09 -58.92
CA VAL H 45 75.72 -45.54 -59.08
C VAL H 45 76.93 -46.01 -59.86
N CYS H 46 77.47 -47.17 -59.47
CA CYS H 46 78.65 -47.77 -60.09
C CYS H 46 79.82 -46.77 -60.15
N LEU H 47 80.31 -46.44 -58.94
CA LEU H 47 81.41 -45.50 -58.83
C LEU H 47 82.69 -46.09 -59.39
N PRO H 48 83.48 -45.30 -60.11
CA PRO H 48 84.88 -45.67 -60.32
C PRO H 48 85.63 -45.64 -59.01
N ASP H 49 86.50 -46.64 -58.80
CA ASP H 49 87.28 -46.78 -57.58
C ASP H 49 88.39 -45.74 -57.49
N ASN H 50 88.53 -44.88 -58.51
CA ASN H 50 89.53 -43.82 -58.55
C ASN H 50 88.97 -42.49 -58.06
N ASP H 51 87.72 -42.48 -57.59
CA ASP H 51 87.06 -41.30 -57.05
C ASP H 51 87.14 -40.14 -58.05
N ILE H 52 86.74 -40.45 -59.28
CA ILE H 52 86.61 -39.50 -60.38
C ILE H 52 85.12 -39.34 -60.63
N VAL H 53 84.55 -38.26 -60.11
CA VAL H 53 83.10 -38.02 -60.15
C VAL H 53 82.65 -37.86 -61.60
N PRO H 54 81.59 -38.55 -62.03
CA PRO H 54 81.19 -38.47 -63.44
C PRO H 54 80.78 -37.07 -63.83
N SER H 55 81.49 -36.52 -64.81
CA SER H 55 81.17 -35.24 -65.42
C SER H 55 80.18 -35.39 -66.56
N ASN H 56 79.80 -36.62 -66.90
CA ASN H 56 78.85 -36.91 -67.97
C ASN H 56 77.68 -37.65 -67.31
N ILE H 57 76.64 -36.90 -66.95
CA ILE H 57 75.45 -37.44 -66.31
C ILE H 57 74.19 -37.20 -67.14
N ASN H 58 74.35 -36.87 -68.42
CA ASN H 58 73.23 -36.79 -69.35
C ASN H 58 73.44 -37.81 -70.46
N CYS H 59 73.74 -39.05 -70.08
CA CYS H 59 74.16 -40.08 -71.01
C CYS H 59 73.01 -41.05 -71.22
N GLN H 60 72.63 -41.26 -72.48
CA GLN H 60 71.40 -41.96 -72.84
C GLN H 60 71.64 -42.84 -74.07
N ASN H 61 71.25 -44.11 -73.96
CA ASN H 61 71.31 -45.10 -75.06
C ASN H 61 69.91 -45.67 -75.25
N HIS H 62 69.20 -45.21 -76.28
CA HIS H 62 67.82 -45.66 -76.48
C HIS H 62 67.72 -47.10 -77.00
N LYS H 63 68.77 -47.62 -77.64
CA LYS H 63 68.74 -48.99 -78.16
C LYS H 63 68.88 -50.06 -77.07
N THR H 64 69.09 -49.69 -75.81
CA THR H 64 69.27 -50.70 -74.77
C THR H 64 67.97 -51.42 -74.46
N LYS H 65 66.87 -50.67 -74.29
CA LYS H 65 65.59 -51.30 -73.99
C LYS H 65 65.17 -52.25 -75.10
N SER H 66 65.39 -51.88 -76.36
CA SER H 66 64.96 -52.72 -77.49
C SER H 66 65.86 -53.94 -77.68
N ILE H 67 67.15 -53.87 -77.34
CA ILE H 67 68.01 -55.05 -77.46
C ILE H 67 67.72 -56.04 -76.34
N LEU H 68 67.32 -55.55 -75.16
CA LEU H 68 66.87 -56.46 -74.11
C LEU H 68 65.47 -56.98 -74.38
N GLU H 69 64.61 -56.18 -75.03
CA GLU H 69 63.29 -56.68 -75.39
C GLU H 69 63.40 -57.75 -76.48
N LYS H 70 64.36 -57.60 -77.40
CA LYS H 70 64.68 -58.69 -78.33
C LYS H 70 65.43 -59.81 -77.65
N LYS H 71 65.90 -59.59 -76.43
CA LYS H 71 66.66 -60.55 -75.64
C LYS H 71 65.90 -61.13 -74.45
N CYS H 72 65.06 -60.32 -73.78
CA CYS H 72 64.42 -60.73 -72.52
C CYS H 72 62.92 -60.94 -72.62
N ASN H 73 62.25 -60.42 -73.66
CA ASN H 73 60.79 -60.51 -73.71
C ASN H 73 60.33 -61.93 -74.02
N GLY H 74 59.18 -62.29 -73.45
CA GLY H 74 58.61 -63.61 -73.56
C GLY H 74 59.27 -64.68 -72.70
N ASP H 75 60.42 -64.39 -72.09
CA ASP H 75 61.17 -65.33 -71.27
C ASP H 75 60.96 -65.03 -69.80
N SER H 76 61.03 -66.08 -68.97
CA SER H 76 60.93 -65.90 -67.53
C SER H 76 62.24 -65.44 -66.90
N MET H 77 63.38 -65.61 -67.58
CA MET H 77 64.67 -65.24 -67.03
C MET H 77 65.60 -64.79 -68.15
N CYS H 78 66.40 -63.77 -67.87
CA CYS H 78 67.26 -63.13 -68.87
C CYS H 78 68.69 -63.05 -68.37
N TYR H 79 69.65 -63.45 -69.21
CA TYR H 79 71.06 -63.35 -68.90
C TYR H 79 71.78 -62.59 -70.01
N PHE H 80 72.73 -61.73 -69.62
CA PHE H 80 73.60 -61.04 -70.55
C PHE H 80 74.68 -60.31 -69.74
N THR H 81 75.73 -59.88 -70.43
CA THR H 81 76.75 -59.05 -69.84
C THR H 81 76.45 -57.60 -70.15
N VAL H 82 76.50 -56.74 -69.13
CA VAL H 82 76.24 -55.32 -69.30
C VAL H 82 77.55 -54.70 -69.80
N ASP H 83 77.66 -54.52 -71.10
CA ASP H 83 78.82 -53.88 -71.70
C ASP H 83 78.39 -53.26 -73.02
N LYS H 84 79.35 -52.61 -73.69
CA LYS H 84 79.06 -52.00 -74.98
C LYS H 84 78.90 -53.01 -76.11
N LYS H 85 79.24 -54.28 -75.88
CA LYS H 85 79.06 -55.31 -76.90
C LYS H 85 77.61 -55.78 -77.01
N THR H 86 76.88 -55.79 -75.89
CA THR H 86 75.49 -56.24 -75.91
C THR H 86 74.54 -55.18 -76.46
N PHE H 87 74.83 -53.89 -76.24
CA PHE H 87 73.93 -52.81 -76.58
C PHE H 87 74.41 -51.98 -77.78
N THR H 88 75.32 -52.54 -78.58
CA THR H 88 75.68 -52.06 -79.93
C THR H 88 76.37 -50.70 -79.99
N GLU H 89 76.34 -49.91 -78.92
CA GLU H 89 76.95 -48.59 -78.98
C GLU H 89 77.39 -48.15 -77.59
N ASP H 90 78.41 -47.29 -77.57
CA ASP H 90 78.90 -46.62 -76.37
C ASP H 90 78.32 -45.20 -76.36
N PRO H 91 77.30 -44.92 -75.56
CA PRO H 91 76.62 -43.61 -75.66
C PRO H 91 77.42 -42.42 -75.14
N CYS H 92 78.48 -42.65 -74.37
CA CYS H 92 79.32 -41.56 -73.88
C CYS H 92 80.71 -42.10 -73.54
N PRO H 93 81.66 -42.04 -74.47
CA PRO H 93 82.99 -42.62 -74.21
C PRO H 93 83.69 -41.95 -73.03
N ASN H 94 84.50 -42.75 -72.32
CA ASN H 94 85.30 -42.32 -71.17
C ASN H 94 84.44 -41.85 -70.00
N THR H 95 83.17 -42.28 -69.96
CA THR H 95 82.28 -42.04 -68.83
C THR H 95 81.82 -43.38 -68.27
N PRO H 96 81.86 -43.58 -66.95
CA PRO H 96 81.38 -44.84 -66.36
C PRO H 96 79.90 -45.07 -66.69
N LYS H 97 79.60 -46.26 -67.18
CA LYS H 97 78.25 -46.59 -67.60
C LYS H 97 77.67 -47.70 -66.74
N TYR H 98 76.35 -47.80 -66.75
CA TYR H 98 75.65 -48.87 -66.08
C TYR H 98 74.24 -48.96 -66.64
N LEU H 99 73.72 -50.18 -66.68
CA LEU H 99 72.34 -50.42 -67.11
C LEU H 99 71.38 -50.36 -65.93
N GLU H 100 70.34 -49.54 -66.06
CA GLU H 100 69.19 -49.54 -65.17
C GLU H 100 68.00 -50.09 -65.96
N VAL H 101 67.48 -51.24 -65.56
CA VAL H 101 66.40 -51.90 -66.29
C VAL H 101 65.26 -52.16 -65.31
N LYS H 102 64.04 -51.84 -65.74
CA LYS H 102 62.82 -52.14 -64.99
C LYS H 102 61.94 -53.04 -65.85
N TYR H 103 61.30 -54.03 -65.23
CA TYR H 103 60.52 -55.02 -65.97
C TYR H 103 59.34 -55.52 -65.13
N ASN H 104 58.27 -55.92 -65.82
CA ASN H 104 57.07 -56.48 -65.19
C ASN H 104 57.03 -58.00 -65.37
N CYS H 105 56.38 -58.68 -64.43
CA CYS H 105 56.17 -60.13 -64.55
C CYS H 105 54.69 -60.45 -64.74
#